data_2MFQ
#
_entry.id   2MFQ
#
loop_
_entity.id
_entity.type
_entity.pdbx_description
1 polymer 'Fibroblast growth factor receptor substrate 2'
2 polymer 'BDNF/NT-3 growth factors receptor'
#
loop_
_entity_poly.entity_id
_entity_poly.type
_entity_poly.pdbx_seq_one_letter_code
_entity_poly.pdbx_strand_id
1 'polypeptide(L)'
;SHMDTVPDNHRNKFKVINVDDDGNELGSGIMELTDTELILYTRKRDSVKWHYLCLRRYGYDSNLFSFESGRRCQTGQGIF
AFKCARAEELFNMLQEIMQNNSINVVEEPVVERNN
;
A
2 'polypeptide(L)' GPDAVIIGMTKIPVIENPQ(PTR)FGI B
#
# COMPACT_ATOMS: atom_id res chain seq x y z
N SER A 1 -20.94 12.91 14.53
CA SER A 1 -19.87 12.05 15.04
C SER A 1 -18.57 12.28 14.27
N HIS A 2 -17.46 12.36 14.99
CA HIS A 2 -16.17 12.51 14.35
C HIS A 2 -15.02 12.17 15.30
N MET A 3 -14.93 10.90 15.68
CA MET A 3 -13.78 10.41 16.40
C MET A 3 -12.71 9.97 15.41
N ASP A 4 -13.09 9.05 14.54
CA ASP A 4 -12.22 8.63 13.45
C ASP A 4 -13.06 8.41 12.20
N THR A 5 -14.15 9.17 12.11
CA THR A 5 -15.01 9.14 10.94
C THR A 5 -14.40 10.05 9.88
N VAL A 6 -13.36 9.53 9.27
CA VAL A 6 -12.46 10.31 8.47
C VAL A 6 -13.01 10.55 7.06
N PRO A 7 -12.64 11.70 6.49
CA PRO A 7 -12.98 12.07 5.12
C PRO A 7 -12.08 11.36 4.11
N ASP A 8 -12.40 11.53 2.83
CA ASP A 8 -11.65 10.91 1.74
C ASP A 8 -10.25 11.52 1.60
N ASN A 9 -9.93 12.44 2.51
CA ASN A 9 -8.68 13.17 2.43
C ASN A 9 -8.11 13.40 3.82
N HIS A 10 -7.00 14.13 3.89
CA HIS A 10 -6.35 14.49 5.15
C HIS A 10 -5.61 13.30 5.77
N ARG A 11 -6.29 12.17 5.89
CA ARG A 11 -5.68 10.96 6.40
C ARG A 11 -5.47 9.97 5.28
N ASN A 12 -6.55 9.50 4.72
CA ASN A 12 -6.46 8.33 3.85
C ASN A 12 -5.85 8.65 2.50
N LYS A 13 -6.16 9.83 1.96
CA LYS A 13 -5.53 10.27 0.74
C LYS A 13 -4.17 10.89 1.05
N PHE A 14 -3.09 10.17 0.76
CA PHE A 14 -1.76 10.71 0.95
C PHE A 14 -1.02 10.87 -0.37
N LYS A 15 -0.62 12.10 -0.69
CA LYS A 15 0.22 12.34 -1.85
C LYS A 15 1.60 11.75 -1.64
N VAL A 16 1.86 10.63 -2.29
CA VAL A 16 3.13 9.95 -2.17
C VAL A 16 3.99 10.28 -3.38
N ILE A 17 5.15 9.67 -3.46
CA ILE A 17 5.99 9.83 -4.61
C ILE A 17 6.41 8.47 -5.13
N ASN A 18 5.91 8.01 -6.25
CA ASN A 18 6.37 6.72 -6.73
C ASN A 18 7.85 6.79 -7.03
N VAL A 19 8.63 6.02 -6.29
CA VAL A 19 10.08 6.04 -6.42
C VAL A 19 10.58 4.61 -6.51
N ASP A 20 11.38 4.30 -7.52
CA ASP A 20 11.72 2.90 -7.72
C ASP A 20 13.22 2.67 -7.76
N ASP A 21 13.67 1.76 -6.89
CA ASP A 21 15.05 1.25 -6.83
C ASP A 21 16.10 2.36 -6.65
N ASP A 22 15.65 3.59 -6.47
CA ASP A 22 16.55 4.73 -6.31
C ASP A 22 15.95 5.75 -5.36
N GLY A 23 14.70 5.52 -4.98
CA GLY A 23 13.95 6.52 -4.24
C GLY A 23 13.73 7.74 -5.09
N ASN A 24 13.86 7.55 -6.39
CA ASN A 24 13.71 8.63 -7.34
C ASN A 24 12.26 8.76 -7.74
N GLU A 25 11.71 9.95 -7.54
CA GLU A 25 10.35 10.26 -7.96
C GLU A 25 10.14 9.94 -9.45
N LEU A 26 9.77 8.70 -9.72
CA LEU A 26 9.51 8.22 -11.07
C LEU A 26 8.03 8.41 -11.38
N GLY A 27 7.47 9.46 -10.82
CA GLY A 27 6.07 9.77 -10.99
C GLY A 27 5.39 9.88 -9.65
N SER A 28 5.61 10.99 -8.97
CA SER A 28 5.06 11.17 -7.63
C SER A 28 3.53 11.09 -7.64
N GLY A 29 2.99 10.19 -6.84
CA GLY A 29 1.58 9.81 -6.94
C GLY A 29 0.78 10.17 -5.70
N ILE A 30 -0.38 9.55 -5.58
CA ILE A 30 -1.14 9.51 -4.34
C ILE A 30 -1.06 8.09 -3.82
N MET A 31 -1.36 7.90 -2.58
CA MET A 31 -1.62 6.59 -2.07
C MET A 31 -2.88 6.66 -1.25
N GLU A 32 -3.99 6.43 -1.94
CA GLU A 32 -5.31 6.52 -1.37
C GLU A 32 -5.60 5.26 -0.60
N LEU A 33 -5.38 5.31 0.68
CA LEU A 33 -5.57 4.16 1.53
C LEU A 33 -7.04 3.91 1.81
N THR A 34 -7.55 2.77 1.36
CA THR A 34 -8.92 2.40 1.66
C THR A 34 -8.98 1.05 2.34
N ASP A 35 -10.18 0.48 2.42
CA ASP A 35 -10.40 -0.82 3.05
C ASP A 35 -9.50 -1.88 2.49
N THR A 36 -9.50 -2.02 1.19
CA THR A 36 -8.80 -3.13 0.62
C THR A 36 -7.93 -2.75 -0.55
N GLU A 37 -8.06 -1.56 -1.06
CA GLU A 37 -7.23 -1.17 -2.17
C GLU A 37 -6.49 0.11 -1.90
N LEU A 38 -5.21 0.03 -2.10
CA LEU A 38 -4.33 1.15 -1.97
C LEU A 38 -4.29 1.88 -3.29
N ILE A 39 -5.17 2.86 -3.40
CA ILE A 39 -5.41 3.53 -4.65
C ILE A 39 -4.35 4.63 -4.86
N LEU A 40 -3.25 4.27 -5.50
CA LEU A 40 -2.16 5.19 -5.79
C LEU A 40 -2.50 6.08 -6.99
N TYR A 41 -2.72 7.35 -6.80
CA TYR A 41 -3.02 8.21 -7.95
C TYR A 41 -1.71 8.66 -8.59
N THR A 42 -1.29 8.02 -9.64
CA THR A 42 -0.01 8.35 -10.26
C THR A 42 -0.04 9.72 -10.94
N ARG A 43 1.03 10.01 -11.67
CA ARG A 43 1.09 11.22 -12.44
C ARG A 43 0.25 11.11 -13.70
N LYS A 44 0.72 10.27 -14.61
CA LYS A 44 0.12 10.12 -15.92
C LYS A 44 -0.46 8.72 -16.11
N ARG A 45 -0.35 7.91 -15.08
CA ARG A 45 -0.70 6.49 -15.16
C ARG A 45 -2.08 6.22 -14.52
N ASP A 46 -2.72 7.29 -14.03
CA ASP A 46 -4.02 7.23 -13.38
C ASP A 46 -3.97 6.43 -12.07
N SER A 47 -5.07 6.50 -11.34
CA SER A 47 -5.22 5.81 -10.06
C SER A 47 -4.90 4.33 -10.20
N VAL A 48 -3.69 3.99 -9.80
CA VAL A 48 -3.27 2.62 -9.68
C VAL A 48 -3.81 2.09 -8.36
N LYS A 49 -3.91 0.79 -8.23
CA LYS A 49 -4.53 0.26 -7.01
C LYS A 49 -3.69 -0.89 -6.45
N TRP A 50 -3.69 -1.03 -5.12
CA TRP A 50 -3.07 -2.18 -4.47
C TRP A 50 -3.99 -2.83 -3.46
N HIS A 51 -4.60 -3.92 -3.88
CA HIS A 51 -5.48 -4.64 -2.99
C HIS A 51 -4.67 -5.28 -1.84
N TYR A 52 -5.26 -5.23 -0.66
CA TYR A 52 -4.64 -5.65 0.60
C TYR A 52 -4.28 -7.13 0.61
N LEU A 53 -4.98 -7.91 -0.18
CA LEU A 53 -4.73 -9.35 -0.28
C LEU A 53 -3.56 -9.60 -1.20
N CYS A 54 -2.80 -8.55 -1.43
CA CYS A 54 -1.69 -8.64 -2.33
C CYS A 54 -0.43 -8.08 -1.67
N LEU A 55 -0.61 -7.18 -0.71
CA LEU A 55 0.51 -6.56 0.00
C LEU A 55 1.27 -7.59 0.84
N ARG A 56 2.25 -8.27 0.25
CA ARG A 56 3.10 -9.18 1.01
C ARG A 56 3.78 -8.43 2.14
N ARG A 57 4.64 -7.48 1.77
CA ARG A 57 5.39 -6.74 2.77
C ARG A 57 5.30 -5.24 2.56
N TYR A 58 4.77 -4.55 3.54
CA TYR A 58 4.48 -3.13 3.41
C TYR A 58 5.12 -2.37 4.54
N GLY A 59 5.63 -1.19 4.24
CA GLY A 59 6.51 -0.54 5.17
C GLY A 59 6.44 0.94 5.17
N TYR A 60 7.43 1.47 5.84
CA TYR A 60 7.58 2.87 6.11
C TYR A 60 9.00 3.14 6.54
N ASP A 61 9.66 4.06 5.86
CA ASP A 61 10.86 4.65 6.37
C ASP A 61 10.81 6.13 6.02
N SER A 62 11.72 6.96 6.55
CA SER A 62 11.75 8.40 6.29
C SER A 62 11.10 8.80 4.96
N ASN A 63 9.82 9.20 5.04
CA ASN A 63 8.97 9.54 3.88
C ASN A 63 9.10 8.53 2.73
N LEU A 64 9.17 7.26 3.07
CA LEU A 64 9.16 6.18 2.09
C LEU A 64 8.17 5.12 2.58
N PHE A 65 7.03 4.94 1.89
CA PHE A 65 6.11 3.87 2.24
C PHE A 65 6.17 2.81 1.16
N SER A 66 6.15 1.56 1.54
CA SER A 66 6.33 0.50 0.60
C SER A 66 5.32 -0.61 0.79
N PHE A 67 5.23 -1.47 -0.23
CA PHE A 67 4.50 -2.73 -0.14
C PHE A 67 4.98 -3.67 -1.24
N GLU A 68 5.20 -4.94 -0.89
CA GLU A 68 5.52 -5.95 -1.87
C GLU A 68 4.25 -6.59 -2.36
N SER A 69 3.77 -6.21 -3.50
CA SER A 69 2.54 -6.77 -4.00
C SER A 69 2.82 -8.11 -4.68
N GLY A 70 2.11 -9.15 -4.24
CA GLY A 70 2.39 -10.50 -4.68
C GLY A 70 1.58 -10.92 -5.89
N ARG A 71 1.05 -9.95 -6.59
CA ARG A 71 0.36 -10.21 -7.85
C ARG A 71 1.00 -9.32 -8.91
N ARG A 72 0.43 -9.31 -10.09
CA ARG A 72 0.79 -8.31 -11.06
C ARG A 72 -0.02 -7.06 -10.78
N CYS A 73 0.54 -5.94 -11.13
CA CYS A 73 -0.09 -4.67 -10.86
C CYS A 73 0.08 -3.72 -12.03
N GLN A 74 -0.63 -2.61 -11.99
CA GLN A 74 -0.48 -1.57 -12.99
C GLN A 74 0.98 -1.17 -13.15
N THR A 75 1.59 -0.83 -12.03
CA THR A 75 2.94 -0.30 -12.05
C THR A 75 3.78 -0.85 -10.90
N GLY A 76 3.37 -2.01 -10.34
CA GLY A 76 4.09 -2.57 -9.21
C GLY A 76 4.08 -4.08 -9.20
N GLN A 77 5.06 -4.66 -9.85
CA GLN A 77 5.14 -6.11 -9.98
C GLN A 77 5.81 -6.77 -8.77
N GLY A 78 5.99 -6.03 -7.68
CA GLY A 78 6.62 -6.58 -6.49
C GLY A 78 6.78 -5.54 -5.40
N ILE A 79 7.99 -5.43 -4.84
CA ILE A 79 8.27 -4.37 -3.89
C ILE A 79 8.23 -3.03 -4.60
N PHE A 80 7.14 -2.31 -4.40
CA PHE A 80 6.97 -1.01 -4.99
C PHE A 80 6.78 0.00 -3.89
N ALA A 81 7.84 0.76 -3.65
CA ALA A 81 7.83 1.75 -2.61
C ALA A 81 7.58 3.14 -3.19
N PHE A 82 6.96 3.99 -2.41
CA PHE A 82 6.73 5.35 -2.81
C PHE A 82 7.29 6.23 -1.74
N LYS A 83 7.82 7.34 -2.13
CA LYS A 83 8.34 8.27 -1.19
C LYS A 83 7.18 9.07 -0.62
N CYS A 84 6.59 8.51 0.41
CA CYS A 84 5.36 9.03 0.97
C CYS A 84 5.71 9.76 2.25
N ALA A 85 5.50 11.07 2.28
CA ALA A 85 5.87 11.85 3.45
C ALA A 85 5.08 11.41 4.67
N ARG A 86 3.84 11.00 4.45
CA ARG A 86 3.07 10.34 5.49
C ARG A 86 3.26 8.84 5.39
N ALA A 87 4.47 8.39 5.11
CA ALA A 87 4.76 6.96 5.00
C ALA A 87 4.34 6.26 6.27
N GLU A 88 4.90 6.75 7.36
CA GLU A 88 4.56 6.29 8.71
C GLU A 88 3.06 6.15 8.87
N GLU A 89 2.40 7.27 8.65
CA GLU A 89 0.97 7.38 8.74
C GLU A 89 0.26 6.45 7.77
N LEU A 90 0.73 6.43 6.54
CA LEU A 90 0.17 5.63 5.49
C LEU A 90 0.35 4.17 5.79
N PHE A 91 1.59 3.75 5.90
CA PHE A 91 1.90 2.38 6.23
C PHE A 91 1.04 1.94 7.41
N ASN A 92 1.12 2.69 8.51
CA ASN A 92 0.25 2.49 9.68
C ASN A 92 -1.18 2.32 9.28
N MET A 93 -1.75 3.36 8.71
CA MET A 93 -3.15 3.36 8.34
C MET A 93 -3.45 2.06 7.61
N LEU A 94 -2.65 1.80 6.59
CA LEU A 94 -2.67 0.53 5.87
C LEU A 94 -2.68 -0.68 6.81
N GLN A 95 -1.64 -0.85 7.65
CA GLN A 95 -1.57 -2.01 8.54
C GLN A 95 -2.82 -2.09 9.41
N GLU A 96 -3.35 -0.92 9.76
CA GLU A 96 -4.50 -0.80 10.64
C GLU A 96 -5.79 -1.10 9.90
N ILE A 97 -5.93 -0.57 8.70
CA ILE A 97 -7.02 -0.94 7.83
C ILE A 97 -6.96 -2.45 7.61
N MET A 98 -5.74 -2.94 7.45
CA MET A 98 -5.51 -4.37 7.32
C MET A 98 -6.10 -5.13 8.49
N GLN A 99 -5.82 -4.64 9.69
CA GLN A 99 -6.29 -5.27 10.91
C GLN A 99 -7.80 -5.14 11.07
N ASN A 100 -8.30 -3.96 10.72
CA ASN A 100 -9.66 -3.58 11.08
C ASN A 100 -10.68 -3.84 9.99
N ASN A 101 -10.24 -4.23 8.79
CA ASN A 101 -11.20 -4.53 7.72
C ASN A 101 -11.26 -6.01 7.40
N SER A 102 -10.15 -6.71 7.59
CA SER A 102 -10.03 -8.14 7.24
C SER A 102 -10.09 -8.33 5.72
N ILE A 103 -10.56 -7.30 5.02
CA ILE A 103 -10.34 -7.13 3.58
C ILE A 103 -10.96 -8.22 2.73
N ASN A 104 -12.18 -7.94 2.26
CA ASN A 104 -12.85 -8.79 1.28
C ASN A 104 -13.64 -7.94 0.31
N VAL A 105 -13.24 -8.00 -0.95
CA VAL A 105 -13.98 -7.36 -2.03
C VAL A 105 -15.34 -8.00 -2.14
N VAL A 106 -15.32 -9.32 -2.02
CA VAL A 106 -16.51 -10.16 -2.06
C VAL A 106 -16.04 -11.60 -2.11
N GLU A 107 -16.96 -12.53 -1.92
CA GLU A 107 -16.67 -13.95 -2.06
C GLU A 107 -15.61 -14.42 -1.07
N GLU A 108 -16.06 -14.76 0.12
CA GLU A 108 -15.21 -15.30 1.15
C GLU A 108 -14.66 -16.65 0.71
N PRO A 109 -13.36 -16.89 0.92
CA PRO A 109 -12.72 -18.18 0.63
C PRO A 109 -13.22 -19.31 1.53
N VAL A 110 -14.55 -19.54 1.49
CA VAL A 110 -15.26 -20.48 2.36
C VAL A 110 -14.65 -20.59 3.75
N VAL A 111 -15.07 -19.70 4.62
CA VAL A 111 -14.52 -19.63 5.96
C VAL A 111 -14.83 -20.90 6.73
N GLU A 112 -13.76 -21.57 7.17
CA GLU A 112 -13.85 -22.83 7.89
C GLU A 112 -14.60 -23.88 7.05
N ARG A 113 -13.87 -24.62 6.24
CA ARG A 113 -14.44 -25.62 5.36
C ARG A 113 -15.17 -26.69 6.16
N ASN A 114 -14.41 -27.51 6.89
CA ASN A 114 -14.97 -28.61 7.68
C ASN A 114 -15.89 -29.48 6.83
N ASN A 115 -15.47 -29.76 5.61
CA ASN A 115 -16.27 -30.56 4.71
C ASN A 115 -15.53 -31.82 4.32
N GLY B 1 17.79 -7.33 4.91
CA GLY B 1 16.91 -8.32 4.25
C GLY B 1 15.94 -7.67 3.30
N PRO B 2 15.11 -8.47 2.62
CA PRO B 2 14.07 -7.97 1.71
C PRO B 2 12.93 -7.29 2.46
N ASP B 3 12.86 -7.50 3.77
CA ASP B 3 11.79 -6.94 4.59
C ASP B 3 12.03 -5.48 4.86
N ALA B 4 13.18 -5.04 4.50
CA ALA B 4 13.38 -3.63 4.24
C ALA B 4 13.61 -3.46 2.77
N VAL B 5 12.78 -2.66 2.18
CA VAL B 5 12.95 -2.30 0.78
C VAL B 5 13.89 -1.12 0.70
N ILE B 6 15.07 -1.35 0.19
CA ILE B 6 16.00 -0.27 0.20
C ILE B 6 15.86 0.47 -1.09
N ILE B 7 14.87 1.33 -1.14
CA ILE B 7 14.58 2.01 -2.37
C ILE B 7 15.43 3.26 -2.44
N GLY B 8 16.62 3.08 -3.04
CA GLY B 8 17.58 4.14 -3.22
C GLY B 8 17.77 5.01 -2.00
N MET B 9 17.09 6.15 -2.02
CA MET B 9 17.13 7.11 -0.95
C MET B 9 16.94 6.48 0.42
N THR B 10 16.02 5.53 0.53
CA THR B 10 15.65 5.03 1.85
C THR B 10 15.35 3.54 1.90
N LYS B 11 15.83 2.91 2.98
CA LYS B 11 15.51 1.54 3.28
C LYS B 11 14.22 1.44 4.08
N ILE B 12 13.22 0.76 3.50
CA ILE B 12 11.91 0.68 4.09
C ILE B 12 11.70 -0.61 4.84
N PRO B 13 11.70 -0.52 6.15
CA PRO B 13 11.47 -1.66 6.99
C PRO B 13 9.98 -1.99 7.01
N VAL B 14 9.62 -2.93 6.15
CA VAL B 14 8.25 -3.33 5.93
C VAL B 14 7.84 -4.48 6.84
N ILE B 15 6.54 -4.77 6.80
CA ILE B 15 5.93 -5.85 7.58
C ILE B 15 5.02 -6.67 6.67
N GLU B 16 4.78 -7.92 7.02
CA GLU B 16 3.92 -8.76 6.20
C GLU B 16 2.46 -8.65 6.63
N ASN B 17 1.58 -8.81 5.66
CA ASN B 17 0.14 -8.58 5.84
C ASN B 17 -0.52 -9.68 6.66
N PRO B 18 -1.53 -9.32 7.46
CA PRO B 18 -2.37 -10.28 8.17
C PRO B 18 -3.49 -10.82 7.29
N GLN B 19 -3.59 -10.35 6.04
CA GLN B 19 -4.67 -10.77 5.14
C GLN B 19 -4.50 -12.23 4.73
N PTR B 20 -3.26 -12.60 4.40
CA PTR B 20 -2.95 -13.97 4.02
C PTR B 20 -3.09 -14.90 5.22
O PTR B 20 -3.13 -16.12 5.07
CB PTR B 20 -1.52 -14.06 3.47
CG PTR B 20 -1.27 -13.36 2.14
CD1 PTR B 20 -2.12 -12.38 1.65
CD2 PTR B 20 -0.14 -13.68 1.39
CE1 PTR B 20 -1.87 -11.75 0.46
CE2 PTR B 20 0.11 -13.05 0.19
CZ PTR B 20 -0.75 -12.08 -0.27
OH PTR B 20 -0.49 -11.44 -1.45
P PTR B 20 -0.48 -12.34 -2.80
O1P PTR B 20 -1.53 -13.40 -2.56
O2P PTR B 20 1.04 -12.77 -2.92
O3P PTR B 20 -0.99 -11.36 -3.86
H PTR B 20 -2.55 -11.93 4.40
HA PTR B 20 -3.64 -14.28 3.25
HB2 PTR B 20 -0.85 -13.63 4.19
HB3 PTR B 20 -1.27 -15.10 3.35
HD1 PTR B 20 -3.01 -12.11 2.20
HD2 PTR B 20 0.52 -14.44 1.76
HE1 PTR B 20 -2.55 -10.98 0.09
HE2 PTR B 20 0.99 -13.31 -0.37
HO2P PTR B 20 1.10 -13.70 -3.14
N PHE B 21 -3.14 -14.32 6.40
CA PHE B 21 -3.19 -15.10 7.63
C PHE B 21 -4.53 -14.93 8.34
N GLY B 22 -5.41 -14.13 7.75
CA GLY B 22 -6.69 -13.87 8.36
C GLY B 22 -7.81 -13.94 7.34
N ILE B 23 -7.83 -15.02 6.57
CA ILE B 23 -8.85 -15.20 5.56
C ILE B 23 -9.98 -16.07 6.08
N SER A 1 -19.21 1.84 12.61
CA SER A 1 -17.91 1.17 12.42
C SER A 1 -17.07 1.91 11.38
N HIS A 2 -16.14 2.74 11.86
CA HIS A 2 -15.27 3.52 10.98
C HIS A 2 -14.10 4.08 11.76
N MET A 3 -13.16 3.22 12.11
CA MET A 3 -11.94 3.62 12.82
C MET A 3 -11.29 4.81 12.13
N ASP A 4 -11.14 4.71 10.81
CA ASP A 4 -10.64 5.81 10.01
C ASP A 4 -10.87 5.54 8.54
N THR A 5 -12.12 5.24 8.21
CA THR A 5 -12.52 5.08 6.82
C THR A 5 -12.87 6.45 6.25
N VAL A 6 -11.89 7.32 6.28
CA VAL A 6 -12.08 8.73 6.00
C VAL A 6 -12.53 8.95 4.55
N PRO A 7 -13.30 10.03 4.34
CA PRO A 7 -13.94 10.37 3.05
C PRO A 7 -12.95 10.73 1.92
N ASP A 8 -12.07 9.79 1.57
CA ASP A 8 -11.21 9.91 0.38
C ASP A 8 -10.44 11.24 0.35
N ASN A 9 -9.86 11.58 1.48
CA ASN A 9 -9.11 12.83 1.63
C ASN A 9 -8.53 12.87 3.03
N HIS A 10 -8.18 14.05 3.54
CA HIS A 10 -7.78 14.23 4.95
C HIS A 10 -6.60 13.34 5.34
N ARG A 11 -6.91 12.12 5.76
CA ARG A 11 -5.91 11.18 6.24
C ARG A 11 -5.64 10.10 5.20
N ASN A 12 -6.68 9.51 4.66
CA ASN A 12 -6.51 8.29 3.88
C ASN A 12 -5.87 8.59 2.52
N LYS A 13 -6.18 9.74 1.95
CA LYS A 13 -5.58 10.16 0.70
C LYS A 13 -4.22 10.80 0.99
N PHE A 14 -3.14 10.08 0.72
CA PHE A 14 -1.80 10.61 0.92
C PHE A 14 -1.03 10.75 -0.38
N LYS A 15 -0.65 11.96 -0.70
CA LYS A 15 0.24 12.20 -1.82
C LYS A 15 1.60 11.58 -1.57
N VAL A 16 1.87 10.49 -2.26
CA VAL A 16 3.16 9.83 -2.16
C VAL A 16 4.01 10.21 -3.37
N ILE A 17 5.17 9.60 -3.48
CA ILE A 17 6.01 9.76 -4.65
C ILE A 17 6.45 8.40 -5.13
N ASN A 18 5.90 7.89 -6.23
CA ASN A 18 6.31 6.56 -6.67
C ASN A 18 7.78 6.60 -7.11
N VAL A 19 8.61 5.91 -6.34
CA VAL A 19 10.05 5.99 -6.45
C VAL A 19 10.65 4.58 -6.55
N ASP A 20 11.52 4.35 -7.51
CA ASP A 20 12.00 3.00 -7.74
C ASP A 20 13.51 2.90 -7.67
N ASP A 21 13.97 1.96 -6.83
CA ASP A 21 15.37 1.53 -6.72
C ASP A 21 16.35 2.70 -6.45
N ASP A 22 15.83 3.89 -6.25
CA ASP A 22 16.66 5.06 -6.01
C ASP A 22 15.96 6.02 -5.07
N GLY A 23 14.70 5.75 -4.80
CA GLY A 23 13.86 6.72 -4.15
C GLY A 23 13.64 7.90 -5.08
N ASN A 24 13.79 7.63 -6.37
CA ASN A 24 13.62 8.62 -7.41
C ASN A 24 12.18 8.88 -7.65
N GLU A 25 11.72 10.10 -7.42
CA GLU A 25 10.40 10.51 -7.83
C GLU A 25 10.23 10.31 -9.35
N LEU A 26 10.01 9.07 -9.81
CA LEU A 26 9.71 8.84 -11.22
C LEU A 26 8.52 9.69 -11.57
N GLY A 27 7.53 9.57 -10.71
CA GLY A 27 6.41 10.47 -10.66
C GLY A 27 5.95 10.54 -9.24
N SER A 28 5.28 11.59 -8.84
CA SER A 28 4.81 11.61 -7.48
C SER A 28 3.30 11.42 -7.45
N GLY A 29 2.89 10.35 -6.79
CA GLY A 29 1.54 9.87 -6.88
C GLY A 29 0.72 10.18 -5.64
N ILE A 30 -0.41 9.53 -5.54
CA ILE A 30 -1.16 9.44 -4.31
C ILE A 30 -1.05 8.02 -3.81
N MET A 31 -1.38 7.81 -2.57
CA MET A 31 -1.62 6.50 -2.08
C MET A 31 -2.86 6.55 -1.23
N GLU A 32 -3.96 6.24 -1.89
CA GLU A 32 -5.29 6.35 -1.32
C GLU A 32 -5.54 5.14 -0.44
N LEU A 33 -5.37 5.30 0.85
CA LEU A 33 -5.55 4.18 1.74
C LEU A 33 -7.01 3.96 2.09
N THR A 34 -7.60 2.95 1.49
CA THR A 34 -8.96 2.59 1.81
C THR A 34 -9.03 1.19 2.43
N ASP A 35 -10.23 0.63 2.46
CA ASP A 35 -10.47 -0.67 3.07
C ASP A 35 -9.59 -1.75 2.50
N THR A 36 -9.59 -1.88 1.19
CA THR A 36 -8.92 -3.00 0.62
C THR A 36 -8.01 -2.62 -0.52
N GLU A 37 -8.14 -1.40 -1.02
CA GLU A 37 -7.30 -1.01 -2.13
C GLU A 37 -6.56 0.27 -1.85
N LEU A 38 -5.27 0.17 -2.06
CA LEU A 38 -4.37 1.28 -1.99
C LEU A 38 -4.32 1.96 -3.34
N ILE A 39 -5.17 2.95 -3.51
CA ILE A 39 -5.32 3.58 -4.80
C ILE A 39 -4.24 4.65 -5.00
N LEU A 40 -3.14 4.26 -5.64
CA LEU A 40 -2.02 5.16 -5.90
C LEU A 40 -2.36 6.07 -7.08
N TYR A 41 -2.57 7.35 -6.86
CA TYR A 41 -2.87 8.24 -8.00
C TYR A 41 -1.56 8.71 -8.59
N THR A 42 -1.09 8.07 -9.64
CA THR A 42 0.21 8.40 -10.19
C THR A 42 0.22 9.76 -10.89
N ARG A 43 1.29 10.04 -11.59
CA ARG A 43 1.36 11.27 -12.37
C ARG A 43 0.58 11.11 -13.67
N LYS A 44 1.10 10.30 -14.58
CA LYS A 44 0.46 10.09 -15.87
C LYS A 44 -0.01 8.64 -16.05
N ARG A 45 0.18 7.84 -15.01
CA ARG A 45 -0.13 6.41 -15.06
C ARG A 45 -1.57 6.16 -14.56
N ASP A 46 -2.21 7.23 -14.09
CA ASP A 46 -3.57 7.16 -13.53
C ASP A 46 -3.60 6.40 -12.21
N SER A 47 -4.73 6.50 -11.52
CA SER A 47 -4.93 5.84 -10.23
C SER A 47 -4.69 4.35 -10.34
N VAL A 48 -3.49 3.98 -9.93
CA VAL A 48 -3.13 2.59 -9.78
C VAL A 48 -3.73 2.09 -8.48
N LYS A 49 -3.84 0.80 -8.30
CA LYS A 49 -4.48 0.30 -7.09
C LYS A 49 -3.69 -0.85 -6.48
N TRP A 50 -3.70 -0.95 -5.16
CA TRP A 50 -3.12 -2.12 -4.49
C TRP A 50 -4.07 -2.74 -3.50
N HIS A 51 -4.66 -3.85 -3.91
CA HIS A 51 -5.56 -4.56 -3.04
C HIS A 51 -4.77 -5.24 -1.92
N TYR A 52 -5.32 -5.16 -0.71
CA TYR A 52 -4.70 -5.59 0.52
C TYR A 52 -4.33 -7.07 0.51
N LEU A 53 -5.05 -7.83 -0.29
CA LEU A 53 -4.80 -9.27 -0.44
C LEU A 53 -3.61 -9.51 -1.36
N CYS A 54 -2.85 -8.47 -1.57
CA CYS A 54 -1.70 -8.57 -2.42
C CYS A 54 -0.47 -8.00 -1.73
N LEU A 55 -0.68 -7.16 -0.72
CA LEU A 55 0.40 -6.52 0.01
C LEU A 55 1.19 -7.52 0.85
N ARG A 56 2.13 -8.23 0.25
CA ARG A 56 3.01 -9.14 0.99
C ARG A 56 3.70 -8.39 2.11
N ARG A 57 4.60 -7.48 1.76
CA ARG A 57 5.34 -6.74 2.76
C ARG A 57 5.31 -5.25 2.54
N TYR A 58 4.78 -4.53 3.51
CA TYR A 58 4.52 -3.11 3.40
C TYR A 58 5.15 -2.35 4.53
N GLY A 59 5.66 -1.17 4.24
CA GLY A 59 6.52 -0.52 5.19
C GLY A 59 6.47 0.97 5.20
N TYR A 60 7.42 1.51 5.90
CA TYR A 60 7.54 2.93 6.18
C TYR A 60 8.97 3.21 6.58
N ASP A 61 9.60 4.14 5.91
CA ASP A 61 10.81 4.73 6.39
C ASP A 61 10.78 6.19 6.01
N SER A 62 11.71 7.01 6.53
CA SER A 62 11.78 8.44 6.20
C SER A 62 11.10 8.80 4.87
N ASN A 63 9.86 9.27 4.99
CA ASN A 63 8.99 9.62 3.84
C ASN A 63 9.04 8.59 2.71
N LEU A 64 9.13 7.33 3.07
CA LEU A 64 9.12 6.23 2.12
C LEU A 64 8.13 5.15 2.63
N PHE A 65 7.01 4.96 1.95
CA PHE A 65 6.10 3.89 2.32
C PHE A 65 6.15 2.82 1.24
N SER A 66 6.15 1.57 1.63
CA SER A 66 6.34 0.51 0.67
C SER A 66 5.31 -0.59 0.84
N PHE A 67 5.22 -1.44 -0.18
CA PHE A 67 4.47 -2.69 -0.10
C PHE A 67 4.94 -3.64 -1.20
N GLU A 68 5.13 -4.91 -0.86
CA GLU A 68 5.45 -5.91 -1.84
C GLU A 68 4.19 -6.56 -2.33
N SER A 69 3.74 -6.19 -3.50
CA SER A 69 2.53 -6.75 -4.02
C SER A 69 2.85 -8.12 -4.66
N GLY A 70 2.14 -9.15 -4.21
CA GLY A 70 2.49 -10.51 -4.55
C GLY A 70 2.13 -10.90 -5.97
N ARG A 71 1.06 -10.32 -6.48
CA ARG A 71 0.64 -10.59 -7.84
C ARG A 71 1.15 -9.47 -8.74
N ARG A 72 0.69 -9.44 -9.97
CA ARG A 72 1.03 -8.34 -10.84
C ARG A 72 0.16 -7.16 -10.53
N CYS A 73 0.65 -6.00 -10.92
CA CYS A 73 -0.03 -4.75 -10.70
C CYS A 73 0.39 -3.79 -11.80
N GLN A 74 -0.44 -2.80 -12.05
CA GLN A 74 -0.16 -1.76 -13.04
C GLN A 74 1.30 -1.40 -13.10
N THR A 75 1.83 -0.96 -11.96
CA THR A 75 3.18 -0.47 -11.91
C THR A 75 3.91 -1.02 -10.68
N GLY A 76 3.40 -2.14 -10.14
CA GLY A 76 3.93 -2.70 -8.90
C GLY A 76 5.34 -3.24 -9.03
N GLN A 77 5.48 -4.37 -9.72
CA GLN A 77 6.78 -5.00 -9.95
C GLN A 77 7.33 -5.59 -8.66
N GLY A 78 6.44 -6.06 -7.80
CA GLY A 78 6.86 -6.64 -6.53
C GLY A 78 6.88 -5.61 -5.43
N ILE A 79 8.02 -5.43 -4.78
CA ILE A 79 8.17 -4.34 -3.82
C ILE A 79 8.13 -3.00 -4.54
N PHE A 80 7.03 -2.30 -4.37
CA PHE A 80 6.88 -1.00 -4.95
C PHE A 80 6.72 0.02 -3.84
N ALA A 81 7.79 0.76 -3.62
CA ALA A 81 7.83 1.72 -2.56
C ALA A 81 7.59 3.13 -3.10
N PHE A 82 6.92 3.95 -2.31
CA PHE A 82 6.64 5.31 -2.72
C PHE A 82 7.13 6.23 -1.64
N LYS A 83 7.74 7.29 -2.06
CA LYS A 83 8.24 8.25 -1.14
C LYS A 83 7.08 9.07 -0.60
N CYS A 84 6.46 8.54 0.44
CA CYS A 84 5.27 9.14 1.02
C CYS A 84 5.67 9.92 2.26
N ALA A 85 5.40 11.21 2.28
CA ALA A 85 5.77 11.99 3.45
C ALA A 85 4.95 11.59 4.68
N ARG A 86 3.77 11.03 4.44
CA ARG A 86 3.04 10.34 5.49
C ARG A 86 3.26 8.84 5.35
N ALA A 87 4.47 8.43 5.01
CA ALA A 87 4.78 7.00 4.91
C ALA A 87 4.39 6.30 6.19
N GLU A 88 4.96 6.81 7.26
CA GLU A 88 4.68 6.39 8.62
C GLU A 88 3.18 6.21 8.83
N GLU A 89 2.48 7.29 8.61
CA GLU A 89 1.03 7.36 8.72
C GLU A 89 0.37 6.38 7.77
N LEU A 90 0.79 6.41 6.51
CA LEU A 90 0.21 5.62 5.48
C LEU A 90 0.41 4.15 5.78
N PHE A 91 1.65 3.74 5.87
CA PHE A 91 1.97 2.38 6.21
C PHE A 91 1.11 1.93 7.39
N ASN A 92 1.18 2.69 8.48
CA ASN A 92 0.37 2.47 9.67
C ASN A 92 -1.09 2.29 9.33
N MET A 93 -1.69 3.34 8.79
CA MET A 93 -3.10 3.32 8.42
C MET A 93 -3.40 2.04 7.66
N LEU A 94 -2.58 1.77 6.65
CA LEU A 94 -2.62 0.53 5.91
C LEU A 94 -2.64 -0.70 6.83
N GLN A 95 -1.60 -0.87 7.65
CA GLN A 95 -1.53 -2.04 8.53
C GLN A 95 -2.78 -2.10 9.41
N GLU A 96 -3.26 -0.94 9.83
CA GLU A 96 -4.44 -0.84 10.68
C GLU A 96 -5.68 -1.23 9.92
N ILE A 97 -5.87 -0.63 8.74
CA ILE A 97 -6.97 -0.99 7.88
C ILE A 97 -6.93 -2.50 7.63
N MET A 98 -5.71 -2.99 7.44
CA MET A 98 -5.49 -4.42 7.28
C MET A 98 -6.06 -5.19 8.46
N GLN A 99 -5.70 -4.76 9.66
CA GLN A 99 -6.10 -5.42 10.88
C GLN A 99 -7.60 -5.31 11.11
N ASN A 100 -8.15 -4.16 10.78
CA ASN A 100 -9.50 -3.80 11.21
C ASN A 100 -10.57 -4.03 10.14
N ASN A 101 -10.16 -4.21 8.88
CA ASN A 101 -11.16 -4.45 7.83
C ASN A 101 -11.21 -5.91 7.47
N SER A 102 -10.10 -6.62 7.69
CA SER A 102 -9.94 -8.02 7.29
C SER A 102 -9.85 -8.13 5.77
N ILE A 103 -10.50 -7.19 5.07
CA ILE A 103 -10.37 -7.01 3.65
C ILE A 103 -11.03 -8.13 2.85
N ASN A 104 -12.20 -7.84 2.33
CA ASN A 104 -12.95 -8.80 1.53
C ASN A 104 -13.45 -8.17 0.25
N VAL A 105 -13.22 -8.86 -0.85
CA VAL A 105 -13.84 -8.52 -2.11
C VAL A 105 -15.15 -9.27 -2.19
N VAL A 106 -15.16 -10.42 -1.54
CA VAL A 106 -16.32 -11.26 -1.39
C VAL A 106 -15.88 -12.50 -0.60
N GLU A 107 -16.83 -13.38 -0.26
CA GLU A 107 -16.52 -14.61 0.46
C GLU A 107 -15.76 -14.30 1.74
N GLU A 108 -16.51 -13.86 2.74
CA GLU A 108 -15.94 -13.47 4.01
C GLU A 108 -15.43 -14.70 4.77
N PRO A 109 -14.14 -14.71 5.10
CA PRO A 109 -13.52 -15.77 5.91
C PRO A 109 -13.98 -15.73 7.37
N VAL A 110 -15.29 -15.90 7.54
CA VAL A 110 -15.97 -15.91 8.85
C VAL A 110 -15.46 -14.86 9.84
N VAL A 111 -16.13 -13.72 9.86
CA VAL A 111 -15.86 -12.71 10.87
C VAL A 111 -16.32 -13.24 12.22
N GLU A 112 -15.53 -12.95 13.25
CA GLU A 112 -15.64 -13.65 14.53
C GLU A 112 -15.15 -15.07 14.29
N ARG A 113 -13.84 -15.19 14.13
CA ARG A 113 -13.21 -16.42 13.72
C ARG A 113 -13.45 -17.53 14.72
N ASN A 114 -13.47 -18.76 14.23
CA ASN A 114 -13.63 -19.92 15.09
C ASN A 114 -12.39 -20.06 15.96
N ASN A 115 -11.27 -19.60 15.42
CA ASN A 115 -10.03 -19.52 16.16
C ASN A 115 -9.51 -18.10 16.13
N GLY B 1 13.62 -12.98 4.39
CA GLY B 1 13.93 -12.32 3.11
C GLY B 1 14.18 -10.85 3.30
N PRO B 2 14.51 -10.12 2.21
CA PRO B 2 14.80 -8.69 2.27
C PRO B 2 13.55 -7.85 2.49
N ASP B 3 13.06 -7.82 3.72
CA ASP B 3 11.86 -7.08 4.06
C ASP B 3 12.07 -5.58 3.91
N ALA B 4 13.13 -5.05 4.49
CA ALA B 4 13.41 -3.65 4.27
C ALA B 4 13.71 -3.44 2.81
N VAL B 5 12.86 -2.67 2.18
CA VAL B 5 13.04 -2.30 0.80
C VAL B 5 13.95 -1.09 0.77
N ILE B 6 15.13 -1.25 0.26
CA ILE B 6 16.01 -0.13 0.33
C ILE B 6 15.91 0.62 -0.95
N ILE B 7 14.87 1.43 -1.05
CA ILE B 7 14.62 2.11 -2.29
C ILE B 7 15.50 3.36 -2.34
N GLY B 8 16.71 3.14 -2.86
CA GLY B 8 17.72 4.17 -2.97
C GLY B 8 17.83 5.08 -1.76
N MET B 9 17.15 6.21 -1.88
CA MET B 9 17.11 7.23 -0.86
C MET B 9 16.86 6.66 0.52
N THR B 10 15.96 5.70 0.64
CA THR B 10 15.59 5.21 1.95
C THR B 10 15.28 3.71 2.00
N LYS B 11 15.71 3.09 3.09
CA LYS B 11 15.38 1.71 3.37
C LYS B 11 14.08 1.58 4.13
N ILE B 12 13.12 0.92 3.50
CA ILE B 12 11.81 0.76 4.07
C ILE B 12 11.66 -0.56 4.77
N PRO B 13 11.60 -0.52 6.08
CA PRO B 13 11.44 -1.70 6.88
C PRO B 13 9.98 -2.08 6.91
N VAL B 14 9.62 -3.00 6.04
CA VAL B 14 8.24 -3.38 5.85
C VAL B 14 7.82 -4.54 6.77
N ILE B 15 6.53 -4.79 6.78
CA ILE B 15 5.91 -5.85 7.56
C ILE B 15 4.98 -6.64 6.65
N GLU B 16 4.52 -7.80 7.09
CA GLU B 16 3.69 -8.63 6.22
C GLU B 16 2.22 -8.60 6.64
N ASN B 17 1.35 -8.77 5.64
CA ASN B 17 -0.09 -8.56 5.79
C ASN B 17 -0.77 -9.69 6.56
N PRO B 18 -1.82 -9.36 7.34
CA PRO B 18 -2.68 -10.34 7.99
C PRO B 18 -3.81 -10.83 7.07
N GLN B 19 -3.87 -10.29 5.86
CA GLN B 19 -4.94 -10.65 4.91
C GLN B 19 -4.80 -12.11 4.49
N PTR B 20 -3.57 -12.52 4.21
CA PTR B 20 -3.29 -13.89 3.82
C PTR B 20 -3.58 -14.85 4.98
O PTR B 20 -3.81 -16.03 4.77
CB PTR B 20 -1.83 -14.03 3.38
CG PTR B 20 -1.48 -13.33 2.08
CD1 PTR B 20 -2.35 -12.41 1.48
CD2 PTR B 20 -0.27 -13.58 1.45
CE1 PTR B 20 -2.02 -11.78 0.30
CE2 PTR B 20 0.07 -12.95 0.27
CZ PTR B 20 -0.81 -12.06 -0.31
OH PTR B 20 -0.48 -11.43 -1.49
P PTR B 20 -0.56 -12.29 -2.86
O1P PTR B 20 -1.80 -13.14 -2.73
O2P PTR B 20 0.86 -13.02 -2.92
O3P PTR B 20 -0.79 -11.23 -3.92
H PTR B 20 -2.84 -11.87 4.25
HA PTR B 20 -3.93 -14.15 2.99
HB2 PTR B 20 -1.19 -13.62 4.15
HB3 PTR B 20 -1.60 -15.08 3.25
HD1 PTR B 20 -3.29 -12.19 1.94
HD2 PTR B 20 0.42 -14.29 1.89
HE1 PTR B 20 -2.71 -11.08 -0.14
HE2 PTR B 20 1.01 -13.16 -0.21
HO2P PTR B 20 0.77 -13.91 -2.59
N PHE B 21 -3.55 -14.31 6.19
CA PHE B 21 -3.87 -15.09 7.38
C PHE B 21 -5.35 -15.41 7.43
N GLY B 22 -6.17 -14.39 7.21
CA GLY B 22 -7.60 -14.58 7.23
C GLY B 22 -8.09 -15.31 6.01
N ILE B 23 -7.77 -14.78 4.83
CA ILE B 23 -8.19 -15.39 3.59
C ILE B 23 -7.19 -16.47 3.19
N SER A 1 -15.08 4.31 15.02
CA SER A 1 -14.02 4.37 14.00
C SER A 1 -13.87 5.78 13.46
N HIS A 2 -12.66 6.12 13.08
CA HIS A 2 -12.39 7.40 12.44
C HIS A 2 -11.40 7.21 11.30
N MET A 3 -10.64 6.13 11.37
CA MET A 3 -9.64 5.81 10.35
C MET A 3 -10.26 5.73 8.97
N ASP A 4 -11.26 4.88 8.81
CA ASP A 4 -11.88 4.67 7.51
C ASP A 4 -13.17 5.48 7.36
N THR A 5 -13.68 6.01 8.46
CA THR A 5 -14.85 6.88 8.38
C THR A 5 -14.43 8.26 7.87
N VAL A 6 -13.79 8.21 6.71
CA VAL A 6 -13.14 9.36 6.13
C VAL A 6 -14.14 10.34 5.54
N PRO A 7 -13.86 11.63 5.78
CA PRO A 7 -14.76 12.72 5.43
C PRO A 7 -14.71 13.00 3.93
N ASP A 8 -13.55 12.76 3.36
CA ASP A 8 -13.34 12.82 1.92
C ASP A 8 -11.96 12.29 1.61
N ASN A 9 -10.94 12.92 2.20
CA ASN A 9 -9.57 12.53 1.92
C ASN A 9 -8.58 13.03 2.98
N HIS A 10 -9.09 13.51 4.12
CA HIS A 10 -8.23 14.14 5.14
C HIS A 10 -7.02 13.26 5.52
N ARG A 11 -7.27 11.97 5.75
CA ARG A 11 -6.21 11.06 6.14
C ARG A 11 -5.85 10.14 4.99
N ASN A 12 -6.82 9.40 4.53
CA ASN A 12 -6.58 8.25 3.67
C ASN A 12 -5.90 8.62 2.35
N LYS A 13 -6.20 9.79 1.82
CA LYS A 13 -5.54 10.23 0.61
C LYS A 13 -4.20 10.86 0.95
N PHE A 14 -3.12 10.14 0.69
CA PHE A 14 -1.78 10.65 0.90
C PHE A 14 -1.02 10.78 -0.40
N LYS A 15 -0.66 12.00 -0.75
CA LYS A 15 0.23 12.22 -1.88
C LYS A 15 1.59 11.62 -1.60
N VAL A 16 1.89 10.52 -2.27
CA VAL A 16 3.17 9.86 -2.13
C VAL A 16 4.04 10.23 -3.31
N ILE A 17 5.21 9.68 -3.38
CA ILE A 17 6.06 9.84 -4.54
C ILE A 17 6.46 8.49 -5.07
N ASN A 18 5.93 8.05 -6.19
CA ASN A 18 6.33 6.76 -6.70
C ASN A 18 7.81 6.82 -7.08
N VAL A 19 8.61 6.03 -6.37
CA VAL A 19 10.06 6.09 -6.47
C VAL A 19 10.60 4.67 -6.61
N ASP A 20 11.45 4.41 -7.59
CA ASP A 20 11.85 3.04 -7.84
C ASP A 20 13.36 2.83 -7.77
N ASP A 21 13.74 1.88 -6.90
CA ASP A 21 15.13 1.43 -6.68
C ASP A 21 16.15 2.56 -6.47
N ASP A 22 15.67 3.79 -6.39
CA ASP A 22 16.55 4.93 -6.22
C ASP A 22 15.93 5.90 -5.21
N GLY A 23 14.68 5.64 -4.86
CA GLY A 23 13.90 6.58 -4.07
C GLY A 23 13.69 7.84 -4.86
N ASN A 24 13.81 7.70 -6.18
CA ASN A 24 13.71 8.82 -7.09
C ASN A 24 12.28 9.04 -7.48
N GLU A 25 11.79 10.24 -7.22
CA GLU A 25 10.46 10.64 -7.64
C GLU A 25 10.25 10.37 -9.13
N LEU A 26 9.89 9.14 -9.47
CA LEU A 26 9.65 8.74 -10.86
C LEU A 26 8.21 9.03 -11.23
N GLY A 27 7.66 10.04 -10.60
CA GLY A 27 6.28 10.41 -10.79
C GLY A 27 5.53 10.32 -9.48
N SER A 28 5.48 11.42 -8.75
CA SER A 28 4.89 11.38 -7.43
C SER A 28 3.39 11.15 -7.53
N GLY A 29 2.92 10.19 -6.78
CA GLY A 29 1.55 9.73 -6.90
C GLY A 29 0.74 10.06 -5.67
N ILE A 30 -0.44 9.49 -5.60
CA ILE A 30 -1.20 9.43 -4.37
C ILE A 30 -1.10 8.03 -3.84
N MET A 31 -1.44 7.83 -2.61
CA MET A 31 -1.68 6.53 -2.09
C MET A 31 -2.92 6.59 -1.24
N GLU A 32 -4.04 6.34 -1.89
CA GLU A 32 -5.35 6.43 -1.31
C GLU A 32 -5.61 5.19 -0.47
N LEU A 33 -5.46 5.31 0.82
CA LEU A 33 -5.62 4.18 1.68
C LEU A 33 -7.08 3.92 2.03
N THR A 34 -7.66 2.91 1.39
CA THR A 34 -9.01 2.51 1.72
C THR A 34 -9.01 1.10 2.30
N ASP A 35 -10.19 0.46 2.39
CA ASP A 35 -10.31 -0.86 3.00
C ASP A 35 -9.38 -1.86 2.39
N THR A 36 -9.46 -2.00 1.10
CA THR A 36 -8.83 -3.12 0.53
C THR A 36 -7.91 -2.75 -0.60
N GLU A 37 -8.11 -1.58 -1.18
CA GLU A 37 -7.25 -1.15 -2.26
C GLU A 37 -6.55 0.15 -1.93
N LEU A 38 -5.26 0.10 -2.13
CA LEU A 38 -4.38 1.24 -2.02
C LEU A 38 -4.34 1.97 -3.34
N ILE A 39 -5.20 2.96 -3.48
CA ILE A 39 -5.36 3.61 -4.77
C ILE A 39 -4.28 4.68 -4.96
N LEU A 40 -3.17 4.29 -5.59
CA LEU A 40 -2.08 5.21 -5.88
C LEU A 40 -2.45 6.10 -7.08
N TYR A 41 -2.65 7.38 -6.88
CA TYR A 41 -2.95 8.24 -8.03
C TYR A 41 -1.65 8.70 -8.67
N THR A 42 -1.24 8.06 -9.74
CA THR A 42 0.01 8.44 -10.40
C THR A 42 -0.11 9.80 -11.08
N ARG A 43 0.88 10.15 -11.89
CA ARG A 43 0.81 11.37 -12.64
C ARG A 43 -0.15 11.22 -13.81
N LYS A 44 0.26 10.41 -14.77
CA LYS A 44 -0.52 10.20 -15.98
C LYS A 44 -0.98 8.76 -16.12
N ARG A 45 -0.45 7.89 -15.29
CA ARG A 45 -0.80 6.47 -15.31
C ARG A 45 -2.17 6.25 -14.65
N ASP A 46 -2.71 7.33 -14.09
CA ASP A 46 -3.99 7.34 -13.38
C ASP A 46 -3.93 6.51 -12.11
N SER A 47 -5.01 6.56 -11.36
CA SER A 47 -5.15 5.84 -10.11
C SER A 47 -4.85 4.36 -10.29
N VAL A 48 -3.65 4.00 -9.89
CA VAL A 48 -3.26 2.62 -9.74
C VAL A 48 -3.83 2.13 -8.43
N LYS A 49 -3.92 0.84 -8.23
CA LYS A 49 -4.54 0.35 -6.99
C LYS A 49 -3.73 -0.83 -6.43
N TRP A 50 -3.71 -0.96 -5.11
CA TRP A 50 -3.10 -2.14 -4.47
C TRP A 50 -4.03 -2.80 -3.48
N HIS A 51 -4.59 -3.92 -3.89
CA HIS A 51 -5.47 -4.66 -3.02
C HIS A 51 -4.65 -5.32 -1.89
N TYR A 52 -5.22 -5.26 -0.69
CA TYR A 52 -4.57 -5.66 0.55
C TYR A 52 -4.17 -7.13 0.56
N LEU A 53 -4.92 -7.96 -0.17
CA LEU A 53 -4.66 -9.39 -0.27
C LEU A 53 -3.49 -9.65 -1.19
N CYS A 54 -2.76 -8.60 -1.47
CA CYS A 54 -1.63 -8.69 -2.34
C CYS A 54 -0.40 -8.08 -1.69
N LEU A 55 -0.62 -7.21 -0.71
CA LEU A 55 0.47 -6.56 0.02
C LEU A 55 1.22 -7.55 0.90
N ARG A 56 2.14 -8.32 0.32
CA ARG A 56 2.95 -9.24 1.11
C ARG A 56 3.72 -8.50 2.18
N ARG A 57 4.51 -7.50 1.79
CA ARG A 57 5.29 -6.77 2.79
C ARG A 57 5.27 -5.26 2.57
N TYR A 58 4.77 -4.55 3.56
CA TYR A 58 4.50 -3.12 3.44
C TYR A 58 5.14 -2.35 4.57
N GLY A 59 5.65 -1.17 4.26
CA GLY A 59 6.52 -0.52 5.20
C GLY A 59 6.50 0.98 5.15
N TYR A 60 7.51 1.53 5.79
CA TYR A 60 7.66 2.94 6.05
C TYR A 60 9.11 3.21 6.45
N ASP A 61 9.76 4.15 5.79
CA ASP A 61 11.04 4.64 6.28
C ASP A 61 11.30 6.07 5.83
N SER A 62 11.36 7.00 6.78
CA SER A 62 11.73 8.38 6.49
C SER A 62 11.02 8.93 5.26
N ASN A 63 9.69 8.89 5.29
CA ASN A 63 8.85 9.34 4.18
C ASN A 63 8.97 8.42 2.96
N LEU A 64 9.28 7.15 3.22
CA LEU A 64 9.24 6.13 2.18
C LEU A 64 8.22 5.06 2.62
N PHE A 65 7.08 4.93 1.94
CA PHE A 65 6.12 3.86 2.27
C PHE A 65 6.18 2.80 1.18
N SER A 66 6.13 1.55 1.57
CA SER A 66 6.31 0.47 0.62
C SER A 66 5.30 -0.63 0.82
N PHE A 67 5.24 -1.54 -0.17
CA PHE A 67 4.47 -2.78 -0.07
C PHE A 67 4.92 -3.75 -1.17
N GLU A 68 5.04 -5.04 -0.83
CA GLU A 68 5.33 -6.06 -1.81
C GLU A 68 4.03 -6.63 -2.33
N SER A 69 3.62 -6.22 -3.51
CA SER A 69 2.41 -6.78 -4.08
C SER A 69 2.73 -8.12 -4.73
N GLY A 70 2.03 -9.16 -4.33
CA GLY A 70 2.42 -10.51 -4.67
C GLY A 70 1.54 -11.17 -5.72
N ARG A 71 1.03 -10.38 -6.64
CA ARG A 71 0.35 -10.92 -7.81
C ARG A 71 0.78 -10.11 -9.03
N ARG A 72 -0.14 -9.34 -9.58
CA ARG A 72 0.20 -8.36 -10.60
C ARG A 72 -0.40 -7.02 -10.24
N CYS A 73 -0.04 -6.00 -10.99
CA CYS A 73 -0.62 -4.69 -10.82
C CYS A 73 -0.34 -3.83 -12.03
N GLN A 74 -1.04 -2.70 -12.14
CA GLN A 74 -0.73 -1.67 -13.12
C GLN A 74 0.77 -1.43 -13.19
N THR A 75 1.32 -1.04 -12.07
CA THR A 75 2.73 -0.72 -11.98
C THR A 75 3.33 -1.39 -10.74
N GLY A 76 2.64 -2.43 -10.27
CA GLY A 76 3.08 -3.15 -9.08
C GLY A 76 3.78 -4.44 -9.43
N GLN A 77 5.09 -4.37 -9.45
CA GLN A 77 5.93 -5.49 -9.83
C GLN A 77 6.52 -6.17 -8.58
N GLY A 78 5.82 -6.03 -7.48
CA GLY A 78 6.27 -6.61 -6.23
C GLY A 78 6.50 -5.55 -5.18
N ILE A 79 7.71 -5.48 -4.64
CA ILE A 79 8.07 -4.40 -3.74
C ILE A 79 8.05 -3.08 -4.48
N PHE A 80 7.01 -2.31 -4.25
CA PHE A 80 6.88 -1.02 -4.87
C PHE A 80 6.73 0.02 -3.79
N ALA A 81 7.78 0.80 -3.62
CA ALA A 81 7.82 1.77 -2.57
C ALA A 81 7.58 3.18 -3.12
N PHE A 82 6.91 3.99 -2.35
CA PHE A 82 6.64 5.36 -2.74
C PHE A 82 7.11 6.25 -1.63
N LYS A 83 7.77 7.30 -2.01
CA LYS A 83 8.27 8.23 -1.06
C LYS A 83 7.13 9.08 -0.52
N CYS A 84 6.45 8.53 0.47
CA CYS A 84 5.29 9.17 1.05
C CYS A 84 5.71 9.86 2.34
N ALA A 85 5.53 11.16 2.43
CA ALA A 85 5.92 11.85 3.65
C ALA A 85 5.04 11.43 4.82
N ARG A 86 3.81 11.05 4.53
CA ARG A 86 2.99 10.36 5.52
C ARG A 86 3.19 8.87 5.41
N ALA A 87 4.39 8.42 5.03
CA ALA A 87 4.69 6.98 4.95
C ALA A 87 4.30 6.31 6.24
N GLU A 88 4.89 6.86 7.29
CA GLU A 88 4.58 6.50 8.68
C GLU A 88 3.08 6.30 8.87
N GLU A 89 2.36 7.35 8.59
CA GLU A 89 0.92 7.39 8.70
C GLU A 89 0.26 6.41 7.74
N LEU A 90 0.69 6.42 6.50
CA LEU A 90 0.14 5.61 5.45
C LEU A 90 0.36 4.15 5.75
N PHE A 91 1.61 3.75 5.83
CA PHE A 91 1.94 2.39 6.16
C PHE A 91 1.10 1.92 7.35
N ASN A 92 1.14 2.70 8.43
CA ASN A 92 0.33 2.45 9.62
C ASN A 92 -1.12 2.28 9.28
N MET A 93 -1.71 3.31 8.71
CA MET A 93 -3.12 3.30 8.33
C MET A 93 -3.40 2.03 7.56
N LEU A 94 -2.56 1.75 6.57
CA LEU A 94 -2.60 0.51 5.84
C LEU A 94 -2.63 -0.71 6.75
N GLN A 95 -1.62 -0.86 7.62
CA GLN A 95 -1.60 -2.01 8.53
C GLN A 95 -2.87 -2.02 9.37
N GLU A 96 -3.27 -0.85 9.87
CA GLU A 96 -4.48 -0.70 10.67
C GLU A 96 -5.72 -1.12 9.89
N ILE A 97 -5.84 -0.59 8.67
CA ILE A 97 -6.93 -0.98 7.80
C ILE A 97 -6.90 -2.48 7.59
N MET A 98 -5.70 -3.00 7.40
CA MET A 98 -5.49 -4.44 7.29
C MET A 98 -6.04 -5.15 8.53
N GLN A 99 -5.66 -4.63 9.69
CA GLN A 99 -6.07 -5.15 10.99
C GLN A 99 -7.59 -5.16 11.10
N ASN A 100 -8.16 -4.02 10.80
CA ASN A 100 -9.54 -3.71 11.13
C ASN A 100 -10.55 -4.19 10.10
N ASN A 101 -10.17 -4.23 8.83
CA ASN A 101 -11.15 -4.52 7.79
C ASN A 101 -11.15 -5.99 7.44
N SER A 102 -10.02 -6.65 7.69
CA SER A 102 -9.82 -8.06 7.31
C SER A 102 -9.68 -8.19 5.80
N ILE A 103 -10.38 -7.33 5.07
CA ILE A 103 -10.21 -7.17 3.64
C ILE A 103 -10.67 -8.39 2.86
N ASN A 104 -11.89 -8.32 2.38
CA ASN A 104 -12.42 -9.38 1.55
C ASN A 104 -13.17 -8.80 0.37
N VAL A 105 -12.78 -9.24 -0.81
CA VAL A 105 -13.48 -8.92 -2.03
C VAL A 105 -14.85 -9.57 -1.98
N VAL A 106 -14.86 -10.75 -1.37
CA VAL A 106 -16.07 -11.48 -1.05
C VAL A 106 -15.66 -12.66 -0.17
N GLU A 107 -16.63 -13.35 0.41
CA GLU A 107 -16.37 -14.53 1.22
C GLU A 107 -15.44 -14.21 2.38
N GLU A 108 -16.01 -13.65 3.43
CA GLU A 108 -15.27 -13.34 4.64
C GLU A 108 -14.99 -14.60 5.43
N PRO A 109 -13.78 -14.72 5.98
CA PRO A 109 -13.42 -15.80 6.89
C PRO A 109 -14.12 -15.64 8.23
N VAL A 110 -15.45 -15.59 8.20
CA VAL A 110 -16.29 -15.32 9.36
C VAL A 110 -16.20 -13.86 9.78
N VAL A 111 -17.32 -13.18 9.73
CA VAL A 111 -17.43 -11.83 10.26
C VAL A 111 -17.31 -11.87 11.78
N GLU A 112 -16.64 -10.88 12.36
CA GLU A 112 -16.40 -10.81 13.80
C GLU A 112 -15.44 -11.94 14.21
N ARG A 113 -14.26 -11.93 13.61
CA ARG A 113 -13.25 -12.94 13.88
C ARG A 113 -12.55 -12.66 15.19
N ASN A 114 -13.04 -13.29 16.24
CA ASN A 114 -12.48 -13.17 17.56
C ASN A 114 -12.30 -14.54 18.15
N ASN A 115 -13.43 -15.19 18.39
CA ASN A 115 -13.44 -16.52 18.96
C ASN A 115 -14.79 -17.17 18.74
N GLY B 1 14.56 -13.83 5.50
CA GLY B 1 14.34 -13.20 4.17
C GLY B 1 14.35 -11.69 4.25
N PRO B 2 14.08 -11.02 3.13
CA PRO B 2 14.12 -9.57 3.06
C PRO B 2 12.79 -8.92 3.42
N ASP B 3 12.84 -7.87 4.21
CA ASP B 3 11.65 -7.08 4.50
C ASP B 3 11.92 -5.65 4.13
N ALA B 4 13.00 -5.09 4.60
CA ALA B 4 13.28 -3.74 4.25
C ALA B 4 13.53 -3.64 2.76
N VAL B 5 12.71 -2.82 2.13
CA VAL B 5 12.88 -2.50 0.73
C VAL B 5 13.84 -1.36 0.63
N ILE B 6 14.98 -1.56 0.02
CA ILE B 6 15.92 -0.50 0.04
C ILE B 6 15.77 0.28 -1.23
N ILE B 7 14.78 1.17 -1.24
CA ILE B 7 14.50 1.87 -2.45
C ILE B 7 15.40 3.10 -2.50
N GLY B 8 16.57 2.87 -3.09
CA GLY B 8 17.57 3.90 -3.28
C GLY B 8 17.79 4.78 -2.07
N MET B 9 17.13 5.94 -2.12
CA MET B 9 17.17 6.91 -1.07
C MET B 9 17.01 6.30 0.31
N THR B 10 16.07 5.37 0.45
CA THR B 10 15.76 4.85 1.76
C THR B 10 15.41 3.37 1.80
N LYS B 11 15.90 2.72 2.84
CA LYS B 11 15.55 1.36 3.14
C LYS B 11 14.28 1.29 3.97
N ILE B 12 13.25 0.67 3.42
CA ILE B 12 11.94 0.60 4.04
C ILE B 12 11.74 -0.68 4.79
N PRO B 13 11.75 -0.61 6.10
CA PRO B 13 11.52 -1.77 6.93
C PRO B 13 10.03 -2.06 6.95
N VAL B 14 9.64 -2.99 6.12
CA VAL B 14 8.24 -3.33 5.97
C VAL B 14 7.82 -4.48 6.89
N ILE B 15 6.53 -4.71 6.91
CA ILE B 15 5.92 -5.77 7.69
C ILE B 15 5.04 -6.60 6.77
N GLU B 16 4.70 -7.81 7.17
CA GLU B 16 3.90 -8.67 6.31
C GLU B 16 2.42 -8.61 6.69
N ASN B 17 1.56 -8.74 5.70
CA ASN B 17 0.12 -8.52 5.86
C ASN B 17 -0.54 -9.63 6.66
N PRO B 18 -1.60 -9.27 7.43
CA PRO B 18 -2.42 -10.24 8.14
C PRO B 18 -3.53 -10.83 7.26
N GLN B 19 -3.64 -10.34 6.01
CA GLN B 19 -4.72 -10.78 5.12
C GLN B 19 -4.52 -12.24 4.73
N PTR B 20 -3.28 -12.59 4.45
CA PTR B 20 -2.91 -13.95 4.09
C PTR B 20 -3.13 -14.91 5.25
O PTR B 20 -2.98 -16.12 5.11
CB PTR B 20 -1.45 -14.01 3.65
CG PTR B 20 -1.14 -13.36 2.31
CD1 PTR B 20 -2.00 -12.42 1.73
CD2 PTR B 20 0.03 -13.67 1.63
CE1 PTR B 20 -1.71 -11.84 0.52
CE2 PTR B 20 0.32 -13.09 0.42
CZ PTR B 20 -0.55 -12.18 -0.13
OH PTR B 20 -0.25 -11.61 -1.34
P PTR B 20 -0.48 -12.53 -2.65
O1P PTR B 20 -1.65 -13.41 -2.28
O2P PTR B 20 0.95 -13.21 -2.88
O3P PTR B 20 -0.93 -11.53 -3.68
H PTR B 20 -2.57 -11.90 4.48
HA PTR B 20 -3.53 -14.26 3.25
HB2 PTR B 20 -0.84 -13.51 4.39
HB3 PTR B 20 -1.13 -15.04 3.59
HD1 PTR B 20 -2.91 -12.16 2.24
HD2 PTR B 20 0.71 -14.40 2.06
HE1 PTR B 20 -2.40 -11.11 0.09
HE2 PTR B 20 1.24 -13.36 -0.10
HO2P PTR B 20 0.85 -14.08 -3.27
N PHE B 21 -3.46 -14.35 6.40
CA PHE B 21 -3.71 -15.13 7.59
C PHE B 21 -5.16 -14.99 8.02
N GLY B 22 -5.84 -14.00 7.44
CA GLY B 22 -7.27 -13.83 7.68
C GLY B 22 -7.57 -12.88 8.81
N ILE B 23 -6.61 -12.66 9.70
CA ILE B 23 -6.83 -11.84 10.88
C ILE B 23 -5.50 -11.23 11.35
N SER A 1 -8.81 1.23 14.26
CA SER A 1 -10.21 0.87 13.98
C SER A 1 -10.77 1.81 12.91
N HIS A 2 -12.05 1.62 12.58
CA HIS A 2 -12.73 2.47 11.60
C HIS A 2 -13.05 3.84 12.19
N MET A 3 -12.02 4.47 12.75
CA MET A 3 -12.15 5.79 13.34
C MET A 3 -11.35 6.79 12.50
N ASP A 4 -10.08 6.45 12.30
CA ASP A 4 -9.18 7.29 11.51
C ASP A 4 -9.25 6.91 10.04
N THR A 5 -9.87 5.77 9.76
CA THR A 5 -10.16 5.40 8.38
C THR A 5 -11.25 6.31 7.87
N VAL A 6 -10.96 7.05 6.82
CA VAL A 6 -11.77 8.16 6.43
C VAL A 6 -12.30 8.08 5.02
N PRO A 7 -13.34 8.89 4.73
CA PRO A 7 -14.06 8.90 3.45
C PRO A 7 -13.18 8.90 2.20
N ASP A 8 -12.46 10.00 1.98
CA ASP A 8 -11.68 10.16 0.76
C ASP A 8 -10.46 11.04 1.01
N ASN A 9 -10.57 11.96 1.95
CA ASN A 9 -9.46 12.82 2.30
C ASN A 9 -9.18 12.72 3.80
N HIS A 10 -8.72 13.82 4.41
CA HIS A 10 -8.37 13.85 5.83
C HIS A 10 -7.08 13.08 6.08
N ARG A 11 -7.22 11.77 6.26
CA ARG A 11 -6.08 10.91 6.53
C ARG A 11 -5.74 10.05 5.33
N ASN A 12 -6.75 9.45 4.74
CA ASN A 12 -6.55 8.28 3.90
C ASN A 12 -5.90 8.62 2.54
N LYS A 13 -6.27 9.75 1.95
CA LYS A 13 -5.64 10.19 0.72
C LYS A 13 -4.30 10.81 1.04
N PHE A 14 -3.22 10.10 0.74
CA PHE A 14 -1.88 10.65 0.94
C PHE A 14 -1.14 10.82 -0.37
N LYS A 15 -0.73 12.03 -0.66
CA LYS A 15 0.15 12.27 -1.79
C LYS A 15 1.53 11.66 -1.52
N VAL A 16 1.80 10.56 -2.19
CA VAL A 16 3.08 9.90 -2.06
C VAL A 16 3.97 10.27 -3.24
N ILE A 17 5.12 9.68 -3.29
CA ILE A 17 5.95 9.80 -4.46
C ILE A 17 6.29 8.42 -4.98
N ASN A 18 5.89 8.08 -6.17
CA ASN A 18 6.31 6.81 -6.70
C ASN A 18 7.79 6.88 -7.07
N VAL A 19 8.60 6.10 -6.36
CA VAL A 19 10.05 6.15 -6.50
C VAL A 19 10.58 4.75 -6.80
N ASP A 20 11.43 4.60 -7.82
CA ASP A 20 11.89 3.27 -8.16
C ASP A 20 13.40 3.10 -7.99
N ASP A 21 13.76 2.09 -7.20
CA ASP A 21 15.14 1.57 -7.03
C ASP A 21 16.19 2.66 -6.74
N ASP A 22 15.73 3.88 -6.54
CA ASP A 22 16.62 5.00 -6.32
C ASP A 22 16.03 5.92 -5.26
N GLY A 23 14.77 5.64 -4.91
CA GLY A 23 13.98 6.57 -4.13
C GLY A 23 13.75 7.83 -4.93
N ASN A 24 13.86 7.69 -6.24
CA ASN A 24 13.73 8.82 -7.15
C ASN A 24 12.28 8.98 -7.54
N GLU A 25 11.74 10.18 -7.32
CA GLU A 25 10.38 10.49 -7.67
C GLU A 25 10.11 10.27 -9.17
N LEU A 26 9.86 9.04 -9.55
CA LEU A 26 9.61 8.68 -10.94
C LEU A 26 8.12 8.75 -11.24
N GLY A 27 7.51 9.78 -10.71
CA GLY A 27 6.09 9.99 -10.87
C GLY A 27 5.39 10.06 -9.53
N SER A 28 5.51 11.20 -8.85
CA SER A 28 4.95 11.34 -7.53
C SER A 28 3.43 11.15 -7.58
N GLY A 29 2.93 10.25 -6.76
CA GLY A 29 1.55 9.82 -6.88
C GLY A 29 0.73 10.13 -5.64
N ILE A 30 -0.44 9.56 -5.56
CA ILE A 30 -1.20 9.48 -4.33
C ILE A 30 -1.09 8.06 -3.83
N MET A 31 -1.41 7.84 -2.60
CA MET A 31 -1.66 6.53 -2.10
C MET A 31 -2.91 6.59 -1.24
N GLU A 32 -4.02 6.35 -1.92
CA GLU A 32 -5.34 6.46 -1.35
C GLU A 32 -5.61 5.22 -0.52
N LEU A 33 -5.41 5.31 0.77
CA LEU A 33 -5.59 4.16 1.62
C LEU A 33 -7.05 3.92 1.94
N THR A 34 -7.58 2.82 1.43
CA THR A 34 -8.94 2.44 1.73
C THR A 34 -8.98 1.04 2.35
N ASP A 35 -10.19 0.48 2.44
CA ASP A 35 -10.40 -0.84 3.06
C ASP A 35 -9.51 -1.90 2.48
N THR A 36 -9.52 -2.05 1.19
CA THR A 36 -8.85 -3.17 0.61
C THR A 36 -7.94 -2.77 -0.53
N GLU A 37 -8.07 -1.55 -1.02
CA GLU A 37 -7.27 -1.13 -2.14
C GLU A 37 -6.49 0.14 -1.84
N LEU A 38 -5.20 0.02 -2.06
CA LEU A 38 -4.29 1.13 -1.99
C LEU A 38 -4.25 1.83 -3.33
N ILE A 39 -5.09 2.84 -3.45
CA ILE A 39 -5.30 3.49 -4.72
C ILE A 39 -4.24 4.61 -4.93
N LEU A 40 -3.15 4.25 -5.58
CA LEU A 40 -2.04 5.18 -5.86
C LEU A 40 -2.40 6.07 -7.05
N TYR A 41 -2.63 7.36 -6.85
CA TYR A 41 -2.92 8.22 -7.99
C TYR A 41 -1.61 8.72 -8.58
N THR A 42 -1.13 8.07 -9.62
CA THR A 42 0.18 8.39 -10.17
C THR A 42 0.17 9.75 -10.88
N ARG A 43 1.23 10.04 -11.62
CA ARG A 43 1.29 11.28 -12.37
C ARG A 43 0.50 11.18 -13.65
N LYS A 44 0.98 10.37 -14.58
CA LYS A 44 0.31 10.18 -15.85
C LYS A 44 -0.15 8.74 -16.07
N ARG A 45 0.00 7.93 -15.04
CA ARG A 45 -0.41 6.54 -15.09
C ARG A 45 -1.82 6.36 -14.51
N ASP A 46 -2.33 7.45 -13.92
CA ASP A 46 -3.65 7.48 -13.27
C ASP A 46 -3.69 6.55 -12.05
N SER A 47 -4.80 6.62 -11.34
CA SER A 47 -5.01 5.84 -10.13
C SER A 47 -4.68 4.36 -10.34
N VAL A 48 -3.50 4.01 -9.89
CA VAL A 48 -3.09 2.63 -9.76
C VAL A 48 -3.67 2.09 -8.48
N LYS A 49 -3.81 0.79 -8.36
CA LYS A 49 -4.46 0.26 -7.16
C LYS A 49 -3.65 -0.92 -6.57
N TRP A 50 -3.71 -1.05 -5.23
CA TRP A 50 -3.11 -2.21 -4.56
C TRP A 50 -4.04 -2.86 -3.57
N HIS A 51 -4.62 -3.98 -3.96
CA HIS A 51 -5.50 -4.70 -3.06
C HIS A 51 -4.69 -5.33 -1.91
N TYR A 52 -5.29 -5.31 -0.74
CA TYR A 52 -4.65 -5.69 0.52
C TYR A 52 -4.25 -7.16 0.56
N LEU A 53 -4.98 -7.99 -0.17
CA LEU A 53 -4.66 -9.42 -0.26
C LEU A 53 -3.51 -9.65 -1.19
N CYS A 54 -2.80 -8.58 -1.48
CA CYS A 54 -1.68 -8.67 -2.38
C CYS A 54 -0.47 -8.02 -1.74
N LEU A 55 -0.70 -7.12 -0.79
CA LEU A 55 0.38 -6.52 -0.01
C LEU A 55 1.05 -7.56 0.86
N ARG A 56 1.94 -8.36 0.30
CA ARG A 56 2.64 -9.37 1.09
C ARG A 56 3.45 -8.70 2.17
N ARG A 57 4.13 -7.62 1.82
CA ARG A 57 4.78 -6.79 2.81
C ARG A 57 4.47 -5.33 2.55
N TYR A 58 4.80 -4.47 3.51
CA TYR A 58 4.46 -3.06 3.43
C TYR A 58 5.09 -2.29 4.57
N GLY A 59 5.61 -1.11 4.29
CA GLY A 59 6.47 -0.47 5.24
C GLY A 59 6.48 1.04 5.17
N TYR A 60 7.51 1.55 5.79
CA TYR A 60 7.68 2.97 6.03
C TYR A 60 9.14 3.22 6.42
N ASP A 61 9.78 4.17 5.75
CA ASP A 61 11.06 4.65 6.23
C ASP A 61 11.37 6.06 5.75
N SER A 62 11.41 7.00 6.68
CA SER A 62 11.78 8.39 6.39
C SER A 62 11.05 8.91 5.14
N ASN A 63 9.73 8.94 5.21
CA ASN A 63 8.88 9.35 4.08
C ASN A 63 9.01 8.39 2.89
N LEU A 64 9.31 7.14 3.16
CA LEU A 64 9.28 6.11 2.13
C LEU A 64 8.25 5.05 2.59
N PHE A 65 7.11 4.92 1.91
CA PHE A 65 6.15 3.86 2.25
C PHE A 65 6.19 2.81 1.17
N SER A 66 6.16 1.55 1.56
CA SER A 66 6.32 0.49 0.60
C SER A 66 5.32 -0.63 0.81
N PHE A 67 5.26 -1.54 -0.16
CA PHE A 67 4.50 -2.77 -0.05
C PHE A 67 4.96 -3.77 -1.13
N GLU A 68 4.94 -5.05 -0.81
CA GLU A 68 5.24 -6.09 -1.79
C GLU A 68 3.96 -6.66 -2.33
N SER A 69 3.58 -6.28 -3.52
CA SER A 69 2.37 -6.82 -4.09
C SER A 69 2.68 -8.16 -4.77
N GLY A 70 1.94 -9.18 -4.36
CA GLY A 70 2.26 -10.55 -4.72
C GLY A 70 2.11 -10.85 -6.19
N ARG A 71 1.05 -10.37 -6.80
CA ARG A 71 0.83 -10.58 -8.23
C ARG A 71 1.28 -9.34 -8.97
N ARG A 72 1.37 -9.43 -10.28
CA ARG A 72 1.68 -8.27 -11.09
C ARG A 72 0.62 -7.20 -10.92
N CYS A 73 1.05 -5.97 -11.01
CA CYS A 73 0.19 -4.84 -10.82
C CYS A 73 0.38 -3.85 -11.95
N GLN A 74 -0.36 -2.75 -11.93
CA GLN A 74 -0.23 -1.70 -12.93
C GLN A 74 1.22 -1.26 -13.06
N THR A 75 1.81 -0.88 -11.95
CA THR A 75 3.18 -0.38 -11.95
C THR A 75 3.97 -0.96 -10.78
N GLY A 76 3.47 -2.07 -10.25
CA GLY A 76 4.13 -2.74 -9.14
C GLY A 76 4.35 -4.21 -9.44
N GLN A 77 5.54 -4.53 -9.90
CA GLN A 77 5.87 -5.90 -10.27
C GLN A 77 6.59 -6.63 -9.13
N GLY A 78 6.31 -6.17 -7.91
CA GLY A 78 6.90 -6.77 -6.72
C GLY A 78 6.85 -5.82 -5.55
N ILE A 79 7.97 -5.65 -4.85
CA ILE A 79 8.09 -4.60 -3.87
C ILE A 79 8.04 -3.25 -4.56
N PHE A 80 7.05 -2.46 -4.23
CA PHE A 80 6.90 -1.15 -4.82
C PHE A 80 6.79 -0.12 -3.72
N ALA A 81 7.76 0.77 -3.67
CA ALA A 81 7.83 1.75 -2.62
C ALA A 81 7.61 3.15 -3.16
N PHE A 82 6.93 3.97 -2.38
CA PHE A 82 6.66 5.34 -2.74
C PHE A 82 7.17 6.23 -1.63
N LYS A 83 7.83 7.27 -2.03
CA LYS A 83 8.36 8.21 -1.09
C LYS A 83 7.21 9.07 -0.59
N CYS A 84 6.52 8.53 0.41
CA CYS A 84 5.34 9.17 0.96
C CYS A 84 5.71 9.90 2.24
N ALA A 85 5.49 11.20 2.30
CA ALA A 85 5.89 11.95 3.48
C ALA A 85 5.01 11.62 4.68
N ARG A 86 3.87 11.00 4.42
CA ARG A 86 3.13 10.32 5.47
C ARG A 86 3.28 8.82 5.31
N ALA A 87 4.48 8.38 4.95
CA ALA A 87 4.77 6.96 4.86
C ALA A 87 4.38 6.28 6.15
N GLU A 88 4.96 6.79 7.21
CA GLU A 88 4.66 6.37 8.58
C GLU A 88 3.17 6.23 8.78
N GLU A 89 2.49 7.31 8.51
CA GLU A 89 1.06 7.43 8.65
C GLU A 89 0.33 6.47 7.71
N LEU A 90 0.76 6.47 6.47
CA LEU A 90 0.17 5.65 5.44
C LEU A 90 0.36 4.19 5.76
N PHE A 91 1.60 3.78 5.86
CA PHE A 91 1.92 2.42 6.20
C PHE A 91 1.07 1.98 7.39
N ASN A 92 1.11 2.77 8.46
CA ASN A 92 0.28 2.55 9.65
C ASN A 92 -1.16 2.36 9.30
N MET A 93 -1.76 3.38 8.73
CA MET A 93 -3.16 3.34 8.33
C MET A 93 -3.43 2.06 7.57
N LEU A 94 -2.58 1.77 6.61
CA LEU A 94 -2.62 0.52 5.87
C LEU A 94 -2.62 -0.68 6.80
N GLN A 95 -1.61 -0.82 7.66
CA GLN A 95 -1.57 -1.96 8.58
C GLN A 95 -2.84 -1.99 9.42
N GLU A 96 -3.29 -0.82 9.88
CA GLU A 96 -4.49 -0.69 10.70
C GLU A 96 -5.72 -1.13 9.91
N ILE A 97 -5.88 -0.59 8.71
CA ILE A 97 -6.96 -1.00 7.85
C ILE A 97 -6.91 -2.50 7.65
N MET A 98 -5.70 -3.01 7.46
CA MET A 98 -5.46 -4.44 7.37
C MET A 98 -5.97 -5.15 8.62
N GLN A 99 -5.53 -4.65 9.77
CA GLN A 99 -5.87 -5.19 11.09
C GLN A 99 -7.38 -5.26 11.26
N ASN A 100 -8.04 -4.19 10.87
CA ASN A 100 -9.41 -3.93 11.25
C ASN A 100 -10.42 -4.38 10.21
N ASN A 101 -10.06 -4.38 8.92
CA ASN A 101 -11.03 -4.67 7.87
C ASN A 101 -10.97 -6.12 7.46
N SER A 102 -9.81 -6.74 7.69
CA SER A 102 -9.56 -8.13 7.29
C SER A 102 -9.43 -8.25 5.78
N ILE A 103 -10.24 -7.46 5.07
CA ILE A 103 -10.14 -7.31 3.64
C ILE A 103 -10.60 -8.53 2.88
N ASN A 104 -11.82 -8.47 2.37
CA ASN A 104 -12.36 -9.51 1.51
C ASN A 104 -13.02 -8.88 0.29
N VAL A 105 -12.92 -9.56 -0.84
CA VAL A 105 -13.59 -9.13 -2.07
C VAL A 105 -14.79 -10.03 -2.32
N VAL A 106 -15.71 -10.08 -1.35
CA VAL A 106 -16.86 -10.99 -1.37
C VAL A 106 -16.38 -12.45 -1.53
N GLU A 107 -17.34 -13.39 -1.61
CA GLU A 107 -17.04 -14.81 -1.80
C GLU A 107 -15.89 -15.28 -0.92
N GLU A 108 -16.18 -15.47 0.35
CA GLU A 108 -15.20 -15.88 1.32
C GLU A 108 -14.61 -17.23 0.94
N PRO A 109 -13.28 -17.31 0.78
CA PRO A 109 -12.57 -18.55 0.44
C PRO A 109 -12.56 -19.55 1.59
N VAL A 110 -13.72 -19.70 2.23
CA VAL A 110 -13.90 -20.59 3.38
C VAL A 110 -13.16 -20.06 4.60
N VAL A 111 -13.90 -19.93 5.69
CA VAL A 111 -13.34 -19.55 6.96
C VAL A 111 -12.24 -20.53 7.38
N GLU A 112 -11.05 -19.99 7.61
CA GLU A 112 -9.88 -20.77 8.03
C GLU A 112 -9.53 -21.82 6.98
N ARG A 113 -9.23 -21.37 5.77
CA ARG A 113 -8.79 -22.25 4.70
C ARG A 113 -7.33 -22.63 4.91
N ASN A 114 -7.09 -23.45 5.92
CA ASN A 114 -5.75 -23.92 6.22
C ASN A 114 -5.49 -25.26 5.55
N ASN A 115 -4.66 -25.27 4.53
CA ASN A 115 -4.38 -26.48 3.77
C ASN A 115 -2.89 -26.59 3.52
N GLY B 1 16.96 -7.14 6.17
CA GLY B 1 16.29 -8.37 5.68
C GLY B 1 15.56 -8.12 4.38
N PRO B 2 14.99 -9.18 3.76
CA PRO B 2 14.23 -9.07 2.52
C PRO B 2 13.00 -8.16 2.66
N ASP B 3 12.54 -8.00 3.90
CA ASP B 3 11.39 -7.16 4.17
C ASP B 3 11.73 -5.69 3.93
N ALA B 4 12.82 -5.21 4.47
CA ALA B 4 13.16 -3.84 4.19
C ALA B 4 13.45 -3.69 2.72
N VAL B 5 12.66 -2.86 2.10
CA VAL B 5 12.86 -2.51 0.70
C VAL B 5 13.81 -1.36 0.63
N ILE B 6 14.95 -1.55 0.03
CA ILE B 6 15.90 -0.48 0.08
C ILE B 6 15.79 0.29 -1.20
N ILE B 7 14.80 1.15 -1.27
CA ILE B 7 14.54 1.85 -2.50
C ILE B 7 15.44 3.07 -2.58
N GLY B 8 16.60 2.83 -3.18
CA GLY B 8 17.61 3.86 -3.37
C GLY B 8 17.85 4.72 -2.16
N MET B 9 17.15 5.85 -2.14
CA MET B 9 17.22 6.82 -1.08
C MET B 9 17.07 6.17 0.29
N THR B 10 16.10 5.27 0.44
CA THR B 10 15.80 4.77 1.77
C THR B 10 15.45 3.29 1.82
N LYS B 11 15.92 2.64 2.87
CA LYS B 11 15.54 1.30 3.19
C LYS B 11 14.25 1.26 4.01
N ILE B 12 13.23 0.66 3.44
CA ILE B 12 11.93 0.59 4.03
C ILE B 12 11.72 -0.70 4.77
N PRO B 13 11.75 -0.65 6.07
CA PRO B 13 11.52 -1.80 6.89
C PRO B 13 10.02 -2.07 6.93
N VAL B 14 9.60 -2.99 6.09
CA VAL B 14 8.19 -3.30 5.95
C VAL B 14 7.78 -4.45 6.86
N ILE B 15 6.48 -4.68 6.91
CA ILE B 15 5.88 -5.75 7.69
C ILE B 15 4.99 -6.58 6.78
N GLU B 16 4.55 -7.76 7.20
CA GLU B 16 3.79 -8.62 6.30
C GLU B 16 2.32 -8.75 6.72
N ASN B 17 1.45 -8.73 5.71
CA ASN B 17 0.01 -8.51 5.88
C ASN B 17 -0.70 -9.65 6.59
N PRO B 18 -1.65 -9.28 7.46
CA PRO B 18 -2.51 -10.22 8.17
C PRO B 18 -3.65 -10.73 7.29
N GLN B 19 -3.71 -10.25 6.06
CA GLN B 19 -4.74 -10.70 5.11
C GLN B 19 -4.53 -12.18 4.80
N PTR B 20 -3.27 -12.57 4.76
CA PTR B 20 -2.89 -13.96 4.56
C PTR B 20 -2.80 -14.71 5.88
O PTR B 20 -3.31 -15.82 6.00
CB PTR B 20 -1.55 -14.03 3.84
CG PTR B 20 -1.62 -13.81 2.35
CD1 PTR B 20 -2.03 -12.61 1.80
CD2 PTR B 20 -1.22 -14.81 1.49
CE1 PTR B 20 -2.05 -12.40 0.44
CE2 PTR B 20 -1.23 -14.62 0.13
CZ PTR B 20 -1.64 -13.43 -0.40
OH PTR B 20 -1.59 -13.24 -1.76
P PTR B 20 -0.13 -13.05 -2.44
O1P PTR B 20 -0.12 -14.03 -3.59
O2P PTR B 20 0.91 -13.27 -1.23
O3P PTR B 20 -0.20 -11.65 -3.01
H PTR B 20 -2.57 -11.89 4.84
HA PTR B 20 -3.65 -14.42 3.94
HB2 PTR B 20 -0.89 -13.28 4.26
HB3 PTR B 20 -1.12 -15.01 4.01
HD1 PTR B 20 -2.34 -11.80 2.45
HD2 PTR B 20 -0.90 -15.76 1.90
HE1 PTR B 20 -2.39 -11.45 0.03
HE2 PTR B 20 -0.91 -15.44 -0.53
HO2P PTR B 20 1.61 -13.85 -1.50
N PHE B 21 -2.13 -14.11 6.86
CA PHE B 21 -1.85 -14.78 8.13
C PHE B 21 -3.11 -14.87 9.02
N GLY B 22 -4.02 -13.94 8.84
CA GLY B 22 -5.20 -13.88 9.69
C GLY B 22 -5.18 -12.67 10.59
N ILE B 23 -4.12 -12.55 11.39
CA ILE B 23 -3.94 -11.40 12.26
C ILE B 23 -2.46 -11.19 12.54
N SER A 1 -24.70 9.30 -3.59
CA SER A 1 -24.19 10.58 -4.13
C SER A 1 -22.69 10.72 -3.89
N HIS A 2 -22.19 10.17 -2.79
CA HIS A 2 -20.76 10.24 -2.50
C HIS A 2 -20.21 8.91 -1.99
N MET A 3 -19.51 8.20 -2.87
CA MET A 3 -18.82 6.98 -2.48
C MET A 3 -17.36 7.07 -2.87
N ASP A 4 -17.12 7.56 -4.09
CA ASP A 4 -15.77 7.73 -4.60
C ASP A 4 -15.57 9.16 -5.07
N THR A 5 -16.45 10.06 -4.65
CA THR A 5 -16.28 11.49 -4.89
C THR A 5 -15.28 12.03 -3.88
N VAL A 6 -14.12 11.41 -3.88
CA VAL A 6 -13.16 11.55 -2.81
C VAL A 6 -12.36 12.84 -2.96
N PRO A 7 -12.08 13.48 -1.83
CA PRO A 7 -11.32 14.72 -1.78
C PRO A 7 -9.87 14.52 -2.22
N ASP A 8 -9.36 15.53 -2.92
CA ASP A 8 -7.96 15.54 -3.36
C ASP A 8 -7.02 15.28 -2.18
N ASN A 9 -7.43 15.74 -1.00
CA ASN A 9 -6.70 15.44 0.21
C ASN A 9 -7.64 15.11 1.37
N HIS A 10 -7.40 13.97 1.98
CA HIS A 10 -8.06 13.53 3.20
C HIS A 10 -7.12 12.53 3.86
N ARG A 11 -7.37 12.15 5.11
CA ARG A 11 -6.43 11.29 5.85
C ARG A 11 -5.91 10.15 5.02
N ASN A 12 -6.81 9.33 4.55
CA ASN A 12 -6.45 8.13 3.84
C ASN A 12 -5.85 8.42 2.46
N LYS A 13 -6.09 9.62 1.95
CA LYS A 13 -5.53 10.05 0.68
C LYS A 13 -4.19 10.76 0.95
N PHE A 14 -3.09 10.08 0.69
CA PHE A 14 -1.77 10.66 0.91
C PHE A 14 -1.00 10.82 -0.39
N LYS A 15 -0.63 12.05 -0.72
CA LYS A 15 0.25 12.28 -1.86
C LYS A 15 1.62 11.68 -1.60
N VAL A 16 1.88 10.56 -2.24
CA VAL A 16 3.16 9.89 -2.12
C VAL A 16 3.99 10.23 -3.33
N ILE A 17 5.14 9.62 -3.42
CA ILE A 17 5.97 9.80 -4.57
C ILE A 17 6.39 8.46 -5.10
N ASN A 18 5.81 8.00 -6.19
CA ASN A 18 6.21 6.69 -6.69
C ASN A 18 7.67 6.76 -7.12
N VAL A 19 8.49 6.00 -6.42
CA VAL A 19 9.94 6.08 -6.54
C VAL A 19 10.51 4.68 -6.68
N ASP A 20 11.36 4.44 -7.67
CA ASP A 20 11.79 3.07 -7.89
C ASP A 20 13.31 2.92 -7.87
N ASP A 21 13.75 1.98 -7.02
CA ASP A 21 15.15 1.54 -6.89
C ASP A 21 16.15 2.67 -6.64
N ASP A 22 15.66 3.89 -6.50
CA ASP A 22 16.53 5.04 -6.27
C ASP A 22 15.87 6.00 -5.30
N GLY A 23 14.62 5.70 -4.94
CA GLY A 23 13.80 6.66 -4.24
C GLY A 23 13.54 7.84 -5.15
N ASN A 24 13.60 7.57 -6.44
CA ASN A 24 13.50 8.57 -7.47
C ASN A 24 12.05 8.85 -7.78
N GLU A 25 11.60 10.07 -7.46
CA GLU A 25 10.26 10.51 -7.83
C GLU A 25 10.01 10.28 -9.32
N LEU A 26 9.52 9.09 -9.65
CA LEU A 26 9.23 8.71 -11.02
C LEU A 26 7.80 9.08 -11.36
N GLY A 27 7.26 10.00 -10.58
CA GLY A 27 5.89 10.41 -10.72
C GLY A 27 5.22 10.45 -9.38
N SER A 28 5.32 11.57 -8.70
CA SER A 28 4.80 11.67 -7.36
C SER A 28 3.29 11.46 -7.37
N GLY A 29 2.88 10.40 -6.69
CA GLY A 29 1.54 9.91 -6.81
C GLY A 29 0.69 10.21 -5.59
N ILE A 30 -0.38 9.47 -5.48
CA ILE A 30 -1.21 9.42 -4.29
C ILE A 30 -1.13 8.03 -3.76
N MET A 31 -1.38 7.85 -2.51
CA MET A 31 -1.65 6.53 -2.03
C MET A 31 -2.92 6.59 -1.20
N GLU A 32 -4.01 6.37 -1.91
CA GLU A 32 -5.34 6.46 -1.37
C GLU A 32 -5.65 5.19 -0.60
N LEU A 33 -5.43 5.24 0.69
CA LEU A 33 -5.60 4.09 1.54
C LEU A 33 -7.07 3.81 1.82
N THR A 34 -7.60 2.76 1.23
CA THR A 34 -8.97 2.37 1.52
C THR A 34 -9.01 1.03 2.24
N ASP A 35 -10.19 0.42 2.29
CA ASP A 35 -10.39 -0.85 2.99
C ASP A 35 -9.52 -1.93 2.42
N THR A 36 -9.52 -2.07 1.12
CA THR A 36 -8.83 -3.18 0.54
C THR A 36 -7.90 -2.78 -0.60
N GLU A 37 -8.03 -1.57 -1.10
CA GLU A 37 -7.16 -1.17 -2.20
C GLU A 37 -6.45 0.13 -1.92
N LEU A 38 -5.16 0.05 -2.09
CA LEU A 38 -4.28 1.17 -1.99
C LEU A 38 -4.25 1.88 -3.33
N ILE A 39 -5.12 2.86 -3.45
CA ILE A 39 -5.33 3.50 -4.72
C ILE A 39 -4.27 4.61 -4.93
N LEU A 40 -3.17 4.25 -5.56
CA LEU A 40 -2.07 5.18 -5.83
C LEU A 40 -2.41 6.06 -7.04
N TYR A 41 -2.60 7.35 -6.86
CA TYR A 41 -2.87 8.20 -8.03
C TYR A 41 -1.55 8.66 -8.61
N THR A 42 -1.08 7.98 -9.65
CA THR A 42 0.18 8.39 -10.26
C THR A 42 0.03 9.71 -10.99
N ARG A 43 1.08 10.15 -11.66
CA ARG A 43 0.98 11.39 -12.40
C ARG A 43 0.17 11.20 -13.67
N LYS A 44 0.71 10.46 -14.61
CA LYS A 44 0.07 10.25 -15.90
C LYS A 44 -0.30 8.79 -16.14
N ARG A 45 -0.16 7.98 -15.10
CA ARG A 45 -0.49 6.56 -15.17
C ARG A 45 -1.85 6.31 -14.48
N ASP A 46 -2.45 7.39 -13.99
CA ASP A 46 -3.75 7.36 -13.32
C ASP A 46 -3.72 6.57 -12.02
N SER A 47 -4.84 6.59 -11.32
CA SER A 47 -5.02 5.86 -10.09
C SER A 47 -4.73 4.39 -10.27
N VAL A 48 -3.54 4.03 -9.86
CA VAL A 48 -3.12 2.65 -9.72
C VAL A 48 -3.72 2.12 -8.43
N LYS A 49 -3.79 0.82 -8.27
CA LYS A 49 -4.42 0.29 -7.07
C LYS A 49 -3.61 -0.87 -6.49
N TRP A 50 -3.60 -1.00 -5.16
CA TRP A 50 -2.99 -2.16 -4.51
C TRP A 50 -3.89 -2.82 -3.52
N HIS A 51 -4.41 -3.98 -3.89
CA HIS A 51 -5.29 -4.71 -3.02
C HIS A 51 -4.52 -5.31 -1.84
N TYR A 52 -5.16 -5.26 -0.67
CA TYR A 52 -4.57 -5.67 0.60
C TYR A 52 -4.20 -7.16 0.63
N LEU A 53 -4.92 -7.94 -0.15
CA LEU A 53 -4.64 -9.37 -0.28
C LEU A 53 -3.50 -9.58 -1.25
N CYS A 54 -2.75 -8.53 -1.47
CA CYS A 54 -1.62 -8.58 -2.36
C CYS A 54 -0.38 -8.02 -1.67
N LEU A 55 -0.58 -7.16 -0.68
CA LEU A 55 0.52 -6.54 0.06
C LEU A 55 1.27 -7.56 0.92
N ARG A 56 2.18 -8.30 0.33
CA ARG A 56 3.00 -9.24 1.10
C ARG A 56 3.78 -8.52 2.18
N ARG A 57 4.54 -7.51 1.79
CA ARG A 57 5.33 -6.77 2.78
C ARG A 57 5.26 -5.27 2.55
N TYR A 58 4.78 -4.55 3.55
CA TYR A 58 4.48 -3.13 3.43
C TYR A 58 5.13 -2.36 4.56
N GLY A 59 5.65 -1.19 4.24
CA GLY A 59 6.54 -0.55 5.18
C GLY A 59 6.49 0.94 5.17
N TYR A 60 7.49 1.46 5.83
CA TYR A 60 7.65 2.86 6.11
C TYR A 60 9.10 3.11 6.53
N ASP A 61 9.74 4.03 5.87
CA ASP A 61 10.97 4.60 6.37
C ASP A 61 10.94 6.08 6.03
N SER A 62 11.87 6.89 6.53
CA SER A 62 11.95 8.32 6.24
C SER A 62 11.24 8.72 4.92
N ASN A 63 10.00 9.22 5.07
CA ASN A 63 9.11 9.57 3.95
C ASN A 63 9.14 8.55 2.78
N LEU A 64 9.25 7.28 3.12
CA LEU A 64 9.21 6.21 2.14
C LEU A 64 8.20 5.15 2.63
N PHE A 65 7.07 4.99 1.95
CA PHE A 65 6.13 3.91 2.31
C PHE A 65 6.19 2.85 1.22
N SER A 66 6.15 1.60 1.60
CA SER A 66 6.32 0.54 0.63
C SER A 66 5.29 -0.56 0.81
N PHE A 67 5.19 -1.42 -0.19
CA PHE A 67 4.44 -2.67 -0.10
C PHE A 67 4.90 -3.63 -1.19
N GLU A 68 4.96 -4.91 -0.86
CA GLU A 68 5.32 -5.95 -1.79
C GLU A 68 4.09 -6.63 -2.31
N SER A 69 3.64 -6.27 -3.49
CA SER A 69 2.44 -6.87 -4.01
C SER A 69 2.79 -8.22 -4.64
N GLY A 70 2.09 -9.26 -4.18
CA GLY A 70 2.41 -10.62 -4.57
C GLY A 70 1.67 -11.07 -5.80
N ARG A 71 1.26 -10.11 -6.60
CA ARG A 71 0.64 -10.35 -7.88
C ARG A 71 1.10 -9.27 -8.83
N ARG A 72 0.63 -9.30 -10.05
CA ARG A 72 0.93 -8.23 -10.96
C ARG A 72 -0.10 -7.14 -10.81
N CYS A 73 0.37 -5.95 -10.99
CA CYS A 73 -0.42 -4.75 -10.78
C CYS A 73 -0.02 -3.74 -11.84
N GLN A 74 -0.75 -2.63 -11.91
CA GLN A 74 -0.49 -1.58 -12.89
C GLN A 74 1.01 -1.27 -13.02
N THR A 75 1.63 -0.89 -11.92
CA THR A 75 3.00 -0.42 -11.98
C THR A 75 3.84 -0.94 -10.80
N GLY A 76 3.40 -2.02 -10.16
CA GLY A 76 4.11 -2.51 -9.00
C GLY A 76 4.98 -3.71 -9.28
N GLN A 77 4.33 -4.81 -9.69
CA GLN A 77 5.01 -6.08 -10.02
C GLN A 77 5.59 -6.79 -8.78
N GLY A 78 5.91 -6.04 -7.75
CA GLY A 78 6.46 -6.61 -6.54
C GLY A 78 6.58 -5.58 -5.43
N ILE A 79 7.76 -5.47 -4.83
CA ILE A 79 8.03 -4.39 -3.90
C ILE A 79 8.00 -3.06 -4.63
N PHE A 80 6.99 -2.27 -4.36
CA PHE A 80 6.87 -0.97 -4.96
C PHE A 80 6.70 0.06 -3.87
N ALA A 81 7.74 0.83 -3.66
CA ALA A 81 7.77 1.79 -2.60
C ALA A 81 7.52 3.19 -3.15
N PHE A 82 6.88 4.02 -2.34
CA PHE A 82 6.61 5.38 -2.72
C PHE A 82 7.09 6.27 -1.63
N LYS A 83 7.74 7.33 -2.03
CA LYS A 83 8.26 8.27 -1.11
C LYS A 83 7.12 9.10 -0.55
N CYS A 84 6.50 8.58 0.49
CA CYS A 84 5.33 9.20 1.08
C CYS A 84 5.74 9.94 2.33
N ALA A 85 5.46 11.23 2.40
CA ALA A 85 5.85 11.99 3.58
C ALA A 85 4.99 11.60 4.77
N ARG A 86 3.83 11.03 4.50
CA ARG A 86 3.06 10.35 5.52
C ARG A 86 3.26 8.86 5.41
N ALA A 87 4.47 8.43 5.04
CA ALA A 87 4.77 7.01 4.94
C ALA A 87 4.38 6.29 6.20
N GLU A 88 4.96 6.74 7.30
CA GLU A 88 4.64 6.23 8.64
C GLU A 88 3.14 6.13 8.83
N GLU A 89 2.50 7.25 8.58
CA GLU A 89 1.07 7.41 8.71
C GLU A 89 0.33 6.45 7.78
N LEU A 90 0.75 6.46 6.53
CA LEU A 90 0.17 5.65 5.50
C LEU A 90 0.34 4.19 5.80
N PHE A 91 1.59 3.78 5.89
CA PHE A 91 1.91 2.41 6.22
C PHE A 91 1.06 1.96 7.40
N ASN A 92 1.14 2.72 8.50
CA ASN A 92 0.32 2.50 9.70
C ASN A 92 -1.12 2.35 9.33
N MET A 93 -1.70 3.40 8.78
CA MET A 93 -3.11 3.42 8.41
C MET A 93 -3.44 2.12 7.67
N LEU A 94 -2.68 1.86 6.63
CA LEU A 94 -2.72 0.60 5.91
C LEU A 94 -2.72 -0.62 6.85
N GLN A 95 -1.71 -0.76 7.72
CA GLN A 95 -1.65 -1.93 8.61
C GLN A 95 -2.91 -2.01 9.46
N GLU A 96 -3.44 -0.85 9.87
CA GLU A 96 -4.67 -0.80 10.66
C GLU A 96 -5.87 -1.16 9.82
N ILE A 97 -5.97 -0.61 8.63
CA ILE A 97 -7.04 -0.99 7.73
C ILE A 97 -7.01 -2.49 7.50
N MET A 98 -5.80 -3.01 7.37
CA MET A 98 -5.59 -4.45 7.24
C MET A 98 -6.21 -5.19 8.42
N GLN A 99 -6.13 -4.57 9.59
CA GLN A 99 -6.64 -5.14 10.82
C GLN A 99 -8.15 -4.91 10.97
N ASN A 100 -8.55 -3.67 10.74
CA ASN A 100 -9.88 -3.20 11.04
C ASN A 100 -10.88 -3.49 9.92
N ASN A 101 -10.37 -3.88 8.75
CA ASN A 101 -11.26 -4.27 7.66
C ASN A 101 -11.23 -5.76 7.40
N SER A 102 -10.08 -6.39 7.70
CA SER A 102 -9.86 -7.81 7.44
C SER A 102 -9.77 -8.08 5.93
N ILE A 103 -10.46 -7.24 5.15
CA ILE A 103 -10.33 -7.19 3.71
C ILE A 103 -10.96 -8.40 3.02
N ASN A 104 -12.21 -8.25 2.64
CA ASN A 104 -12.87 -9.22 1.79
C ASN A 104 -13.43 -8.51 0.58
N VAL A 105 -13.39 -9.17 -0.55
CA VAL A 105 -14.00 -8.64 -1.75
C VAL A 105 -15.19 -9.51 -2.10
N VAL A 106 -16.28 -9.29 -1.37
CA VAL A 106 -17.54 -10.04 -1.47
C VAL A 106 -17.37 -11.56 -1.32
N GLU A 107 -16.75 -12.18 -2.31
CA GLU A 107 -16.62 -13.61 -2.39
C GLU A 107 -15.73 -14.15 -1.29
N GLU A 108 -16.13 -15.27 -0.71
CA GLU A 108 -15.36 -15.94 0.30
C GLU A 108 -14.37 -16.90 -0.36
N PRO A 109 -13.07 -16.80 -0.02
CA PRO A 109 -12.07 -17.77 -0.42
C PRO A 109 -12.22 -19.10 0.32
N VAL A 110 -13.49 -19.55 0.42
CA VAL A 110 -13.93 -20.70 1.22
C VAL A 110 -13.25 -20.77 2.58
N VAL A 111 -13.98 -20.34 3.60
CA VAL A 111 -13.49 -20.41 4.96
C VAL A 111 -13.24 -21.86 5.33
N GLU A 112 -11.99 -22.17 5.68
CA GLU A 112 -11.53 -23.55 5.87
C GLU A 112 -11.50 -24.27 4.53
N ARG A 113 -10.32 -24.36 3.95
CA ARG A 113 -10.14 -24.98 2.64
C ARG A 113 -10.30 -26.50 2.72
N ASN A 114 -11.53 -26.94 2.81
CA ASN A 114 -11.86 -28.37 2.79
C ASN A 114 -12.65 -28.70 1.52
N ASN A 115 -12.62 -27.78 0.58
CA ASN A 115 -13.35 -27.94 -0.67
C ASN A 115 -12.38 -27.95 -1.84
N GLY B 1 17.27 -6.80 6.09
CA GLY B 1 16.77 -8.06 5.48
C GLY B 1 15.99 -7.79 4.21
N PRO B 2 15.40 -8.84 3.61
CA PRO B 2 14.65 -8.72 2.35
C PRO B 2 13.39 -7.89 2.53
N ASP B 3 12.91 -7.80 3.76
CA ASP B 3 11.71 -7.03 4.06
C ASP B 3 11.95 -5.57 3.84
N ALA B 4 13.02 -5.02 4.38
CA ALA B 4 13.31 -3.65 4.11
C ALA B 4 13.58 -3.49 2.63
N VAL B 5 12.74 -2.68 2.03
CA VAL B 5 12.92 -2.33 0.63
C VAL B 5 13.85 -1.14 0.56
N ILE B 6 15.01 -1.32 -0.01
CA ILE B 6 15.93 -0.23 0.05
C ILE B 6 15.79 0.54 -1.23
N ILE B 7 14.78 1.38 -1.27
CA ILE B 7 14.48 2.08 -2.48
C ILE B 7 15.35 3.33 -2.54
N GLY B 8 16.54 3.13 -3.12
CA GLY B 8 17.53 4.19 -3.29
C GLY B 8 17.69 5.09 -2.10
N MET B 9 16.97 6.20 -2.13
CA MET B 9 16.97 7.19 -1.10
C MET B 9 16.81 6.58 0.29
N THR B 10 15.92 5.59 0.44
CA THR B 10 15.64 5.07 1.76
C THR B 10 15.35 3.56 1.79
N LYS B 11 15.81 2.93 2.87
CA LYS B 11 15.49 1.56 3.16
C LYS B 11 14.21 1.44 3.95
N ILE B 12 13.22 0.77 3.38
CA ILE B 12 11.91 0.67 3.98
C ILE B 12 11.71 -0.62 4.70
N PRO B 13 11.77 -0.59 6.01
CA PRO B 13 11.57 -1.76 6.83
C PRO B 13 10.08 -2.08 6.87
N VAL B 14 9.68 -2.99 6.02
CA VAL B 14 8.29 -3.33 5.88
C VAL B 14 7.86 -4.47 6.81
N ILE B 15 6.56 -4.71 6.82
CA ILE B 15 5.95 -5.76 7.62
C ILE B 15 5.06 -6.61 6.72
N GLU B 16 4.70 -7.80 7.14
CA GLU B 16 3.94 -8.69 6.28
C GLU B 16 2.47 -8.73 6.67
N ASN B 17 1.60 -8.74 5.66
CA ASN B 17 0.17 -8.52 5.84
C ASN B 17 -0.52 -9.68 6.53
N PRO B 18 -1.42 -9.36 7.47
CA PRO B 18 -2.26 -10.35 8.14
C PRO B 18 -3.38 -10.86 7.25
N GLN B 19 -3.45 -10.37 6.01
CA GLN B 19 -4.48 -10.83 5.08
C GLN B 19 -4.17 -12.25 4.63
N PTR B 20 -2.91 -12.50 4.31
CA PTR B 20 -2.46 -13.81 3.85
C PTR B 20 -2.57 -14.85 4.94
O PTR B 20 -2.71 -16.05 4.67
CB PTR B 20 -1.01 -13.74 3.36
CG PTR B 20 -0.86 -13.12 1.99
CD1 PTR B 20 -1.84 -12.29 1.47
CD2 PTR B 20 0.26 -13.38 1.22
CE1 PTR B 20 -1.71 -11.74 0.23
CE2 PTR B 20 0.40 -12.83 -0.03
CZ PTR B 20 -0.59 -12.00 -0.52
OH PTR B 20 -0.46 -11.47 -1.78
P PTR B 20 -0.93 -12.36 -3.05
O1P PTR B 20 -2.10 -13.18 -2.51
O2P PTR B 20 0.39 -13.10 -3.50
O3P PTR B 20 -1.47 -11.32 -4.01
H PTR B 20 -2.25 -11.77 4.38
HA PTR B 20 -3.09 -14.10 3.03
HB2 PTR B 20 -0.44 -13.15 4.06
HB3 PTR B 20 -0.60 -14.74 3.32
HD1 PTR B 20 -2.72 -12.07 2.06
HD2 PTR B 20 1.03 -14.02 1.61
HE1 PTR B 20 -2.50 -11.08 -0.15
HE2 PTR B 20 1.28 -13.04 -0.62
HO2P PTR B 20 0.21 -14.03 -3.70
N PHE B 21 -2.50 -14.41 6.19
CA PHE B 21 -2.55 -15.31 7.32
C PHE B 21 -3.69 -14.94 8.26
N GLY B 22 -4.73 -14.35 7.69
CA GLY B 22 -5.88 -13.96 8.47
C GLY B 22 -7.17 -14.42 7.83
N ILE B 23 -7.04 -15.21 6.77
CA ILE B 23 -8.20 -15.75 6.07
C ILE B 23 -8.24 -17.26 6.31
N SER A 1 -19.84 2.49 -6.59
CA SER A 1 -19.40 3.86 -6.27
C SER A 1 -19.01 3.95 -4.80
N HIS A 2 -17.73 3.70 -4.51
CA HIS A 2 -17.15 3.88 -3.18
C HIS A 2 -15.67 3.54 -3.20
N MET A 3 -14.99 3.83 -2.09
CA MET A 3 -13.55 3.57 -1.94
C MET A 3 -12.69 4.50 -2.80
N ASP A 4 -12.96 4.52 -4.09
CA ASP A 4 -12.15 5.30 -5.02
C ASP A 4 -12.87 6.58 -5.42
N THR A 5 -14.16 6.66 -5.10
CA THR A 5 -14.93 7.87 -5.34
C THR A 5 -14.64 8.90 -4.24
N VAL A 6 -13.36 9.15 -4.03
CA VAL A 6 -12.89 9.89 -2.89
C VAL A 6 -12.94 11.40 -3.08
N PRO A 7 -13.23 12.10 -1.97
CA PRO A 7 -13.33 13.57 -1.92
C PRO A 7 -12.01 14.26 -2.23
N ASP A 8 -11.90 15.54 -1.87
CA ASP A 8 -10.69 16.32 -2.18
C ASP A 8 -9.48 15.72 -1.48
N ASN A 9 -9.70 15.22 -0.27
CA ASN A 9 -8.68 14.49 0.47
C ASN A 9 -9.29 13.82 1.68
N HIS A 10 -8.44 13.15 2.44
CA HIS A 10 -8.84 12.43 3.64
C HIS A 10 -7.58 12.06 4.40
N ARG A 11 -7.71 11.49 5.60
CA ARG A 11 -6.57 10.85 6.24
C ARG A 11 -6.05 9.77 5.32
N ASN A 12 -6.97 9.06 4.68
CA ASN A 12 -6.60 7.94 3.85
C ASN A 12 -5.96 8.40 2.54
N LYS A 13 -6.30 9.60 2.10
CA LYS A 13 -5.74 10.13 0.85
C LYS A 13 -4.40 10.76 1.12
N PHE A 14 -3.35 10.08 0.73
CA PHE A 14 -2.01 10.60 0.91
C PHE A 14 -1.26 10.73 -0.39
N LYS A 15 -0.79 11.93 -0.68
CA LYS A 15 0.15 12.11 -1.77
C LYS A 15 1.47 11.43 -1.44
N VAL A 16 1.87 10.50 -2.28
CA VAL A 16 3.14 9.83 -2.15
C VAL A 16 4.02 10.20 -3.34
N ILE A 17 5.17 9.59 -3.43
CA ILE A 17 6.02 9.76 -4.60
C ILE A 17 6.47 8.39 -5.09
N ASN A 18 5.93 7.88 -6.19
CA ASN A 18 6.36 6.58 -6.64
C ASN A 18 7.81 6.64 -7.12
N VAL A 19 8.67 5.96 -6.36
CA VAL A 19 10.12 6.07 -6.51
C VAL A 19 10.73 4.68 -6.66
N ASP A 20 11.57 4.47 -7.66
CA ASP A 20 12.10 3.13 -7.90
C ASP A 20 13.60 3.06 -7.80
N ASP A 21 14.06 2.13 -6.95
CA ASP A 21 15.47 1.71 -6.80
C ASP A 21 16.45 2.86 -6.55
N ASP A 22 15.93 4.06 -6.43
CA ASP A 22 16.76 5.24 -6.18
C ASP A 22 16.07 6.16 -5.18
N GLY A 23 14.83 5.79 -4.86
CA GLY A 23 13.97 6.69 -4.11
C GLY A 23 13.70 7.92 -4.93
N ASN A 24 13.85 7.76 -6.24
CA ASN A 24 13.71 8.85 -7.18
C ASN A 24 12.27 8.99 -7.58
N GLU A 25 11.72 10.19 -7.37
CA GLU A 25 10.38 10.52 -7.79
C GLU A 25 10.19 10.22 -9.29
N LEU A 26 9.92 8.96 -9.62
CA LEU A 26 9.66 8.55 -10.99
C LEU A 26 8.19 8.78 -11.27
N GLY A 27 7.73 9.88 -10.73
CA GLY A 27 6.34 10.22 -10.68
C GLY A 27 5.92 10.32 -9.24
N SER A 28 5.29 11.40 -8.85
CA SER A 28 4.79 11.47 -7.50
C SER A 28 3.28 11.29 -7.50
N GLY A 29 2.84 10.26 -6.79
CA GLY A 29 1.48 9.80 -6.91
C GLY A 29 0.69 10.04 -5.64
N ILE A 30 -0.50 9.48 -5.58
CA ILE A 30 -1.24 9.38 -4.35
C ILE A 30 -1.10 7.97 -3.83
N MET A 31 -1.46 7.77 -2.60
CA MET A 31 -1.67 6.45 -2.09
C MET A 31 -2.89 6.50 -1.21
N GLU A 32 -3.99 6.20 -1.85
CA GLU A 32 -5.31 6.28 -1.29
C GLU A 32 -5.57 5.06 -0.42
N LEU A 33 -5.43 5.20 0.87
CA LEU A 33 -5.53 4.06 1.75
C LEU A 33 -6.96 3.74 2.13
N THR A 34 -7.61 2.91 1.33
CA THR A 34 -8.96 2.52 1.67
C THR A 34 -8.99 1.11 2.25
N ASP A 35 -10.20 0.55 2.32
CA ASP A 35 -10.43 -0.76 2.93
C ASP A 35 -9.53 -1.82 2.37
N THR A 36 -9.49 -1.94 1.07
CA THR A 36 -8.78 -3.05 0.50
C THR A 36 -7.87 -2.63 -0.63
N GLU A 37 -8.09 -1.46 -1.19
CA GLU A 37 -7.25 -1.03 -2.29
C GLU A 37 -6.51 0.24 -1.97
N LEU A 38 -5.22 0.15 -2.13
CA LEU A 38 -4.32 1.26 -2.00
C LEU A 38 -4.24 1.98 -3.34
N ILE A 39 -5.10 2.97 -3.49
CA ILE A 39 -5.27 3.63 -4.77
C ILE A 39 -4.19 4.70 -4.97
N LEU A 40 -3.12 4.29 -5.63
CA LEU A 40 -2.00 5.17 -5.91
C LEU A 40 -2.33 6.08 -7.10
N TYR A 41 -2.55 7.36 -6.87
CA TYR A 41 -2.89 8.24 -8.00
C TYR A 41 -1.61 8.72 -8.64
N THR A 42 -1.18 8.09 -9.72
CA THR A 42 0.08 8.46 -10.35
C THR A 42 -0.04 9.82 -11.02
N ARG A 43 1.00 10.23 -11.75
CA ARG A 43 0.95 11.47 -12.47
C ARG A 43 0.00 11.37 -13.65
N LYS A 44 0.39 10.58 -14.63
CA LYS A 44 -0.40 10.40 -15.84
C LYS A 44 -0.84 8.96 -16.01
N ARG A 45 -0.27 8.07 -15.21
CA ARG A 45 -0.59 6.65 -15.26
C ARG A 45 -1.99 6.37 -14.67
N ASP A 46 -2.57 7.42 -14.09
CA ASP A 46 -3.90 7.35 -13.46
C ASP A 46 -3.85 6.55 -12.16
N SER A 47 -4.94 6.63 -11.42
CA SER A 47 -5.07 5.94 -10.14
C SER A 47 -4.79 4.46 -10.28
N VAL A 48 -3.59 4.09 -9.92
CA VAL A 48 -3.20 2.71 -9.77
C VAL A 48 -3.73 2.23 -8.44
N LYS A 49 -3.81 0.94 -8.21
CA LYS A 49 -4.34 0.47 -6.94
C LYS A 49 -3.55 -0.72 -6.40
N TRP A 50 -3.58 -0.91 -5.09
CA TRP A 50 -3.00 -2.09 -4.47
C TRP A 50 -3.94 -2.74 -3.50
N HIS A 51 -4.53 -3.85 -3.92
CA HIS A 51 -5.43 -4.57 -3.07
C HIS A 51 -4.64 -5.23 -1.92
N TYR A 52 -5.22 -5.19 -0.73
CA TYR A 52 -4.59 -5.62 0.51
C TYR A 52 -4.24 -7.09 0.51
N LEU A 53 -5.02 -7.87 -0.21
CA LEU A 53 -4.76 -9.31 -0.37
C LEU A 53 -3.60 -9.53 -1.33
N CYS A 54 -2.83 -8.50 -1.54
CA CYS A 54 -1.70 -8.57 -2.42
C CYS A 54 -0.46 -8.03 -1.73
N LEU A 55 -0.66 -7.13 -0.76
CA LEU A 55 0.44 -6.58 0.02
C LEU A 55 1.10 -7.64 0.89
N ARG A 56 2.00 -8.43 0.32
CA ARG A 56 2.76 -9.39 1.12
C ARG A 56 3.47 -8.66 2.23
N ARG A 57 4.23 -7.66 1.85
CA ARG A 57 4.90 -6.81 2.83
C ARG A 57 4.54 -5.36 2.57
N TYR A 58 4.82 -4.50 3.54
CA TYR A 58 4.48 -3.08 3.45
C TYR A 58 5.12 -2.32 4.59
N GLY A 59 5.63 -1.13 4.29
CA GLY A 59 6.50 -0.48 5.23
C GLY A 59 6.49 1.01 5.19
N TYR A 60 7.51 1.55 5.82
CA TYR A 60 7.67 2.97 6.06
C TYR A 60 9.12 3.23 6.45
N ASP A 61 9.76 4.18 5.79
CA ASP A 61 11.03 4.66 6.27
C ASP A 61 11.31 6.07 5.81
N SER A 62 11.38 7.01 6.74
CA SER A 62 11.80 8.37 6.44
C SER A 62 11.02 8.95 5.25
N ASN A 63 9.69 8.91 5.34
CA ASN A 63 8.81 9.36 4.25
C ASN A 63 8.95 8.46 3.01
N LEU A 64 9.29 7.20 3.22
CA LEU A 64 9.24 6.18 2.18
C LEU A 64 8.22 5.10 2.61
N PHE A 65 7.09 4.95 1.94
CA PHE A 65 6.14 3.88 2.29
C PHE A 65 6.19 2.82 1.20
N SER A 66 6.17 1.57 1.59
CA SER A 66 6.34 0.50 0.64
C SER A 66 5.34 -0.62 0.84
N PHE A 67 5.28 -1.53 -0.13
CA PHE A 67 4.54 -2.77 -0.03
C PHE A 67 5.02 -3.75 -1.12
N GLU A 68 4.99 -5.04 -0.83
CA GLU A 68 5.31 -6.05 -1.85
C GLU A 68 4.04 -6.70 -2.33
N SER A 69 3.58 -6.33 -3.50
CA SER A 69 2.38 -6.91 -4.05
C SER A 69 2.70 -8.24 -4.71
N GLY A 70 1.99 -9.29 -4.30
CA GLY A 70 2.31 -10.63 -4.74
C GLY A 70 1.87 -10.91 -6.16
N ARG A 71 0.79 -10.29 -6.57
CA ARG A 71 0.27 -10.47 -7.92
C ARG A 71 0.66 -9.29 -8.78
N ARG A 72 0.31 -9.33 -10.06
CA ARG A 72 0.64 -8.24 -10.94
C ARG A 72 -0.20 -7.02 -10.58
N CYS A 73 0.36 -5.88 -10.82
CA CYS A 73 -0.29 -4.62 -10.56
C CYS A 73 0.15 -3.62 -11.61
N GLN A 74 -0.70 -2.63 -11.90
CA GLN A 74 -0.45 -1.64 -12.95
C GLN A 74 1.01 -1.27 -13.07
N THR A 75 1.61 -0.87 -11.96
CA THR A 75 2.97 -0.43 -11.96
C THR A 75 3.71 -0.96 -10.72
N GLY A 76 3.19 -2.05 -10.14
CA GLY A 76 3.78 -2.58 -8.92
C GLY A 76 4.79 -3.67 -9.17
N GLN A 77 4.33 -4.81 -9.68
CA GLN A 77 5.17 -5.98 -9.96
C GLN A 77 5.60 -6.71 -8.68
N GLY A 78 5.81 -5.96 -7.61
CA GLY A 78 6.25 -6.54 -6.36
C GLY A 78 6.46 -5.49 -5.29
N ILE A 79 7.70 -5.33 -4.85
CA ILE A 79 8.03 -4.27 -3.90
C ILE A 79 8.02 -2.93 -4.61
N PHE A 80 6.95 -2.21 -4.40
CA PHE A 80 6.81 -0.89 -4.96
C PHE A 80 6.70 0.10 -3.82
N ALA A 81 7.76 0.85 -3.64
CA ALA A 81 7.83 1.79 -2.55
C ALA A 81 7.63 3.20 -3.09
N PHE A 82 6.94 4.01 -2.31
CA PHE A 82 6.66 5.37 -2.68
C PHE A 82 7.17 6.27 -1.61
N LYS A 83 7.83 7.29 -2.02
CA LYS A 83 8.34 8.25 -1.10
C LYS A 83 7.18 9.10 -0.61
N CYS A 84 6.49 8.58 0.38
CA CYS A 84 5.30 9.21 0.91
C CYS A 84 5.67 9.97 2.16
N ALA A 85 5.45 11.27 2.20
CA ALA A 85 5.83 12.01 3.39
C ALA A 85 4.85 11.77 4.53
N ARG A 86 3.87 10.93 4.28
CA ARG A 86 3.09 10.33 5.34
C ARG A 86 3.25 8.85 5.31
N ALA A 87 4.42 8.38 4.89
CA ALA A 87 4.73 6.95 4.88
C ALA A 87 4.37 6.34 6.20
N GLU A 88 4.93 6.94 7.24
CA GLU A 88 4.62 6.61 8.64
C GLU A 88 3.13 6.39 8.85
N GLU A 89 2.41 7.41 8.48
CA GLU A 89 0.98 7.51 8.63
C GLU A 89 0.27 6.52 7.72
N LEU A 90 0.72 6.47 6.49
CA LEU A 90 0.17 5.64 5.47
C LEU A 90 0.37 4.18 5.80
N PHE A 91 1.64 3.77 5.88
CA PHE A 91 1.96 2.42 6.23
C PHE A 91 1.12 1.97 7.42
N ASN A 92 1.16 2.77 8.49
CA ASN A 92 0.35 2.55 9.69
C ASN A 92 -1.10 2.34 9.34
N MET A 93 -1.72 3.36 8.78
CA MET A 93 -3.11 3.30 8.40
C MET A 93 -3.39 2.02 7.64
N LEU A 94 -2.56 1.76 6.65
CA LEU A 94 -2.57 0.50 5.91
C LEU A 94 -2.58 -0.71 6.85
N GLN A 95 -1.56 -0.85 7.70
CA GLN A 95 -1.49 -1.99 8.62
C GLN A 95 -2.77 -2.06 9.46
N GLU A 96 -3.29 -0.90 9.83
CA GLU A 96 -4.49 -0.80 10.65
C GLU A 96 -5.72 -1.21 9.86
N ILE A 97 -5.89 -0.62 8.68
CA ILE A 97 -6.97 -1.00 7.80
C ILE A 97 -6.92 -2.51 7.58
N MET A 98 -5.70 -3.01 7.43
CA MET A 98 -5.47 -4.43 7.31
C MET A 98 -6.06 -5.19 8.48
N GLN A 99 -5.78 -4.71 9.68
CA GLN A 99 -6.22 -5.35 10.91
C GLN A 99 -7.73 -5.23 11.10
N ASN A 100 -8.25 -4.08 10.73
CA ASN A 100 -9.61 -3.70 11.10
C ASN A 100 -10.65 -4.05 10.03
N ASN A 101 -10.24 -4.20 8.78
CA ASN A 101 -11.21 -4.51 7.73
C ASN A 101 -11.21 -5.97 7.39
N SER A 102 -10.07 -6.63 7.60
CA SER A 102 -9.86 -8.03 7.22
C SER A 102 -9.77 -8.16 5.69
N ILE A 103 -10.43 -7.22 4.99
CA ILE A 103 -10.23 -7.03 3.57
C ILE A 103 -10.82 -8.15 2.73
N ASN A 104 -12.04 -7.91 2.27
CA ASN A 104 -12.70 -8.80 1.32
C ASN A 104 -13.68 -8.02 0.48
N VAL A 105 -13.37 -7.90 -0.79
CA VAL A 105 -14.28 -7.29 -1.74
C VAL A 105 -15.44 -8.25 -1.95
N VAL A 106 -15.12 -9.52 -1.81
CA VAL A 106 -16.07 -10.61 -1.83
C VAL A 106 -15.30 -11.89 -1.54
N GLU A 107 -15.99 -13.01 -1.43
CA GLU A 107 -15.35 -14.31 -1.22
C GLU A 107 -14.45 -14.30 0.01
N GLU A 108 -15.11 -14.20 1.15
CA GLU A 108 -14.41 -14.12 2.43
C GLU A 108 -13.94 -15.50 2.87
N PRO A 109 -12.64 -15.64 3.19
CA PRO A 109 -12.11 -16.86 3.77
C PRO A 109 -12.53 -17.02 5.22
N VAL A 110 -13.84 -16.92 5.45
CA VAL A 110 -14.41 -16.98 6.80
C VAL A 110 -14.08 -15.72 7.59
N VAL A 111 -15.11 -14.98 7.95
CA VAL A 111 -14.95 -13.86 8.85
C VAL A 111 -14.41 -14.36 10.19
N GLU A 112 -13.10 -14.16 10.40
CA GLU A 112 -12.38 -14.76 11.51
C GLU A 112 -12.30 -16.27 11.32
N ARG A 113 -11.09 -16.78 11.09
CA ARG A 113 -10.91 -18.21 10.82
C ARG A 113 -11.01 -19.01 12.11
N ASN A 114 -12.18 -18.97 12.72
CA ASN A 114 -12.43 -19.63 13.98
C ASN A 114 -12.93 -21.06 13.77
N ASN A 115 -13.12 -21.78 14.86
CA ASN A 115 -13.66 -23.12 14.82
C ASN A 115 -15.11 -23.09 15.24
N GLY B 1 16.68 -5.23 0.53
CA GLY B 1 16.63 -6.43 1.40
C GLY B 1 15.35 -7.22 1.19
N PRO B 2 15.21 -8.36 1.89
CA PRO B 2 13.99 -9.17 1.83
C PRO B 2 12.75 -8.38 2.25
N ASP B 3 12.72 -7.91 3.49
CA ASP B 3 11.59 -7.13 3.96
C ASP B 3 11.89 -5.64 3.84
N ALA B 4 13.00 -5.16 4.34
CA ALA B 4 13.32 -3.78 4.12
C ALA B 4 13.59 -3.57 2.66
N VAL B 5 12.75 -2.76 2.06
CA VAL B 5 12.92 -2.39 0.66
C VAL B 5 13.87 -1.22 0.60
N ILE B 6 15.01 -1.41 0.02
CA ILE B 6 15.93 -0.32 0.05
C ILE B 6 15.78 0.44 -1.23
N ILE B 7 14.80 1.31 -1.26
CA ILE B 7 14.52 2.03 -2.47
C ILE B 7 15.41 3.26 -2.51
N GLY B 8 16.58 3.04 -3.11
CA GLY B 8 17.57 4.08 -3.29
C GLY B 8 17.80 4.93 -2.07
N MET B 9 17.12 6.08 -2.05
CA MET B 9 17.17 7.02 -0.97
C MET B 9 17.02 6.33 0.38
N THR B 10 16.03 5.47 0.51
CA THR B 10 15.71 4.95 1.82
C THR B 10 15.39 3.46 1.83
N LYS B 11 15.85 2.81 2.90
CA LYS B 11 15.52 1.45 3.18
C LYS B 11 14.25 1.35 4.00
N ILE B 12 13.23 0.72 3.43
CA ILE B 12 11.94 0.63 4.04
C ILE B 12 11.77 -0.67 4.77
N PRO B 13 11.78 -0.62 6.08
CA PRO B 13 11.56 -1.77 6.89
C PRO B 13 10.07 -2.05 6.95
N VAL B 14 9.66 -2.99 6.11
CA VAL B 14 8.25 -3.31 5.97
C VAL B 14 7.84 -4.46 6.88
N ILE B 15 6.53 -4.70 6.92
CA ILE B 15 5.93 -5.76 7.70
C ILE B 15 5.03 -6.59 6.78
N GLU B 16 4.65 -7.79 7.19
CA GLU B 16 3.84 -8.64 6.33
C GLU B 16 2.37 -8.69 6.78
N ASN B 17 1.49 -8.78 5.79
CA ASN B 17 0.04 -8.60 5.96
C ASN B 17 -0.61 -9.73 6.75
N PRO B 18 -1.69 -9.43 7.48
CA PRO B 18 -2.54 -10.43 8.12
C PRO B 18 -3.68 -10.91 7.20
N GLN B 19 -3.79 -10.33 6.00
CA GLN B 19 -4.90 -10.68 5.09
C GLN B 19 -4.85 -12.15 4.71
N PTR B 20 -3.65 -12.65 4.49
CA PTR B 20 -3.45 -14.05 4.13
C PTR B 20 -3.52 -14.95 5.36
O PTR B 20 -3.33 -16.16 5.27
CB PTR B 20 -2.11 -14.23 3.42
CG PTR B 20 -2.20 -13.93 1.95
CD1 PTR B 20 -2.44 -12.65 1.47
CD2 PTR B 20 -2.05 -14.95 1.02
CE1 PTR B 20 -2.53 -12.38 0.13
CE2 PTR B 20 -2.15 -14.70 -0.33
CZ PTR B 20 -2.38 -13.42 -0.78
OH PTR B 20 -2.48 -13.17 -2.13
P PTR B 20 -1.13 -13.23 -3.02
O1P PTR B 20 -1.32 -14.48 -3.86
O2P PTR B 20 0.07 -13.17 -1.98
O3P PTR B 20 -1.26 -12.02 -3.94
H PTR B 20 -2.87 -12.05 4.53
HA PTR B 20 -4.24 -14.34 3.45
HB2 PTR B 20 -1.39 -13.56 3.86
HB3 PTR B 20 -1.77 -15.24 3.54
HD1 PTR B 20 -2.55 -11.83 2.18
HD2 PTR B 20 -1.87 -15.95 1.37
HE1 PTR B 20 -2.74 -11.37 -0.21
HE2 PTR B 20 -2.04 -15.51 -1.04
HO2P PTR B 20 0.41 -14.05 -1.82
N PHE B 21 -3.81 -14.35 6.51
CA PHE B 21 -3.98 -15.10 7.75
C PHE B 21 -5.33 -14.76 8.38
N GLY B 22 -6.19 -14.14 7.59
CA GLY B 22 -7.51 -13.78 8.07
C GLY B 22 -7.53 -12.42 8.72
N ILE B 23 -7.31 -12.39 10.02
CA ILE B 23 -7.33 -11.15 10.79
C ILE B 23 -6.09 -11.08 11.67
N SER A 1 -16.85 -1.58 7.53
CA SER A 1 -18.03 -0.78 7.12
C SER A 1 -17.65 0.70 7.05
N HIS A 2 -17.36 1.30 8.21
CA HIS A 2 -16.91 2.67 8.28
C HIS A 2 -16.20 2.93 9.60
N MET A 3 -14.97 2.45 9.71
CA MET A 3 -14.16 2.72 10.89
C MET A 3 -13.41 4.03 10.70
N ASP A 4 -12.37 4.00 9.88
CA ASP A 4 -11.68 5.19 9.46
C ASP A 4 -11.57 5.17 7.95
N THR A 5 -12.67 4.74 7.34
CA THR A 5 -12.78 4.65 5.90
C THR A 5 -13.10 6.03 5.35
N VAL A 6 -12.08 6.85 5.36
CA VAL A 6 -12.20 8.26 5.13
C VAL A 6 -12.73 8.57 3.73
N PRO A 7 -13.64 9.57 3.68
CA PRO A 7 -14.40 9.92 2.49
C PRO A 7 -13.56 10.51 1.37
N ASP A 8 -13.07 11.71 1.60
CA ASP A 8 -12.29 12.41 0.59
C ASP A 8 -10.84 12.49 1.05
N ASN A 9 -10.06 13.36 0.44
CA ASN A 9 -8.66 13.50 0.79
C ASN A 9 -8.52 14.14 2.17
N HIS A 10 -8.34 13.30 3.18
CA HIS A 10 -8.12 13.76 4.54
C HIS A 10 -7.04 12.91 5.19
N ARG A 11 -7.47 11.81 5.81
CA ARG A 11 -6.56 10.90 6.48
C ARG A 11 -5.96 9.91 5.48
N ASN A 12 -6.75 9.57 4.48
CA ASN A 12 -6.51 8.34 3.76
C ASN A 12 -5.78 8.56 2.43
N LYS A 13 -6.15 9.58 1.68
CA LYS A 13 -5.42 9.91 0.46
C LYS A 13 -4.15 10.64 0.81
N PHE A 14 -3.03 9.97 0.65
CA PHE A 14 -1.73 10.58 0.87
C PHE A 14 -0.98 10.71 -0.42
N LYS A 15 -0.64 11.93 -0.80
CA LYS A 15 0.19 12.17 -1.97
C LYS A 15 1.58 11.62 -1.73
N VAL A 16 1.87 10.49 -2.33
CA VAL A 16 3.15 9.84 -2.20
C VAL A 16 4.01 10.17 -3.41
N ILE A 17 5.20 9.62 -3.45
CA ILE A 17 6.05 9.78 -4.60
C ILE A 17 6.48 8.40 -5.09
N ASN A 18 5.91 7.90 -6.17
CA ASN A 18 6.33 6.59 -6.62
C ASN A 18 7.78 6.64 -7.10
N VAL A 19 8.63 5.93 -6.36
CA VAL A 19 10.07 6.01 -6.50
C VAL A 19 10.64 4.61 -6.63
N ASP A 20 11.50 4.37 -7.62
CA ASP A 20 11.96 3.02 -7.86
C ASP A 20 13.49 2.88 -7.77
N ASP A 21 13.91 1.93 -6.92
CA ASP A 21 15.31 1.47 -6.79
C ASP A 21 16.32 2.60 -6.58
N ASP A 22 15.85 3.82 -6.40
CA ASP A 22 16.74 4.95 -6.19
C ASP A 22 16.05 5.95 -5.24
N GLY A 23 14.81 5.63 -4.90
CA GLY A 23 13.95 6.58 -4.20
C GLY A 23 13.70 7.77 -5.09
N ASN A 24 13.81 7.52 -6.39
CA ASN A 24 13.70 8.57 -7.37
C ASN A 24 12.26 8.82 -7.68
N GLU A 25 11.78 10.02 -7.36
CA GLU A 25 10.46 10.45 -7.76
C GLU A 25 10.23 10.24 -9.25
N LEU A 26 9.84 9.02 -9.62
CA LEU A 26 9.52 8.66 -10.99
C LEU A 26 8.08 9.08 -11.28
N GLY A 27 7.71 10.14 -10.60
CA GLY A 27 6.36 10.63 -10.58
C GLY A 27 5.84 10.57 -9.19
N SER A 28 5.19 11.60 -8.72
CA SER A 28 4.63 11.52 -7.40
C SER A 28 3.13 11.23 -7.49
N GLY A 29 2.74 10.15 -6.84
CA GLY A 29 1.39 9.65 -6.96
C GLY A 29 0.59 9.95 -5.72
N ILE A 30 -0.62 9.45 -5.67
CA ILE A 30 -1.37 9.40 -4.43
C ILE A 30 -1.24 8.01 -3.87
N MET A 31 -1.61 7.83 -2.65
CA MET A 31 -1.79 6.53 -2.10
C MET A 31 -3.04 6.58 -1.25
N GLU A 32 -4.14 6.26 -1.90
CA GLU A 32 -5.47 6.35 -1.35
C GLU A 32 -5.70 5.16 -0.44
N LEU A 33 -5.51 5.33 0.86
CA LEU A 33 -5.65 4.22 1.76
C LEU A 33 -7.09 3.95 2.13
N THR A 34 -7.66 2.92 1.55
CA THR A 34 -9.02 2.53 1.87
C THR A 34 -9.05 1.19 2.60
N ASP A 35 -10.23 0.58 2.63
CA ASP A 35 -10.41 -0.73 3.26
C ASP A 35 -9.53 -1.76 2.62
N THR A 36 -9.58 -1.83 1.31
CA THR A 36 -8.93 -2.94 0.67
C THR A 36 -8.04 -2.56 -0.47
N GLU A 37 -8.19 -1.41 -1.08
CA GLU A 37 -7.23 -1.07 -2.11
C GLU A 37 -6.52 0.22 -1.81
N LEU A 38 -5.26 0.16 -2.09
CA LEU A 38 -4.38 1.27 -1.99
C LEU A 38 -4.32 1.96 -3.33
N ILE A 39 -5.19 2.92 -3.52
CA ILE A 39 -5.34 3.53 -4.81
C ILE A 39 -4.23 4.60 -5.01
N LEU A 40 -3.13 4.20 -5.63
CA LEU A 40 -2.03 5.12 -5.91
C LEU A 40 -2.37 5.98 -7.13
N TYR A 41 -2.57 7.27 -6.97
CA TYR A 41 -2.90 8.09 -8.13
C TYR A 41 -1.62 8.59 -8.77
N THR A 42 -1.17 7.93 -9.81
CA THR A 42 0.11 8.30 -10.42
C THR A 42 0.02 9.63 -11.15
N ARG A 43 1.15 10.07 -11.68
CA ARG A 43 1.21 11.29 -12.42
C ARG A 43 0.39 11.20 -13.71
N LYS A 44 0.78 10.29 -14.59
CA LYS A 44 0.17 10.21 -15.90
C LYS A 44 -0.61 8.91 -16.10
N ARG A 45 -0.36 7.95 -15.22
CA ARG A 45 -0.99 6.64 -15.29
C ARG A 45 -2.31 6.61 -14.51
N ASP A 46 -2.61 7.72 -13.84
CA ASP A 46 -3.80 7.87 -13.02
C ASP A 46 -3.79 6.85 -11.88
N SER A 47 -4.93 6.68 -11.32
CA SER A 47 -5.12 5.83 -10.15
C SER A 47 -4.80 4.36 -10.44
N VAL A 48 -3.62 3.99 -10.01
CA VAL A 48 -3.24 2.60 -9.86
C VAL A 48 -3.82 2.11 -8.56
N LYS A 49 -3.89 0.81 -8.34
CA LYS A 49 -4.51 0.32 -7.11
C LYS A 49 -3.70 -0.82 -6.50
N TRP A 50 -3.71 -0.93 -5.17
CA TRP A 50 -3.14 -2.09 -4.49
C TRP A 50 -4.08 -2.68 -3.47
N HIS A 51 -4.82 -3.69 -3.90
CA HIS A 51 -5.70 -4.41 -3.00
C HIS A 51 -4.87 -5.14 -1.93
N TYR A 52 -5.40 -5.09 -0.71
CA TYR A 52 -4.72 -5.56 0.51
C TYR A 52 -4.36 -7.03 0.45
N LEU A 53 -5.09 -7.78 -0.36
CA LEU A 53 -4.85 -9.20 -0.53
C LEU A 53 -3.69 -9.40 -1.49
N CYS A 54 -2.92 -8.35 -1.66
CA CYS A 54 -1.77 -8.41 -2.53
C CYS A 54 -0.52 -7.90 -1.82
N LEU A 55 -0.72 -7.08 -0.79
CA LEU A 55 0.39 -6.47 -0.05
C LEU A 55 1.16 -7.49 0.78
N ARG A 56 2.12 -8.18 0.15
CA ARG A 56 2.99 -9.10 0.86
C ARG A 56 3.71 -8.40 2.01
N ARG A 57 4.57 -7.44 1.68
CA ARG A 57 5.32 -6.73 2.71
C ARG A 57 5.28 -5.23 2.51
N TYR A 58 4.75 -4.54 3.49
CA TYR A 58 4.46 -3.12 3.39
C TYR A 58 5.12 -2.37 4.52
N GLY A 59 5.63 -1.19 4.23
CA GLY A 59 6.50 -0.55 5.17
C GLY A 59 6.46 0.94 5.18
N TYR A 60 7.43 1.46 5.87
CA TYR A 60 7.58 2.88 6.14
C TYR A 60 9.01 3.12 6.59
N ASP A 61 9.67 4.03 5.92
CA ASP A 61 10.88 4.61 6.43
C ASP A 61 10.82 6.09 6.10
N SER A 62 11.75 6.90 6.61
CA SER A 62 11.79 8.34 6.37
C SER A 62 11.16 8.73 5.02
N ASN A 63 9.90 9.19 5.09
CA ASN A 63 9.07 9.54 3.93
C ASN A 63 9.15 8.51 2.79
N LEU A 64 9.23 7.25 3.14
CA LEU A 64 9.21 6.17 2.17
C LEU A 64 8.19 5.12 2.66
N PHE A 65 7.06 4.95 1.97
CA PHE A 65 6.11 3.89 2.31
C PHE A 65 6.15 2.83 1.23
N SER A 66 6.16 1.58 1.62
CA SER A 66 6.34 0.53 0.64
C SER A 66 5.30 -0.57 0.81
N PHE A 67 5.17 -1.39 -0.23
CA PHE A 67 4.42 -2.63 -0.15
C PHE A 67 4.89 -3.59 -1.26
N GLU A 68 5.11 -4.84 -0.89
CA GLU A 68 5.47 -5.86 -1.85
C GLU A 68 4.22 -6.51 -2.36
N SER A 69 3.76 -6.14 -3.53
CA SER A 69 2.56 -6.74 -4.03
C SER A 69 2.91 -8.08 -4.66
N GLY A 70 2.25 -9.14 -4.17
CA GLY A 70 2.58 -10.50 -4.59
C GLY A 70 1.70 -10.96 -5.72
N ARG A 71 1.27 -10.02 -6.51
CA ARG A 71 0.43 -10.25 -7.65
C ARG A 71 0.68 -9.10 -8.60
N ARG A 72 0.67 -9.37 -9.89
CA ARG A 72 0.99 -8.34 -10.85
C ARG A 72 0.00 -7.21 -10.76
N CYS A 73 0.50 -6.04 -11.02
CA CYS A 73 -0.27 -4.82 -10.88
C CYS A 73 -0.02 -3.93 -12.09
N GLN A 74 -0.68 -2.78 -12.11
CA GLN A 74 -0.43 -1.77 -13.11
C GLN A 74 1.05 -1.43 -13.19
N THR A 75 1.60 -1.01 -12.05
CA THR A 75 2.96 -0.52 -12.04
C THR A 75 3.72 -1.00 -10.80
N GLY A 76 3.24 -2.09 -10.20
CA GLY A 76 3.84 -2.60 -8.97
C GLY A 76 4.90 -3.62 -9.23
N GLN A 77 4.48 -4.79 -9.75
CA GLN A 77 5.38 -5.90 -10.06
C GLN A 77 5.89 -6.62 -8.80
N GLY A 78 6.08 -5.88 -7.72
CA GLY A 78 6.59 -6.47 -6.49
C GLY A 78 6.71 -5.44 -5.38
N ILE A 79 7.91 -5.32 -4.81
CA ILE A 79 8.17 -4.25 -3.84
C ILE A 79 8.14 -2.90 -4.54
N PHE A 80 7.01 -2.22 -4.41
CA PHE A 80 6.87 -0.91 -4.98
C PHE A 80 6.73 0.10 -3.86
N ALA A 81 7.81 0.80 -3.62
CA ALA A 81 7.86 1.76 -2.55
C ALA A 81 7.63 3.17 -3.08
N PHE A 82 6.95 3.97 -2.29
CA PHE A 82 6.67 5.33 -2.66
C PHE A 82 7.19 6.24 -1.59
N LYS A 83 7.82 7.28 -2.01
CA LYS A 83 8.35 8.24 -1.09
C LYS A 83 7.20 9.07 -0.56
N CYS A 84 6.57 8.54 0.48
CA CYS A 84 5.40 9.16 1.06
C CYS A 84 5.81 9.85 2.34
N ALA A 85 5.60 11.16 2.42
CA ALA A 85 5.98 11.88 3.63
C ALA A 85 5.17 11.39 4.82
N ARG A 86 3.91 11.06 4.57
CA ARG A 86 3.10 10.36 5.57
C ARG A 86 3.28 8.87 5.42
N ALA A 87 4.48 8.42 5.07
CA ALA A 87 4.77 6.99 4.97
C ALA A 87 4.35 6.29 6.24
N GLU A 88 4.90 6.78 7.33
CA GLU A 88 4.56 6.31 8.67
C GLU A 88 3.06 6.19 8.83
N GLU A 89 2.40 7.31 8.67
CA GLU A 89 0.95 7.42 8.74
C GLU A 89 0.29 6.44 7.78
N LEU A 90 0.73 6.46 6.54
CA LEU A 90 0.18 5.65 5.49
C LEU A 90 0.37 4.18 5.79
N PHE A 91 1.61 3.77 5.90
CA PHE A 91 1.93 2.40 6.22
C PHE A 91 1.10 1.94 7.42
N ASN A 92 1.14 2.74 8.50
CA ASN A 92 0.31 2.50 9.69
C ASN A 92 -1.12 2.30 9.33
N MET A 93 -1.72 3.34 8.76
CA MET A 93 -3.11 3.30 8.33
C MET A 93 -3.38 1.99 7.65
N LEU A 94 -2.60 1.74 6.63
CA LEU A 94 -2.60 0.47 5.91
C LEU A 94 -2.59 -0.73 6.87
N GLN A 95 -1.56 -0.85 7.73
CA GLN A 95 -1.50 -2.00 8.63
C GLN A 95 -2.75 -2.06 9.52
N GLU A 96 -3.22 -0.89 9.94
CA GLU A 96 -4.42 -0.79 10.79
C GLU A 96 -5.65 -1.22 10.01
N ILE A 97 -5.80 -0.66 8.82
CA ILE A 97 -6.89 -1.04 7.94
C ILE A 97 -6.83 -2.55 7.72
N MET A 98 -5.62 -3.05 7.52
CA MET A 98 -5.39 -4.48 7.39
C MET A 98 -5.91 -5.22 8.62
N GLN A 99 -5.54 -4.73 9.79
CA GLN A 99 -5.93 -5.32 11.06
C GLN A 99 -7.44 -5.32 11.25
N ASN A 100 -8.06 -4.23 10.86
CA ASN A 100 -9.41 -3.91 11.28
C ASN A 100 -10.48 -4.23 10.22
N ASN A 101 -10.10 -4.26 8.95
CA ASN A 101 -11.09 -4.44 7.89
C ASN A 101 -11.19 -5.88 7.47
N SER A 102 -10.11 -6.63 7.69
CA SER A 102 -10.01 -8.04 7.28
C SER A 102 -9.92 -8.14 5.75
N ILE A 103 -10.55 -7.19 5.07
CA ILE A 103 -10.38 -6.99 3.66
C ILE A 103 -11.08 -8.05 2.83
N ASN A 104 -12.31 -7.73 2.46
CA ASN A 104 -13.10 -8.54 1.54
C ASN A 104 -14.05 -7.65 0.77
N VAL A 105 -13.81 -7.53 -0.52
CA VAL A 105 -14.68 -6.76 -1.40
C VAL A 105 -15.75 -7.68 -1.97
N VAL A 106 -16.23 -8.59 -1.11
CA VAL A 106 -17.13 -9.67 -1.50
C VAL A 106 -16.50 -10.51 -2.61
N GLU A 107 -17.26 -11.49 -3.12
CA GLU A 107 -16.77 -12.37 -4.18
C GLU A 107 -15.48 -13.07 -3.80
N GLU A 108 -15.63 -14.01 -2.88
CA GLU A 108 -14.53 -14.87 -2.48
C GLU A 108 -14.53 -16.11 -3.36
N PRO A 109 -13.35 -16.61 -3.73
CA PRO A 109 -13.19 -17.84 -4.52
C PRO A 109 -13.68 -19.08 -3.79
N VAL A 110 -14.96 -19.06 -3.39
CA VAL A 110 -15.67 -20.17 -2.74
C VAL A 110 -14.74 -21.13 -2.01
N VAL A 111 -14.45 -20.77 -0.76
CA VAL A 111 -13.53 -21.54 0.07
C VAL A 111 -13.86 -23.03 0.01
N GLU A 112 -12.85 -23.84 -0.29
CA GLU A 112 -13.02 -25.26 -0.55
C GLU A 112 -13.88 -25.46 -1.80
N ARG A 113 -13.22 -25.47 -2.95
CA ARG A 113 -13.91 -25.60 -4.23
C ARG A 113 -14.57 -26.96 -4.37
N ASN A 114 -15.81 -26.96 -4.82
CA ASN A 114 -16.56 -28.19 -4.98
C ASN A 114 -17.07 -28.33 -6.41
N ASN A 115 -16.98 -29.53 -6.94
CA ASN A 115 -17.42 -29.79 -8.31
C ASN A 115 -18.58 -30.77 -8.30
N GLY B 1 17.53 -4.97 2.91
CA GLY B 1 17.48 -6.42 3.16
C GLY B 1 16.33 -7.08 2.42
N PRO B 2 15.82 -8.20 2.92
CA PRO B 2 14.66 -8.88 2.33
C PRO B 2 13.38 -8.08 2.54
N ASP B 3 13.06 -7.79 3.80
CA ASP B 3 11.85 -7.06 4.13
C ASP B 3 12.06 -5.56 3.99
N ALA B 4 13.10 -5.02 4.57
CA ALA B 4 13.37 -3.62 4.33
C ALA B 4 13.68 -3.45 2.87
N VAL B 5 12.83 -2.68 2.23
CA VAL B 5 13.01 -2.33 0.84
C VAL B 5 13.93 -1.15 0.77
N ILE B 6 15.12 -1.34 0.26
CA ILE B 6 16.02 -0.23 0.30
C ILE B 6 15.91 0.51 -0.99
N ILE B 7 14.89 1.33 -1.09
CA ILE B 7 14.64 1.98 -2.34
C ILE B 7 15.51 3.23 -2.41
N GLY B 8 16.70 3.01 -2.96
CA GLY B 8 17.71 4.05 -3.13
C GLY B 8 17.84 4.97 -1.93
N MET B 9 17.12 6.08 -2.01
CA MET B 9 17.11 7.10 -1.00
C MET B 9 16.90 6.54 0.40
N THR B 10 15.99 5.58 0.56
CA THR B 10 15.68 5.09 1.89
C THR B 10 15.37 3.60 1.96
N LYS B 11 15.81 2.99 3.07
CA LYS B 11 15.49 1.61 3.37
C LYS B 11 14.18 1.49 4.14
N ILE B 12 13.21 0.81 3.55
CA ILE B 12 11.90 0.69 4.12
C ILE B 12 11.71 -0.61 4.86
N PRO B 13 11.73 -0.55 6.17
CA PRO B 13 11.52 -1.71 6.99
C PRO B 13 10.03 -2.06 7.00
N VAL B 14 9.67 -2.99 6.14
CA VAL B 14 8.27 -3.35 5.95
C VAL B 14 7.84 -4.48 6.88
N ILE B 15 6.55 -4.77 6.81
CA ILE B 15 5.92 -5.85 7.59
C ILE B 15 5.01 -6.64 6.66
N GLU B 16 4.58 -7.83 7.08
CA GLU B 16 3.77 -8.66 6.21
C GLU B 16 2.29 -8.59 6.59
N ASN B 17 1.44 -8.81 5.60
CA ASN B 17 -0.01 -8.60 5.74
C ASN B 17 -0.67 -9.75 6.50
N PRO B 18 -1.79 -9.44 7.19
CA PRO B 18 -2.64 -10.45 7.82
C PRO B 18 -3.66 -11.05 6.85
N GLN B 19 -3.84 -10.39 5.71
CA GLN B 19 -4.88 -10.76 4.75
C GLN B 19 -4.71 -12.20 4.25
N PTR B 20 -3.48 -12.58 3.98
CA PTR B 20 -3.17 -13.91 3.45
C PTR B 20 -3.45 -15.00 4.45
O PTR B 20 -3.68 -16.15 4.08
CB PTR B 20 -1.71 -13.96 3.00
CG PTR B 20 -1.46 -13.28 1.68
CD1 PTR B 20 -2.29 -12.27 1.23
CD2 PTR B 20 -0.39 -13.65 0.88
CE1 PTR B 20 -2.07 -11.65 0.02
CE2 PTR B 20 -0.16 -13.03 -0.33
CZ PTR B 20 -1.01 -12.04 -0.75
OH PTR B 20 -0.78 -11.42 -1.95
P PTR B 20 -1.05 -12.25 -3.32
O1P PTR B 20 -2.48 -12.71 -3.25
O2P PTR B 20 0.10 -13.35 -3.32
O3P PTR B 20 -0.96 -11.15 -4.36
H PTR B 20 -2.74 -11.95 4.13
HA PTR B 20 -3.79 -14.06 2.58
HB2 PTR B 20 -1.09 -13.49 3.74
HB3 PTR B 20 -1.42 -15.00 2.91
HD1 PTR B 20 -3.13 -11.96 1.83
HD2 PTR B 20 0.27 -14.44 1.22
HE1 PTR B 20 -2.75 -10.87 -0.30
HE2 PTR B 20 0.67 -13.35 -0.93
HO2P PTR B 20 0.02 -13.91 -4.10
N PHE B 21 -3.44 -14.65 5.73
CA PHE B 21 -3.72 -15.61 6.78
C PHE B 21 -5.21 -15.86 6.89
N GLY B 22 -5.99 -14.95 6.33
CA GLY B 22 -7.41 -15.15 6.23
C GLY B 22 -7.80 -15.55 4.82
N ILE B 23 -8.85 -14.92 4.30
CA ILE B 23 -9.29 -15.18 2.94
C ILE B 23 -9.90 -13.93 2.34
N SER A 1 -23.27 7.70 4.54
CA SER A 1 -23.05 9.13 4.20
C SER A 1 -21.56 9.43 4.08
N HIS A 2 -20.77 8.86 4.97
CA HIS A 2 -19.32 9.04 4.94
C HIS A 2 -18.61 7.79 5.46
N MET A 3 -19.22 6.64 5.22
CA MET A 3 -18.63 5.37 5.64
C MET A 3 -17.46 5.02 4.74
N ASP A 4 -17.69 5.05 3.44
CA ASP A 4 -16.64 4.75 2.48
C ASP A 4 -16.92 5.49 1.18
N THR A 5 -17.56 6.64 1.29
CA THR A 5 -17.77 7.51 0.16
C THR A 5 -16.48 8.26 -0.13
N VAL A 6 -15.81 8.66 0.95
CA VAL A 6 -14.52 9.31 0.88
C VAL A 6 -14.57 10.68 0.19
N PRO A 7 -13.87 11.64 0.80
CA PRO A 7 -13.85 13.04 0.38
C PRO A 7 -12.75 13.29 -0.64
N ASP A 8 -12.36 14.55 -0.80
CA ASP A 8 -11.17 14.87 -1.59
C ASP A 8 -9.96 14.21 -0.94
N ASN A 9 -9.76 14.49 0.33
CA ASN A 9 -8.69 13.88 1.09
C ASN A 9 -8.96 13.93 2.59
N HIS A 10 -9.07 12.76 3.20
CA HIS A 10 -9.00 12.66 4.65
C HIS A 10 -7.75 11.87 4.96
N ARG A 11 -7.61 11.33 6.18
CA ARG A 11 -6.40 10.58 6.55
C ARG A 11 -5.92 9.65 5.45
N ASN A 12 -6.83 9.04 4.72
CA ASN A 12 -6.45 7.96 3.83
C ASN A 12 -5.80 8.43 2.54
N LYS A 13 -6.17 9.60 2.04
CA LYS A 13 -5.62 10.08 0.80
C LYS A 13 -4.28 10.78 1.07
N PHE A 14 -3.20 10.09 0.77
CA PHE A 14 -1.87 10.66 0.95
C PHE A 14 -1.13 10.81 -0.36
N LYS A 15 -0.60 11.98 -0.59
CA LYS A 15 0.25 12.21 -1.74
C LYS A 15 1.64 11.61 -1.51
N VAL A 16 1.91 10.52 -2.19
CA VAL A 16 3.20 9.86 -2.10
C VAL A 16 4.05 10.24 -3.31
N ILE A 17 5.20 9.61 -3.43
CA ILE A 17 6.01 9.78 -4.61
C ILE A 17 6.43 8.42 -5.12
N ASN A 18 5.90 7.97 -6.24
CA ASN A 18 6.34 6.68 -6.74
C ASN A 18 7.82 6.76 -7.13
N VAL A 19 8.63 5.99 -6.42
CA VAL A 19 10.09 6.06 -6.54
C VAL A 19 10.65 4.66 -6.70
N ASP A 20 11.51 4.45 -7.69
CA ASP A 20 11.96 3.09 -7.94
C ASP A 20 13.48 2.93 -7.85
N ASP A 21 13.89 1.98 -7.01
CA ASP A 21 15.29 1.54 -6.84
C ASP A 21 16.28 2.69 -6.57
N ASP A 22 15.79 3.89 -6.41
CA ASP A 22 16.65 5.03 -6.17
C ASP A 22 16.00 5.98 -5.18
N GLY A 23 14.74 5.68 -4.87
CA GLY A 23 13.91 6.61 -4.14
C GLY A 23 13.70 7.86 -4.96
N ASN A 24 13.84 7.70 -6.26
CA ASN A 24 13.72 8.80 -7.19
C ASN A 24 12.28 8.96 -7.61
N GLU A 25 11.74 10.16 -7.39
CA GLU A 25 10.40 10.48 -7.81
C GLU A 25 10.21 10.20 -9.31
N LEU A 26 9.89 8.96 -9.66
CA LEU A 26 9.67 8.57 -11.05
C LEU A 26 8.21 8.79 -11.40
N GLY A 27 7.64 9.79 -10.77
CA GLY A 27 6.24 10.10 -10.93
C GLY A 27 5.53 10.05 -9.60
N SER A 28 5.52 11.17 -8.90
CA SER A 28 4.94 11.22 -7.58
C SER A 28 3.41 11.12 -7.68
N GLY A 29 2.84 10.28 -6.82
CA GLY A 29 1.43 9.95 -6.96
C GLY A 29 0.69 10.08 -5.65
N ILE A 30 -0.53 9.62 -5.61
CA ILE A 30 -1.25 9.49 -4.35
C ILE A 30 -1.10 8.07 -3.86
N MET A 31 -1.43 7.85 -2.62
CA MET A 31 -1.65 6.53 -2.12
C MET A 31 -2.89 6.58 -1.23
N GLU A 32 -4.00 6.29 -1.88
CA GLU A 32 -5.31 6.36 -1.28
C GLU A 32 -5.56 5.11 -0.44
N LEU A 33 -5.45 5.23 0.86
CA LEU A 33 -5.57 4.07 1.70
C LEU A 33 -7.03 3.73 2.02
N THR A 34 -7.60 2.82 1.28
CA THR A 34 -8.96 2.38 1.57
C THR A 34 -8.98 0.94 2.09
N ASP A 35 -10.19 0.42 2.31
CA ASP A 35 -10.39 -0.91 2.92
C ASP A 35 -9.51 -1.97 2.33
N THR A 36 -9.52 -2.11 1.03
CA THR A 36 -8.80 -3.22 0.46
C THR A 36 -7.91 -2.81 -0.69
N GLU A 37 -8.12 -1.67 -1.29
CA GLU A 37 -7.21 -1.24 -2.33
C GLU A 37 -6.53 0.07 -1.99
N LEU A 38 -5.23 0.04 -2.17
CA LEU A 38 -4.38 1.20 -2.05
C LEU A 38 -4.32 1.94 -3.36
N ILE A 39 -5.18 2.95 -3.50
CA ILE A 39 -5.35 3.62 -4.78
C ILE A 39 -4.25 4.70 -4.96
N LEU A 40 -3.17 4.33 -5.63
CA LEU A 40 -2.07 5.26 -5.92
C LEU A 40 -2.45 6.17 -7.10
N TYR A 41 -2.65 7.45 -6.88
CA TYR A 41 -3.00 8.33 -8.01
C TYR A 41 -1.74 8.84 -8.67
N THR A 42 -1.33 8.23 -9.77
CA THR A 42 -0.12 8.65 -10.44
C THR A 42 -0.35 9.93 -11.26
N ARG A 43 0.61 10.29 -12.11
CA ARG A 43 0.47 11.48 -12.93
C ARG A 43 -0.38 11.21 -14.16
N LYS A 44 0.15 10.41 -15.06
CA LYS A 44 -0.51 10.13 -16.32
C LYS A 44 -0.94 8.67 -16.42
N ARG A 45 -0.46 7.90 -15.46
CA ARG A 45 -0.75 6.48 -15.38
C ARG A 45 -2.12 6.23 -14.76
N ASP A 46 -2.57 7.24 -14.03
CA ASP A 46 -3.85 7.28 -13.37
C ASP A 46 -3.85 6.44 -12.09
N SER A 47 -4.93 6.54 -11.36
CA SER A 47 -5.11 5.84 -10.10
C SER A 47 -4.83 4.34 -10.26
N VAL A 48 -3.64 3.97 -9.86
CA VAL A 48 -3.27 2.58 -9.71
C VAL A 48 -3.84 2.09 -8.39
N LYS A 49 -3.97 0.80 -8.21
CA LYS A 49 -4.55 0.30 -6.97
C LYS A 49 -3.72 -0.85 -6.41
N TRP A 50 -3.77 -1.06 -5.09
CA TRP A 50 -3.13 -2.20 -4.48
C TRP A 50 -4.02 -2.90 -3.48
N HIS A 51 -4.57 -4.05 -3.88
CA HIS A 51 -5.42 -4.81 -2.99
C HIS A 51 -4.60 -5.36 -1.82
N TYR A 52 -5.20 -5.33 -0.64
CA TYR A 52 -4.57 -5.71 0.61
C TYR A 52 -4.18 -7.18 0.66
N LEU A 53 -4.91 -8.00 -0.08
CA LEU A 53 -4.62 -9.44 -0.19
C LEU A 53 -3.47 -9.65 -1.14
N CYS A 54 -2.77 -8.58 -1.40
CA CYS A 54 -1.68 -8.61 -2.33
C CYS A 54 -0.43 -8.00 -1.70
N LEU A 55 -0.63 -7.18 -0.67
CA LEU A 55 0.47 -6.54 0.04
C LEU A 55 1.26 -7.56 0.86
N ARG A 56 2.16 -8.28 0.21
CA ARG A 56 3.06 -9.21 0.88
C ARG A 56 3.79 -8.51 2.02
N ARG A 57 4.55 -7.46 1.69
CA ARG A 57 5.28 -6.74 2.74
C ARG A 57 5.27 -5.24 2.54
N TYR A 58 4.74 -4.55 3.53
CA TYR A 58 4.47 -3.12 3.42
C TYR A 58 5.12 -2.37 4.55
N GLY A 59 5.63 -1.20 4.25
CA GLY A 59 6.52 -0.56 5.19
C GLY A 59 6.46 0.94 5.17
N TYR A 60 7.45 1.47 5.86
CA TYR A 60 7.59 2.88 6.13
C TYR A 60 9.03 3.14 6.53
N ASP A 61 9.66 4.06 5.86
CA ASP A 61 10.88 4.63 6.34
C ASP A 61 10.88 6.10 5.95
N SER A 62 11.86 6.88 6.43
CA SER A 62 11.99 8.30 6.10
C SER A 62 11.27 8.72 4.81
N ASN A 63 10.03 9.20 4.97
CA ASN A 63 9.11 9.53 3.85
C ASN A 63 9.15 8.52 2.71
N LEU A 64 9.22 7.25 3.06
CA LEU A 64 9.18 6.16 2.09
C LEU A 64 8.18 5.10 2.58
N PHE A 65 7.05 4.93 1.89
CA PHE A 65 6.11 3.87 2.24
C PHE A 65 6.16 2.81 1.17
N SER A 66 6.15 1.56 1.56
CA SER A 66 6.33 0.49 0.62
C SER A 66 5.30 -0.61 0.81
N PHE A 67 5.19 -1.47 -0.20
CA PHE A 67 4.44 -2.72 -0.10
C PHE A 67 4.90 -3.69 -1.19
N GLU A 68 5.11 -4.95 -0.81
CA GLU A 68 5.43 -5.97 -1.78
C GLU A 68 4.16 -6.54 -2.35
N SER A 69 3.79 -6.12 -3.53
CA SER A 69 2.56 -6.60 -4.10
C SER A 69 2.79 -7.96 -4.76
N GLY A 70 2.00 -8.95 -4.34
CA GLY A 70 2.19 -10.31 -4.80
C GLY A 70 1.12 -10.75 -5.76
N ARG A 71 0.70 -9.84 -6.61
CA ARG A 71 -0.22 -10.13 -7.70
C ARG A 71 0.06 -9.19 -8.84
N ARG A 72 -0.58 -9.42 -9.96
CA ARG A 72 -0.53 -8.49 -11.06
C ARG A 72 -1.14 -7.17 -10.66
N CYS A 73 -0.59 -6.13 -11.21
CA CYS A 73 -1.05 -4.79 -10.95
C CYS A 73 -0.74 -3.92 -12.17
N GLN A 74 -1.24 -2.71 -12.16
CA GLN A 74 -0.86 -1.70 -13.14
C GLN A 74 0.66 -1.57 -13.19
N THR A 75 1.22 -1.31 -12.03
CA THR A 75 2.63 -0.99 -11.91
C THR A 75 3.25 -1.68 -10.69
N GLY A 76 2.64 -2.80 -10.28
CA GLY A 76 3.00 -3.50 -9.05
C GLY A 76 4.50 -3.66 -8.83
N GLN A 77 5.17 -4.41 -9.70
CA GLN A 77 6.63 -4.60 -9.64
C GLN A 77 7.08 -5.43 -8.43
N GLY A 78 6.13 -5.86 -7.61
CA GLY A 78 6.49 -6.57 -6.39
C GLY A 78 6.68 -5.59 -5.25
N ILE A 79 7.88 -5.54 -4.69
CA ILE A 79 8.23 -4.52 -3.71
C ILE A 79 8.20 -3.16 -4.38
N PHE A 80 7.12 -2.44 -4.15
CA PHE A 80 6.93 -1.14 -4.74
C PHE A 80 6.84 -0.12 -3.63
N ALA A 81 7.81 0.77 -3.60
CA ALA A 81 7.88 1.75 -2.56
C ALA A 81 7.65 3.15 -3.13
N PHE A 82 6.93 3.96 -2.37
CA PHE A 82 6.67 5.32 -2.77
C PHE A 82 7.15 6.22 -1.68
N LYS A 83 7.79 7.27 -2.07
CA LYS A 83 8.32 8.22 -1.15
C LYS A 83 7.18 9.05 -0.60
N CYS A 84 6.55 8.52 0.43
CA CYS A 84 5.38 9.14 1.00
C CYS A 84 5.78 9.89 2.26
N ALA A 85 5.55 11.18 2.32
CA ALA A 85 5.94 11.93 3.50
C ALA A 85 5.06 11.55 4.69
N ARG A 86 3.89 10.98 4.40
CA ARG A 86 3.08 10.36 5.42
C ARG A 86 3.29 8.86 5.40
N ALA A 87 4.48 8.41 5.02
CA ALA A 87 4.78 6.98 4.92
C ALA A 87 4.37 6.27 6.19
N GLU A 88 4.90 6.78 7.29
CA GLU A 88 4.56 6.29 8.62
C GLU A 88 3.05 6.20 8.80
N GLU A 89 2.42 7.33 8.65
CA GLU A 89 0.97 7.45 8.73
C GLU A 89 0.28 6.50 7.77
N LEU A 90 0.75 6.47 6.54
CA LEU A 90 0.19 5.66 5.49
C LEU A 90 0.38 4.19 5.80
N PHE A 91 1.62 3.77 5.87
CA PHE A 91 1.94 2.39 6.20
C PHE A 91 1.10 1.95 7.41
N ASN A 92 1.18 2.72 8.49
CA ASN A 92 0.39 2.50 9.70
C ASN A 92 -1.06 2.32 9.35
N MET A 93 -1.65 3.37 8.78
CA MET A 93 -3.04 3.36 8.42
C MET A 93 -3.35 2.06 7.68
N LEU A 94 -2.54 1.76 6.69
CA LEU A 94 -2.63 0.53 5.93
C LEU A 94 -2.62 -0.69 6.85
N GLN A 95 -1.62 -0.83 7.72
CA GLN A 95 -1.58 -1.96 8.64
C GLN A 95 -2.85 -1.97 9.50
N GLU A 96 -3.36 -0.78 9.80
CA GLU A 96 -4.59 -0.62 10.58
C GLU A 96 -5.80 -1.08 9.81
N ILE A 97 -5.93 -0.57 8.59
CA ILE A 97 -7.01 -0.99 7.72
C ILE A 97 -6.95 -2.49 7.52
N MET A 98 -5.73 -3.00 7.41
CA MET A 98 -5.50 -4.42 7.33
C MET A 98 -6.08 -5.14 8.55
N GLN A 99 -5.85 -4.55 9.71
CA GLN A 99 -6.33 -5.09 10.97
C GLN A 99 -7.84 -5.00 11.09
N ASN A 100 -8.37 -3.85 10.70
CA ASN A 100 -9.74 -3.48 11.03
C ASN A 100 -10.75 -3.81 9.94
N ASN A 101 -10.30 -4.21 8.76
CA ASN A 101 -11.24 -4.49 7.67
C ASN A 101 -11.31 -5.95 7.32
N SER A 102 -10.24 -6.69 7.64
CA SER A 102 -10.10 -8.11 7.28
C SER A 102 -9.88 -8.25 5.77
N ILE A 103 -10.45 -7.32 5.01
CA ILE A 103 -10.16 -7.18 3.59
C ILE A 103 -10.66 -8.34 2.76
N ASN A 104 -11.86 -8.18 2.22
CA ASN A 104 -12.42 -9.16 1.32
C ASN A 104 -13.34 -8.50 0.31
N VAL A 105 -13.19 -8.91 -0.93
CA VAL A 105 -14.08 -8.47 -2.00
C VAL A 105 -15.34 -9.33 -1.94
N VAL A 106 -15.14 -10.52 -1.39
CA VAL A 106 -16.20 -11.48 -1.12
C VAL A 106 -15.62 -12.61 -0.28
N GLU A 107 -16.48 -13.49 0.22
CA GLU A 107 -16.04 -14.63 1.01
C GLU A 107 -15.18 -14.18 2.19
N GLU A 108 -15.80 -13.58 3.17
CA GLU A 108 -15.08 -13.03 4.31
C GLU A 108 -14.78 -14.13 5.32
N PRO A 109 -13.50 -14.26 5.74
CA PRO A 109 -13.10 -15.18 6.80
C PRO A 109 -13.57 -14.70 8.18
N VAL A 110 -14.48 -13.71 8.16
CA VAL A 110 -15.13 -13.12 9.36
C VAL A 110 -14.18 -12.67 10.45
N VAL A 111 -14.69 -11.82 11.29
CA VAL A 111 -13.95 -11.37 12.46
C VAL A 111 -14.13 -12.40 13.58
N GLU A 112 -13.13 -13.27 13.71
CA GLU A 112 -13.16 -14.40 14.63
C GLU A 112 -14.13 -15.48 14.12
N ARG A 113 -13.59 -16.66 13.90
CA ARG A 113 -14.35 -17.77 13.34
C ARG A 113 -15.28 -18.38 14.38
N ASN A 114 -16.53 -17.97 14.34
CA ASN A 114 -17.54 -18.54 15.22
C ASN A 114 -17.89 -19.94 14.74
N ASN A 115 -17.64 -20.91 15.60
CA ASN A 115 -17.91 -22.29 15.25
C ASN A 115 -18.69 -22.95 16.38
N GLY B 1 14.85 -12.85 3.96
CA GLY B 1 15.26 -12.05 2.79
C GLY B 1 15.15 -10.57 3.07
N PRO B 2 15.14 -9.73 2.02
CA PRO B 2 15.02 -8.28 2.17
C PRO B 2 13.59 -7.85 2.46
N ASP B 3 13.25 -7.72 3.74
CA ASP B 3 11.97 -7.14 4.13
C ASP B 3 12.07 -5.63 4.02
N ALA B 4 13.09 -5.04 4.59
CA ALA B 4 13.32 -3.65 4.33
C ALA B 4 13.60 -3.48 2.86
N VAL B 5 12.76 -2.71 2.23
CA VAL B 5 12.95 -2.37 0.82
C VAL B 5 13.88 -1.19 0.75
N ILE B 6 15.06 -1.40 0.25
CA ILE B 6 15.97 -0.31 0.28
C ILE B 6 15.86 0.42 -1.02
N ILE B 7 14.84 1.26 -1.11
CA ILE B 7 14.59 1.92 -2.37
C ILE B 7 15.47 3.15 -2.44
N GLY B 8 16.66 2.92 -2.98
CA GLY B 8 17.68 3.96 -3.13
C GLY B 8 17.80 4.88 -1.94
N MET B 9 17.08 6.00 -2.04
CA MET B 9 17.04 7.03 -1.03
C MET B 9 16.87 6.44 0.36
N THR B 10 15.95 5.51 0.53
CA THR B 10 15.65 5.02 1.86
C THR B 10 15.33 3.52 1.93
N LYS B 11 15.80 2.91 3.02
CA LYS B 11 15.49 1.55 3.34
C LYS B 11 14.18 1.43 4.12
N ILE B 12 13.20 0.77 3.53
CA ILE B 12 11.88 0.67 4.09
C ILE B 12 11.69 -0.63 4.83
N PRO B 13 11.71 -0.57 6.14
CA PRO B 13 11.50 -1.73 6.96
C PRO B 13 10.02 -2.07 6.97
N VAL B 14 9.65 -3.01 6.12
CA VAL B 14 8.26 -3.37 5.94
C VAL B 14 7.82 -4.48 6.89
N ILE B 15 6.53 -4.75 6.86
CA ILE B 15 5.92 -5.81 7.63
C ILE B 15 5.03 -6.63 6.71
N GLU B 16 4.75 -7.87 7.07
CA GLU B 16 3.97 -8.74 6.22
C GLU B 16 2.51 -8.80 6.67
N ASN B 17 1.62 -8.77 5.69
CA ASN B 17 0.18 -8.61 5.91
C ASN B 17 -0.42 -9.75 6.74
N PRO B 18 -1.50 -9.44 7.49
CA PRO B 18 -2.32 -10.44 8.18
C PRO B 18 -3.40 -11.02 7.26
N GLN B 19 -3.57 -10.43 6.08
CA GLN B 19 -4.63 -10.80 5.16
C GLN B 19 -4.49 -12.25 4.69
N PTR B 20 -3.26 -12.65 4.40
CA PTR B 20 -2.99 -14.02 3.95
C PTR B 20 -3.24 -15.03 5.07
O PTR B 20 -3.39 -16.22 4.82
CB PTR B 20 -1.54 -14.13 3.48
CG PTR B 20 -1.26 -13.52 2.12
CD1 PTR B 20 -1.99 -12.44 1.65
CD2 PTR B 20 -0.26 -14.05 1.32
CE1 PTR B 20 -1.73 -11.89 0.42
CE2 PTR B 20 0.01 -13.50 0.07
CZ PTR B 20 -0.73 -12.43 -0.37
OH PTR B 20 -0.46 -11.89 -1.60
P PTR B 20 -1.07 -12.63 -2.90
O1P PTR B 20 -2.26 -13.38 -2.39
O2P PTR B 20 0.17 -13.47 -3.45
O3P PTR B 20 -1.53 -11.47 -3.76
H PTR B 20 -2.52 -12.01 4.47
HA PTR B 20 -3.65 -14.24 3.12
HB2 PTR B 20 -0.89 -13.63 4.20
HB3 PTR B 20 -1.26 -15.17 3.44
HD1 PTR B 20 -2.77 -12.01 2.25
HD2 PTR B 20 0.32 -14.89 1.67
HE1 PTR B 20 -2.31 -11.05 0.07
HE2 PTR B 20 0.79 -13.92 -0.54
HO2P PTR B 20 0.07 -14.40 -3.24
N PHE B 21 -3.30 -14.53 6.30
CA PHE B 21 -3.51 -15.38 7.46
C PHE B 21 -4.99 -15.42 7.82
N GLY B 22 -5.68 -14.31 7.61
CA GLY B 22 -7.10 -14.23 7.91
C GLY B 22 -7.35 -14.01 9.38
N ILE B 23 -6.29 -13.94 10.15
CA ILE B 23 -6.38 -13.77 11.59
C ILE B 23 -6.34 -12.30 11.94
N SER A 1 -22.16 14.42 -3.96
CA SER A 1 -21.51 13.11 -4.07
C SER A 1 -20.60 12.87 -2.88
N HIS A 2 -20.24 11.61 -2.64
CA HIS A 2 -19.30 11.27 -1.59
C HIS A 2 -18.40 10.13 -2.03
N MET A 3 -17.64 10.37 -3.09
CA MET A 3 -16.67 9.38 -3.57
C MET A 3 -15.28 9.80 -3.13
N ASP A 4 -14.90 10.99 -3.53
CA ASP A 4 -13.61 11.56 -3.18
C ASP A 4 -13.79 13.03 -2.82
N THR A 5 -15.01 13.36 -2.40
CA THR A 5 -15.31 14.70 -1.94
C THR A 5 -14.59 14.92 -0.63
N VAL A 6 -13.61 15.79 -0.64
CA VAL A 6 -12.70 15.86 0.47
C VAL A 6 -12.84 17.13 1.28
N PRO A 7 -12.68 16.98 2.60
CA PRO A 7 -12.71 18.08 3.57
C PRO A 7 -11.51 19.00 3.42
N ASP A 8 -11.02 19.52 4.54
CA ASP A 8 -9.77 20.29 4.55
C ASP A 8 -8.65 19.46 3.95
N ASN A 9 -8.63 18.19 4.32
CA ASN A 9 -7.71 17.22 3.74
C ASN A 9 -8.30 15.83 3.90
N HIS A 10 -7.56 14.83 3.47
CA HIS A 10 -8.01 13.47 3.61
C HIS A 10 -6.92 12.60 4.20
N ARG A 11 -7.15 12.17 5.43
CA ARG A 11 -6.25 11.26 6.13
C ARG A 11 -5.84 10.11 5.24
N ASN A 12 -6.81 9.56 4.56
CA ASN A 12 -6.60 8.36 3.80
C ASN A 12 -5.95 8.64 2.44
N LYS A 13 -6.26 9.79 1.86
CA LYS A 13 -5.63 10.18 0.61
C LYS A 13 -4.29 10.86 0.89
N PHE A 14 -3.21 10.14 0.68
CA PHE A 14 -1.88 10.69 0.89
C PHE A 14 -1.13 10.86 -0.41
N LYS A 15 -0.61 12.04 -0.64
CA LYS A 15 0.22 12.28 -1.81
C LYS A 15 1.60 11.70 -1.57
N VAL A 16 1.87 10.60 -2.23
CA VAL A 16 3.14 9.94 -2.11
C VAL A 16 4.01 10.28 -3.29
N ILE A 17 5.17 9.68 -3.39
CA ILE A 17 6.00 9.85 -4.54
C ILE A 17 6.41 8.49 -5.07
N ASN A 18 5.89 8.06 -6.19
CA ASN A 18 6.33 6.78 -6.72
C ASN A 18 7.80 6.87 -7.10
N VAL A 19 8.61 6.09 -6.40
CA VAL A 19 10.06 6.17 -6.52
C VAL A 19 10.61 4.75 -6.69
N ASP A 20 11.44 4.53 -7.70
CA ASP A 20 11.86 3.16 -7.98
C ASP A 20 13.37 2.99 -8.00
N ASP A 21 13.81 2.02 -7.18
CA ASP A 21 15.20 1.52 -7.14
C ASP A 21 16.24 2.63 -6.90
N ASP A 22 15.78 3.84 -6.67
CA ASP A 22 16.66 4.96 -6.34
C ASP A 22 15.99 5.84 -5.30
N GLY A 23 14.74 5.53 -5.01
CA GLY A 23 13.92 6.42 -4.20
C GLY A 23 13.70 7.72 -4.93
N ASN A 24 13.83 7.66 -6.25
CA ASN A 24 13.72 8.84 -7.07
C ASN A 24 12.30 9.01 -7.54
N GLU A 25 11.76 10.20 -7.33
CA GLU A 25 10.43 10.54 -7.78
C GLU A 25 10.26 10.32 -9.28
N LEU A 26 9.98 9.08 -9.66
CA LEU A 26 9.76 8.71 -11.05
C LEU A 26 8.29 8.92 -11.40
N GLY A 27 7.70 9.89 -10.73
CA GLY A 27 6.30 10.19 -10.88
C GLY A 27 5.59 10.13 -9.56
N SER A 28 5.62 11.23 -8.81
CA SER A 28 5.01 11.27 -7.51
C SER A 28 3.49 11.10 -7.62
N GLY A 29 2.96 10.20 -6.81
CA GLY A 29 1.58 9.78 -6.96
C GLY A 29 0.77 10.06 -5.71
N ILE A 30 -0.42 9.51 -5.64
CA ILE A 30 -1.16 9.43 -4.40
C ILE A 30 -1.04 8.03 -3.86
N MET A 31 -1.36 7.85 -2.62
CA MET A 31 -1.61 6.54 -2.09
C MET A 31 -2.86 6.60 -1.25
N GLU A 32 -3.94 6.29 -1.92
CA GLU A 32 -5.26 6.36 -1.36
C GLU A 32 -5.51 5.13 -0.50
N LEU A 33 -5.39 5.27 0.79
CA LEU A 33 -5.58 4.15 1.67
C LEU A 33 -7.05 3.92 1.96
N THR A 34 -7.58 2.81 1.47
CA THR A 34 -8.95 2.47 1.78
C THR A 34 -9.02 1.09 2.44
N ASP A 35 -10.23 0.55 2.54
CA ASP A 35 -10.46 -0.76 3.14
C ASP A 35 -9.59 -1.82 2.55
N THR A 36 -9.59 -1.92 1.24
CA THR A 36 -8.94 -3.05 0.65
C THR A 36 -8.06 -2.69 -0.54
N GLU A 37 -8.20 -1.50 -1.10
CA GLU A 37 -7.32 -1.12 -2.18
C GLU A 37 -6.57 0.17 -1.88
N LEU A 38 -5.30 0.11 -2.10
CA LEU A 38 -4.41 1.24 -2.01
C LEU A 38 -4.34 1.94 -3.35
N ILE A 39 -5.18 2.94 -3.52
CA ILE A 39 -5.32 3.59 -4.80
C ILE A 39 -4.23 4.66 -4.99
N LEU A 40 -3.11 4.26 -5.60
CA LEU A 40 -2.02 5.19 -5.88
C LEU A 40 -2.38 6.05 -7.10
N TYR A 41 -2.62 7.33 -6.91
CA TYR A 41 -2.95 8.18 -8.05
C TYR A 41 -1.68 8.62 -8.74
N THR A 42 -1.31 8.00 -9.83
CA THR A 42 -0.11 8.40 -10.53
C THR A 42 -0.36 9.67 -11.36
N ARG A 43 0.67 10.16 -12.03
CA ARG A 43 0.53 11.35 -12.84
C ARG A 43 -0.36 11.10 -14.04
N LYS A 44 0.13 10.32 -14.96
CA LYS A 44 -0.55 10.07 -16.22
C LYS A 44 -0.91 8.60 -16.36
N ARG A 45 -0.39 7.80 -15.45
CA ARG A 45 -0.72 6.38 -15.39
C ARG A 45 -2.09 6.19 -14.71
N ASP A 46 -2.58 7.30 -14.12
CA ASP A 46 -3.85 7.34 -13.41
C ASP A 46 -3.86 6.45 -12.17
N SER A 47 -4.92 6.56 -11.41
CA SER A 47 -5.12 5.81 -10.18
C SER A 47 -4.80 4.33 -10.35
N VAL A 48 -3.61 3.98 -9.91
CA VAL A 48 -3.21 2.60 -9.76
C VAL A 48 -3.78 2.10 -8.46
N LYS A 49 -3.90 0.80 -8.29
CA LYS A 49 -4.54 0.29 -7.07
C LYS A 49 -3.74 -0.86 -6.47
N TRP A 50 -3.76 -0.98 -5.14
CA TRP A 50 -3.14 -2.12 -4.46
C TRP A 50 -4.08 -2.76 -3.48
N HIS A 51 -4.67 -3.88 -3.88
CA HIS A 51 -5.55 -4.61 -3.00
C HIS A 51 -4.74 -5.26 -1.87
N TYR A 52 -5.28 -5.18 -0.68
CA TYR A 52 -4.63 -5.61 0.56
C TYR A 52 -4.24 -7.08 0.53
N LEU A 53 -4.99 -7.87 -0.21
CA LEU A 53 -4.73 -9.30 -0.37
C LEU A 53 -3.56 -9.51 -1.31
N CYS A 54 -2.81 -8.46 -1.55
CA CYS A 54 -1.68 -8.54 -2.42
C CYS A 54 -0.44 -7.95 -1.75
N LEU A 55 -0.66 -7.13 -0.71
CA LEU A 55 0.43 -6.49 0.03
C LEU A 55 1.17 -7.50 0.90
N ARG A 56 2.09 -8.26 0.31
CA ARG A 56 2.90 -9.18 1.07
C ARG A 56 3.68 -8.45 2.14
N ARG A 57 4.47 -7.45 1.75
CA ARG A 57 5.28 -6.73 2.74
C ARG A 57 5.25 -5.22 2.53
N TYR A 58 4.76 -4.52 3.53
CA TYR A 58 4.48 -3.10 3.43
C TYR A 58 5.14 -2.34 4.55
N GLY A 59 5.66 -1.17 4.25
CA GLY A 59 6.53 -0.52 5.19
C GLY A 59 6.50 0.98 5.15
N TYR A 60 7.51 1.53 5.77
CA TYR A 60 7.65 2.96 6.03
C TYR A 60 9.08 3.24 6.44
N ASP A 61 9.75 4.18 5.76
CA ASP A 61 11.03 4.66 6.23
C ASP A 61 11.34 6.06 5.75
N SER A 62 11.48 7.01 6.66
CA SER A 62 11.91 8.36 6.33
C SER A 62 11.10 8.92 5.14
N ASN A 63 9.78 8.86 5.26
CA ASN A 63 8.88 9.31 4.20
C ASN A 63 8.99 8.42 2.95
N LEU A 64 9.27 7.15 3.18
CA LEU A 64 9.23 6.13 2.13
C LEU A 64 8.21 5.06 2.58
N PHE A 65 7.07 4.92 1.91
CA PHE A 65 6.11 3.85 2.24
C PHE A 65 6.17 2.79 1.16
N SER A 66 6.17 1.54 1.56
CA SER A 66 6.33 0.47 0.60
C SER A 66 5.30 -0.63 0.82
N PHE A 67 5.17 -1.50 -0.18
CA PHE A 67 4.40 -2.73 -0.08
C PHE A 67 4.84 -3.71 -1.17
N GLU A 68 4.95 -4.99 -0.82
CA GLU A 68 5.24 -6.01 -1.81
C GLU A 68 3.96 -6.56 -2.37
N SER A 69 3.62 -6.19 -3.57
CA SER A 69 2.42 -6.72 -4.19
C SER A 69 2.77 -8.01 -4.93
N GLY A 70 2.04 -9.07 -4.62
CA GLY A 70 2.40 -10.40 -5.11
C GLY A 70 1.89 -10.69 -6.51
N ARG A 71 0.64 -10.35 -6.78
CA ARG A 71 0.03 -10.62 -8.07
C ARG A 71 0.29 -9.47 -9.02
N ARG A 72 -0.35 -9.48 -10.18
CA ARG A 72 -0.20 -8.40 -11.13
C ARG A 72 -0.69 -7.09 -10.56
N CYS A 73 -0.07 -6.03 -11.01
CA CYS A 73 -0.43 -4.70 -10.61
C CYS A 73 0.02 -3.73 -11.68
N GLN A 74 -0.85 -2.76 -11.98
CA GLN A 74 -0.59 -1.73 -13.01
C GLN A 74 0.88 -1.38 -13.16
N THR A 75 1.51 -1.10 -12.04
CA THR A 75 2.89 -0.66 -12.03
C THR A 75 3.62 -1.35 -10.86
N GLY A 76 3.07 -2.52 -10.47
CA GLY A 76 3.44 -3.25 -9.26
C GLY A 76 4.92 -3.21 -8.88
N GLN A 77 5.79 -3.64 -9.79
CA GLN A 77 7.25 -3.68 -9.54
C GLN A 77 7.63 -4.79 -8.54
N GLY A 78 6.64 -5.36 -7.87
CA GLY A 78 6.91 -6.32 -6.80
C GLY A 78 6.99 -5.60 -5.47
N ILE A 79 8.20 -5.44 -4.95
CA ILE A 79 8.41 -4.51 -3.85
C ILE A 79 8.25 -3.09 -4.41
N PHE A 80 7.13 -2.49 -4.16
CA PHE A 80 6.89 -1.14 -4.63
C PHE A 80 6.95 -0.19 -3.46
N ALA A 81 7.75 0.83 -3.60
CA ALA A 81 7.90 1.81 -2.55
C ALA A 81 7.71 3.21 -3.11
N PHE A 82 6.98 4.01 -2.38
CA PHE A 82 6.73 5.37 -2.77
C PHE A 82 7.27 6.26 -1.68
N LYS A 83 7.81 7.37 -2.06
CA LYS A 83 8.32 8.29 -1.11
C LYS A 83 7.16 9.10 -0.56
N CYS A 84 6.52 8.54 0.43
CA CYS A 84 5.31 9.09 0.99
C CYS A 84 5.67 9.78 2.28
N ALA A 85 5.51 11.09 2.36
CA ALA A 85 5.90 11.79 3.58
C ALA A 85 5.02 11.40 4.75
N ARG A 86 3.78 11.03 4.48
CA ARG A 86 2.98 10.35 5.47
C ARG A 86 3.18 8.85 5.34
N ALA A 87 4.40 8.40 5.06
CA ALA A 87 4.70 6.97 4.97
C ALA A 87 4.29 6.29 6.25
N GLU A 88 4.88 6.79 7.32
CA GLU A 88 4.55 6.38 8.68
C GLU A 88 3.05 6.23 8.84
N GLU A 89 2.38 7.34 8.63
CA GLU A 89 0.94 7.45 8.71
C GLU A 89 0.26 6.46 7.77
N LEU A 90 0.69 6.46 6.53
CA LEU A 90 0.14 5.64 5.49
C LEU A 90 0.34 4.18 5.80
N PHE A 91 1.59 3.77 5.88
CA PHE A 91 1.93 2.41 6.21
C PHE A 91 1.10 1.96 7.42
N ASN A 92 1.16 2.74 8.49
CA ASN A 92 0.35 2.53 9.69
C ASN A 92 -1.10 2.36 9.35
N MET A 93 -1.71 3.39 8.81
CA MET A 93 -3.12 3.38 8.48
C MET A 93 -3.43 2.08 7.75
N LEU A 94 -2.67 1.84 6.69
CA LEU A 94 -2.69 0.57 5.98
C LEU A 94 -2.64 -0.63 6.92
N GLN A 95 -1.61 -0.75 7.77
CA GLN A 95 -1.51 -1.91 8.66
C GLN A 95 -2.77 -2.01 9.54
N GLU A 96 -3.29 -0.87 9.99
CA GLU A 96 -4.50 -0.86 10.81
C GLU A 96 -5.71 -1.28 9.98
N ILE A 97 -5.87 -0.69 8.81
CA ILE A 97 -6.95 -1.08 7.92
C ILE A 97 -6.88 -2.58 7.69
N MET A 98 -5.66 -3.08 7.53
CA MET A 98 -5.41 -4.49 7.39
C MET A 98 -5.97 -5.26 8.59
N GLN A 99 -5.67 -4.75 9.78
CA GLN A 99 -6.08 -5.37 11.02
C GLN A 99 -7.59 -5.27 11.24
N ASN A 100 -8.12 -4.10 10.94
CA ASN A 100 -9.48 -3.73 11.34
C ASN A 100 -10.52 -4.07 10.27
N ASN A 101 -10.09 -4.34 9.04
CA ASN A 101 -11.04 -4.69 7.99
C ASN A 101 -11.01 -6.15 7.67
N SER A 102 -9.85 -6.77 7.85
CA SER A 102 -9.60 -8.16 7.43
C SER A 102 -9.58 -8.24 5.90
N ILE A 103 -10.28 -7.30 5.26
CA ILE A 103 -10.22 -7.07 3.84
C ILE A 103 -11.02 -8.09 3.04
N ASN A 104 -12.24 -7.69 2.71
CA ASN A 104 -13.13 -8.48 1.88
C ASN A 104 -13.69 -7.58 0.79
N VAL A 105 -13.95 -8.17 -0.37
CA VAL A 105 -14.66 -7.48 -1.43
C VAL A 105 -15.87 -8.34 -1.80
N VAL A 106 -16.53 -8.82 -0.75
CA VAL A 106 -17.56 -9.85 -0.83
C VAL A 106 -16.95 -11.19 -1.23
N GLU A 107 -17.64 -12.27 -0.88
CA GLU A 107 -17.24 -13.63 -1.22
C GLU A 107 -15.82 -13.95 -0.77
N GLU A 108 -15.67 -14.31 0.50
CA GLU A 108 -14.39 -14.78 1.01
C GLU A 108 -13.91 -15.95 0.18
N PRO A 109 -12.67 -15.89 -0.34
CA PRO A 109 -12.08 -16.98 -1.11
C PRO A 109 -11.75 -18.20 -0.25
N VAL A 110 -12.72 -18.63 0.56
CA VAL A 110 -12.61 -19.82 1.39
C VAL A 110 -11.50 -19.69 2.41
N VAL A 111 -11.89 -19.42 3.64
CA VAL A 111 -10.91 -19.30 4.72
C VAL A 111 -10.14 -20.62 4.88
N GLU A 112 -8.82 -20.51 4.73
CA GLU A 112 -7.94 -21.67 4.75
C GLU A 112 -8.27 -22.59 3.57
N ARG A 113 -7.77 -22.23 2.39
CA ARG A 113 -8.06 -22.98 1.18
C ARG A 113 -7.04 -24.12 1.02
N ASN A 114 -6.79 -24.81 2.11
CA ASN A 114 -5.92 -25.97 2.11
C ASN A 114 -6.04 -26.69 3.45
N ASN A 115 -7.17 -27.32 3.67
CA ASN A 115 -7.44 -28.05 4.90
C ASN A 115 -8.71 -28.86 4.75
N GLY B 1 13.79 -12.85 1.77
CA GLY B 1 13.65 -11.64 0.93
C GLY B 1 13.87 -10.38 1.74
N PRO B 2 13.88 -9.21 1.09
CA PRO B 2 14.13 -7.94 1.74
C PRO B 2 12.88 -7.39 2.42
N ASP B 3 12.75 -7.66 3.72
CA ASP B 3 11.65 -7.10 4.50
C ASP B 3 11.91 -5.66 4.84
N ALA B 4 13.07 -5.21 4.48
CA ALA B 4 13.28 -3.80 4.25
C ALA B 4 13.54 -3.62 2.78
N VAL B 5 12.73 -2.80 2.17
CA VAL B 5 12.91 -2.45 0.78
C VAL B 5 13.86 -1.30 0.69
N ILE B 6 15.02 -1.52 0.13
CA ILE B 6 15.96 -0.45 0.16
C ILE B 6 15.84 0.28 -1.14
N ILE B 7 14.86 1.16 -1.22
CA ILE B 7 14.59 1.84 -2.45
C ILE B 7 15.45 3.08 -2.52
N GLY B 8 16.63 2.88 -3.08
CA GLY B 8 17.61 3.94 -3.29
C GLY B 8 17.77 4.86 -2.09
N MET B 9 17.03 5.95 -2.13
CA MET B 9 17.01 6.94 -1.09
C MET B 9 16.90 6.32 0.29
N THR B 10 15.99 5.36 0.46
CA THR B 10 15.73 4.85 1.79
C THR B 10 15.40 3.36 1.84
N LYS B 11 15.83 2.73 2.93
CA LYS B 11 15.49 1.37 3.24
C LYS B 11 14.21 1.29 4.04
N ILE B 12 13.19 0.68 3.44
CA ILE B 12 11.88 0.60 4.05
C ILE B 12 11.69 -0.69 4.80
N PRO B 13 11.68 -0.60 6.11
CA PRO B 13 11.45 -1.75 6.94
C PRO B 13 9.96 -2.07 6.95
N VAL B 14 9.61 -3.00 6.09
CA VAL B 14 8.23 -3.38 5.87
C VAL B 14 7.82 -4.53 6.79
N ILE B 15 6.52 -4.73 6.85
CA ILE B 15 5.91 -5.78 7.64
C ILE B 15 5.01 -6.59 6.73
N GLU B 16 4.61 -7.76 7.17
CA GLU B 16 3.86 -8.65 6.30
C GLU B 16 2.40 -8.73 6.71
N ASN B 17 1.53 -8.76 5.70
CA ASN B 17 0.08 -8.60 5.87
C ASN B 17 -0.55 -9.76 6.63
N PRO B 18 -1.64 -9.48 7.37
CA PRO B 18 -2.48 -10.51 7.97
C PRO B 18 -3.53 -11.06 7.00
N GLN B 19 -3.68 -10.40 5.85
CA GLN B 19 -4.73 -10.73 4.89
C GLN B 19 -4.62 -12.17 4.39
N PTR B 20 -3.39 -12.60 4.15
CA PTR B 20 -3.12 -13.93 3.64
C PTR B 20 -3.51 -15.01 4.65
O PTR B 20 -3.79 -16.14 4.27
CB PTR B 20 -1.64 -14.06 3.26
CG PTR B 20 -1.31 -13.42 1.94
CD1 PTR B 20 -2.08 -12.36 1.44
CD2 PTR B 20 -0.25 -13.86 1.18
CE1 PTR B 20 -1.80 -11.79 0.23
CE2 PTR B 20 0.05 -13.29 -0.05
CZ PTR B 20 -0.73 -12.26 -0.51
OH PTR B 20 -0.45 -11.71 -1.74
P PTR B 20 -0.86 -12.60 -3.04
O1P PTR B 20 -2.24 -13.12 -2.70
O2P PTR B 20 0.32 -13.64 -3.16
O3P PTR B 20 -0.98 -11.56 -4.14
H PTR B 20 -2.63 -11.99 4.32
HA PTR B 20 -3.71 -14.07 2.75
HB2 PTR B 20 -1.04 -13.58 4.02
HB3 PTR B 20 -1.38 -15.11 3.20
HD1 PTR B 20 -2.91 -11.99 2.01
HD2 PTR B 20 0.36 -14.68 1.54
HE1 PTR B 20 -2.42 -10.97 -0.13
HE2 PTR B 20 0.88 -13.65 -0.63
HO2P PTR B 20 0.02 -14.51 -2.91
N PHE B 21 -3.51 -14.64 5.91
CA PHE B 21 -3.96 -15.56 6.95
C PHE B 21 -5.45 -15.38 7.20
N GLY B 22 -5.92 -14.15 7.07
CA GLY B 22 -7.32 -13.85 7.26
C GLY B 22 -7.52 -12.85 8.37
N ILE B 23 -7.86 -13.36 9.54
CA ILE B 23 -8.02 -12.52 10.72
C ILE B 23 -7.58 -13.29 11.96
N SER A 1 -24.67 15.40 1.85
CA SER A 1 -24.14 14.03 1.89
C SER A 1 -22.63 14.05 2.03
N HIS A 2 -22.08 13.04 2.69
CA HIS A 2 -20.64 12.89 2.83
C HIS A 2 -20.28 11.42 2.72
N MET A 3 -21.08 10.68 1.98
CA MET A 3 -20.87 9.25 1.80
C MET A 3 -19.55 8.99 1.07
N ASP A 4 -19.51 9.39 -0.19
CA ASP A 4 -18.34 9.19 -1.02
C ASP A 4 -17.88 10.52 -1.59
N THR A 5 -18.08 11.58 -0.80
CA THR A 5 -17.61 12.89 -1.15
C THR A 5 -16.11 12.97 -0.92
N VAL A 6 -15.38 12.06 -1.55
CA VAL A 6 -13.97 11.91 -1.26
C VAL A 6 -13.13 12.97 -1.94
N PRO A 7 -12.32 13.61 -1.11
CA PRO A 7 -11.45 14.71 -1.50
C PRO A 7 -10.09 14.24 -2.01
N ASP A 8 -9.29 15.20 -2.44
CA ASP A 8 -7.92 14.92 -2.87
C ASP A 8 -7.01 14.90 -1.65
N ASN A 9 -7.55 15.30 -0.50
CA ASN A 9 -6.83 15.24 0.76
C ASN A 9 -7.77 14.94 1.93
N HIS A 10 -7.85 13.67 2.28
CA HIS A 10 -8.44 13.25 3.56
C HIS A 10 -7.40 12.38 4.25
N ARG A 11 -7.69 11.89 5.45
CA ARG A 11 -6.71 11.11 6.20
C ARG A 11 -6.06 10.05 5.34
N ASN A 12 -6.90 9.31 4.66
CA ASN A 12 -6.47 8.13 3.95
C ASN A 12 -5.90 8.49 2.57
N LYS A 13 -6.10 9.72 2.14
CA LYS A 13 -5.54 10.19 0.86
C LYS A 13 -4.20 10.84 1.10
N PHE A 14 -3.16 10.13 0.73
CA PHE A 14 -1.82 10.64 0.89
C PHE A 14 -1.10 10.79 -0.45
N LYS A 15 -0.61 11.99 -0.71
CA LYS A 15 0.22 12.21 -1.87
C LYS A 15 1.61 11.63 -1.64
N VAL A 16 1.87 10.50 -2.27
CA VAL A 16 3.14 9.83 -2.15
C VAL A 16 3.99 10.16 -3.37
N ILE A 17 5.12 9.52 -3.46
CA ILE A 17 5.95 9.60 -4.64
C ILE A 17 6.31 8.22 -5.11
N ASN A 18 5.91 7.81 -6.28
CA ASN A 18 6.34 6.50 -6.72
C ASN A 18 7.82 6.56 -7.13
N VAL A 19 8.65 5.94 -6.29
CA VAL A 19 10.10 5.97 -6.42
C VAL A 19 10.61 4.54 -6.59
N ASP A 20 11.47 4.27 -7.56
CA ASP A 20 11.85 2.86 -7.76
C ASP A 20 13.35 2.63 -7.78
N ASP A 21 13.77 1.71 -6.89
CA ASP A 21 15.16 1.23 -6.76
C ASP A 21 16.19 2.35 -6.56
N ASP A 22 15.74 3.59 -6.44
CA ASP A 22 16.66 4.71 -6.22
C ASP A 22 16.04 5.72 -5.27
N GLY A 23 14.78 5.48 -4.91
CA GLY A 23 14.02 6.44 -4.13
C GLY A 23 13.82 7.71 -4.91
N ASN A 24 13.92 7.59 -6.23
CA ASN A 24 13.79 8.73 -7.11
C ASN A 24 12.35 8.90 -7.49
N GLU A 25 11.83 10.10 -7.28
CA GLU A 25 10.48 10.42 -7.67
C GLU A 25 10.27 10.18 -9.15
N LEU A 26 9.96 8.94 -9.50
CA LEU A 26 9.69 8.55 -10.88
C LEU A 26 8.24 8.87 -11.19
N GLY A 27 7.80 9.95 -10.58
CA GLY A 27 6.43 10.36 -10.60
C GLY A 27 5.91 10.43 -9.19
N SER A 28 5.28 11.52 -8.81
CA SER A 28 4.73 11.56 -7.49
C SER A 28 3.25 11.20 -7.53
N GLY A 29 2.90 10.15 -6.80
CA GLY A 29 1.56 9.62 -6.88
C GLY A 29 0.72 9.99 -5.68
N ILE A 30 -0.46 9.43 -5.60
CA ILE A 30 -1.24 9.38 -4.38
C ILE A 30 -1.12 8.00 -3.82
N MET A 31 -1.55 7.80 -2.62
CA MET A 31 -1.75 6.50 -2.09
C MET A 31 -2.99 6.56 -1.22
N GLU A 32 -4.10 6.29 -1.87
CA GLU A 32 -5.42 6.36 -1.30
C GLU A 32 -5.67 5.12 -0.46
N LEU A 33 -5.50 5.24 0.83
CA LEU A 33 -5.62 4.10 1.69
C LEU A 33 -7.06 3.78 2.03
N THR A 34 -7.63 2.79 1.37
CA THR A 34 -8.98 2.38 1.70
C THR A 34 -8.98 1.00 2.35
N ASP A 35 -10.18 0.43 2.51
CA ASP A 35 -10.34 -0.88 3.15
C ASP A 35 -9.44 -1.91 2.56
N THR A 36 -9.48 -2.03 1.26
CA THR A 36 -8.77 -3.11 0.65
C THR A 36 -7.93 -2.67 -0.52
N GLU A 37 -8.09 -1.46 -0.98
CA GLU A 37 -7.34 -1.03 -2.14
C GLU A 37 -6.58 0.25 -1.88
N LEU A 38 -5.29 0.15 -2.06
CA LEU A 38 -4.39 1.26 -1.98
C LEU A 38 -4.35 1.95 -3.33
N ILE A 39 -5.23 2.92 -3.49
CA ILE A 39 -5.38 3.57 -4.77
C ILE A 39 -4.28 4.64 -4.94
N LEU A 40 -3.17 4.25 -5.55
CA LEU A 40 -2.07 5.17 -5.82
C LEU A 40 -2.44 6.04 -7.03
N TYR A 41 -2.51 7.34 -6.87
CA TYR A 41 -2.83 8.14 -8.04
C TYR A 41 -1.53 8.59 -8.69
N THR A 42 -1.12 7.86 -9.70
CA THR A 42 0.15 8.13 -10.36
C THR A 42 0.15 9.48 -11.06
N ARG A 43 1.30 9.88 -11.56
CA ARG A 43 1.38 11.15 -12.26
C ARG A 43 0.61 11.09 -13.56
N LYS A 44 1.11 10.31 -14.50
CA LYS A 44 0.48 10.22 -15.81
C LYS A 44 -0.05 8.82 -16.13
N ARG A 45 -0.10 7.94 -15.15
CA ARG A 45 -0.47 6.56 -15.40
C ARG A 45 -1.98 6.36 -15.24
N ASP A 46 -2.50 6.82 -14.09
CA ASP A 46 -3.91 6.69 -13.70
C ASP A 46 -4.01 6.75 -12.18
N SER A 47 -5.05 6.16 -11.69
CA SER A 47 -5.16 5.75 -10.31
C SER A 47 -4.86 4.26 -10.27
N VAL A 48 -3.66 3.93 -9.87
CA VAL A 48 -3.26 2.56 -9.71
C VAL A 48 -3.81 2.08 -8.39
N LYS A 49 -3.91 0.79 -8.21
CA LYS A 49 -4.53 0.29 -6.98
C LYS A 49 -3.74 -0.86 -6.40
N TRP A 50 -3.67 -0.95 -5.08
CA TRP A 50 -3.08 -2.10 -4.44
C TRP A 50 -4.02 -2.74 -3.45
N HIS A 51 -4.68 -3.80 -3.89
CA HIS A 51 -5.55 -4.53 -3.03
C HIS A 51 -4.73 -5.21 -1.91
N TYR A 52 -5.28 -5.15 -0.71
CA TYR A 52 -4.62 -5.60 0.52
C TYR A 52 -4.24 -7.07 0.50
N LEU A 53 -4.95 -7.84 -0.31
CA LEU A 53 -4.69 -9.26 -0.45
C LEU A 53 -3.51 -9.47 -1.39
N CYS A 54 -2.77 -8.42 -1.61
CA CYS A 54 -1.64 -8.47 -2.49
C CYS A 54 -0.40 -7.90 -1.82
N LEU A 55 -0.59 -7.11 -0.77
CA LEU A 55 0.51 -6.48 -0.05
C LEU A 55 1.31 -7.51 0.76
N ARG A 56 2.23 -8.21 0.11
CA ARG A 56 3.13 -9.13 0.81
C ARG A 56 3.82 -8.40 1.97
N ARG A 57 4.65 -7.42 1.63
CA ARG A 57 5.39 -6.71 2.66
C ARG A 57 5.33 -5.21 2.49
N TYR A 58 4.79 -4.53 3.50
CA TYR A 58 4.49 -3.11 3.40
C TYR A 58 5.10 -2.36 4.55
N GLY A 59 5.59 -1.15 4.29
CA GLY A 59 6.44 -0.50 5.24
C GLY A 59 6.42 0.98 5.21
N TYR A 60 7.42 1.51 5.89
CA TYR A 60 7.58 2.92 6.14
C TYR A 60 9.02 3.17 6.56
N ASP A 61 9.66 4.08 5.90
CA ASP A 61 10.88 4.66 6.38
C ASP A 61 10.88 6.13 6.00
N SER A 62 11.85 6.92 6.48
CA SER A 62 12.01 8.32 6.12
C SER A 62 11.26 8.72 4.84
N ASN A 63 10.02 9.21 5.01
CA ASN A 63 9.10 9.56 3.90
C ASN A 63 9.13 8.53 2.76
N LEU A 64 9.21 7.27 3.10
CA LEU A 64 9.19 6.18 2.15
C LEU A 64 8.17 5.12 2.64
N PHE A 65 7.05 4.95 1.95
CA PHE A 65 6.11 3.89 2.30
C PHE A 65 6.15 2.83 1.23
N SER A 66 6.15 1.58 1.62
CA SER A 66 6.33 0.51 0.66
C SER A 66 5.31 -0.60 0.83
N PHE A 67 5.23 -1.45 -0.18
CA PHE A 67 4.49 -2.70 -0.11
C PHE A 67 4.98 -3.64 -1.23
N GLU A 68 5.17 -4.91 -0.92
CA GLU A 68 5.53 -5.89 -1.92
C GLU A 68 4.28 -6.54 -2.47
N SER A 69 3.84 -6.14 -3.63
CA SER A 69 2.62 -6.69 -4.19
C SER A 69 2.93 -7.96 -4.98
N GLY A 70 2.23 -9.04 -4.64
CA GLY A 70 2.50 -10.33 -5.26
C GLY A 70 1.88 -10.45 -6.64
N ARG A 71 0.59 -10.19 -6.72
CA ARG A 71 -0.10 -10.19 -8.00
C ARG A 71 0.19 -8.88 -8.72
N ARG A 72 0.54 -8.97 -10.00
CA ARG A 72 0.97 -7.80 -10.75
C ARG A 72 -0.08 -6.71 -10.76
N CYS A 73 0.42 -5.50 -10.90
CA CYS A 73 -0.40 -4.30 -10.84
C CYS A 73 -0.18 -3.49 -12.11
N GLN A 74 -0.74 -2.29 -12.19
CA GLN A 74 -0.39 -1.35 -13.26
C GLN A 74 1.11 -1.23 -13.35
N THR A 75 1.63 -0.81 -12.22
CA THR A 75 2.98 -0.35 -12.10
C THR A 75 3.64 -1.01 -10.88
N GLY A 76 3.03 -2.09 -10.41
CA GLY A 76 3.54 -2.82 -9.26
C GLY A 76 3.85 -4.24 -9.60
N GLN A 77 5.11 -4.52 -9.83
CA GLN A 77 5.56 -5.86 -10.19
C GLN A 77 6.07 -6.61 -8.97
N GLY A 78 6.50 -5.87 -7.96
CA GLY A 78 7.03 -6.48 -6.75
C GLY A 78 7.03 -5.51 -5.58
N ILE A 79 8.20 -5.31 -4.97
CA ILE A 79 8.33 -4.27 -3.96
C ILE A 79 8.24 -2.91 -4.62
N PHE A 80 7.12 -2.27 -4.44
CA PHE A 80 6.92 -0.95 -4.99
C PHE A 80 6.75 0.03 -3.85
N ALA A 81 7.81 0.77 -3.61
CA ALA A 81 7.83 1.72 -2.54
C ALA A 81 7.58 3.12 -3.09
N PHE A 82 6.92 3.94 -2.31
CA PHE A 82 6.65 5.30 -2.69
C PHE A 82 7.16 6.20 -1.62
N LYS A 83 7.80 7.25 -2.05
CA LYS A 83 8.33 8.20 -1.14
C LYS A 83 7.16 9.04 -0.62
N CYS A 84 6.54 8.53 0.42
CA CYS A 84 5.36 9.15 0.99
C CYS A 84 5.77 9.90 2.24
N ALA A 85 5.52 11.20 2.29
CA ALA A 85 5.91 11.96 3.46
C ALA A 85 5.05 11.61 4.66
N ARG A 86 3.88 11.05 4.40
CA ARG A 86 3.08 10.40 5.43
C ARG A 86 3.27 8.90 5.34
N ALA A 87 4.46 8.45 4.99
CA ALA A 87 4.77 7.03 4.91
C ALA A 87 4.35 6.32 6.18
N GLU A 88 4.92 6.79 7.26
CA GLU A 88 4.60 6.29 8.61
C GLU A 88 3.10 6.17 8.80
N GLU A 89 2.45 7.30 8.66
CA GLU A 89 1.01 7.41 8.72
C GLU A 89 0.34 6.43 7.77
N LEU A 90 0.74 6.47 6.52
CA LEU A 90 0.19 5.65 5.49
C LEU A 90 0.38 4.19 5.79
N PHE A 91 1.62 3.78 5.93
CA PHE A 91 1.93 2.41 6.26
C PHE A 91 1.08 1.96 7.45
N ASN A 92 1.15 2.73 8.54
CA ASN A 92 0.35 2.49 9.75
C ASN A 92 -1.11 2.32 9.41
N MET A 93 -1.70 3.35 8.84
CA MET A 93 -3.10 3.34 8.46
C MET A 93 -3.38 2.07 7.68
N LEU A 94 -2.59 1.84 6.66
CA LEU A 94 -2.59 0.58 5.92
C LEU A 94 -2.61 -0.64 6.85
N GLN A 95 -1.61 -0.80 7.72
CA GLN A 95 -1.55 -1.97 8.60
C GLN A 95 -2.82 -2.04 9.47
N GLU A 96 -3.30 -0.87 9.90
CA GLU A 96 -4.51 -0.77 10.72
C GLU A 96 -5.72 -1.18 9.92
N ILE A 97 -5.88 -0.59 8.75
CA ILE A 97 -6.95 -0.96 7.84
C ILE A 97 -6.89 -2.47 7.61
N MET A 98 -5.68 -2.99 7.46
CA MET A 98 -5.45 -4.41 7.31
C MET A 98 -6.04 -5.20 8.46
N GLN A 99 -5.83 -4.69 9.67
CA GLN A 99 -6.32 -5.34 10.87
C GLN A 99 -7.84 -5.24 10.97
N ASN A 100 -8.33 -4.03 10.74
CA ASN A 100 -9.68 -3.66 11.11
C ASN A 100 -10.72 -3.92 10.02
N ASN A 101 -10.28 -4.11 8.78
CA ASN A 101 -11.23 -4.30 7.68
C ASN A 101 -11.37 -5.76 7.32
N SER A 102 -10.36 -6.55 7.69
CA SER A 102 -10.28 -7.98 7.33
C SER A 102 -10.01 -8.14 5.84
N ILE A 103 -10.54 -7.20 5.07
CA ILE A 103 -10.25 -7.07 3.66
C ILE A 103 -10.90 -8.17 2.82
N ASN A 104 -12.16 -7.92 2.49
CA ASN A 104 -12.86 -8.73 1.53
C ASN A 104 -13.67 -7.81 0.63
N VAL A 105 -13.59 -8.04 -0.66
CA VAL A 105 -14.35 -7.29 -1.64
C VAL A 105 -15.31 -8.25 -2.31
N VAL A 106 -15.99 -9.02 -1.46
CA VAL A 106 -16.74 -10.21 -1.85
C VAL A 106 -15.79 -11.25 -2.44
N GLU A 107 -16.32 -12.43 -2.76
CA GLU A 107 -15.52 -13.51 -3.34
C GLU A 107 -14.35 -13.87 -2.45
N GLU A 108 -14.68 -14.40 -1.30
CA GLU A 108 -13.69 -14.78 -0.31
C GLU A 108 -13.10 -16.14 -0.68
N PRO A 109 -11.88 -16.44 -0.22
CA PRO A 109 -11.31 -17.77 -0.39
C PRO A 109 -12.29 -18.82 0.09
N VAL A 110 -12.60 -18.74 1.37
CA VAL A 110 -13.59 -19.60 2.00
C VAL A 110 -14.25 -18.81 3.11
N VAL A 111 -15.57 -18.75 3.06
CA VAL A 111 -16.33 -18.10 4.12
C VAL A 111 -15.99 -18.74 5.46
N GLU A 112 -15.61 -17.90 6.43
CA GLU A 112 -15.17 -18.34 7.75
C GLU A 112 -13.75 -18.92 7.68
N ARG A 113 -13.39 -19.49 6.54
CA ARG A 113 -12.09 -20.12 6.33
C ARG A 113 -11.90 -21.22 7.36
N ASN A 114 -12.80 -22.18 7.34
CA ASN A 114 -12.79 -23.27 8.29
C ASN A 114 -11.71 -24.29 7.94
N ASN A 115 -11.42 -25.17 8.87
CA ASN A 115 -10.43 -26.22 8.67
C ASN A 115 -10.79 -27.43 9.50
N GLY B 1 14.05 -9.02 -2.28
CA GLY B 1 15.01 -8.63 -1.22
C GLY B 1 14.50 -8.99 0.16
N PRO B 2 15.04 -8.35 1.21
CA PRO B 2 14.57 -8.54 2.57
C PRO B 2 13.26 -7.80 2.79
N ASP B 3 12.77 -7.75 4.01
CA ASP B 3 11.58 -6.98 4.29
C ASP B 3 11.86 -5.50 4.09
N ALA B 4 12.92 -4.99 4.68
CA ALA B 4 13.26 -3.62 4.41
C ALA B 4 13.59 -3.48 2.95
N VAL B 5 12.78 -2.68 2.29
CA VAL B 5 12.97 -2.36 0.90
C VAL B 5 13.90 -1.19 0.82
N ILE B 6 15.05 -1.37 0.27
CA ILE B 6 15.96 -0.28 0.30
C ILE B 6 15.83 0.47 -0.99
N ILE B 7 14.82 1.30 -1.06
CA ILE B 7 14.54 1.97 -2.30
C ILE B 7 15.41 3.21 -2.37
N GLY B 8 16.61 2.98 -2.94
CA GLY B 8 17.60 4.03 -3.12
C GLY B 8 17.77 4.95 -1.94
N MET B 9 17.04 6.06 -1.99
CA MET B 9 17.04 7.07 -0.98
C MET B 9 16.91 6.47 0.42
N THR B 10 16.00 5.53 0.59
CA THR B 10 15.68 5.05 1.92
C THR B 10 15.36 3.56 1.99
N LYS B 11 15.81 2.95 3.08
CA LYS B 11 15.47 1.57 3.39
C LYS B 11 14.17 1.47 4.17
N ILE B 12 13.19 0.81 3.58
CA ILE B 12 11.88 0.70 4.15
C ILE B 12 11.67 -0.59 4.89
N PRO B 13 11.70 -0.53 6.19
CA PRO B 13 11.49 -1.69 7.02
C PRO B 13 10.00 -2.02 7.03
N VAL B 14 9.63 -2.95 6.18
CA VAL B 14 8.24 -3.30 6.01
C VAL B 14 7.82 -4.46 6.89
N ILE B 15 6.52 -4.71 6.90
CA ILE B 15 5.91 -5.80 7.63
C ILE B 15 5.01 -6.57 6.67
N GLU B 16 4.65 -7.80 7.00
CA GLU B 16 3.86 -8.61 6.08
C GLU B 16 2.40 -8.64 6.51
N ASN B 17 1.52 -8.76 5.52
CA ASN B 17 0.08 -8.57 5.71
C ASN B 17 -0.57 -9.73 6.47
N PRO B 18 -1.62 -9.42 7.25
CA PRO B 18 -2.46 -10.43 7.89
C PRO B 18 -3.53 -10.97 6.94
N GLN B 19 -3.70 -10.32 5.79
CA GLN B 19 -4.77 -10.66 4.84
C GLN B 19 -4.65 -12.10 4.35
N PTR B 20 -3.42 -12.53 4.10
CA PTR B 20 -3.16 -13.87 3.59
C PTR B 20 -3.52 -14.93 4.64
O PTR B 20 -3.69 -16.10 4.31
CB PTR B 20 -1.69 -14.02 3.19
CG PTR B 20 -1.29 -13.23 1.96
CD1 PTR B 20 -2.14 -12.30 1.36
CD2 PTR B 20 -0.04 -13.43 1.38
CE1 PTR B 20 -1.75 -11.60 0.24
CE2 PTR B 20 0.35 -12.73 0.26
CZ PTR B 20 -0.51 -11.82 -0.32
OH PTR B 20 -0.13 -11.13 -1.44
P PTR B 20 -0.19 -11.93 -2.85
O1P PTR B 20 -1.43 -12.78 -2.76
O2P PTR B 20 1.22 -12.65 -2.95
O3P PTR B 20 -0.45 -10.82 -3.86
H PTR B 20 -2.66 -11.92 4.25
HA PTR B 20 -3.78 -14.02 2.72
HB2 PTR B 20 -1.07 -13.68 4.01
HB3 PTR B 20 -1.48 -15.06 3.00
HD1 PTR B 20 -3.10 -12.13 1.78
HD2 PTR B 20 0.63 -14.15 1.82
HE1 PTR B 20 -2.44 -10.88 -0.20
HE2 PTR B 20 1.32 -12.91 -0.18
HO2P PTR B 20 1.15 -13.56 -2.67
N PHE B 21 -3.64 -14.50 5.89
CA PHE B 21 -3.94 -15.43 6.97
C PHE B 21 -5.33 -15.15 7.55
N GLY B 22 -5.93 -14.04 7.12
CA GLY B 22 -7.20 -13.63 7.68
C GLY B 22 -7.04 -13.01 9.06
N ILE B 23 -6.45 -13.78 9.96
CA ILE B 23 -6.19 -13.34 11.32
C ILE B 23 -4.69 -13.42 11.60
N SER A 1 -20.92 9.67 -6.47
CA SER A 1 -20.25 10.70 -5.65
C SER A 1 -18.93 10.17 -5.10
N HIS A 2 -18.05 11.09 -4.72
CA HIS A 2 -16.78 10.74 -4.04
C HIS A 2 -15.94 9.78 -4.86
N MET A 3 -15.29 10.30 -5.88
CA MET A 3 -14.29 9.53 -6.62
C MET A 3 -12.92 10.08 -6.27
N ASP A 4 -12.60 11.24 -6.83
CA ASP A 4 -11.43 11.99 -6.42
C ASP A 4 -11.88 13.38 -6.02
N THR A 5 -13.20 13.50 -5.83
CA THR A 5 -13.79 14.70 -5.27
C THR A 5 -13.59 14.69 -3.77
N VAL A 6 -12.34 14.45 -3.40
CA VAL A 6 -11.96 14.12 -2.05
C VAL A 6 -11.52 15.37 -1.29
N PRO A 7 -11.66 15.33 0.04
CA PRO A 7 -11.20 16.40 0.91
C PRO A 7 -9.70 16.52 0.80
N ASP A 8 -9.23 17.74 0.54
CA ASP A 8 -7.84 17.99 0.12
C ASP A 8 -6.83 17.25 1.00
N ASN A 9 -6.41 16.10 0.50
CA ASN A 9 -5.52 15.19 1.22
C ASN A 9 -5.94 14.96 2.66
N HIS A 10 -7.09 14.34 2.83
CA HIS A 10 -7.52 13.91 4.16
C HIS A 10 -6.69 12.70 4.55
N ARG A 11 -6.88 12.19 5.76
CA ARG A 11 -6.02 11.14 6.30
C ARG A 11 -5.78 10.03 5.30
N ASN A 12 -6.84 9.41 4.83
CA ASN A 12 -6.72 8.20 4.02
C ASN A 12 -6.46 8.50 2.54
N LYS A 13 -6.03 9.71 2.23
CA LYS A 13 -5.62 10.07 0.88
C LYS A 13 -4.30 10.81 0.97
N PHE A 14 -3.23 10.12 0.64
CA PHE A 14 -1.90 10.67 0.84
C PHE A 14 -1.17 10.86 -0.47
N LYS A 15 -0.61 12.03 -0.66
CA LYS A 15 0.25 12.29 -1.80
C LYS A 15 1.62 11.69 -1.55
N VAL A 16 1.89 10.57 -2.20
CA VAL A 16 3.16 9.90 -2.08
C VAL A 16 4.03 10.26 -3.27
N ILE A 17 5.18 9.66 -3.37
CA ILE A 17 6.00 9.82 -4.55
C ILE A 17 6.38 8.46 -5.08
N ASN A 18 5.85 8.03 -6.21
CA ASN A 18 6.24 6.74 -6.72
C ASN A 18 7.72 6.80 -7.13
N VAL A 19 8.52 6.02 -6.41
CA VAL A 19 9.96 6.07 -6.55
C VAL A 19 10.47 4.65 -6.70
N ASP A 20 11.29 4.39 -7.72
CA ASP A 20 11.66 3.01 -7.99
C ASP A 20 13.15 2.79 -8.03
N ASP A 21 13.59 1.83 -7.21
CA ASP A 21 14.97 1.32 -7.19
C ASP A 21 16.03 2.40 -6.97
N ASP A 22 15.59 3.62 -6.70
CA ASP A 22 16.51 4.72 -6.46
C ASP A 22 15.91 5.69 -5.46
N GLY A 23 14.65 5.45 -5.11
CA GLY A 23 13.87 6.41 -4.36
C GLY A 23 13.66 7.65 -5.21
N ASN A 24 13.80 7.47 -6.51
CA ASN A 24 13.65 8.55 -7.46
C ASN A 24 12.20 8.76 -7.78
N GLU A 25 11.70 9.95 -7.51
CA GLU A 25 10.35 10.33 -7.91
C GLU A 25 10.13 10.10 -9.41
N LEU A 26 9.77 8.88 -9.76
CA LEU A 26 9.51 8.50 -11.15
C LEU A 26 8.07 8.79 -11.50
N GLY A 27 7.50 9.74 -10.78
CA GLY A 27 6.10 10.06 -10.91
C GLY A 27 5.43 10.07 -9.56
N SER A 28 5.57 11.16 -8.84
CA SER A 28 5.03 11.24 -7.49
C SER A 28 3.51 11.08 -7.53
N GLY A 29 3.01 10.16 -6.71
CA GLY A 29 1.63 9.73 -6.82
C GLY A 29 0.79 10.11 -5.61
N ILE A 30 -0.39 9.54 -5.55
CA ILE A 30 -1.16 9.49 -4.32
C ILE A 30 -1.05 8.05 -3.83
N MET A 31 -1.36 7.84 -2.60
CA MET A 31 -1.61 6.51 -2.13
C MET A 31 -2.89 6.55 -1.32
N GLU A 32 -3.97 6.19 -2.00
CA GLU A 32 -5.29 6.27 -1.44
C GLU A 32 -5.52 5.06 -0.56
N LEU A 33 -5.40 5.25 0.74
CA LEU A 33 -5.58 4.14 1.64
C LEU A 33 -7.04 3.92 1.97
N THR A 34 -7.62 2.90 1.37
CA THR A 34 -8.98 2.54 1.68
C THR A 34 -9.03 1.17 2.35
N ASP A 35 -10.22 0.56 2.37
CA ASP A 35 -10.44 -0.73 3.01
C ASP A 35 -9.55 -1.77 2.41
N THR A 36 -9.57 -1.90 1.11
CA THR A 36 -8.90 -3.00 0.51
C THR A 36 -7.98 -2.61 -0.63
N GLU A 37 -8.12 -1.41 -1.15
CA GLU A 37 -7.25 -1.02 -2.25
C GLU A 37 -6.51 0.26 -1.96
N LEU A 38 -5.22 0.14 -2.15
CA LEU A 38 -4.30 1.24 -2.08
C LEU A 38 -4.23 1.93 -3.43
N ILE A 39 -5.07 2.92 -3.61
CA ILE A 39 -5.20 3.57 -4.90
C ILE A 39 -4.11 4.63 -5.07
N LEU A 40 -3.00 4.25 -5.68
CA LEU A 40 -1.88 5.14 -5.93
C LEU A 40 -2.17 6.05 -7.12
N TYR A 41 -2.38 7.33 -6.91
CA TYR A 41 -2.64 8.20 -8.05
C TYR A 41 -1.32 8.67 -8.64
N THR A 42 -0.87 7.99 -9.67
CA THR A 42 0.46 8.30 -10.22
C THR A 42 0.46 9.62 -10.98
N ARG A 43 1.58 9.93 -11.59
CA ARG A 43 1.69 11.11 -12.44
C ARG A 43 0.90 10.92 -13.72
N LYS A 44 1.39 10.00 -14.54
CA LYS A 44 0.87 9.77 -15.87
C LYS A 44 0.25 8.38 -15.99
N ARG A 45 0.59 7.53 -15.04
CA ARG A 45 0.17 6.13 -15.06
C ARG A 45 -1.26 5.95 -14.54
N ASP A 46 -1.86 7.06 -14.10
CA ASP A 46 -3.21 7.09 -13.55
C ASP A 46 -3.30 6.34 -12.21
N SER A 47 -4.43 6.49 -11.55
CA SER A 47 -4.68 5.86 -10.26
C SER A 47 -4.50 4.35 -10.34
N VAL A 48 -3.33 3.93 -9.92
CA VAL A 48 -3.00 2.53 -9.78
C VAL A 48 -3.62 2.03 -8.49
N LYS A 49 -3.77 0.73 -8.33
CA LYS A 49 -4.46 0.23 -7.14
C LYS A 49 -3.73 -0.96 -6.53
N TRP A 50 -3.64 -1.01 -5.21
CA TRP A 50 -3.09 -2.17 -4.53
C TRP A 50 -4.05 -2.79 -3.55
N HIS A 51 -4.66 -3.89 -3.96
CA HIS A 51 -5.55 -4.61 -3.08
C HIS A 51 -4.74 -5.27 -1.95
N TYR A 52 -5.30 -5.18 -0.75
CA TYR A 52 -4.64 -5.60 0.49
C TYR A 52 -4.28 -7.08 0.49
N LEU A 53 -5.02 -7.86 -0.29
CA LEU A 53 -4.78 -9.29 -0.41
C LEU A 53 -3.62 -9.55 -1.33
N CYS A 54 -2.84 -8.51 -1.57
CA CYS A 54 -1.68 -8.62 -2.41
C CYS A 54 -0.45 -8.03 -1.72
N LEU A 55 -0.68 -7.15 -0.74
CA LEU A 55 0.39 -6.50 -0.01
C LEU A 55 1.15 -7.49 0.87
N ARG A 56 2.09 -8.23 0.29
CA ARG A 56 2.91 -9.16 1.05
C ARG A 56 3.66 -8.43 2.15
N ARG A 57 4.47 -7.44 1.80
CA ARG A 57 5.20 -6.70 2.83
C ARG A 57 5.23 -5.20 2.61
N TYR A 58 4.70 -4.48 3.58
CA TYR A 58 4.46 -3.06 3.45
C TYR A 58 5.11 -2.31 4.58
N GLY A 59 5.62 -1.13 4.27
CA GLY A 59 6.50 -0.48 5.21
C GLY A 59 6.48 1.02 5.16
N TYR A 60 7.50 1.55 5.79
CA TYR A 60 7.66 2.96 6.03
C TYR A 60 9.11 3.22 6.42
N ASP A 61 9.76 4.16 5.75
CA ASP A 61 11.04 4.65 6.23
C ASP A 61 11.34 6.04 5.72
N SER A 62 11.37 7.02 6.63
CA SER A 62 11.80 8.37 6.28
C SER A 62 11.15 8.85 4.98
N ASN A 63 9.85 9.17 5.07
CA ASN A 63 9.01 9.50 3.91
C ASN A 63 9.13 8.48 2.76
N LEU A 64 9.34 7.22 3.08
CA LEU A 64 9.28 6.15 2.10
C LEU A 64 8.24 5.11 2.57
N PHE A 65 7.10 4.95 1.90
CA PHE A 65 6.15 3.89 2.26
C PHE A 65 6.19 2.82 1.18
N SER A 66 6.16 1.57 1.58
CA SER A 66 6.32 0.50 0.63
C SER A 66 5.29 -0.61 0.83
N PHE A 67 5.19 -1.49 -0.15
CA PHE A 67 4.43 -2.72 -0.04
C PHE A 67 4.90 -3.71 -1.12
N GLU A 68 5.07 -4.97 -0.75
CA GLU A 68 5.41 -6.00 -1.71
C GLU A 68 4.16 -6.62 -2.26
N SER A 69 3.75 -6.23 -3.44
CA SER A 69 2.56 -6.80 -4.01
C SER A 69 2.90 -8.16 -4.64
N GLY A 70 2.18 -9.19 -4.22
CA GLY A 70 2.54 -10.55 -4.55
C GLY A 70 2.23 -10.93 -5.98
N ARG A 71 1.23 -10.31 -6.54
CA ARG A 71 0.86 -10.54 -7.93
C ARG A 71 1.21 -9.32 -8.73
N ARG A 72 1.40 -9.49 -10.03
CA ARG A 72 1.74 -8.38 -10.89
C ARG A 72 0.68 -7.31 -10.81
N CYS A 73 1.13 -6.10 -10.90
CA CYS A 73 0.28 -4.94 -10.77
C CYS A 73 0.61 -3.94 -11.87
N GLN A 74 -0.24 -2.94 -12.04
CA GLN A 74 -0.01 -1.87 -13.01
C GLN A 74 1.45 -1.45 -13.07
N THR A 75 1.99 -1.09 -11.92
CA THR A 75 3.35 -0.58 -11.85
C THR A 75 4.08 -1.16 -10.63
N GLY A 76 3.57 -2.28 -10.13
CA GLY A 76 4.03 -2.82 -8.85
C GLY A 76 5.40 -3.47 -8.89
N GLN A 77 5.56 -4.46 -9.77
CA GLN A 77 6.80 -5.26 -9.87
C GLN A 77 6.88 -6.27 -8.73
N GLY A 78 6.54 -5.82 -7.54
CA GLY A 78 6.64 -6.63 -6.35
C GLY A 78 6.81 -5.74 -5.14
N ILE A 79 8.04 -5.64 -4.65
CA ILE A 79 8.36 -4.64 -3.64
C ILE A 79 8.35 -3.27 -4.29
N PHE A 80 7.25 -2.58 -4.11
CA PHE A 80 7.08 -1.26 -4.68
C PHE A 80 6.98 -0.25 -3.55
N ALA A 81 7.79 0.78 -3.63
CA ALA A 81 7.83 1.76 -2.58
C ALA A 81 7.60 3.16 -3.14
N PHE A 82 6.94 3.98 -2.37
CA PHE A 82 6.67 5.35 -2.76
C PHE A 82 7.15 6.25 -1.67
N LYS A 83 7.80 7.30 -2.07
CA LYS A 83 8.33 8.23 -1.14
C LYS A 83 7.19 9.07 -0.59
N CYS A 84 6.55 8.52 0.42
CA CYS A 84 5.37 9.14 1.02
C CYS A 84 5.78 9.84 2.29
N ALA A 85 5.59 11.16 2.35
CA ALA A 85 5.94 11.88 3.56
C ALA A 85 5.14 11.37 4.75
N ARG A 86 3.87 11.06 4.52
CA ARG A 86 3.06 10.38 5.52
C ARG A 86 3.23 8.89 5.37
N ALA A 87 4.44 8.44 5.02
CA ALA A 87 4.72 7.01 4.90
C ALA A 87 4.32 6.30 6.16
N GLU A 88 4.90 6.75 7.25
CA GLU A 88 4.57 6.26 8.59
C GLU A 88 3.07 6.18 8.78
N GLU A 89 2.44 7.32 8.62
CA GLU A 89 1.01 7.46 8.68
C GLU A 89 0.29 6.49 7.74
N LEU A 90 0.72 6.49 6.49
CA LEU A 90 0.14 5.67 5.47
C LEU A 90 0.33 4.22 5.79
N PHE A 91 1.58 3.79 5.85
CA PHE A 91 1.90 2.43 6.20
C PHE A 91 1.06 1.99 7.40
N ASN A 92 1.15 2.75 8.48
CA ASN A 92 0.36 2.53 9.70
C ASN A 92 -1.09 2.36 9.37
N MET A 93 -1.69 3.38 8.79
CA MET A 93 -3.09 3.35 8.43
C MET A 93 -3.39 2.05 7.71
N LEU A 94 -2.65 1.81 6.65
CA LEU A 94 -2.70 0.56 5.91
C LEU A 94 -2.66 -0.67 6.83
N GLN A 95 -1.64 -0.78 7.69
CA GLN A 95 -1.58 -1.93 8.58
C GLN A 95 -2.85 -1.98 9.42
N GLU A 96 -3.33 -0.82 9.84
CA GLU A 96 -4.55 -0.71 10.67
C GLU A 96 -5.75 -1.22 9.91
N ILE A 97 -5.92 -0.71 8.70
CA ILE A 97 -6.99 -1.17 7.84
C ILE A 97 -6.88 -2.66 7.65
N MET A 98 -5.64 -3.12 7.47
CA MET A 98 -5.37 -4.54 7.39
C MET A 98 -5.84 -5.27 8.65
N GLN A 99 -5.56 -4.65 9.79
CA GLN A 99 -5.93 -5.18 11.09
C GLN A 99 -7.44 -5.25 11.25
N ASN A 100 -8.08 -4.14 10.93
CA ASN A 100 -9.47 -3.90 11.29
C ASN A 100 -10.47 -4.34 10.22
N ASN A 101 -10.08 -4.28 8.95
CA ASN A 101 -11.04 -4.51 7.88
C ASN A 101 -11.04 -5.96 7.47
N SER A 102 -9.90 -6.61 7.68
CA SER A 102 -9.69 -8.01 7.28
C SER A 102 -9.63 -8.12 5.76
N ILE A 103 -10.33 -7.22 5.08
CA ILE A 103 -10.23 -7.05 3.65
C ILE A 103 -10.82 -8.23 2.90
N ASN A 104 -12.09 -8.11 2.58
CA ASN A 104 -12.77 -9.12 1.79
C ASN A 104 -13.67 -8.44 0.78
N VAL A 105 -13.50 -8.81 -0.47
CA VAL A 105 -14.31 -8.26 -1.55
C VAL A 105 -15.13 -9.39 -2.16
N VAL A 106 -15.85 -10.10 -1.28
CA VAL A 106 -16.57 -11.32 -1.61
C VAL A 106 -15.61 -12.39 -2.17
N GLU A 107 -16.16 -13.53 -2.59
CA GLU A 107 -15.36 -14.63 -3.09
C GLU A 107 -14.34 -15.06 -2.04
N GLU A 108 -14.85 -15.53 -0.93
CA GLU A 108 -14.03 -15.90 0.21
C GLU A 108 -14.06 -17.40 0.42
N PRO A 109 -12.92 -18.08 0.25
CA PRO A 109 -12.78 -19.50 0.54
C PRO A 109 -12.73 -19.76 2.04
N VAL A 110 -13.53 -18.98 2.78
CA VAL A 110 -13.59 -19.04 4.23
C VAL A 110 -12.31 -18.52 4.86
N VAL A 111 -12.44 -17.42 5.58
CA VAL A 111 -11.32 -16.84 6.33
C VAL A 111 -11.01 -17.73 7.52
N GLU A 112 -9.72 -17.88 7.84
CA GLU A 112 -9.27 -18.79 8.88
C GLU A 112 -9.73 -20.22 8.57
N ARG A 113 -9.52 -20.63 7.32
CA ARG A 113 -9.91 -21.95 6.85
C ARG A 113 -9.24 -23.05 7.66
N ASN A 114 -7.93 -23.19 7.47
CA ASN A 114 -7.18 -24.20 8.19
C ASN A 114 -6.73 -23.65 9.53
N ASN A 115 -7.09 -24.35 10.59
CA ASN A 115 -6.75 -23.93 11.93
C ASN A 115 -5.80 -24.94 12.54
N GLY B 1 17.23 -7.13 6.57
CA GLY B 1 16.48 -8.23 5.91
C GLY B 1 15.77 -7.76 4.65
N PRO B 2 15.36 -8.69 3.77
CA PRO B 2 14.58 -8.36 2.58
C PRO B 2 13.23 -7.75 2.93
N ASP B 3 12.88 -7.80 4.22
CA ASP B 3 11.69 -7.14 4.72
C ASP B 3 11.94 -5.66 4.96
N ALA B 4 13.04 -5.21 4.48
CA ALA B 4 13.25 -3.81 4.23
C ALA B 4 13.47 -3.64 2.76
N VAL B 5 12.68 -2.77 2.17
CA VAL B 5 12.85 -2.44 0.77
C VAL B 5 13.83 -1.31 0.67
N ILE B 6 14.99 -1.58 0.13
CA ILE B 6 15.95 -0.53 0.13
C ILE B 6 15.84 0.19 -1.18
N ILE B 7 14.87 1.10 -1.25
CA ILE B 7 14.59 1.76 -2.49
C ILE B 7 15.48 2.99 -2.59
N GLY B 8 16.65 2.77 -3.19
CA GLY B 8 17.66 3.80 -3.39
C GLY B 8 17.83 4.72 -2.20
N MET B 9 17.09 5.83 -2.24
CA MET B 9 17.11 6.84 -1.21
C MET B 9 16.95 6.25 0.19
N THR B 10 16.03 5.30 0.36
CA THR B 10 15.77 4.79 1.70
C THR B 10 15.43 3.32 1.76
N LYS B 11 15.89 2.68 2.85
CA LYS B 11 15.52 1.33 3.18
C LYS B 11 14.24 1.27 4.00
N ILE B 12 13.22 0.63 3.45
CA ILE B 12 11.92 0.58 4.07
C ILE B 12 11.70 -0.69 4.83
N PRO B 13 11.70 -0.61 6.14
CA PRO B 13 11.44 -1.75 6.98
C PRO B 13 9.96 -2.03 6.99
N VAL B 14 9.59 -2.99 6.15
CA VAL B 14 8.21 -3.36 5.93
C VAL B 14 7.77 -4.49 6.85
N ILE B 15 6.47 -4.74 6.82
CA ILE B 15 5.85 -5.79 7.61
C ILE B 15 4.95 -6.60 6.70
N GLU B 16 4.65 -7.84 7.07
CA GLU B 16 3.86 -8.69 6.21
C GLU B 16 2.40 -8.76 6.66
N ASN B 17 1.53 -8.67 5.66
CA ASN B 17 0.08 -8.50 5.86
C ASN B 17 -0.56 -9.67 6.63
N PRO B 18 -1.63 -9.37 7.38
CA PRO B 18 -2.46 -10.39 8.02
C PRO B 18 -3.52 -10.97 7.09
N GLN B 19 -3.68 -10.37 5.90
CA GLN B 19 -4.71 -10.80 4.95
C GLN B 19 -4.45 -12.23 4.50
N PTR B 20 -3.20 -12.52 4.23
CA PTR B 20 -2.76 -13.85 3.84
C PTR B 20 -2.86 -14.81 5.02
O PTR B 20 -3.20 -15.98 4.86
CB PTR B 20 -1.32 -13.82 3.34
CG PTR B 20 -1.14 -13.21 1.98
CD1 PTR B 20 -2.02 -12.26 1.49
CD2 PTR B 20 -0.08 -13.57 1.17
CE1 PTR B 20 -1.87 -11.70 0.24
CE2 PTR B 20 0.09 -13.02 -0.09
CZ PTR B 20 -0.80 -12.08 -0.55
OH PTR B 20 -0.63 -11.53 -1.79
P PTR B 20 -0.84 -12.47 -3.09
O1P PTR B 20 -2.25 -12.99 -2.96
O2P PTR B 20 0.37 -13.51 -3.01
O3P PTR B 20 -0.79 -11.48 -4.24
H PTR B 20 -2.52 -11.81 4.27
HA PTR B 20 -3.41 -14.20 3.05
HB2 PTR B 20 -0.72 -13.26 4.04
HB3 PTR B 20 -0.94 -14.85 3.30
HD1 PTR B 20 -2.86 -11.96 2.09
HD2 PTR B 20 0.63 -14.31 1.53
HE1 PTR B 20 -2.58 -10.97 -0.11
HE2 PTR B 20 0.93 -13.32 -0.69
HO2P PTR B 20 0.03 -14.40 -2.84
N PHE B 21 -2.59 -14.30 6.21
CA PHE B 21 -2.59 -15.12 7.41
C PHE B 21 -4.00 -15.56 7.76
N GLY B 22 -4.92 -14.61 7.86
CA GLY B 22 -6.28 -14.93 8.19
C GLY B 22 -7.15 -13.69 8.31
N ILE B 23 -7.40 -13.27 9.54
CA ILE B 23 -8.26 -12.13 9.80
C ILE B 23 -7.46 -10.83 9.88
N SER A 1 -23.70 6.56 1.81
CA SER A 1 -23.71 7.36 3.05
C SER A 1 -22.28 7.76 3.43
N HIS A 2 -21.45 6.77 3.75
CA HIS A 2 -20.05 7.03 4.08
C HIS A 2 -19.24 5.73 4.09
N MET A 3 -19.65 4.77 3.25
CA MET A 3 -18.93 3.52 3.11
C MET A 3 -17.54 3.75 2.54
N ASP A 4 -17.48 4.20 1.30
CA ASP A 4 -16.23 4.52 0.65
C ASP A 4 -16.37 5.81 -0.15
N THR A 5 -17.37 6.59 0.21
CA THR A 5 -17.56 7.91 -0.39
C THR A 5 -16.59 8.89 0.24
N VAL A 6 -15.33 8.56 0.12
CA VAL A 6 -14.28 9.23 0.84
C VAL A 6 -14.02 10.62 0.27
N PRO A 7 -13.71 11.57 1.17
CA PRO A 7 -13.43 12.94 0.80
C PRO A 7 -12.18 13.05 -0.04
N ASP A 8 -12.19 13.92 -1.04
CA ASP A 8 -11.11 14.01 -2.03
C ASP A 8 -9.73 13.95 -1.37
N ASN A 9 -9.56 14.69 -0.28
CA ASN A 9 -8.33 14.63 0.48
C ASN A 9 -8.64 14.58 1.97
N HIS A 10 -8.10 13.58 2.63
CA HIS A 10 -8.16 13.45 4.08
C HIS A 10 -7.17 12.36 4.47
N ARG A 11 -7.13 11.98 5.75
CA ARG A 11 -6.19 10.96 6.25
C ARG A 11 -5.87 9.87 5.23
N ASN A 12 -6.87 9.25 4.65
CA ASN A 12 -6.62 8.09 3.82
C ASN A 12 -5.96 8.46 2.49
N LYS A 13 -6.27 9.62 1.95
CA LYS A 13 -5.68 10.04 0.70
C LYS A 13 -4.35 10.73 0.98
N PHE A 14 -3.26 10.04 0.72
CA PHE A 14 -1.93 10.61 0.93
C PHE A 14 -1.19 10.79 -0.37
N LYS A 15 -0.70 11.98 -0.60
CA LYS A 15 0.15 12.24 -1.75
C LYS A 15 1.53 11.64 -1.52
N VAL A 16 1.80 10.54 -2.20
CA VAL A 16 3.08 9.87 -2.09
C VAL A 16 3.95 10.25 -3.28
N ILE A 17 5.12 9.68 -3.33
CA ILE A 17 5.97 9.86 -4.48
C ILE A 17 6.44 8.51 -4.99
N ASN A 18 5.91 8.03 -6.10
CA ASN A 18 6.40 6.78 -6.65
C ASN A 18 7.88 6.96 -7.02
N VAL A 19 8.75 6.19 -6.36
CA VAL A 19 10.19 6.35 -6.47
C VAL A 19 10.85 5.00 -6.72
N ASP A 20 11.71 4.90 -7.74
CA ASP A 20 12.26 3.61 -8.10
C ASP A 20 13.76 3.49 -7.86
N ASP A 21 14.13 2.47 -7.09
CA ASP A 21 15.52 2.02 -6.85
C ASP A 21 16.52 3.15 -6.50
N ASP A 22 16.03 4.35 -6.37
CA ASP A 22 16.85 5.50 -6.05
C ASP A 22 16.13 6.34 -5.02
N GLY A 23 14.89 5.95 -4.75
CA GLY A 23 13.99 6.77 -3.96
C GLY A 23 13.72 8.05 -4.70
N ASN A 24 13.87 7.99 -6.01
CA ASN A 24 13.76 9.16 -6.85
C ASN A 24 12.35 9.30 -7.35
N GLU A 25 11.76 10.46 -7.12
CA GLU A 25 10.43 10.77 -7.60
C GLU A 25 10.32 10.62 -9.12
N LEU A 26 10.16 9.39 -9.58
CA LEU A 26 10.06 9.09 -11.00
C LEU A 26 8.62 9.24 -11.46
N GLY A 27 7.72 9.23 -10.49
CA GLY A 27 6.32 9.45 -10.76
C GLY A 27 5.54 9.67 -9.50
N SER A 28 5.74 10.81 -8.85
CA SER A 28 5.10 11.07 -7.57
C SER A 28 3.57 10.99 -7.71
N GLY A 29 2.94 10.31 -6.76
CA GLY A 29 1.54 9.95 -6.91
C GLY A 29 0.73 10.22 -5.66
N ILE A 30 -0.40 9.55 -5.57
CA ILE A 30 -1.16 9.46 -4.33
C ILE A 30 -1.05 8.04 -3.83
N MET A 31 -1.40 7.82 -2.60
CA MET A 31 -1.64 6.49 -2.14
C MET A 31 -2.89 6.53 -1.28
N GLU A 32 -3.99 6.23 -1.93
CA GLU A 32 -5.31 6.30 -1.36
C GLU A 32 -5.57 5.07 -0.50
N LEU A 33 -5.42 5.21 0.80
CA LEU A 33 -5.59 4.08 1.67
C LEU A 33 -7.05 3.81 2.01
N THR A 34 -7.62 2.80 1.40
CA THR A 34 -8.98 2.41 1.72
C THR A 34 -9.02 1.04 2.38
N ASP A 35 -10.21 0.45 2.46
CA ASP A 35 -10.40 -0.85 3.09
C ASP A 35 -9.50 -1.90 2.50
N THR A 36 -9.54 -2.02 1.19
CA THR A 36 -8.82 -3.11 0.60
C THR A 36 -7.96 -2.68 -0.56
N GLU A 37 -8.11 -1.46 -1.03
CA GLU A 37 -7.32 -1.02 -2.17
C GLU A 37 -6.56 0.25 -1.89
N LEU A 38 -5.27 0.14 -2.09
CA LEU A 38 -4.36 1.26 -2.03
C LEU A 38 -4.32 1.94 -3.38
N ILE A 39 -5.16 2.95 -3.54
CA ILE A 39 -5.34 3.59 -4.83
C ILE A 39 -4.25 4.68 -5.02
N LEU A 40 -3.15 4.32 -5.65
CA LEU A 40 -2.05 5.24 -5.94
C LEU A 40 -2.42 6.13 -7.13
N TYR A 41 -2.54 7.43 -6.93
CA TYR A 41 -2.88 8.29 -8.06
C TYR A 41 -1.62 8.78 -8.73
N THR A 42 -1.24 8.17 -9.83
CA THR A 42 -0.02 8.59 -10.52
C THR A 42 -0.28 9.83 -11.37
N ARG A 43 0.71 10.28 -12.11
CA ARG A 43 0.53 11.44 -12.97
C ARG A 43 0.04 11.00 -14.34
N LYS A 44 0.67 9.96 -14.85
CA LYS A 44 0.46 9.53 -16.22
C LYS A 44 -0.26 8.18 -16.27
N ARG A 45 0.03 7.37 -15.27
CA ARG A 45 -0.42 5.98 -15.20
C ARG A 45 -1.87 5.88 -14.65
N ASP A 46 -2.38 7.01 -14.17
CA ASP A 46 -3.67 7.08 -13.49
C ASP A 46 -3.65 6.32 -12.17
N SER A 47 -4.73 6.45 -11.42
CA SER A 47 -4.91 5.78 -10.15
C SER A 47 -4.67 4.28 -10.28
N VAL A 48 -3.49 3.89 -9.87
CA VAL A 48 -3.16 2.49 -9.70
C VAL A 48 -3.77 2.02 -8.41
N LYS A 49 -3.93 0.73 -8.25
CA LYS A 49 -4.56 0.24 -7.03
C LYS A 49 -3.75 -0.92 -6.45
N TRP A 50 -3.70 -1.00 -5.13
CA TRP A 50 -3.11 -2.16 -4.48
C TRP A 50 -4.06 -2.79 -3.50
N HIS A 51 -4.67 -3.88 -3.92
CA HIS A 51 -5.57 -4.60 -3.05
C HIS A 51 -4.78 -5.27 -1.93
N TYR A 52 -5.35 -5.23 -0.74
CA TYR A 52 -4.69 -5.65 0.50
C TYR A 52 -4.32 -7.12 0.51
N LEU A 53 -5.04 -7.91 -0.26
CA LEU A 53 -4.76 -9.35 -0.37
C LEU A 53 -3.59 -9.59 -1.28
N CYS A 54 -2.86 -8.52 -1.53
CA CYS A 54 -1.74 -8.58 -2.41
C CYS A 54 -0.49 -8.00 -1.76
N LEU A 55 -0.69 -7.14 -0.77
CA LEU A 55 0.42 -6.55 -0.03
C LEU A 55 1.12 -7.61 0.82
N ARG A 56 2.00 -8.40 0.22
CA ARG A 56 2.71 -9.43 0.97
C ARG A 56 3.52 -8.78 2.09
N ARG A 57 4.24 -7.72 1.75
CA ARG A 57 4.89 -6.89 2.76
C ARG A 57 4.57 -5.43 2.53
N TYR A 58 4.86 -4.57 3.50
CA TYR A 58 4.53 -3.15 3.42
C TYR A 58 5.16 -2.38 4.55
N GLY A 59 5.67 -1.18 4.26
CA GLY A 59 6.55 -0.52 5.19
C GLY A 59 6.52 0.98 5.14
N TYR A 60 7.54 1.53 5.78
CA TYR A 60 7.67 2.96 6.04
C TYR A 60 9.11 3.24 6.46
N ASP A 61 9.76 4.19 5.80
CA ASP A 61 11.04 4.69 6.29
C ASP A 61 11.30 6.11 5.85
N SER A 62 11.32 7.04 6.80
CA SER A 62 11.65 8.44 6.54
C SER A 62 10.93 8.96 5.29
N ASN A 63 9.61 8.92 5.32
CA ASN A 63 8.76 9.36 4.21
C ASN A 63 8.91 8.45 2.99
N LEU A 64 9.27 7.20 3.22
CA LEU A 64 9.23 6.18 2.18
C LEU A 64 8.22 5.10 2.62
N PHE A 65 7.08 4.97 1.93
CA PHE A 65 6.13 3.89 2.26
C PHE A 65 6.19 2.85 1.17
N SER A 66 6.17 1.58 1.56
CA SER A 66 6.34 0.52 0.59
C SER A 66 5.33 -0.60 0.81
N PHE A 67 5.25 -1.48 -0.17
CA PHE A 67 4.50 -2.72 -0.07
C PHE A 67 4.97 -3.70 -1.15
N GLU A 68 4.95 -4.98 -0.85
CA GLU A 68 5.29 -6.00 -1.81
C GLU A 68 4.04 -6.63 -2.35
N SER A 69 3.63 -6.21 -3.53
CA SER A 69 2.44 -6.77 -4.13
C SER A 69 2.79 -8.09 -4.81
N GLY A 70 2.08 -9.16 -4.45
CA GLY A 70 2.42 -10.47 -4.94
C GLY A 70 1.57 -10.92 -6.10
N ARG A 71 0.81 -10.00 -6.66
CA ARG A 71 0.01 -10.28 -7.84
C ARG A 71 0.31 -9.21 -8.87
N ARG A 72 -0.34 -9.27 -10.02
CA ARG A 72 -0.13 -8.24 -11.02
C ARG A 72 -0.84 -6.96 -10.64
N CYS A 73 -0.37 -5.89 -11.23
CA CYS A 73 -0.86 -4.55 -10.99
C CYS A 73 -0.47 -3.70 -12.18
N GLN A 74 -0.92 -2.45 -12.22
CA GLN A 74 -0.41 -1.49 -13.20
C GLN A 74 1.09 -1.53 -13.20
N THR A 75 1.59 -1.27 -12.02
CA THR A 75 2.95 -0.90 -11.81
C THR A 75 3.48 -1.58 -10.55
N GLY A 76 2.83 -2.70 -10.19
CA GLY A 76 3.13 -3.40 -8.94
C GLY A 76 4.61 -3.59 -8.67
N GLN A 77 5.29 -4.25 -9.60
CA GLN A 77 6.74 -4.43 -9.52
C GLN A 77 7.16 -5.19 -8.25
N GLY A 78 6.26 -6.00 -7.72
CA GLY A 78 6.53 -6.69 -6.47
C GLY A 78 6.67 -5.71 -5.33
N ILE A 79 7.88 -5.58 -4.79
CA ILE A 79 8.16 -4.55 -3.81
C ILE A 79 8.12 -3.18 -4.48
N PHE A 80 7.10 -2.42 -4.15
CA PHE A 80 6.95 -1.09 -4.69
C PHE A 80 6.95 -0.11 -3.53
N ALA A 81 7.78 0.90 -3.64
CA ALA A 81 7.90 1.87 -2.58
C ALA A 81 7.71 3.28 -3.11
N PHE A 82 6.97 4.07 -2.37
CA PHE A 82 6.69 5.44 -2.73
C PHE A 82 7.15 6.32 -1.62
N LYS A 83 7.80 7.38 -1.98
CA LYS A 83 8.28 8.32 -1.03
C LYS A 83 7.10 9.14 -0.52
N CYS A 84 6.42 8.58 0.45
CA CYS A 84 5.23 9.20 1.01
C CYS A 84 5.62 9.93 2.28
N ALA A 85 5.40 11.23 2.35
CA ALA A 85 5.79 11.95 3.55
C ALA A 85 4.90 11.61 4.73
N ARG A 86 3.75 11.01 4.44
CA ARG A 86 2.96 10.35 5.47
C ARG A 86 3.17 8.86 5.38
N ALA A 87 4.37 8.42 5.00
CA ALA A 87 4.68 7.00 4.91
C ALA A 87 4.28 6.29 6.17
N GLU A 88 4.83 6.79 7.26
CA GLU A 88 4.50 6.30 8.61
C GLU A 88 3.01 6.16 8.76
N GLU A 89 2.33 7.27 8.64
CA GLU A 89 0.90 7.36 8.70
C GLU A 89 0.22 6.39 7.73
N LEU A 90 0.70 6.40 6.49
CA LEU A 90 0.15 5.59 5.44
C LEU A 90 0.36 4.13 5.74
N PHE A 91 1.62 3.73 5.83
CA PHE A 91 1.96 2.37 6.15
C PHE A 91 1.13 1.89 7.35
N ASN A 92 1.18 2.67 8.42
CA ASN A 92 0.38 2.42 9.62
C ASN A 92 -1.07 2.26 9.27
N MET A 93 -1.67 3.30 8.72
CA MET A 93 -3.08 3.28 8.36
C MET A 93 -3.37 2.02 7.55
N LEU A 94 -2.50 1.75 6.59
CA LEU A 94 -2.53 0.52 5.85
C LEU A 94 -2.58 -0.69 6.78
N GLN A 95 -1.58 -0.85 7.64
CA GLN A 95 -1.57 -2.00 8.54
C GLN A 95 -2.85 -2.04 9.39
N GLU A 96 -3.27 -0.88 9.92
CA GLU A 96 -4.49 -0.86 10.75
C GLU A 96 -5.74 -1.08 9.92
N ILE A 97 -5.80 -0.56 8.70
CA ILE A 97 -6.92 -0.88 7.81
C ILE A 97 -6.93 -2.40 7.61
N MET A 98 -5.73 -2.94 7.42
CA MET A 98 -5.54 -4.37 7.33
C MET A 98 -6.10 -5.07 8.56
N GLN A 99 -5.69 -4.56 9.72
CA GLN A 99 -6.08 -5.10 11.02
C GLN A 99 -7.59 -5.01 11.24
N ASN A 100 -8.16 -3.88 10.85
CA ASN A 100 -9.53 -3.52 11.20
C ASN A 100 -10.55 -3.85 10.10
N ASN A 101 -10.08 -4.26 8.92
CA ASN A 101 -11.02 -4.58 7.84
C ASN A 101 -11.04 -6.07 7.54
N SER A 102 -9.91 -6.73 7.77
CA SER A 102 -9.73 -8.14 7.36
C SER A 102 -9.64 -8.21 5.83
N ILE A 103 -10.34 -7.30 5.16
CA ILE A 103 -10.24 -7.08 3.74
C ILE A 103 -10.98 -8.14 2.93
N ASN A 104 -12.09 -7.70 2.37
CA ASN A 104 -12.83 -8.46 1.39
C ASN A 104 -13.76 -7.51 0.67
N VAL A 105 -13.65 -7.46 -0.63
CA VAL A 105 -14.54 -6.66 -1.46
C VAL A 105 -15.77 -7.51 -1.77
N VAL A 106 -15.92 -8.56 -0.96
CA VAL A 106 -16.94 -9.58 -1.12
C VAL A 106 -16.71 -10.35 -2.43
N GLU A 107 -17.52 -11.36 -2.70
CA GLU A 107 -17.39 -12.17 -3.89
C GLU A 107 -16.05 -12.89 -3.94
N GLU A 108 -16.00 -14.06 -3.32
CA GLU A 108 -14.79 -14.86 -3.31
C GLU A 108 -14.44 -15.32 -4.73
N PRO A 109 -13.19 -15.11 -5.15
CA PRO A 109 -12.67 -15.69 -6.38
C PRO A 109 -12.44 -17.18 -6.22
N VAL A 110 -13.51 -17.90 -5.89
CA VAL A 110 -13.46 -19.32 -5.53
C VAL A 110 -12.80 -19.50 -4.18
N VAL A 111 -13.43 -20.31 -3.35
CA VAL A 111 -12.96 -20.57 -2.00
C VAL A 111 -11.54 -21.15 -2.01
N GLU A 112 -10.71 -20.64 -1.09
CA GLU A 112 -9.32 -21.08 -0.93
C GLU A 112 -8.45 -20.58 -2.09
N ARG A 113 -8.74 -21.03 -3.30
CA ARG A 113 -8.01 -20.65 -4.50
C ARG A 113 -6.51 -20.82 -4.33
N ASN A 114 -6.07 -22.07 -4.37
CA ASN A 114 -4.64 -22.39 -4.34
C ASN A 114 -4.13 -22.46 -5.76
N ASN A 115 -4.68 -21.61 -6.61
CA ASN A 115 -4.38 -21.58 -8.02
C ASN A 115 -2.90 -21.38 -8.28
N GLY B 1 12.48 -13.74 3.70
CA GLY B 1 13.50 -13.03 2.89
C GLY B 1 13.60 -11.57 3.26
N PRO B 2 14.12 -10.71 2.36
CA PRO B 2 14.31 -9.28 2.63
C PRO B 2 12.98 -8.55 2.80
N ASP B 3 12.83 -7.87 3.93
CA ASP B 3 11.64 -7.11 4.20
C ASP B 3 11.89 -5.66 3.90
N ALA B 4 12.97 -5.11 4.43
CA ALA B 4 13.27 -3.74 4.14
C ALA B 4 13.55 -3.57 2.67
N VAL B 5 12.73 -2.75 2.05
CA VAL B 5 12.92 -2.39 0.66
C VAL B 5 13.88 -1.23 0.61
N ILE B 6 15.05 -1.43 0.06
CA ILE B 6 15.98 -0.35 0.11
C ILE B 6 15.87 0.42 -1.17
N ILE B 7 14.87 1.29 -1.23
CA ILE B 7 14.64 2.00 -2.45
C ILE B 7 15.51 3.24 -2.47
N GLY B 8 16.71 3.04 -3.04
CA GLY B 8 17.68 4.10 -3.21
C GLY B 8 17.88 4.96 -1.98
N MET B 9 17.20 6.09 -1.99
CA MET B 9 17.23 7.05 -0.91
C MET B 9 17.02 6.38 0.44
N THR B 10 16.06 5.46 0.53
CA THR B 10 15.69 4.94 1.82
C THR B 10 15.39 3.44 1.84
N LYS B 11 15.86 2.80 2.90
CA LYS B 11 15.52 1.44 3.20
C LYS B 11 14.23 1.36 4.01
N ILE B 12 13.21 0.75 3.41
CA ILE B 12 11.91 0.66 4.01
C ILE B 12 11.72 -0.64 4.74
N PRO B 13 11.74 -0.59 6.05
CA PRO B 13 11.53 -1.76 6.84
C PRO B 13 10.05 -2.08 6.88
N VAL B 14 9.66 -3.02 6.03
CA VAL B 14 8.27 -3.36 5.88
C VAL B 14 7.87 -4.52 6.79
N ILE B 15 6.57 -4.74 6.87
CA ILE B 15 5.98 -5.81 7.65
C ILE B 15 5.09 -6.63 6.74
N GLU B 16 4.64 -7.79 7.19
CA GLU B 16 3.80 -8.64 6.34
C GLU B 16 2.33 -8.52 6.72
N ASN B 17 1.47 -8.77 5.73
CA ASN B 17 0.03 -8.54 5.87
C ASN B 17 -0.66 -9.64 6.67
N PRO B 18 -1.72 -9.29 7.41
CA PRO B 18 -2.59 -10.25 8.07
C PRO B 18 -3.67 -10.82 7.14
N GLN B 19 -3.76 -10.26 5.92
CA GLN B 19 -4.81 -10.65 4.97
C GLN B 19 -4.67 -12.11 4.57
N PTR B 20 -3.45 -12.53 4.31
CA PTR B 20 -3.18 -13.91 3.92
C PTR B 20 -3.48 -14.86 5.08
O PTR B 20 -3.71 -16.05 4.89
CB PTR B 20 -1.72 -14.08 3.49
CG PTR B 20 -1.32 -13.29 2.25
CD1 PTR B 20 -2.18 -12.39 1.62
CD2 PTR B 20 -0.07 -13.47 1.69
CE1 PTR B 20 -1.80 -11.70 0.51
CE2 PTR B 20 0.34 -12.77 0.57
CZ PTR B 20 -0.55 -11.89 -0.01
OH PTR B 20 -0.17 -11.21 -1.13
P PTR B 20 -0.18 -12.03 -2.53
O1P PTR B 20 -1.49 -12.78 -2.51
O2P PTR B 20 1.17 -12.85 -2.48
O3P PTR B 20 -0.27 -10.94 -3.58
H PTR B 20 -2.70 -11.89 4.36
HA PTR B 20 -3.83 -14.16 3.09
HB2 PTR B 20 -1.09 -13.75 4.29
HB3 PTR B 20 -1.53 -15.12 3.29
HD1 PTR B 20 -3.16 -12.23 2.02
HD2 PTR B 20 0.62 -14.17 2.16
HE1 PTR B 20 -2.48 -10.99 0.04
HE2 PTR B 20 1.31 -12.93 0.15
HO2P PTR B 20 1.01 -13.79 -2.60
N PHE B 21 -3.48 -14.30 6.28
CA PHE B 21 -3.78 -15.07 7.48
C PHE B 21 -5.24 -14.89 7.89
N GLY B 22 -5.97 -14.10 7.11
CA GLY B 22 -7.36 -13.85 7.38
C GLY B 22 -8.26 -14.40 6.31
N ILE B 23 -7.77 -15.43 5.62
CA ILE B 23 -8.53 -16.09 4.58
C ILE B 23 -9.29 -17.26 5.17
N SER A 1 -25.21 7.64 -0.32
CA SER A 1 -24.44 8.65 -1.08
C SER A 1 -23.30 9.19 -0.22
N HIS A 2 -22.28 9.73 -0.89
CA HIS A 2 -21.17 10.41 -0.21
C HIS A 2 -20.39 9.48 0.71
N MET A 3 -20.07 8.30 0.20
CA MET A 3 -19.20 7.38 0.93
C MET A 3 -17.95 7.11 0.10
N ASP A 4 -18.15 6.82 -1.18
CA ASP A 4 -17.06 6.53 -2.10
C ASP A 4 -16.84 7.70 -3.04
N THR A 5 -17.51 8.80 -2.75
CA THR A 5 -17.30 10.05 -3.47
C THR A 5 -15.90 10.54 -3.15
N VAL A 6 -15.66 10.61 -1.85
CA VAL A 6 -14.36 10.93 -1.28
C VAL A 6 -13.90 12.35 -1.58
N PRO A 7 -13.31 12.99 -0.57
CA PRO A 7 -12.73 14.32 -0.70
C PRO A 7 -11.41 14.28 -1.45
N ASP A 8 -11.07 15.39 -2.09
CA ASP A 8 -9.80 15.49 -2.80
C ASP A 8 -8.66 15.21 -1.85
N ASN A 9 -8.76 15.74 -0.64
CA ASN A 9 -7.80 15.43 0.41
C ASN A 9 -8.52 14.87 1.62
N HIS A 10 -7.93 13.86 2.22
CA HIS A 10 -8.41 13.30 3.47
C HIS A 10 -7.31 12.42 4.05
N ARG A 11 -7.42 12.05 5.32
CA ARG A 11 -6.39 11.23 5.99
C ARG A 11 -5.88 10.12 5.11
N ASN A 12 -6.79 9.26 4.74
CA ASN A 12 -6.45 8.08 3.99
C ASN A 12 -5.92 8.40 2.59
N LYS A 13 -6.15 9.61 2.12
CA LYS A 13 -5.62 10.06 0.83
C LYS A 13 -4.27 10.75 1.08
N PHE A 14 -3.20 10.06 0.76
CA PHE A 14 -1.87 10.63 0.92
C PHE A 14 -1.16 10.78 -0.40
N LYS A 15 -0.76 11.99 -0.73
CA LYS A 15 0.08 12.22 -1.89
C LYS A 15 1.48 11.68 -1.63
N VAL A 16 1.79 10.55 -2.24
CA VAL A 16 3.09 9.92 -2.09
C VAL A 16 3.95 10.28 -3.28
N ILE A 17 5.08 9.63 -3.39
CA ILE A 17 5.89 9.73 -4.58
C ILE A 17 6.24 8.33 -5.06
N ASN A 18 5.82 7.93 -6.24
CA ASN A 18 6.25 6.61 -6.68
C ASN A 18 7.71 6.66 -7.11
N VAL A 19 8.54 5.97 -6.35
CA VAL A 19 9.99 6.03 -6.51
C VAL A 19 10.56 4.63 -6.71
N ASP A 20 11.40 4.43 -7.71
CA ASP A 20 11.87 3.07 -7.98
C ASP A 20 13.36 2.90 -7.81
N ASP A 21 13.72 1.94 -6.95
CA ASP A 21 15.10 1.43 -6.75
C ASP A 21 16.16 2.52 -6.54
N ASP A 22 15.72 3.75 -6.42
CA ASP A 22 16.63 4.89 -6.27
C ASP A 22 16.00 5.91 -5.34
N GLY A 23 14.76 5.64 -4.98
CA GLY A 23 13.92 6.64 -4.34
C GLY A 23 13.68 7.77 -5.31
N ASN A 24 13.74 7.42 -6.60
CA ASN A 24 13.60 8.38 -7.67
C ASN A 24 12.15 8.67 -7.88
N GLU A 25 11.72 9.89 -7.60
CA GLU A 25 10.37 10.29 -7.90
C GLU A 25 10.14 10.23 -9.41
N LEU A 26 9.85 9.04 -9.95
CA LEU A 26 9.51 8.92 -11.36
C LEU A 26 8.30 9.79 -11.63
N GLY A 27 7.46 9.85 -10.61
CA GLY A 27 6.36 10.78 -10.57
C GLY A 27 5.77 10.77 -9.18
N SER A 28 5.31 11.88 -8.68
CA SER A 28 4.73 11.85 -7.36
C SER A 28 3.26 11.48 -7.45
N GLY A 29 2.91 10.40 -6.75
CA GLY A 29 1.60 9.80 -6.88
C GLY A 29 0.75 10.05 -5.65
N ILE A 30 -0.43 9.49 -5.63
CA ILE A 30 -1.20 9.39 -4.41
C ILE A 30 -1.08 7.98 -3.85
N MET A 31 -1.48 7.80 -2.63
CA MET A 31 -1.70 6.50 -2.09
C MET A 31 -2.95 6.57 -1.25
N GLU A 32 -4.07 6.32 -1.92
CA GLU A 32 -5.39 6.42 -1.36
C GLU A 32 -5.68 5.17 -0.55
N LEU A 33 -5.45 5.24 0.75
CA LEU A 33 -5.62 4.11 1.61
C LEU A 33 -7.09 3.86 1.90
N THR A 34 -7.61 2.74 1.45
CA THR A 34 -8.97 2.38 1.76
C THR A 34 -9.03 1.03 2.46
N ASP A 35 -10.23 0.47 2.58
CA ASP A 35 -10.43 -0.81 3.24
C ASP A 35 -9.58 -1.87 2.63
N THR A 36 -9.62 -1.96 1.33
CA THR A 36 -8.96 -3.05 0.69
C THR A 36 -8.11 -2.64 -0.48
N GLU A 37 -8.17 -1.38 -0.88
CA GLU A 37 -7.39 -0.98 -2.04
C GLU A 37 -6.58 0.25 -1.77
N LEU A 38 -5.29 0.09 -1.98
CA LEU A 38 -4.36 1.18 -1.94
C LEU A 38 -4.31 1.84 -3.29
N ILE A 39 -5.16 2.83 -3.46
CA ILE A 39 -5.33 3.46 -4.75
C ILE A 39 -4.26 4.55 -4.94
N LEU A 40 -3.14 4.18 -5.56
CA LEU A 40 -2.04 5.11 -5.84
C LEU A 40 -2.40 5.97 -7.06
N TYR A 41 -2.48 7.27 -6.91
CA TYR A 41 -2.79 8.09 -8.09
C TYR A 41 -1.49 8.50 -8.76
N THR A 42 -1.11 7.82 -9.82
CA THR A 42 0.10 8.21 -10.53
C THR A 42 -0.15 9.49 -11.31
N ARG A 43 0.84 9.95 -12.07
CA ARG A 43 0.67 11.17 -12.81
C ARG A 43 -0.24 10.95 -14.01
N LYS A 44 0.22 10.21 -14.99
CA LYS A 44 -0.56 10.00 -16.20
C LYS A 44 -0.93 8.53 -16.37
N ARG A 45 -0.40 7.69 -15.51
CA ARG A 45 -0.77 6.27 -15.47
C ARG A 45 -2.11 6.10 -14.74
N ASP A 46 -2.58 7.21 -14.14
CA ASP A 46 -3.83 7.26 -13.40
C ASP A 46 -3.77 6.43 -12.12
N SER A 47 -4.82 6.54 -11.35
CA SER A 47 -4.98 5.77 -10.14
C SER A 47 -4.69 4.28 -10.35
N VAL A 48 -3.50 3.91 -9.94
CA VAL A 48 -3.11 2.52 -9.81
C VAL A 48 -3.70 2.01 -8.51
N LYS A 49 -3.81 0.72 -8.34
CA LYS A 49 -4.47 0.22 -7.13
C LYS A 49 -3.69 -0.93 -6.51
N TRP A 50 -3.70 -1.00 -5.18
CA TRP A 50 -3.14 -2.14 -4.47
C TRP A 50 -4.11 -2.73 -3.47
N HIS A 51 -4.84 -3.75 -3.90
CA HIS A 51 -5.72 -4.45 -3.02
C HIS A 51 -4.91 -5.12 -1.89
N TYR A 52 -5.49 -5.12 -0.71
CA TYR A 52 -4.83 -5.60 0.51
C TYR A 52 -4.49 -7.08 0.45
N LEU A 53 -5.22 -7.81 -0.37
CA LEU A 53 -4.98 -9.23 -0.60
C LEU A 53 -3.91 -9.38 -1.66
N CYS A 54 -3.19 -8.31 -1.87
CA CYS A 54 -2.13 -8.29 -2.85
C CYS A 54 -0.85 -7.83 -2.18
N LEU A 55 -0.99 -6.96 -1.17
CA LEU A 55 0.16 -6.57 -0.36
C LEU A 55 0.77 -7.80 0.28
N ARG A 56 2.08 -7.94 0.17
CA ARG A 56 2.83 -8.95 0.87
C ARG A 56 3.60 -8.30 2.00
N ARG A 57 4.43 -7.31 1.66
CA ARG A 57 5.24 -6.64 2.68
C ARG A 57 5.26 -5.14 2.49
N TYR A 58 4.78 -4.45 3.50
CA TYR A 58 4.53 -3.03 3.41
C TYR A 58 5.18 -2.31 4.55
N GLY A 59 5.70 -1.14 4.28
CA GLY A 59 6.57 -0.51 5.22
C GLY A 59 6.54 0.98 5.23
N TYR A 60 7.52 1.49 5.91
CA TYR A 60 7.67 2.90 6.18
C TYR A 60 9.12 3.14 6.57
N ASP A 61 9.75 4.06 5.88
CA ASP A 61 11.00 4.63 6.34
C ASP A 61 10.99 6.10 5.95
N SER A 62 11.98 6.87 6.39
CA SER A 62 12.11 8.29 6.08
C SER A 62 11.35 8.71 4.80
N ASN A 63 10.11 9.20 5.00
CA ASN A 63 9.17 9.54 3.90
C ASN A 63 9.17 8.52 2.76
N LEU A 64 9.28 7.26 3.09
CA LEU A 64 9.22 6.19 2.13
C LEU A 64 8.21 5.14 2.62
N PHE A 65 7.07 4.98 1.97
CA PHE A 65 6.12 3.92 2.33
C PHE A 65 6.18 2.87 1.24
N SER A 66 6.16 1.62 1.63
CA SER A 66 6.33 0.55 0.67
C SER A 66 5.30 -0.53 0.84
N PHE A 67 5.18 -1.37 -0.18
CA PHE A 67 4.44 -2.61 -0.10
C PHE A 67 4.89 -3.55 -1.22
N GLU A 68 5.10 -4.80 -0.87
CA GLU A 68 5.31 -5.83 -1.87
C GLU A 68 3.96 -6.27 -2.36
N SER A 69 3.78 -6.41 -3.64
CA SER A 69 2.49 -6.81 -4.16
C SER A 69 2.60 -8.11 -4.97
N GLY A 70 1.78 -9.07 -4.61
CA GLY A 70 1.79 -10.36 -5.29
C GLY A 70 0.90 -10.36 -6.52
N ARG A 71 0.98 -11.43 -7.29
CA ARG A 71 0.30 -11.52 -8.60
C ARG A 71 0.54 -10.27 -9.44
N ARG A 72 1.73 -9.69 -9.31
CA ARG A 72 2.05 -8.41 -9.92
C ARG A 72 0.97 -7.35 -9.74
N CYS A 73 1.17 -6.23 -10.39
CA CYS A 73 0.23 -5.12 -10.36
C CYS A 73 0.62 -4.11 -11.41
N GLN A 74 -0.30 -3.20 -11.72
CA GLN A 74 -0.13 -2.15 -12.73
C GLN A 74 1.31 -1.69 -12.86
N THR A 75 1.86 -1.21 -11.77
CA THR A 75 3.20 -0.70 -11.77
C THR A 75 3.96 -1.20 -10.53
N GLY A 76 3.47 -2.29 -9.94
CA GLY A 76 4.05 -2.81 -8.72
C GLY A 76 5.27 -3.66 -8.93
N GLN A 77 5.13 -4.73 -9.73
CA GLN A 77 6.21 -5.67 -10.04
C GLN A 77 6.54 -6.57 -8.84
N GLY A 78 6.59 -5.98 -7.67
CA GLY A 78 7.00 -6.69 -6.47
C GLY A 78 7.06 -5.75 -5.29
N ILE A 79 8.26 -5.44 -4.81
CA ILE A 79 8.42 -4.37 -3.84
C ILE A 79 8.27 -3.04 -4.55
N PHE A 80 7.17 -2.37 -4.33
CA PHE A 80 6.96 -1.05 -4.91
C PHE A 80 6.79 -0.03 -3.81
N ALA A 81 7.82 0.75 -3.61
CA ALA A 81 7.83 1.74 -2.56
C ALA A 81 7.59 3.13 -3.12
N PHE A 82 6.92 3.95 -2.34
CA PHE A 82 6.64 5.31 -2.72
C PHE A 82 7.15 6.22 -1.64
N LYS A 83 7.79 7.26 -2.05
CA LYS A 83 8.32 8.22 -1.15
C LYS A 83 7.19 9.06 -0.61
N CYS A 84 6.56 8.54 0.43
CA CYS A 84 5.39 9.17 1.02
C CYS A 84 5.81 9.89 2.30
N ALA A 85 5.57 11.19 2.37
CA ALA A 85 5.98 11.93 3.56
C ALA A 85 5.10 11.56 4.74
N ARG A 86 3.93 11.01 4.47
CA ARG A 86 3.11 10.40 5.50
C ARG A 86 3.33 8.90 5.51
N ALA A 87 4.50 8.45 5.07
CA ALA A 87 4.80 7.02 4.99
C ALA A 87 4.38 6.30 6.25
N GLU A 88 4.93 6.77 7.36
CA GLU A 88 4.59 6.25 8.68
C GLU A 88 3.08 6.14 8.84
N GLU A 89 2.45 7.26 8.62
CA GLU A 89 1.01 7.42 8.72
C GLU A 89 0.29 6.47 7.78
N LEU A 90 0.74 6.46 6.54
CA LEU A 90 0.18 5.66 5.49
C LEU A 90 0.36 4.20 5.79
N PHE A 91 1.62 3.79 5.89
CA PHE A 91 1.94 2.43 6.22
C PHE A 91 1.09 1.97 7.40
N ASN A 92 1.16 2.74 8.49
CA ASN A 92 0.36 2.50 9.69
C ASN A 92 -1.10 2.32 9.35
N MET A 93 -1.69 3.35 8.78
CA MET A 93 -3.09 3.34 8.43
C MET A 93 -3.39 2.05 7.68
N LEU A 94 -2.62 1.81 6.64
CA LEU A 94 -2.64 0.55 5.92
C LEU A 94 -2.64 -0.67 6.85
N GLN A 95 -1.61 -0.83 7.69
CA GLN A 95 -1.53 -2.00 8.58
C GLN A 95 -2.79 -2.09 9.45
N GLU A 96 -3.27 -0.93 9.88
CA GLU A 96 -4.46 -0.84 10.73
C GLU A 96 -5.71 -1.20 9.96
N ILE A 97 -5.87 -0.64 8.76
CA ILE A 97 -6.97 -0.99 7.90
C ILE A 97 -6.95 -2.48 7.65
N MET A 98 -5.75 -3.02 7.46
CA MET A 98 -5.55 -4.45 7.30
C MET A 98 -6.16 -5.23 8.46
N GLN A 99 -5.95 -4.70 9.66
CA GLN A 99 -6.45 -5.31 10.88
C GLN A 99 -7.95 -5.15 11.01
N ASN A 100 -8.40 -3.94 10.75
CA ASN A 100 -9.74 -3.51 11.11
C ASN A 100 -10.78 -3.75 10.02
N ASN A 101 -10.34 -4.16 8.83
CA ASN A 101 -11.30 -4.39 7.74
C ASN A 101 -11.41 -5.86 7.40
N SER A 102 -10.37 -6.63 7.69
CA SER A 102 -10.31 -8.05 7.32
C SER A 102 -10.11 -8.18 5.80
N ILE A 103 -10.68 -7.23 5.07
CA ILE A 103 -10.46 -7.06 3.64
C ILE A 103 -11.14 -8.14 2.82
N ASN A 104 -12.41 -7.89 2.54
CA ASN A 104 -13.17 -8.69 1.59
C ASN A 104 -14.06 -7.77 0.78
N VAL A 105 -13.93 -7.85 -0.53
CA VAL A 105 -14.76 -7.07 -1.42
C VAL A 105 -15.90 -7.96 -1.89
N VAL A 106 -16.63 -8.47 -0.89
CA VAL A 106 -17.55 -9.59 -1.04
C VAL A 106 -16.75 -10.89 -1.13
N GLU A 107 -17.44 -12.02 -1.13
CA GLU A 107 -16.80 -13.33 -1.19
C GLU A 107 -15.92 -13.58 0.01
N GLU A 108 -16.54 -13.91 1.12
CA GLU A 108 -15.81 -14.40 2.27
C GLU A 108 -15.81 -15.91 2.24
N PRO A 109 -14.65 -16.55 2.09
CA PRO A 109 -14.54 -18.01 2.09
C PRO A 109 -14.76 -18.60 3.49
N VAL A 110 -15.76 -18.07 4.18
CA VAL A 110 -16.15 -18.51 5.50
C VAL A 110 -15.11 -18.16 6.55
N VAL A 111 -15.59 -17.58 7.65
CA VAL A 111 -14.73 -17.32 8.80
C VAL A 111 -14.31 -18.65 9.44
N GLU A 112 -13.22 -19.20 8.91
CA GLU A 112 -12.76 -20.55 9.22
C GLU A 112 -13.73 -21.57 8.63
N ARG A 113 -13.30 -22.26 7.59
CA ARG A 113 -14.12 -23.23 6.90
C ARG A 113 -14.40 -24.43 7.81
N ASN A 114 -15.65 -24.53 8.27
CA ASN A 114 -16.03 -25.60 9.17
C ASN A 114 -16.49 -26.81 8.37
N ASN A 115 -15.57 -27.40 7.63
CA ASN A 115 -15.90 -28.55 6.79
C ASN A 115 -15.30 -29.81 7.38
N GLY B 1 16.77 -5.16 0.79
CA GLY B 1 16.90 -6.47 1.45
C GLY B 1 15.60 -7.23 1.45
N PRO B 2 15.53 -8.34 2.18
CA PRO B 2 14.34 -9.20 2.26
C PRO B 2 13.07 -8.43 2.58
N ASP B 3 12.99 -7.83 3.76
CA ASP B 3 11.80 -7.05 4.11
C ASP B 3 12.06 -5.57 3.92
N ALA B 4 13.11 -5.04 4.47
CA ALA B 4 13.40 -3.66 4.22
C ALA B 4 13.67 -3.47 2.75
N VAL B 5 12.83 -2.67 2.15
CA VAL B 5 12.99 -2.32 0.76
C VAL B 5 13.93 -1.14 0.68
N ILE B 6 15.06 -1.32 0.09
CA ILE B 6 15.98 -0.23 0.12
C ILE B 6 15.85 0.53 -1.16
N ILE B 7 14.83 1.36 -1.24
CA ILE B 7 14.56 2.03 -2.46
C ILE B 7 15.43 3.27 -2.53
N GLY B 8 16.62 3.05 -3.10
CA GLY B 8 17.62 4.09 -3.28
C GLY B 8 17.81 4.95 -2.06
N MET B 9 17.15 6.10 -2.08
CA MET B 9 17.18 7.06 -1.01
C MET B 9 17.01 6.42 0.35
N THR B 10 16.04 5.52 0.48
CA THR B 10 15.68 5.04 1.79
C THR B 10 15.38 3.54 1.86
N LYS B 11 15.81 2.94 2.97
CA LYS B 11 15.53 1.57 3.26
C LYS B 11 14.26 1.43 4.09
N ILE B 12 13.26 0.80 3.50
CA ILE B 12 11.95 0.69 4.09
C ILE B 12 11.77 -0.62 4.80
N PRO B 13 11.79 -0.59 6.11
CA PRO B 13 11.59 -1.76 6.92
C PRO B 13 10.10 -2.10 6.94
N VAL B 14 9.73 -3.03 6.07
CA VAL B 14 8.33 -3.37 5.90
C VAL B 14 7.90 -4.53 6.79
N ILE B 15 6.60 -4.72 6.83
CA ILE B 15 5.97 -5.77 7.61
C ILE B 15 5.10 -6.62 6.69
N GLU B 16 4.73 -7.81 7.13
CA GLU B 16 3.98 -8.71 6.28
C GLU B 16 2.50 -8.70 6.65
N ASN B 17 1.68 -8.66 5.60
CA ASN B 17 0.24 -8.45 5.70
C ASN B 17 -0.48 -9.63 6.38
N PRO B 18 -1.53 -9.32 7.16
CA PRO B 18 -2.37 -10.34 7.79
C PRO B 18 -3.41 -10.93 6.84
N GLN B 19 -3.59 -10.32 5.67
CA GLN B 19 -4.58 -10.79 4.71
C GLN B 19 -4.18 -12.17 4.19
N PTR B 20 -2.91 -12.30 3.85
CA PTR B 20 -2.32 -13.56 3.45
C PTR B 20 -2.18 -14.49 4.65
O PTR B 20 -2.36 -15.70 4.53
CB PTR B 20 -0.92 -13.33 2.85
CG PTR B 20 -0.92 -12.72 1.47
CD1 PTR B 20 -1.97 -11.95 0.99
CD2 PTR B 20 0.16 -12.94 0.63
CE1 PTR B 20 -1.95 -11.42 -0.27
CE2 PTR B 20 0.18 -12.40 -0.64
CZ PTR B 20 -0.88 -11.65 -1.09
OH PTR B 20 -0.86 -11.13 -2.35
P PTR B 20 -1.25 -12.13 -3.55
O1P PTR B 20 -2.51 -12.82 -3.08
O2P PTR B 20 0.07 -13.00 -3.74
O3P PTR B 20 -1.59 -11.20 -4.69
H PTR B 20 -2.34 -11.48 3.86
HA PTR B 20 -2.95 -14.02 2.71
HB2 PTR B 20 -0.37 -12.66 3.50
HB3 PTR B 20 -0.40 -14.27 2.80
HD1 PTR B 20 -2.82 -11.76 1.63
HD2 PTR B 20 0.99 -13.53 0.97
HE1 PTR B 20 -2.79 -10.81 -0.61
HE2 PTR B 20 1.02 -12.58 -1.29
HO2P PTR B 20 -0.01 -13.84 -3.27
N PHE B 21 -1.88 -13.89 5.79
CA PHE B 21 -1.65 -14.65 7.01
C PHE B 21 -2.92 -15.38 7.45
N GLY B 22 -4.05 -14.74 7.22
CA GLY B 22 -5.33 -15.33 7.54
C GLY B 22 -6.26 -14.33 8.17
N ILE B 23 -6.04 -14.06 9.45
CA ILE B 23 -6.82 -13.08 10.19
C ILE B 23 -6.18 -12.84 11.55
N SER A 1 -22.57 11.09 2.80
CA SER A 1 -21.93 10.77 4.08
C SER A 1 -20.41 10.66 3.92
N HIS A 2 -19.84 11.54 3.09
CA HIS A 2 -18.40 11.61 2.86
C HIS A 2 -17.85 10.29 2.33
N MET A 3 -18.58 9.68 1.42
CA MET A 3 -18.12 8.45 0.79
C MET A 3 -17.14 8.77 -0.33
N ASP A 4 -17.64 9.26 -1.44
CA ASP A 4 -16.81 9.58 -2.58
C ASP A 4 -16.76 11.08 -2.84
N THR A 5 -16.96 11.84 -1.78
CA THR A 5 -16.80 13.29 -1.85
C THR A 5 -15.35 13.65 -1.56
N VAL A 6 -14.44 12.93 -2.21
CA VAL A 6 -13.03 13.03 -1.87
C VAL A 6 -12.44 14.38 -2.23
N PRO A 7 -11.64 14.88 -1.29
CA PRO A 7 -10.98 16.18 -1.36
C PRO A 7 -9.67 16.11 -2.12
N ASP A 8 -8.84 17.15 -1.99
CA ASP A 8 -7.49 17.11 -2.51
C ASP A 8 -6.75 15.97 -1.83
N ASN A 9 -6.67 16.07 -0.51
CA ASN A 9 -6.14 15.00 0.31
C ASN A 9 -6.93 14.94 1.61
N HIS A 10 -6.88 13.79 2.25
CA HIS A 10 -7.52 13.59 3.54
C HIS A 10 -6.68 12.59 4.31
N ARG A 11 -7.19 12.04 5.40
CA ARG A 11 -6.40 11.07 6.17
C ARG A 11 -5.89 9.99 5.26
N ASN A 12 -6.79 9.37 4.54
CA ASN A 12 -6.44 8.20 3.76
C ASN A 12 -5.81 8.56 2.41
N LYS A 13 -6.17 9.71 1.86
CA LYS A 13 -5.57 10.18 0.62
C LYS A 13 -4.25 10.87 0.92
N PHE A 14 -3.15 10.18 0.64
CA PHE A 14 -1.82 10.75 0.84
C PHE A 14 -1.07 10.90 -0.46
N LYS A 15 -0.69 12.12 -0.78
CA LYS A 15 0.19 12.35 -1.92
C LYS A 15 1.55 11.75 -1.65
N VAL A 16 1.84 10.64 -2.30
CA VAL A 16 3.10 9.98 -2.15
C VAL A 16 4.00 10.33 -3.32
N ILE A 17 5.15 9.71 -3.40
CA ILE A 17 6.00 9.88 -4.54
C ILE A 17 6.44 8.53 -5.05
N ASN A 18 5.93 8.07 -6.18
CA ASN A 18 6.41 6.80 -6.70
C ASN A 18 7.90 6.93 -7.02
N VAL A 19 8.70 6.16 -6.29
CA VAL A 19 10.15 6.23 -6.39
C VAL A 19 10.69 4.81 -6.53
N ASP A 20 11.50 4.56 -7.53
CA ASP A 20 11.87 3.18 -7.82
C ASP A 20 13.37 2.96 -7.86
N ASP A 21 13.81 1.98 -7.06
CA ASP A 21 15.22 1.52 -7.01
C ASP A 21 16.23 2.64 -6.73
N ASP A 22 15.76 3.83 -6.46
CA ASP A 22 16.66 4.94 -6.16
C ASP A 22 16.01 5.89 -5.16
N GLY A 23 14.74 5.64 -4.86
CA GLY A 23 13.96 6.55 -4.05
C GLY A 23 13.79 7.85 -4.78
N ASN A 24 13.89 7.78 -6.10
CA ASN A 24 13.81 8.95 -6.95
C ASN A 24 12.39 9.15 -7.40
N GLU A 25 11.85 10.35 -7.16
CA GLU A 25 10.52 10.70 -7.60
C GLU A 25 10.39 10.55 -9.12
N LEU A 26 10.16 9.31 -9.56
CA LEU A 26 10.04 9.00 -10.98
C LEU A 26 8.66 9.38 -11.47
N GLY A 27 7.71 9.29 -10.58
CA GLY A 27 6.35 9.72 -10.86
C GLY A 27 5.57 9.85 -9.58
N SER A 28 5.72 10.97 -8.90
CA SER A 28 5.12 11.15 -7.59
C SER A 28 3.60 11.00 -7.67
N GLY A 29 3.07 10.15 -6.80
CA GLY A 29 1.69 9.72 -6.93
C GLY A 29 0.85 10.09 -5.73
N ILE A 30 -0.30 9.45 -5.63
CA ILE A 30 -1.12 9.46 -4.43
C ILE A 30 -1.08 8.08 -3.86
N MET A 31 -1.38 7.92 -2.61
CA MET A 31 -1.68 6.63 -2.09
C MET A 31 -2.95 6.74 -1.26
N GLU A 32 -4.06 6.57 -1.95
CA GLU A 32 -5.37 6.70 -1.36
C GLU A 32 -5.69 5.41 -0.62
N LEU A 33 -5.44 5.41 0.66
CA LEU A 33 -5.61 4.22 1.46
C LEU A 33 -7.08 3.93 1.72
N THR A 34 -7.52 2.73 1.40
CA THR A 34 -8.89 2.33 1.68
C THR A 34 -8.92 0.96 2.36
N ASP A 35 -10.13 0.39 2.49
CA ASP A 35 -10.31 -0.92 3.13
C ASP A 35 -9.43 -1.96 2.52
N THR A 36 -9.49 -2.07 1.21
CA THR A 36 -8.84 -3.18 0.58
C THR A 36 -7.96 -2.78 -0.56
N GLU A 37 -8.04 -1.55 -1.01
CA GLU A 37 -7.21 -1.15 -2.13
C GLU A 37 -6.47 0.14 -1.83
N LEU A 38 -5.19 0.04 -2.05
CA LEU A 38 -4.30 1.17 -1.94
C LEU A 38 -4.28 1.91 -3.25
N ILE A 39 -5.14 2.89 -3.35
CA ILE A 39 -5.37 3.56 -4.60
C ILE A 39 -4.29 4.65 -4.84
N LEU A 40 -3.20 4.26 -5.48
CA LEU A 40 -2.10 5.18 -5.80
C LEU A 40 -2.46 6.01 -7.03
N TYR A 41 -2.57 7.32 -6.90
CA TYR A 41 -2.84 8.11 -8.10
C TYR A 41 -1.52 8.51 -8.75
N THR A 42 -1.13 7.81 -9.79
CA THR A 42 0.12 8.11 -10.46
C THR A 42 0.02 9.41 -11.25
N ARG A 43 1.09 9.79 -11.92
CA ARG A 43 1.07 11.02 -12.69
C ARG A 43 0.23 10.88 -13.95
N LYS A 44 0.73 10.10 -14.89
CA LYS A 44 0.07 9.93 -16.18
C LYS A 44 -0.36 8.49 -16.40
N ARG A 45 -0.31 7.72 -15.32
CA ARG A 45 -0.71 6.32 -15.35
C ARG A 45 -2.09 6.14 -14.72
N ASP A 46 -2.49 7.15 -13.94
CA ASP A 46 -3.79 7.22 -13.28
C ASP A 46 -3.85 6.33 -12.04
N SER A 47 -4.91 6.50 -11.27
CA SER A 47 -5.11 5.79 -10.02
C SER A 47 -4.88 4.29 -10.16
N VAL A 48 -3.71 3.90 -9.75
CA VAL A 48 -3.34 2.51 -9.59
C VAL A 48 -3.93 2.03 -8.29
N LYS A 49 -4.05 0.74 -8.11
CA LYS A 49 -4.67 0.24 -6.88
C LYS A 49 -3.90 -0.96 -6.34
N TRP A 50 -3.72 -1.03 -5.02
CA TRP A 50 -3.13 -2.21 -4.41
C TRP A 50 -4.06 -2.87 -3.43
N HIS A 51 -4.64 -3.98 -3.85
CA HIS A 51 -5.51 -4.74 -2.98
C HIS A 51 -4.70 -5.35 -1.83
N TYR A 52 -5.27 -5.26 -0.64
CA TYR A 52 -4.65 -5.67 0.61
C TYR A 52 -4.29 -7.15 0.62
N LEU A 53 -5.02 -7.93 -0.17
CA LEU A 53 -4.76 -9.36 -0.32
C LEU A 53 -3.61 -9.57 -1.27
N CYS A 54 -2.84 -8.53 -1.48
CA CYS A 54 -1.72 -8.60 -2.37
C CYS A 54 -0.47 -8.06 -1.68
N LEU A 55 -0.66 -7.14 -0.73
CA LEU A 55 0.44 -6.53 0.01
C LEU A 55 1.18 -7.55 0.87
N ARG A 56 2.11 -8.28 0.29
CA ARG A 56 2.96 -9.20 1.04
C ARG A 56 3.68 -8.44 2.14
N ARG A 57 4.50 -7.46 1.75
CA ARG A 57 5.28 -6.72 2.73
C ARG A 57 5.23 -5.22 2.51
N TYR A 58 4.75 -4.50 3.52
CA TYR A 58 4.49 -3.08 3.40
C TYR A 58 5.14 -2.33 4.53
N GLY A 59 5.67 -1.16 4.24
CA GLY A 59 6.55 -0.52 5.17
C GLY A 59 6.52 0.98 5.16
N TYR A 60 7.53 1.51 5.80
CA TYR A 60 7.67 2.93 6.07
C TYR A 60 9.11 3.21 6.49
N ASP A 61 9.76 4.15 5.83
CA ASP A 61 11.04 4.64 6.32
C ASP A 61 11.31 6.04 5.84
N SER A 62 11.37 7.01 6.75
CA SER A 62 11.74 8.39 6.41
C SER A 62 11.07 8.84 5.12
N ASN A 63 9.77 9.15 5.21
CA ASN A 63 8.93 9.51 4.05
C ASN A 63 9.06 8.52 2.88
N LEU A 64 9.29 7.24 3.19
CA LEU A 64 9.25 6.18 2.17
C LEU A 64 8.22 5.12 2.63
N PHE A 65 7.10 4.96 1.94
CA PHE A 65 6.14 3.89 2.26
C PHE A 65 6.21 2.83 1.17
N SER A 66 6.19 1.58 1.55
CA SER A 66 6.36 0.52 0.58
C SER A 66 5.34 -0.59 0.78
N PHE A 67 5.23 -1.46 -0.23
CA PHE A 67 4.48 -2.69 -0.13
C PHE A 67 4.92 -3.67 -1.23
N GLU A 68 5.00 -4.95 -0.89
CA GLU A 68 5.30 -5.97 -1.87
C GLU A 68 4.02 -6.57 -2.36
N SER A 69 3.63 -6.29 -3.58
CA SER A 69 2.43 -6.88 -4.09
C SER A 69 2.76 -8.23 -4.74
N GLY A 70 2.08 -9.28 -4.29
CA GLY A 70 2.41 -10.64 -4.70
C GLY A 70 1.86 -10.98 -6.06
N ARG A 71 0.62 -10.62 -6.29
CA ARG A 71 0.02 -10.75 -7.59
C ARG A 71 0.36 -9.52 -8.41
N ARG A 72 0.42 -9.68 -9.72
CA ARG A 72 0.76 -8.56 -10.57
C ARG A 72 -0.24 -7.43 -10.43
N CYS A 73 0.22 -6.25 -10.74
CA CYS A 73 -0.57 -5.05 -10.59
C CYS A 73 -0.36 -4.14 -11.79
N GLN A 74 -1.02 -3.00 -11.78
CA GLN A 74 -0.80 -1.94 -12.75
C GLN A 74 0.70 -1.66 -12.90
N THR A 75 1.30 -1.20 -11.82
CA THR A 75 2.68 -0.81 -11.83
C THR A 75 3.40 -1.40 -10.62
N GLY A 76 2.80 -2.45 -10.05
CA GLY A 76 3.37 -3.11 -8.90
C GLY A 76 3.52 -4.60 -9.11
N GLN A 77 4.70 -5.02 -9.50
CA GLN A 77 4.96 -6.43 -9.74
C GLN A 77 5.71 -7.06 -8.57
N GLY A 78 6.30 -6.24 -7.71
CA GLY A 78 7.05 -6.73 -6.57
C GLY A 78 7.08 -5.71 -5.45
N ILE A 79 8.26 -5.45 -4.90
CA ILE A 79 8.41 -4.37 -3.93
C ILE A 79 8.22 -3.04 -4.64
N PHE A 80 7.15 -2.37 -4.34
CA PHE A 80 6.91 -1.05 -4.91
C PHE A 80 6.79 -0.04 -3.80
N ALA A 81 7.80 0.81 -3.70
CA ALA A 81 7.87 1.78 -2.64
C ALA A 81 7.65 3.19 -3.18
N PHE A 82 7.00 4.02 -2.39
CA PHE A 82 6.74 5.39 -2.77
C PHE A 82 7.29 6.26 -1.68
N LYS A 83 7.83 7.37 -2.06
CA LYS A 83 8.36 8.29 -1.09
C LYS A 83 7.19 9.11 -0.56
N CYS A 84 6.55 8.57 0.45
CA CYS A 84 5.34 9.14 1.00
C CYS A 84 5.69 9.86 2.29
N ALA A 85 5.51 11.16 2.34
CA ALA A 85 5.86 11.91 3.54
C ALA A 85 4.99 11.50 4.72
N ARG A 86 3.79 11.03 4.41
CA ARG A 86 2.99 10.36 5.42
C ARG A 86 3.20 8.86 5.33
N ALA A 87 4.42 8.42 5.03
CA ALA A 87 4.72 6.99 4.93
C ALA A 87 4.30 6.29 6.20
N GLU A 88 4.87 6.77 7.29
CA GLU A 88 4.54 6.31 8.63
C GLU A 88 3.04 6.20 8.81
N GLU A 89 2.40 7.32 8.60
CA GLU A 89 0.96 7.44 8.67
C GLU A 89 0.26 6.46 7.73
N LEU A 90 0.69 6.47 6.49
CA LEU A 90 0.13 5.65 5.45
C LEU A 90 0.32 4.19 5.74
N PHE A 91 1.58 3.78 5.84
CA PHE A 91 1.91 2.42 6.18
C PHE A 91 1.06 1.98 7.37
N ASN A 92 1.14 2.75 8.45
CA ASN A 92 0.33 2.52 9.65
C ASN A 92 -1.11 2.33 9.29
N MET A 93 -1.73 3.38 8.74
CA MET A 93 -3.13 3.36 8.39
C MET A 93 -3.44 2.06 7.68
N LEU A 94 -2.71 1.81 6.63
CA LEU A 94 -2.73 0.54 5.91
C LEU A 94 -2.69 -0.67 6.86
N GLN A 95 -1.67 -0.77 7.72
CA GLN A 95 -1.58 -1.92 8.63
C GLN A 95 -2.82 -2.00 9.53
N GLU A 96 -3.32 -0.84 9.96
CA GLU A 96 -4.53 -0.81 10.80
C GLU A 96 -5.74 -1.25 10.00
N ILE A 97 -5.90 -0.72 8.80
CA ILE A 97 -6.98 -1.15 7.93
C ILE A 97 -6.89 -2.64 7.71
N MET A 98 -5.65 -3.10 7.53
CA MET A 98 -5.35 -4.52 7.43
C MET A 98 -5.82 -5.26 8.67
N GLN A 99 -5.90 -4.53 9.76
CA GLN A 99 -6.30 -5.05 11.05
C GLN A 99 -7.80 -4.95 11.26
N ASN A 100 -8.45 -4.02 10.58
CA ASN A 100 -9.80 -3.62 10.95
C ASN A 100 -10.80 -3.73 9.81
N ASN A 101 -10.40 -4.28 8.67
CA ASN A 101 -11.35 -4.56 7.61
C ASN A 101 -11.41 -6.04 7.27
N SER A 102 -10.32 -6.75 7.59
CA SER A 102 -10.18 -8.19 7.26
C SER A 102 -9.98 -8.37 5.75
N ILE A 103 -10.52 -7.44 4.97
CA ILE A 103 -10.23 -7.30 3.55
C ILE A 103 -10.64 -8.53 2.74
N ASN A 104 -11.76 -8.40 2.04
CA ASN A 104 -12.21 -9.45 1.15
C ASN A 104 -12.88 -8.87 -0.08
N VAL A 105 -12.60 -9.49 -1.21
CA VAL A 105 -13.30 -9.20 -2.44
C VAL A 105 -14.49 -10.15 -2.53
N VAL A 106 -14.35 -11.23 -1.79
CA VAL A 106 -15.35 -12.24 -1.65
C VAL A 106 -14.82 -13.25 -0.64
N GLU A 107 -15.60 -14.29 -0.33
CA GLU A 107 -15.18 -15.32 0.59
C GLU A 107 -14.85 -14.75 1.95
N GLU A 108 -15.85 -14.21 2.62
CA GLU A 108 -15.66 -13.67 3.95
C GLU A 108 -15.81 -14.77 4.98
N PRO A 109 -14.73 -15.12 5.69
CA PRO A 109 -14.79 -16.05 6.80
C PRO A 109 -15.37 -15.38 8.04
N VAL A 110 -16.36 -14.52 7.81
CA VAL A 110 -16.97 -13.72 8.86
C VAL A 110 -16.01 -12.66 9.38
N VAL A 111 -16.30 -11.41 9.07
CA VAL A 111 -15.52 -10.31 9.63
C VAL A 111 -15.67 -10.30 11.14
N GLU A 112 -14.57 -10.67 11.79
CA GLU A 112 -14.56 -10.98 13.21
C GLU A 112 -15.48 -12.16 13.52
N ARG A 113 -14.89 -13.33 13.72
CA ARG A 113 -15.66 -14.51 14.08
C ARG A 113 -16.07 -14.41 15.55
N ASN A 114 -15.07 -14.17 16.39
CA ASN A 114 -15.26 -13.97 17.84
C ASN A 114 -13.90 -13.95 18.49
N ASN A 115 -13.10 -14.95 18.14
CA ASN A 115 -11.75 -15.08 18.65
C ASN A 115 -10.78 -14.31 17.77
N GLY B 1 17.05 -7.29 6.71
CA GLY B 1 16.71 -8.47 5.89
C GLY B 1 16.04 -8.09 4.59
N PRO B 2 15.42 -9.04 3.90
CA PRO B 2 14.76 -8.80 2.61
C PRO B 2 13.46 -8.01 2.75
N ASP B 3 12.95 -7.92 3.98
CA ASP B 3 11.74 -7.14 4.23
C ASP B 3 11.99 -5.66 4.00
N ALA B 4 13.04 -5.11 4.56
CA ALA B 4 13.32 -3.74 4.27
C ALA B 4 13.61 -3.59 2.80
N VAL B 5 12.78 -2.78 2.17
CA VAL B 5 12.97 -2.44 0.76
C VAL B 5 13.93 -1.28 0.69
N ILE B 6 15.09 -1.50 0.12
CA ILE B 6 16.01 -0.42 0.15
C ILE B 6 15.88 0.33 -1.13
N ILE B 7 14.92 1.24 -1.16
CA ILE B 7 14.64 1.95 -2.38
C ILE B 7 15.51 3.19 -2.41
N GLY B 8 16.69 3.00 -2.99
CA GLY B 8 17.69 4.06 -3.14
C GLY B 8 17.86 4.92 -1.91
N MET B 9 17.21 6.08 -1.94
CA MET B 9 17.25 7.05 -0.88
C MET B 9 17.05 6.41 0.50
N THR B 10 16.13 5.48 0.59
CA THR B 10 15.79 4.95 1.89
C THR B 10 15.45 3.46 1.89
N LYS B 11 15.87 2.81 2.98
CA LYS B 11 15.53 1.43 3.23
C LYS B 11 14.25 1.33 4.04
N ILE B 12 13.24 0.73 3.45
CA ILE B 12 11.93 0.63 4.05
C ILE B 12 11.73 -0.66 4.77
N PRO B 13 11.74 -0.62 6.08
CA PRO B 13 11.52 -1.80 6.88
C PRO B 13 10.04 -2.11 6.88
N VAL B 14 9.66 -3.04 6.03
CA VAL B 14 8.26 -3.36 5.85
C VAL B 14 7.82 -4.51 6.77
N ILE B 15 6.52 -4.72 6.81
CA ILE B 15 5.91 -5.77 7.59
C ILE B 15 5.02 -6.60 6.69
N GLU B 16 4.77 -7.85 7.06
CA GLU B 16 4.02 -8.74 6.19
C GLU B 16 2.56 -8.84 6.63
N ASN B 17 1.68 -8.72 5.64
CA ASN B 17 0.22 -8.58 5.85
C ASN B 17 -0.39 -9.74 6.62
N PRO B 18 -1.44 -9.44 7.42
CA PRO B 18 -2.25 -10.47 8.07
C PRO B 18 -3.30 -11.07 7.13
N GLN B 19 -3.55 -10.41 5.99
CA GLN B 19 -4.63 -10.82 5.08
C GLN B 19 -4.47 -12.26 4.61
N PTR B 20 -3.24 -12.62 4.30
CA PTR B 20 -2.92 -13.95 3.80
C PTR B 20 -3.12 -15.02 4.87
O PTR B 20 -3.20 -16.21 4.56
CB PTR B 20 -1.47 -14.00 3.30
CG PTR B 20 -1.23 -13.29 1.98
CD1 PTR B 20 -2.16 -12.40 1.46
CD2 PTR B 20 -0.07 -13.53 1.26
CE1 PTR B 20 -1.95 -11.78 0.26
CE2 PTR B 20 0.15 -12.91 0.05
CZ PTR B 20 -0.79 -12.03 -0.45
OH PTR B 20 -0.59 -11.41 -1.66
P PTR B 20 -0.83 -12.28 -3.01
O1P PTR B 20 -1.83 -13.34 -2.60
O2P PTR B 20 0.63 -12.73 -3.42
O3P PTR B 20 -1.50 -11.29 -3.94
H PTR B 20 -2.51 -11.96 4.40
HA PTR B 20 -3.58 -14.16 2.97
HB2 PTR B 20 -0.83 -13.53 4.05
HB3 PTR B 20 -1.17 -15.03 3.19
HD1 PTR B 20 -3.07 -12.20 2.00
HD2 PTR B 20 0.66 -14.22 1.65
HE1 PTR B 20 -2.69 -11.09 -0.13
HE2 PTR B 20 1.06 -13.10 -0.50
HO2P PTR B 20 0.76 -13.65 -3.22
N PHE B 21 -3.19 -14.60 6.12
CA PHE B 21 -3.23 -15.55 7.23
C PHE B 21 -4.57 -15.53 7.95
N GLY B 22 -5.20 -14.36 8.01
CA GLY B 22 -6.46 -14.23 8.69
C GLY B 22 -6.42 -13.15 9.74
N ILE B 23 -7.04 -13.41 10.88
CA ILE B 23 -7.06 -12.45 11.98
C ILE B 23 -5.81 -12.58 12.84
N SER A 1 -12.84 4.83 17.86
CA SER A 1 -12.78 5.24 16.45
C SER A 1 -13.72 6.42 16.17
N HIS A 2 -13.11 7.58 15.96
CA HIS A 2 -13.83 8.79 15.58
C HIS A 2 -12.81 9.81 15.09
N MET A 3 -13.25 11.03 14.80
CA MET A 3 -12.35 12.10 14.34
C MET A 3 -11.90 11.85 12.90
N ASP A 4 -11.21 10.74 12.68
CA ASP A 4 -10.76 10.40 11.34
C ASP A 4 -11.36 9.08 10.88
N THR A 5 -12.57 8.80 11.35
CA THR A 5 -13.36 7.73 10.78
C THR A 5 -13.86 8.18 9.43
N VAL A 6 -13.06 7.93 8.42
CA VAL A 6 -13.16 8.62 7.16
C VAL A 6 -14.06 7.89 6.17
N PRO A 7 -14.72 8.68 5.30
CA PRO A 7 -15.60 8.18 4.25
C PRO A 7 -14.86 7.47 3.13
N ASP A 8 -13.73 8.05 2.74
CA ASP A 8 -12.97 7.59 1.58
C ASP A 8 -11.56 8.15 1.60
N ASN A 9 -11.44 9.45 1.46
CA ASN A 9 -10.16 10.13 1.37
C ASN A 9 -9.83 10.89 2.66
N HIS A 10 -9.31 12.11 2.54
CA HIS A 10 -8.95 12.97 3.69
C HIS A 10 -7.75 12.41 4.45
N ARG A 11 -8.03 11.60 5.46
CA ARG A 11 -6.99 10.89 6.20
C ARG A 11 -6.29 9.91 5.31
N ASN A 12 -7.06 9.24 4.49
CA ASN A 12 -6.58 8.08 3.77
C ASN A 12 -5.99 8.42 2.41
N LYS A 13 -6.42 9.53 1.81
CA LYS A 13 -5.80 9.98 0.57
C LYS A 13 -4.50 10.69 0.89
N PHE A 14 -3.39 10.01 0.63
CA PHE A 14 -2.08 10.60 0.86
C PHE A 14 -1.35 10.82 -0.44
N LYS A 15 -0.68 11.95 -0.55
CA LYS A 15 0.15 12.23 -1.69
C LYS A 15 1.54 11.65 -1.48
N VAL A 16 1.81 10.57 -2.16
CA VAL A 16 3.10 9.91 -2.06
C VAL A 16 3.94 10.30 -3.25
N ILE A 17 5.11 9.74 -3.32
CA ILE A 17 5.94 9.85 -4.50
C ILE A 17 6.26 8.47 -5.00
N ASN A 18 5.84 8.10 -6.19
CA ASN A 18 6.27 6.79 -6.66
C ASN A 18 7.72 6.85 -7.09
N VAL A 19 8.55 6.15 -6.33
CA VAL A 19 9.99 6.19 -6.49
C VAL A 19 10.48 4.77 -6.77
N ASP A 20 11.29 4.57 -7.79
CA ASP A 20 11.65 3.20 -8.12
C ASP A 20 13.15 2.96 -8.08
N ASP A 21 13.50 1.94 -7.29
CA ASP A 21 14.88 1.42 -7.07
C ASP A 21 15.94 2.50 -6.84
N ASP A 22 15.54 3.76 -6.71
CA ASP A 22 16.46 4.85 -6.42
C ASP A 22 15.88 5.76 -5.37
N GLY A 23 14.63 5.52 -5.01
CA GLY A 23 13.88 6.46 -4.20
C GLY A 23 13.69 7.75 -4.97
N ASN A 24 13.81 7.63 -6.29
CA ASN A 24 13.72 8.76 -7.19
C ASN A 24 12.28 9.03 -7.52
N GLU A 25 11.80 10.23 -7.23
CA GLU A 25 10.45 10.61 -7.59
C GLU A 25 10.24 10.44 -9.09
N LEU A 26 9.77 9.27 -9.49
CA LEU A 26 9.48 8.99 -10.88
C LEU A 26 8.05 9.40 -11.16
N GLY A 27 7.64 10.40 -10.43
CA GLY A 27 6.29 10.90 -10.47
C GLY A 27 5.71 10.87 -9.09
N SER A 28 5.33 12.00 -8.54
CA SER A 28 4.77 11.97 -7.23
C SER A 28 3.28 11.64 -7.30
N GLY A 29 2.93 10.51 -6.70
CA GLY A 29 1.59 9.95 -6.84
C GLY A 29 0.72 10.23 -5.64
N ILE A 30 -0.38 9.51 -5.56
CA ILE A 30 -1.18 9.42 -4.35
C ILE A 30 -1.06 8.01 -3.82
N MET A 31 -1.47 7.80 -2.61
CA MET A 31 -1.68 6.49 -2.10
C MET A 31 -2.92 6.52 -1.24
N GLU A 32 -4.02 6.20 -1.91
CA GLU A 32 -5.35 6.27 -1.36
C GLU A 32 -5.59 5.04 -0.49
N LEU A 33 -5.52 5.20 0.81
CA LEU A 33 -5.62 4.06 1.70
C LEU A 33 -7.05 3.70 2.05
N THR A 34 -7.68 2.86 1.24
CA THR A 34 -9.02 2.42 1.56
C THR A 34 -8.99 1.06 2.25
N ASP A 35 -10.18 0.45 2.39
CA ASP A 35 -10.33 -0.83 3.10
C ASP A 35 -9.45 -1.88 2.49
N THR A 36 -9.50 -2.03 1.19
CA THR A 36 -8.80 -3.13 0.59
C THR A 36 -7.90 -2.73 -0.56
N GLU A 37 -8.03 -1.52 -1.07
CA GLU A 37 -7.18 -1.12 -2.18
C GLU A 37 -6.46 0.18 -1.93
N LEU A 38 -5.18 0.11 -2.11
CA LEU A 38 -4.29 1.24 -2.03
C LEU A 38 -4.24 1.93 -3.37
N ILE A 39 -5.10 2.91 -3.56
CA ILE A 39 -5.25 3.55 -4.85
C ILE A 39 -4.16 4.63 -5.02
N LEU A 40 -3.04 4.26 -5.64
CA LEU A 40 -1.96 5.19 -5.91
C LEU A 40 -2.30 6.05 -7.11
N TYR A 41 -2.51 7.34 -6.93
CA TYR A 41 -2.83 8.19 -8.08
C TYR A 41 -1.54 8.67 -8.74
N THR A 42 -1.13 8.03 -9.82
CA THR A 42 0.13 8.41 -10.47
C THR A 42 -0.01 9.74 -11.22
N ARG A 43 1.01 10.11 -11.97
CA ARG A 43 0.96 11.33 -12.75
C ARG A 43 0.07 11.17 -13.98
N LYS A 44 0.55 10.41 -14.95
CA LYS A 44 -0.16 10.22 -16.21
C LYS A 44 -0.54 8.76 -16.43
N ARG A 45 -0.30 7.95 -15.42
CA ARG A 45 -0.52 6.50 -15.48
C ARG A 45 -1.90 6.16 -14.92
N ASP A 46 -2.44 7.13 -14.20
CA ASP A 46 -3.76 7.06 -13.58
C ASP A 46 -3.74 6.32 -12.26
N SER A 47 -4.83 6.44 -11.52
CA SER A 47 -4.99 5.77 -10.24
C SER A 47 -4.66 4.30 -10.35
N VAL A 48 -3.48 3.98 -9.91
CA VAL A 48 -3.05 2.62 -9.74
C VAL A 48 -3.66 2.12 -8.46
N LYS A 49 -3.76 0.82 -8.28
CA LYS A 49 -4.38 0.31 -7.07
C LYS A 49 -3.56 -0.84 -6.47
N TRP A 50 -3.61 -0.99 -5.16
CA TRP A 50 -2.99 -2.13 -4.49
C TRP A 50 -3.92 -2.78 -3.48
N HIS A 51 -4.43 -3.95 -3.85
CA HIS A 51 -5.32 -4.66 -2.97
C HIS A 51 -4.56 -5.28 -1.80
N TYR A 52 -5.19 -5.25 -0.64
CA TYR A 52 -4.59 -5.65 0.64
C TYR A 52 -4.24 -7.13 0.67
N LEU A 53 -4.99 -7.93 -0.06
CA LEU A 53 -4.71 -9.36 -0.20
C LEU A 53 -3.58 -9.57 -1.17
N CYS A 54 -2.84 -8.53 -1.43
CA CYS A 54 -1.73 -8.61 -2.34
C CYS A 54 -0.49 -8.02 -1.70
N LEU A 55 -0.68 -7.11 -0.75
CA LEU A 55 0.44 -6.54 0.00
C LEU A 55 1.10 -7.59 0.88
N ARG A 56 1.97 -8.42 0.30
CA ARG A 56 2.72 -9.40 1.08
C ARG A 56 3.45 -8.70 2.21
N ARG A 57 4.12 -7.62 1.84
CA ARG A 57 4.81 -6.80 2.82
C ARG A 57 4.49 -5.34 2.57
N TYR A 58 4.76 -4.48 3.54
CA TYR A 58 4.44 -3.07 3.44
C TYR A 58 5.08 -2.30 4.57
N GLY A 59 5.60 -1.12 4.29
CA GLY A 59 6.48 -0.47 5.22
C GLY A 59 6.49 1.02 5.17
N TYR A 60 7.53 1.56 5.77
CA TYR A 60 7.69 2.96 6.04
C TYR A 60 9.15 3.22 6.45
N ASP A 61 9.82 4.15 5.78
CA ASP A 61 11.10 4.62 6.25
C ASP A 61 11.42 6.03 5.77
N SER A 62 11.51 6.98 6.69
CA SER A 62 11.93 8.33 6.36
C SER A 62 11.16 8.90 5.17
N ASN A 63 9.83 8.89 5.29
CA ASN A 63 8.92 9.33 4.21
C ASN A 63 9.03 8.42 2.99
N LEU A 64 9.35 7.15 3.21
CA LEU A 64 9.29 6.13 2.17
C LEU A 64 8.26 5.08 2.61
N PHE A 65 7.11 4.96 1.94
CA PHE A 65 6.15 3.90 2.28
C PHE A 65 6.19 2.84 1.19
N SER A 66 6.15 1.59 1.58
CA SER A 66 6.32 0.52 0.62
C SER A 66 5.31 -0.59 0.82
N PHE A 67 5.26 -1.50 -0.14
CA PHE A 67 4.51 -2.73 -0.04
C PHE A 67 4.97 -3.70 -1.15
N GLU A 68 4.91 -5.01 -0.87
CA GLU A 68 5.21 -6.01 -1.88
C GLU A 68 3.93 -6.65 -2.36
N SER A 69 3.51 -6.31 -3.55
CA SER A 69 2.30 -6.89 -4.08
C SER A 69 2.60 -8.25 -4.72
N GLY A 70 1.87 -9.27 -4.29
CA GLY A 70 2.18 -10.64 -4.68
C GLY A 70 1.62 -11.05 -6.02
N ARG A 71 1.06 -10.10 -6.74
CA ARG A 71 0.61 -10.32 -8.10
C ARG A 71 1.11 -9.15 -8.93
N ARG A 72 1.20 -9.32 -10.24
CA ARG A 72 1.55 -8.21 -11.09
C ARG A 72 0.42 -7.20 -11.05
N CYS A 73 0.79 -5.96 -10.93
CA CYS A 73 -0.16 -4.89 -10.77
C CYS A 73 0.00 -3.93 -11.94
N GLN A 74 -0.60 -2.77 -11.83
CA GLN A 74 -0.41 -1.72 -12.82
C GLN A 74 1.07 -1.40 -12.98
N THR A 75 1.68 -0.97 -11.89
CA THR A 75 3.06 -0.53 -11.93
C THR A 75 3.85 -1.06 -10.72
N GLY A 76 3.34 -2.13 -10.10
CA GLY A 76 3.94 -2.63 -8.88
C GLY A 76 5.11 -3.55 -9.10
N GLN A 77 4.90 -4.59 -9.93
CA GLN A 77 5.89 -5.65 -10.16
C GLN A 77 6.05 -6.54 -8.92
N GLY A 78 6.20 -5.90 -7.78
CA GLY A 78 6.45 -6.62 -6.54
C GLY A 78 6.59 -5.64 -5.39
N ILE A 79 7.82 -5.44 -4.93
CA ILE A 79 8.08 -4.39 -3.95
C ILE A 79 8.08 -3.04 -4.65
N PHE A 80 7.03 -2.27 -4.43
CA PHE A 80 6.93 -0.95 -5.00
C PHE A 80 6.78 0.04 -3.88
N ALA A 81 7.79 0.85 -3.71
CA ALA A 81 7.84 1.79 -2.62
C ALA A 81 7.61 3.21 -3.15
N PHE A 82 6.93 4.01 -2.34
CA PHE A 82 6.66 5.38 -2.70
C PHE A 82 7.17 6.27 -1.61
N LYS A 83 7.84 7.30 -2.01
CA LYS A 83 8.37 8.23 -1.07
C LYS A 83 7.22 9.09 -0.56
N CYS A 84 6.52 8.56 0.42
CA CYS A 84 5.35 9.20 0.97
C CYS A 84 5.73 9.92 2.24
N ALA A 85 5.53 11.22 2.31
CA ALA A 85 5.90 11.94 3.51
C ALA A 85 4.91 11.69 4.65
N ARG A 86 3.84 10.97 4.34
CA ARG A 86 3.01 10.39 5.38
C ARG A 86 3.26 8.90 5.43
N ALA A 87 4.43 8.44 4.97
CA ALA A 87 4.75 7.01 4.92
C ALA A 87 4.34 6.32 6.20
N GLU A 88 4.87 6.83 7.29
CA GLU A 88 4.54 6.37 8.64
C GLU A 88 3.04 6.26 8.82
N GLU A 89 2.38 7.38 8.63
CA GLU A 89 0.93 7.49 8.70
C GLU A 89 0.25 6.50 7.75
N LEU A 90 0.69 6.51 6.50
CA LEU A 90 0.14 5.69 5.47
C LEU A 90 0.33 4.22 5.79
N PHE A 91 1.59 3.82 5.87
CA PHE A 91 1.92 2.46 6.21
C PHE A 91 1.08 2.02 7.40
N ASN A 92 1.15 2.78 8.48
CA ASN A 92 0.33 2.56 9.68
C ASN A 92 -1.11 2.35 9.34
N MET A 93 -1.74 3.37 8.79
CA MET A 93 -3.14 3.31 8.46
C MET A 93 -3.43 2.02 7.73
N LEU A 94 -2.67 1.81 6.67
CA LEU A 94 -2.69 0.56 5.93
C LEU A 94 -2.64 -0.66 6.85
N GLN A 95 -1.64 -0.76 7.73
CA GLN A 95 -1.54 -1.92 8.62
C GLN A 95 -2.80 -2.04 9.47
N GLU A 96 -3.34 -0.91 9.93
CA GLU A 96 -4.54 -0.91 10.75
C GLU A 96 -5.75 -1.27 9.92
N ILE A 97 -5.90 -0.64 8.75
CA ILE A 97 -6.98 -1.01 7.84
C ILE A 97 -6.92 -2.50 7.60
N MET A 98 -5.70 -3.01 7.45
CA MET A 98 -5.46 -4.43 7.32
C MET A 98 -6.01 -5.19 8.53
N GLN A 99 -5.68 -4.72 9.72
CA GLN A 99 -6.07 -5.36 10.96
C GLN A 99 -7.58 -5.30 11.18
N ASN A 100 -8.18 -4.20 10.76
CA ASN A 100 -9.53 -3.85 11.17
C ASN A 100 -10.59 -4.13 10.10
N ASN A 101 -10.19 -4.19 8.83
CA ASN A 101 -11.19 -4.33 7.77
C ASN A 101 -11.37 -5.78 7.38
N SER A 102 -10.34 -6.58 7.63
CA SER A 102 -10.35 -8.01 7.28
C SER A 102 -10.25 -8.18 5.76
N ILE A 103 -10.70 -7.16 5.04
CA ILE A 103 -10.47 -7.04 3.61
C ILE A 103 -11.13 -8.18 2.83
N ASN A 104 -12.39 -7.98 2.49
CA ASN A 104 -13.10 -8.92 1.64
C ASN A 104 -13.83 -8.19 0.54
N VAL A 105 -13.53 -8.57 -0.68
CA VAL A 105 -14.20 -8.04 -1.86
C VAL A 105 -15.14 -9.11 -2.37
N VAL A 106 -15.53 -9.98 -1.44
CA VAL A 106 -16.35 -11.15 -1.72
C VAL A 106 -15.63 -12.14 -2.63
N GLU A 107 -16.11 -13.37 -2.65
CA GLU A 107 -15.56 -14.42 -3.49
C GLU A 107 -14.13 -14.78 -3.12
N GLU A 108 -14.00 -15.50 -2.02
CA GLU A 108 -12.71 -16.08 -1.65
C GLU A 108 -12.81 -17.58 -1.73
N PRO A 109 -12.04 -18.22 -2.63
CA PRO A 109 -12.03 -19.67 -2.78
C PRO A 109 -11.33 -20.37 -1.62
N VAL A 110 -11.64 -19.93 -0.39
CA VAL A 110 -11.05 -20.50 0.83
C VAL A 110 -9.56 -20.22 0.90
N VAL A 111 -9.12 -19.74 2.04
CA VAL A 111 -7.71 -19.58 2.30
C VAL A 111 -7.05 -20.96 2.37
N GLU A 112 -6.26 -21.29 1.35
CA GLU A 112 -5.65 -22.60 1.21
C GLU A 112 -6.70 -23.67 0.92
N ARG A 113 -7.32 -23.58 -0.25
CA ARG A 113 -8.31 -24.58 -0.66
C ARG A 113 -7.63 -25.89 -1.04
N ASN A 114 -8.12 -26.98 -0.49
CA ASN A 114 -7.60 -28.30 -0.79
C ASN A 114 -8.55 -29.37 -0.31
N ASN A 115 -9.04 -30.18 -1.24
CA ASN A 115 -9.96 -31.28 -0.94
C ASN A 115 -11.29 -30.76 -0.46
N GLY B 1 15.54 -7.90 7.03
CA GLY B 1 15.69 -9.00 6.05
C GLY B 1 15.27 -8.56 4.67
N PRO B 2 14.68 -9.47 3.89
CA PRO B 2 14.17 -9.17 2.54
C PRO B 2 12.94 -8.27 2.61
N ASP B 3 12.49 -8.02 3.83
CA ASP B 3 11.34 -7.17 4.09
C ASP B 3 11.69 -5.71 3.88
N ALA B 4 12.79 -5.24 4.44
CA ALA B 4 13.14 -3.87 4.16
C ALA B 4 13.43 -3.72 2.69
N VAL B 5 12.64 -2.88 2.08
CA VAL B 5 12.81 -2.54 0.68
C VAL B 5 13.80 -1.42 0.59
N ILE B 6 14.91 -1.64 -0.05
CA ILE B 6 15.88 -0.58 -0.02
C ILE B 6 15.76 0.18 -1.30
N ILE B 7 14.81 1.09 -1.34
CA ILE B 7 14.53 1.79 -2.56
C ILE B 7 15.42 3.03 -2.63
N GLY B 8 16.60 2.80 -3.21
CA GLY B 8 17.60 3.85 -3.40
C GLY B 8 17.77 4.76 -2.20
N MET B 9 17.05 5.87 -2.26
CA MET B 9 17.04 6.87 -1.22
C MET B 9 16.92 6.24 0.17
N THR B 10 16.01 5.29 0.33
CA THR B 10 15.76 4.76 1.66
C THR B 10 15.42 3.28 1.70
N LYS B 11 15.88 2.62 2.77
CA LYS B 11 15.50 1.27 3.07
C LYS B 11 14.24 1.21 3.91
N ILE B 12 13.21 0.63 3.37
CA ILE B 12 11.92 0.57 3.99
C ILE B 12 11.71 -0.71 4.74
N PRO B 13 11.74 -0.65 6.05
CA PRO B 13 11.51 -1.81 6.87
C PRO B 13 10.02 -2.07 6.93
N VAL B 14 9.60 -3.01 6.09
CA VAL B 14 8.19 -3.30 5.97
C VAL B 14 7.78 -4.45 6.89
N ILE B 15 6.48 -4.65 6.96
CA ILE B 15 5.86 -5.71 7.73
C ILE B 15 4.99 -6.53 6.80
N GLU B 16 4.43 -7.64 7.27
CA GLU B 16 3.70 -8.53 6.37
C GLU B 16 2.21 -8.59 6.73
N ASN B 17 1.39 -8.74 5.69
CA ASN B 17 -0.06 -8.54 5.81
C ASN B 17 -0.76 -9.69 6.53
N PRO B 18 -1.62 -9.36 7.51
CA PRO B 18 -2.45 -10.35 8.19
C PRO B 18 -3.57 -10.89 7.30
N GLN B 19 -3.67 -10.38 6.07
CA GLN B 19 -4.73 -10.78 5.16
C GLN B 19 -4.58 -12.25 4.77
N PTR B 20 -3.34 -12.70 4.73
CA PTR B 20 -3.03 -14.10 4.45
C PTR B 20 -2.83 -14.92 5.71
O PTR B 20 -2.31 -16.03 5.67
CB PTR B 20 -1.76 -14.19 3.60
CG PTR B 20 -1.98 -13.90 2.14
CD1 PTR B 20 -2.23 -12.61 1.69
CD2 PTR B 20 -1.91 -14.92 1.21
CE1 PTR B 20 -2.40 -12.35 0.36
CE2 PTR B 20 -2.09 -14.67 -0.14
CZ PTR B 20 -2.33 -13.38 -0.55
OH PTR B 20 -2.46 -13.12 -1.89
P PTR B 20 -1.11 -13.08 -2.80
O1P PTR B 20 -0.84 -14.53 -3.11
O2P PTR B 20 -0.02 -12.29 -1.92
O3P PTR B 20 -1.55 -12.38 -4.07
H PTR B 20 -2.61 -12.08 4.87
HA PTR B 20 -3.86 -14.52 3.89
HB2 PTR B 20 -1.05 -13.48 3.98
HB3 PTR B 20 -1.35 -15.19 3.68
HD1 PTR B 20 -2.28 -11.81 2.40
HD2 PTR B 20 -1.73 -15.93 1.54
HE1 PTR B 20 -2.61 -11.33 0.04
HE2 PTR B 20 -2.04 -15.48 -0.85
HO2P PTR B 20 0.30 -12.83 -1.20
N PHE B 21 -3.22 -14.36 6.84
CA PHE B 21 -3.07 -15.04 8.12
C PHE B 21 -4.39 -15.11 8.87
N GLY B 22 -5.19 -14.07 8.72
CA GLY B 22 -6.41 -13.95 9.47
C GLY B 22 -6.12 -13.43 10.86
N ILE B 23 -6.40 -14.23 11.86
CA ILE B 23 -6.09 -13.87 13.23
C ILE B 23 -4.89 -14.68 13.71
N SER A 1 -14.39 11.64 -8.39
CA SER A 1 -15.62 11.98 -7.64
C SER A 1 -15.25 12.57 -6.28
N HIS A 2 -16.09 12.38 -5.27
CA HIS A 2 -15.88 12.99 -3.96
C HIS A 2 -14.58 12.52 -3.30
N MET A 3 -14.07 11.37 -3.73
CA MET A 3 -12.82 10.86 -3.17
C MET A 3 -11.63 11.67 -3.69
N ASP A 4 -11.79 12.21 -4.88
CA ASP A 4 -10.72 12.97 -5.51
C ASP A 4 -10.92 14.48 -5.31
N THR A 5 -12.17 14.91 -5.23
CA THR A 5 -12.45 16.30 -4.88
C THR A 5 -12.15 16.50 -3.41
N VAL A 6 -12.35 15.42 -2.65
CA VAL A 6 -12.01 15.34 -1.26
C VAL A 6 -12.86 16.26 -0.37
N PRO A 7 -13.20 15.75 0.81
CA PRO A 7 -14.04 16.44 1.78
C PRO A 7 -13.21 17.37 2.67
N ASP A 8 -12.75 18.47 2.08
CA ASP A 8 -11.80 19.39 2.71
C ASP A 8 -10.43 18.74 2.80
N ASN A 9 -10.36 17.62 3.51
CA ASN A 9 -9.13 16.83 3.57
C ASN A 9 -9.46 15.36 3.64
N HIS A 10 -8.43 14.55 3.53
CA HIS A 10 -8.59 13.12 3.42
C HIS A 10 -7.41 12.42 4.05
N ARG A 11 -7.60 11.96 5.28
CA ARG A 11 -6.60 11.18 6.01
C ARG A 11 -6.04 10.09 5.13
N ASN A 12 -6.94 9.41 4.49
CA ASN A 12 -6.62 8.20 3.78
C ASN A 12 -5.97 8.49 2.43
N LYS A 13 -6.19 9.69 1.90
CA LYS A 13 -5.58 10.07 0.64
C LYS A 13 -4.23 10.73 0.95
N PHE A 14 -3.15 10.01 0.69
CA PHE A 14 -1.83 10.56 0.92
C PHE A 14 -1.06 10.70 -0.38
N LYS A 15 -0.57 11.91 -0.62
CA LYS A 15 0.26 12.16 -1.77
C LYS A 15 1.64 11.53 -1.59
N VAL A 16 1.87 10.42 -2.27
CA VAL A 16 3.14 9.74 -2.19
C VAL A 16 3.99 10.08 -3.42
N ILE A 17 5.17 9.55 -3.46
CA ILE A 17 6.02 9.71 -4.61
C ILE A 17 6.47 8.34 -5.10
N ASN A 18 5.94 7.85 -6.20
CA ASN A 18 6.37 6.55 -6.65
C ASN A 18 7.84 6.60 -7.09
N VAL A 19 8.67 5.99 -6.26
CA VAL A 19 10.12 6.05 -6.40
C VAL A 19 10.65 4.63 -6.55
N ASP A 20 11.47 4.37 -7.54
CA ASP A 20 11.83 2.99 -7.80
C ASP A 20 13.32 2.76 -7.82
N ASP A 21 13.75 1.80 -6.99
CA ASP A 21 15.14 1.33 -6.89
C ASP A 21 16.16 2.45 -6.65
N ASP A 22 15.70 3.66 -6.44
CA ASP A 22 16.59 4.78 -6.18
C ASP A 22 15.97 5.71 -5.14
N GLY A 23 14.70 5.47 -4.83
CA GLY A 23 13.93 6.37 -3.98
C GLY A 23 13.77 7.70 -4.66
N ASN A 24 13.94 7.68 -5.98
CA ASN A 24 13.82 8.88 -6.78
C ASN A 24 12.42 9.03 -7.27
N GLU A 25 11.86 10.21 -7.06
CA GLU A 25 10.55 10.53 -7.58
C GLU A 25 10.48 10.24 -9.09
N LEU A 26 10.14 9.02 -9.43
CA LEU A 26 9.96 8.63 -10.83
C LEU A 26 8.52 8.90 -11.21
N GLY A 27 8.00 9.93 -10.58
CA GLY A 27 6.61 10.27 -10.63
C GLY A 27 6.08 10.34 -9.22
N SER A 28 5.36 11.38 -8.87
CA SER A 28 4.81 11.43 -7.54
C SER A 28 3.30 11.27 -7.58
N GLY A 29 2.84 10.21 -6.94
CA GLY A 29 1.45 9.81 -7.04
C GLY A 29 0.67 10.11 -5.78
N ILE A 30 -0.45 9.45 -5.64
CA ILE A 30 -1.16 9.38 -4.38
C ILE A 30 -1.06 7.97 -3.88
N MET A 31 -1.30 7.76 -2.62
CA MET A 31 -1.58 6.44 -2.14
C MET A 31 -2.82 6.51 -1.27
N GLU A 32 -3.94 6.22 -1.91
CA GLU A 32 -5.24 6.28 -1.30
C GLU A 32 -5.44 5.03 -0.45
N LEU A 33 -5.53 5.20 0.84
CA LEU A 33 -5.66 4.06 1.71
C LEU A 33 -7.11 3.79 2.08
N THR A 34 -7.73 2.82 1.42
CA THR A 34 -9.08 2.44 1.78
C THR A 34 -9.10 1.10 2.51
N ASP A 35 -10.27 0.50 2.63
CA ASP A 35 -10.44 -0.78 3.33
C ASP A 35 -9.60 -1.84 2.67
N THR A 36 -9.63 -1.90 1.36
CA THR A 36 -8.94 -2.97 0.70
C THR A 36 -8.10 -2.52 -0.47
N GLU A 37 -8.19 -1.28 -0.88
CA GLU A 37 -7.44 -0.85 -2.05
C GLU A 37 -6.59 0.36 -1.78
N LEU A 38 -5.31 0.18 -2.02
CA LEU A 38 -4.36 1.26 -1.99
C LEU A 38 -4.31 1.92 -3.35
N ILE A 39 -5.15 2.93 -3.50
CA ILE A 39 -5.33 3.58 -4.79
C ILE A 39 -4.25 4.64 -5.00
N LEU A 40 -3.18 4.24 -5.67
CA LEU A 40 -2.05 5.13 -5.96
C LEU A 40 -2.39 6.04 -7.13
N TYR A 41 -2.65 7.32 -6.91
CA TYR A 41 -3.01 8.20 -8.02
C TYR A 41 -1.74 8.68 -8.71
N THR A 42 -1.37 8.05 -9.82
CA THR A 42 -0.12 8.42 -10.48
C THR A 42 -0.29 9.70 -11.30
N ARG A 43 0.79 10.12 -11.96
CA ARG A 43 0.76 11.32 -12.78
C ARG A 43 -0.15 11.19 -13.98
N LYS A 44 0.26 10.36 -14.92
CA LYS A 44 -0.47 10.19 -16.17
C LYS A 44 -1.03 8.78 -16.31
N ARG A 45 -0.50 7.88 -15.50
CA ARG A 45 -0.99 6.51 -15.43
C ARG A 45 -2.31 6.46 -14.64
N ASP A 46 -2.59 7.57 -13.94
CA ASP A 46 -3.77 7.73 -13.11
C ASP A 46 -3.83 6.70 -11.99
N SER A 47 -4.85 6.80 -11.19
CA SER A 47 -5.09 5.93 -10.05
C SER A 47 -4.80 4.45 -10.34
N VAL A 48 -3.62 4.05 -9.95
CA VAL A 48 -3.25 2.66 -9.83
C VAL A 48 -3.81 2.16 -8.51
N LYS A 49 -3.93 0.87 -8.32
CA LYS A 49 -4.48 0.40 -7.05
C LYS A 49 -3.68 -0.78 -6.49
N TRP A 50 -3.70 -0.91 -5.17
CA TRP A 50 -3.14 -2.07 -4.50
C TRP A 50 -4.11 -2.65 -3.49
N HIS A 51 -4.84 -3.65 -3.92
CA HIS A 51 -5.75 -4.34 -3.04
C HIS A 51 -4.93 -5.02 -1.92
N TYR A 52 -5.51 -5.06 -0.73
CA TYR A 52 -4.83 -5.54 0.47
C TYR A 52 -4.48 -7.01 0.40
N LEU A 53 -5.25 -7.74 -0.40
CA LEU A 53 -4.98 -9.16 -0.67
C LEU A 53 -3.91 -9.27 -1.73
N CYS A 54 -3.22 -8.18 -1.97
CA CYS A 54 -2.19 -8.16 -2.97
C CYS A 54 -0.88 -7.75 -2.31
N LEU A 55 -0.99 -6.91 -1.27
CA LEU A 55 0.16 -6.58 -0.45
C LEU A 55 0.77 -7.85 0.13
N ARG A 56 2.08 -7.88 0.18
CA ARG A 56 2.81 -8.91 0.90
C ARG A 56 3.61 -8.28 2.02
N ARG A 57 4.51 -7.38 1.66
CA ARG A 57 5.31 -6.70 2.67
C ARG A 57 5.26 -5.19 2.49
N TYR A 58 4.77 -4.50 3.48
CA TYR A 58 4.50 -3.08 3.37
C TYR A 58 5.13 -2.33 4.53
N GLY A 59 5.64 -1.15 4.25
CA GLY A 59 6.49 -0.50 5.20
C GLY A 59 6.48 0.99 5.16
N TYR A 60 7.47 1.52 5.83
CA TYR A 60 7.62 2.95 6.08
C TYR A 60 9.07 3.21 6.49
N ASP A 61 9.72 4.16 5.84
CA ASP A 61 10.97 4.66 6.34
C ASP A 61 11.23 6.10 5.90
N SER A 62 11.19 7.02 6.86
CA SER A 62 11.52 8.42 6.62
C SER A 62 10.90 8.93 5.32
N ASN A 63 9.57 8.99 5.31
CA ASN A 63 8.78 9.39 4.14
C ASN A 63 8.94 8.43 2.95
N LEU A 64 9.26 7.19 3.23
CA LEU A 64 9.23 6.14 2.21
C LEU A 64 8.20 5.07 2.66
N PHE A 65 7.07 4.93 1.97
CA PHE A 65 6.12 3.86 2.30
C PHE A 65 6.18 2.82 1.22
N SER A 66 6.18 1.56 1.61
CA SER A 66 6.38 0.51 0.64
C SER A 66 5.33 -0.59 0.78
N PHE A 67 5.23 -1.42 -0.24
CA PHE A 67 4.48 -2.66 -0.17
C PHE A 67 4.94 -3.61 -1.31
N GLU A 68 5.14 -4.87 -0.97
CA GLU A 68 5.43 -5.91 -1.94
C GLU A 68 4.13 -6.44 -2.48
N SER A 69 3.81 -6.16 -3.71
CA SER A 69 2.54 -6.58 -4.24
C SER A 69 2.67 -7.86 -5.07
N GLY A 70 1.86 -8.84 -4.73
CA GLY A 70 1.90 -10.11 -5.41
C GLY A 70 1.01 -10.14 -6.64
N ARG A 71 1.07 -11.24 -7.37
CA ARG A 71 0.38 -11.36 -8.67
C ARG A 71 0.77 -10.21 -9.60
N ARG A 72 -0.11 -9.88 -10.53
CA ARG A 72 0.15 -8.81 -11.47
C ARG A 72 -0.32 -7.49 -10.86
N CYS A 73 0.26 -6.39 -11.31
CA CYS A 73 -0.15 -5.07 -10.85
C CYS A 73 0.02 -4.07 -11.97
N GLN A 74 -0.76 -2.99 -11.93
CA GLN A 74 -0.65 -1.93 -12.93
C GLN A 74 0.81 -1.56 -13.13
N THR A 75 1.45 -1.21 -12.04
CA THR A 75 2.82 -0.79 -12.07
C THR A 75 3.59 -1.46 -10.92
N GLY A 76 3.06 -2.58 -10.43
CA GLY A 76 3.64 -3.23 -9.26
C GLY A 76 4.48 -4.43 -9.63
N GLN A 77 5.77 -4.19 -9.77
CA GLN A 77 6.71 -5.23 -10.18
C GLN A 77 7.05 -6.18 -9.03
N GLY A 78 6.89 -5.70 -7.81
CA GLY A 78 7.24 -6.49 -6.64
C GLY A 78 7.28 -5.62 -5.41
N ILE A 79 8.48 -5.32 -4.92
CA ILE A 79 8.62 -4.30 -3.91
C ILE A 79 8.42 -2.94 -4.56
N PHE A 80 7.28 -2.33 -4.31
CA PHE A 80 7.01 -1.02 -4.86
C PHE A 80 6.87 -0.03 -3.72
N ALA A 81 7.89 0.78 -3.56
CA ALA A 81 7.92 1.75 -2.50
C ALA A 81 7.68 3.14 -3.05
N PHE A 82 6.94 3.94 -2.30
CA PHE A 82 6.64 5.29 -2.70
C PHE A 82 7.10 6.20 -1.60
N LYS A 83 7.75 7.26 -1.99
CA LYS A 83 8.25 8.20 -1.05
C LYS A 83 7.09 9.03 -0.54
N CYS A 84 6.42 8.50 0.47
CA CYS A 84 5.23 9.13 1.02
C CYS A 84 5.62 9.90 2.26
N ALA A 85 5.39 11.20 2.30
CA ALA A 85 5.78 11.96 3.48
C ALA A 85 4.88 11.66 4.67
N ARG A 86 3.76 11.00 4.40
CA ARG A 86 3.01 10.35 5.45
C ARG A 86 3.20 8.85 5.35
N ALA A 87 4.42 8.41 5.01
CA ALA A 87 4.72 6.99 4.94
C ALA A 87 4.33 6.31 6.23
N GLU A 88 4.93 6.81 7.28
CA GLU A 88 4.62 6.42 8.66
C GLU A 88 3.13 6.27 8.85
N GLU A 89 2.44 7.36 8.62
CA GLU A 89 1.00 7.44 8.70
C GLU A 89 0.32 6.45 7.75
N LEU A 90 0.74 6.45 6.50
CA LEU A 90 0.17 5.64 5.47
C LEU A 90 0.35 4.17 5.77
N PHE A 91 1.61 3.76 5.86
CA PHE A 91 1.93 2.40 6.20
C PHE A 91 1.09 1.96 7.39
N ASN A 92 1.16 2.74 8.47
CA ASN A 92 0.34 2.52 9.67
C ASN A 92 -1.12 2.37 9.32
N MET A 93 -1.71 3.42 8.78
CA MET A 93 -3.12 3.41 8.42
C MET A 93 -3.45 2.12 7.70
N LEU A 94 -2.70 1.86 6.65
CA LEU A 94 -2.72 0.59 5.95
C LEU A 94 -2.70 -0.62 6.90
N GLN A 95 -1.67 -0.74 7.74
CA GLN A 95 -1.58 -1.90 8.63
C GLN A 95 -2.81 -1.98 9.55
N GLU A 96 -3.34 -0.82 9.97
CA GLU A 96 -4.55 -0.79 10.80
C GLU A 96 -5.75 -1.21 9.99
N ILE A 97 -5.92 -0.66 8.80
CA ILE A 97 -7.01 -1.08 7.93
C ILE A 97 -6.92 -2.58 7.69
N MET A 98 -5.69 -3.06 7.52
CA MET A 98 -5.44 -4.48 7.41
C MET A 98 -5.95 -5.23 8.63
N GLN A 99 -5.68 -4.67 9.80
CA GLN A 99 -6.13 -5.22 11.07
C GLN A 99 -7.65 -5.18 11.18
N ASN A 100 -8.19 -4.00 10.90
CA ASN A 100 -9.57 -3.68 11.20
C ASN A 100 -10.56 -4.19 10.17
N ASN A 101 -10.19 -4.19 8.90
CA ASN A 101 -11.12 -4.59 7.86
C ASN A 101 -11.05 -6.07 7.62
N SER A 102 -9.85 -6.61 7.73
CA SER A 102 -9.54 -8.00 7.37
C SER A 102 -9.61 -8.17 5.85
N ILE A 103 -10.32 -7.24 5.22
CA ILE A 103 -10.32 -7.05 3.79
C ILE A 103 -11.11 -8.10 3.04
N ASN A 104 -12.41 -7.84 2.93
CA ASN A 104 -13.29 -8.64 2.11
C ASN A 104 -14.26 -7.71 1.40
N VAL A 105 -13.97 -7.44 0.15
CA VAL A 105 -14.83 -6.60 -0.67
C VAL A 105 -16.13 -7.35 -0.88
N VAL A 106 -15.95 -8.58 -1.34
CA VAL A 106 -17.02 -9.55 -1.51
C VAL A 106 -16.49 -10.64 -2.43
N GLU A 107 -17.17 -11.78 -2.44
CA GLU A 107 -16.90 -12.83 -3.39
C GLU A 107 -15.45 -13.27 -3.42
N GLU A 108 -15.05 -14.02 -2.42
CA GLU A 108 -13.81 -14.75 -2.50
C GLU A 108 -14.13 -16.11 -3.06
N PRO A 109 -13.56 -16.48 -4.21
CA PRO A 109 -13.80 -17.79 -4.80
C PRO A 109 -13.38 -18.85 -3.81
N VAL A 110 -14.39 -19.42 -3.14
CA VAL A 110 -14.22 -20.31 -2.00
C VAL A 110 -12.86 -20.99 -1.94
N VAL A 111 -12.01 -20.47 -1.09
CA VAL A 111 -10.67 -21.01 -0.92
C VAL A 111 -10.77 -22.48 -0.56
N GLU A 112 -10.09 -23.32 -1.36
CA GLU A 112 -10.18 -24.76 -1.22
C GLU A 112 -11.59 -25.22 -1.52
N ARG A 113 -11.86 -25.48 -2.79
CA ARG A 113 -13.17 -25.95 -3.24
C ARG A 113 -13.51 -27.29 -2.60
N ASN A 114 -14.29 -27.24 -1.54
CA ASN A 114 -14.70 -28.45 -0.83
C ASN A 114 -15.92 -29.07 -1.52
N ASN A 115 -15.87 -29.15 -2.84
CA ASN A 115 -16.97 -29.70 -3.61
C ASN A 115 -16.44 -30.28 -4.91
N GLY B 1 13.51 -12.49 -0.25
CA GLY B 1 13.56 -11.10 -0.72
C GLY B 1 13.81 -10.15 0.44
N PRO B 2 14.06 -8.87 0.14
CA PRO B 2 14.38 -7.87 1.15
C PRO B 2 13.14 -7.39 1.88
N ASP B 3 13.07 -7.65 3.18
CA ASP B 3 11.95 -7.13 3.97
C ASP B 3 12.09 -5.64 4.04
N ALA B 4 13.20 -5.14 4.50
CA ALA B 4 13.42 -3.73 4.34
C ALA B 4 13.71 -3.50 2.89
N VAL B 5 12.85 -2.73 2.28
CA VAL B 5 13.03 -2.35 0.90
C VAL B 5 13.97 -1.18 0.84
N ILE B 6 15.16 -1.39 0.36
CA ILE B 6 16.08 -0.31 0.37
C ILE B 6 15.97 0.37 -0.95
N ILE B 7 14.96 1.20 -1.07
CA ILE B 7 14.69 1.84 -2.32
C ILE B 7 15.55 3.09 -2.40
N GLY B 8 16.75 2.88 -2.96
CA GLY B 8 17.74 3.93 -3.12
C GLY B 8 17.88 4.82 -1.91
N MET B 9 17.21 5.96 -1.96
CA MET B 9 17.21 6.95 -0.92
C MET B 9 16.98 6.34 0.46
N THR B 10 16.05 5.40 0.56
CA THR B 10 15.67 4.92 1.88
C THR B 10 15.39 3.43 1.96
N LYS B 11 15.82 2.85 3.09
CA LYS B 11 15.51 1.48 3.42
C LYS B 11 14.21 1.37 4.20
N ILE B 12 13.23 0.73 3.61
CA ILE B 12 11.91 0.62 4.19
C ILE B 12 11.72 -0.67 4.92
N PRO B 13 11.70 -0.61 6.23
CA PRO B 13 11.46 -1.76 7.06
C PRO B 13 9.96 -2.07 7.05
N VAL B 14 9.61 -3.03 6.21
CA VAL B 14 8.22 -3.38 6.00
C VAL B 14 7.78 -4.53 6.90
N ILE B 15 6.48 -4.79 6.84
CA ILE B 15 5.83 -5.85 7.58
C ILE B 15 4.93 -6.63 6.62
N GLU B 16 4.61 -7.86 6.92
CA GLU B 16 3.80 -8.67 6.03
C GLU B 16 2.31 -8.60 6.40
N ASN B 17 1.45 -8.76 5.39
CA ASN B 17 0.02 -8.49 5.54
C ASN B 17 -0.73 -9.69 6.12
N PRO B 18 -1.68 -9.44 7.04
CA PRO B 18 -2.50 -10.49 7.62
C PRO B 18 -3.66 -10.90 6.70
N GLN B 19 -3.69 -10.37 5.49
CA GLN B 19 -4.71 -10.77 4.53
C GLN B 19 -4.42 -12.17 4.04
N PTR B 20 -3.14 -12.47 3.92
CA PTR B 20 -2.68 -13.82 3.64
C PTR B 20 -2.29 -14.52 4.93
O PTR B 20 -2.57 -15.71 5.12
CB PTR B 20 -1.49 -13.79 2.69
CG PTR B 20 -1.86 -13.52 1.25
CD1 PTR B 20 -2.25 -12.26 0.83
CD2 PTR B 20 -1.80 -14.54 0.31
CE1 PTR B 20 -2.58 -12.02 -0.48
CE2 PTR B 20 -2.14 -14.31 -1.02
CZ PTR B 20 -2.53 -13.05 -1.40
OH PTR B 20 -2.84 -12.79 -2.72
P PTR B 20 -1.74 -12.03 -3.63
O1P PTR B 20 -1.05 -13.12 -4.39
O2P PTR B 20 -0.84 -11.22 -2.59
O3P PTR B 20 -2.52 -11.18 -4.61
H PTR B 20 -2.48 -11.76 4.01
HA PTR B 20 -3.49 -14.36 3.17
HB2 PTR B 20 -0.81 -13.01 3.01
HB3 PTR B 20 -0.97 -14.74 2.74
HD1 PTR B 20 -2.30 -11.46 1.55
HD2 PTR B 20 -1.50 -15.53 0.61
HE1 PTR B 20 -2.90 -11.02 -0.77
HE2 PTR B 20 -2.09 -15.11 -1.74
HO2P PTR B 20 0.09 -11.42 -2.73
N PHE B 21 -1.63 -13.80 5.82
CA PHE B 21 -1.12 -14.38 7.05
C PHE B 21 -2.11 -14.18 8.21
N GLY B 22 -3.40 -14.23 7.88
CA GLY B 22 -4.43 -14.12 8.90
C GLY B 22 -5.79 -14.47 8.32
N ILE B 23 -6.49 -15.39 8.97
CA ILE B 23 -7.77 -15.85 8.45
C ILE B 23 -8.82 -15.88 9.57
N SER A 1 -11.23 1.49 14.00
CA SER A 1 -12.50 0.98 13.44
C SER A 1 -12.91 1.78 12.19
N HIS A 2 -13.28 3.04 12.40
CA HIS A 2 -13.72 3.88 11.30
C HIS A 2 -13.23 5.32 11.47
N MET A 3 -12.01 5.46 11.97
CA MET A 3 -11.43 6.77 12.19
C MET A 3 -10.49 7.12 11.04
N ASP A 4 -9.53 6.24 10.81
CA ASP A 4 -8.52 6.46 9.78
C ASP A 4 -8.96 5.81 8.48
N THR A 5 -9.97 4.96 8.55
CA THR A 5 -10.60 4.40 7.36
C THR A 5 -11.55 5.43 6.78
N VAL A 6 -10.98 6.56 6.39
CA VAL A 6 -11.71 7.78 6.09
C VAL A 6 -12.38 7.74 4.71
N PRO A 7 -13.45 8.53 4.56
CA PRO A 7 -14.29 8.59 3.34
C PRO A 7 -13.51 8.76 2.04
N ASP A 8 -12.94 9.95 1.81
CA ASP A 8 -12.31 10.23 0.53
C ASP A 8 -10.98 10.99 0.68
N ASN A 9 -10.91 11.93 1.62
CA ASN A 9 -9.69 12.69 1.80
C ASN A 9 -9.19 12.57 3.25
N HIS A 10 -9.42 13.62 4.05
CA HIS A 10 -9.06 13.66 5.47
C HIS A 10 -7.71 12.99 5.77
N ARG A 11 -7.74 11.70 6.10
CA ARG A 11 -6.55 10.96 6.49
C ARG A 11 -6.08 10.02 5.39
N ASN A 12 -6.99 9.48 4.60
CA ASN A 12 -6.66 8.31 3.79
C ASN A 12 -6.02 8.66 2.45
N LYS A 13 -6.33 9.82 1.90
CA LYS A 13 -5.72 10.25 0.66
C LYS A 13 -4.37 10.90 0.97
N PHE A 14 -3.29 10.17 0.69
CA PHE A 14 -1.95 10.72 0.91
C PHE A 14 -1.18 10.92 -0.38
N LYS A 15 -0.71 12.13 -0.63
CA LYS A 15 0.16 12.38 -1.76
C LYS A 15 1.55 11.78 -1.52
N VAL A 16 1.82 10.68 -2.19
CA VAL A 16 3.10 10.02 -2.09
C VAL A 16 3.97 10.40 -3.29
N ILE A 17 5.11 9.76 -3.42
CA ILE A 17 5.94 9.92 -4.59
C ILE A 17 6.32 8.56 -5.11
N ASN A 18 5.77 8.11 -6.22
CA ASN A 18 6.15 6.81 -6.72
C ASN A 18 7.61 6.85 -7.14
N VAL A 19 8.42 6.06 -6.44
CA VAL A 19 9.86 6.08 -6.61
C VAL A 19 10.35 4.65 -6.79
N ASP A 20 11.14 4.39 -7.82
CA ASP A 20 11.47 3.01 -8.10
C ASP A 20 12.96 2.78 -8.17
N ASP A 21 13.42 1.80 -7.37
CA ASP A 21 14.80 1.29 -7.36
C ASP A 21 15.85 2.38 -7.11
N ASP A 22 15.42 3.60 -6.83
CA ASP A 22 16.34 4.70 -6.58
C ASP A 22 15.76 5.66 -5.55
N GLY A 23 14.51 5.44 -5.17
CA GLY A 23 13.79 6.40 -4.35
C GLY A 23 13.60 7.68 -5.13
N ASN A 24 13.70 7.56 -6.44
CA ASN A 24 13.59 8.68 -7.33
C ASN A 24 12.15 8.91 -7.70
N GLU A 25 11.65 10.10 -7.40
CA GLU A 25 10.32 10.53 -7.80
C GLU A 25 10.07 10.26 -9.30
N LEU A 26 9.68 9.04 -9.63
CA LEU A 26 9.43 8.62 -11.00
C LEU A 26 7.97 8.87 -11.36
N GLY A 27 7.41 9.89 -10.74
CA GLY A 27 6.01 10.21 -10.91
C GLY A 27 5.31 10.24 -9.57
N SER A 28 5.39 11.36 -8.88
CA SER A 28 4.86 11.45 -7.54
C SER A 28 3.34 11.31 -7.56
N GLY A 29 2.83 10.41 -6.73
CA GLY A 29 1.45 9.99 -6.84
C GLY A 29 0.68 10.25 -5.56
N ILE A 30 -0.49 9.65 -5.48
CA ILE A 30 -1.24 9.55 -4.23
C ILE A 30 -1.14 8.14 -3.74
N MET A 31 -1.39 7.92 -2.49
CA MET A 31 -1.66 6.60 -2.03
C MET A 31 -2.93 6.65 -1.21
N GLU A 32 -4.03 6.42 -1.91
CA GLU A 32 -5.36 6.51 -1.34
C GLU A 32 -5.66 5.24 -0.56
N LEU A 33 -5.48 5.30 0.74
CA LEU A 33 -5.63 4.13 1.57
C LEU A 33 -7.09 3.82 1.86
N THR A 34 -7.59 2.75 1.26
CA THR A 34 -8.95 2.32 1.53
C THR A 34 -8.96 0.93 2.16
N ASP A 35 -10.15 0.31 2.23
CA ASP A 35 -10.32 -1.00 2.88
C ASP A 35 -9.40 -2.04 2.32
N THR A 36 -9.40 -2.17 1.02
CA THR A 36 -8.70 -3.27 0.43
C THR A 36 -7.80 -2.84 -0.69
N GLU A 37 -8.00 -1.67 -1.23
CA GLU A 37 -7.13 -1.24 -2.31
C GLU A 37 -6.46 0.06 -2.00
N LEU A 38 -5.16 0.02 -2.15
CA LEU A 38 -4.31 1.16 -1.99
C LEU A 38 -4.27 1.93 -3.29
N ILE A 39 -5.15 2.90 -3.39
CA ILE A 39 -5.40 3.57 -4.63
C ILE A 39 -4.35 4.70 -4.85
N LEU A 40 -3.25 4.36 -5.49
CA LEU A 40 -2.17 5.29 -5.77
C LEU A 40 -2.53 6.18 -6.96
N TYR A 41 -2.72 7.47 -6.75
CA TYR A 41 -3.01 8.34 -7.90
C TYR A 41 -1.71 8.81 -8.50
N THR A 42 -1.27 8.15 -9.55
CA THR A 42 0.01 8.51 -10.16
C THR A 42 -0.09 9.83 -10.90
N ARG A 43 0.99 10.23 -11.56
CA ARG A 43 1.02 11.47 -12.28
C ARG A 43 0.12 11.42 -13.50
N LYS A 44 0.51 10.60 -14.46
CA LYS A 44 -0.26 10.45 -15.69
C LYS A 44 -0.79 9.03 -15.84
N ARG A 45 -0.27 8.13 -15.01
CA ARG A 45 -0.65 6.72 -15.06
C ARG A 45 -2.03 6.50 -14.42
N ASP A 46 -2.55 7.56 -13.79
CA ASP A 46 -3.84 7.55 -13.11
C ASP A 46 -3.85 6.61 -11.91
N SER A 47 -4.94 6.65 -11.18
CA SER A 47 -5.12 5.88 -9.96
C SER A 47 -4.78 4.39 -10.16
N VAL A 48 -3.61 4.06 -9.72
CA VAL A 48 -3.17 2.69 -9.57
C VAL A 48 -3.77 2.16 -8.29
N LYS A 49 -3.84 0.86 -8.13
CA LYS A 49 -4.45 0.31 -6.92
C LYS A 49 -3.62 -0.84 -6.38
N TRP A 50 -3.63 -1.04 -5.06
CA TRP A 50 -3.02 -2.22 -4.46
C TRP A 50 -3.94 -2.92 -3.49
N HIS A 51 -4.44 -4.08 -3.90
CA HIS A 51 -5.33 -4.84 -3.05
C HIS A 51 -4.55 -5.46 -1.89
N TYR A 52 -5.15 -5.41 -0.73
CA TYR A 52 -4.53 -5.78 0.54
C TYR A 52 -4.15 -7.26 0.61
N LEU A 53 -4.84 -8.08 -0.18
CA LEU A 53 -4.54 -9.50 -0.28
C LEU A 53 -3.36 -9.72 -1.20
N CYS A 54 -2.63 -8.66 -1.43
CA CYS A 54 -1.50 -8.71 -2.31
C CYS A 54 -0.27 -8.13 -1.63
N LEU A 55 -0.48 -7.21 -0.69
CA LEU A 55 0.62 -6.57 0.04
C LEU A 55 1.37 -7.58 0.92
N ARG A 56 2.28 -8.34 0.34
CA ARG A 56 3.11 -9.28 1.10
C ARG A 56 3.85 -8.53 2.20
N ARG A 57 4.63 -7.53 1.81
CA ARG A 57 5.38 -6.77 2.81
C ARG A 57 5.34 -5.28 2.57
N TYR A 58 4.80 -4.56 3.54
CA TYR A 58 4.51 -3.14 3.43
C TYR A 58 5.15 -2.38 4.56
N GLY A 59 5.66 -1.20 4.26
CA GLY A 59 6.54 -0.55 5.19
C GLY A 59 6.50 0.94 5.18
N TYR A 60 7.51 1.46 5.83
CA TYR A 60 7.65 2.87 6.10
C TYR A 60 9.10 3.13 6.49
N ASP A 61 9.73 4.05 5.79
CA ASP A 61 10.97 4.64 6.26
C ASP A 61 10.93 6.11 5.90
N SER A 62 11.88 6.92 6.37
CA SER A 62 11.95 8.36 6.08
C SER A 62 11.21 8.79 4.79
N ASN A 63 9.92 9.11 4.95
CA ASN A 63 9.02 9.45 3.83
C ASN A 63 9.12 8.45 2.68
N LEU A 64 9.18 7.18 3.00
CA LEU A 64 9.16 6.11 2.03
C LEU A 64 8.17 5.05 2.52
N PHE A 65 7.04 4.88 1.85
CA PHE A 65 6.10 3.83 2.22
C PHE A 65 6.14 2.77 1.15
N SER A 66 6.14 1.52 1.55
CA SER A 66 6.31 0.45 0.59
C SER A 66 5.31 -0.66 0.80
N PHE A 67 5.23 -1.55 -0.19
CA PHE A 67 4.47 -2.78 -0.07
C PHE A 67 4.95 -3.76 -1.15
N GLU A 68 5.04 -5.03 -0.79
CA GLU A 68 5.44 -6.05 -1.72
C GLU A 68 4.22 -6.75 -2.26
N SER A 69 3.77 -6.39 -3.44
CA SER A 69 2.56 -6.97 -3.96
C SER A 69 2.88 -8.34 -4.59
N GLY A 70 2.15 -9.37 -4.14
CA GLY A 70 2.46 -10.74 -4.52
C GLY A 70 1.93 -11.14 -5.88
N ARG A 71 1.39 -10.19 -6.61
CA ARG A 71 0.95 -10.44 -7.97
C ARG A 71 1.07 -9.15 -8.77
N ARG A 72 1.10 -9.26 -10.08
CA ARG A 72 1.29 -8.11 -10.94
C ARG A 72 0.21 -7.06 -10.71
N CYS A 73 0.58 -5.84 -10.99
CA CYS A 73 -0.27 -4.69 -10.78
C CYS A 73 -0.05 -3.69 -11.89
N GLN A 74 -0.73 -2.56 -11.82
CA GLN A 74 -0.56 -1.49 -12.78
C GLN A 74 0.90 -1.13 -12.92
N THR A 75 1.52 -0.86 -11.79
CA THR A 75 2.92 -0.50 -11.74
C THR A 75 3.62 -1.19 -10.56
N GLY A 76 2.94 -2.16 -9.95
CA GLY A 76 3.48 -2.84 -8.79
C GLY A 76 3.56 -4.34 -8.97
N GLN A 77 4.67 -4.79 -9.49
CA GLN A 77 4.90 -6.22 -9.67
C GLN A 77 5.84 -6.76 -8.59
N GLY A 78 5.68 -6.26 -7.38
CA GLY A 78 6.48 -6.73 -6.27
C GLY A 78 6.67 -5.66 -5.22
N ILE A 79 7.88 -5.54 -4.68
CA ILE A 79 8.19 -4.48 -3.74
C ILE A 79 8.19 -3.13 -4.45
N PHE A 80 7.11 -2.40 -4.28
CA PHE A 80 6.97 -1.12 -4.91
C PHE A 80 6.77 -0.06 -3.83
N ALA A 81 7.79 0.76 -3.68
CA ALA A 81 7.79 1.75 -2.62
C ALA A 81 7.56 3.15 -3.19
N PHE A 82 6.91 3.98 -2.40
CA PHE A 82 6.69 5.35 -2.78
C PHE A 82 7.27 6.23 -1.72
N LYS A 83 7.81 7.34 -2.11
CA LYS A 83 8.36 8.27 -1.19
C LYS A 83 7.21 9.09 -0.63
N CYS A 84 6.61 8.56 0.41
CA CYS A 84 5.40 9.12 0.98
C CYS A 84 5.76 9.83 2.27
N ALA A 85 5.59 11.14 2.34
CA ALA A 85 5.95 11.86 3.55
C ALA A 85 5.01 11.50 4.69
N ARG A 86 3.83 10.99 4.34
CA ARG A 86 2.99 10.32 5.31
C ARG A 86 3.22 8.83 5.23
N ALA A 87 4.47 8.39 5.00
CA ALA A 87 4.77 6.97 4.92
C ALA A 87 4.36 6.28 6.19
N GLU A 88 4.94 6.76 7.27
CA GLU A 88 4.63 6.28 8.62
C GLU A 88 3.13 6.19 8.82
N GLU A 89 2.49 7.32 8.60
CA GLU A 89 1.05 7.46 8.66
C GLU A 89 0.34 6.47 7.74
N LEU A 90 0.76 6.47 6.49
CA LEU A 90 0.18 5.65 5.46
C LEU A 90 0.37 4.20 5.76
N PHE A 91 1.61 3.78 5.85
CA PHE A 91 1.93 2.42 6.19
C PHE A 91 1.08 1.98 7.37
N ASN A 92 1.12 2.76 8.44
CA ASN A 92 0.30 2.54 9.63
C ASN A 92 -1.15 2.36 9.28
N MET A 93 -1.74 3.39 8.70
CA MET A 93 -3.14 3.35 8.31
C MET A 93 -3.41 2.07 7.54
N LEU A 94 -2.58 1.80 6.57
CA LEU A 94 -2.60 0.54 5.85
C LEU A 94 -2.61 -0.67 6.78
N GLN A 95 -1.61 -0.81 7.65
CA GLN A 95 -1.55 -1.96 8.56
C GLN A 95 -2.82 -2.02 9.42
N GLU A 96 -3.33 -0.85 9.76
CA GLU A 96 -4.55 -0.72 10.57
C GLU A 96 -5.78 -1.12 9.77
N ILE A 97 -5.91 -0.56 8.57
CA ILE A 97 -6.98 -0.95 7.68
C ILE A 97 -6.94 -2.45 7.47
N MET A 98 -5.72 -2.97 7.36
CA MET A 98 -5.49 -4.40 7.26
C MET A 98 -6.10 -5.12 8.46
N GLN A 99 -5.82 -4.59 9.64
CA GLN A 99 -6.33 -5.13 10.89
C GLN A 99 -7.85 -5.01 10.98
N ASN A 100 -8.36 -3.89 10.51
CA ASN A 100 -9.72 -3.48 10.78
C ASN A 100 -10.72 -3.95 9.73
N ASN A 101 -10.30 -4.12 8.49
CA ASN A 101 -11.25 -4.46 7.43
C ASN A 101 -11.30 -5.95 7.18
N SER A 102 -10.19 -6.63 7.49
CA SER A 102 -10.02 -8.05 7.18
C SER A 102 -9.83 -8.24 5.67
N ILE A 103 -10.44 -7.33 4.91
CA ILE A 103 -10.26 -7.21 3.49
C ILE A 103 -10.90 -8.36 2.73
N ASN A 104 -12.21 -8.23 2.52
CA ASN A 104 -12.92 -9.16 1.66
C ASN A 104 -13.88 -8.39 0.77
N VAL A 105 -13.43 -8.16 -0.45
CA VAL A 105 -14.26 -7.57 -1.49
C VAL A 105 -15.08 -8.69 -2.10
N VAL A 106 -15.95 -9.28 -1.27
CA VAL A 106 -16.55 -10.59 -1.55
C VAL A 106 -15.43 -11.58 -1.88
N GLU A 107 -15.77 -12.72 -2.48
CA GLU A 107 -14.77 -13.70 -2.90
C GLU A 107 -13.86 -14.13 -1.77
N GLU A 108 -14.47 -14.81 -0.82
CA GLU A 108 -13.73 -15.41 0.27
C GLU A 108 -13.07 -16.69 -0.24
N PRO A 109 -11.79 -16.93 0.11
CA PRO A 109 -11.06 -18.13 -0.32
C PRO A 109 -11.95 -19.37 -0.36
N VAL A 110 -12.47 -19.75 0.81
CA VAL A 110 -13.45 -20.82 0.94
C VAL A 110 -14.01 -20.84 2.35
N VAL A 111 -15.30 -21.10 2.44
CA VAL A 111 -15.98 -21.27 3.72
C VAL A 111 -15.40 -22.49 4.44
N GLU A 112 -15.43 -22.47 5.78
CA GLU A 112 -14.81 -23.49 6.62
C GLU A 112 -13.48 -23.95 6.04
N ARG A 113 -12.50 -23.06 6.08
CA ARG A 113 -11.19 -23.30 5.50
C ARG A 113 -10.61 -24.63 5.96
N ASN A 114 -10.52 -24.80 7.27
CA ASN A 114 -9.99 -26.02 7.86
C ASN A 114 -8.66 -26.37 7.21
N ASN A 115 -7.79 -25.37 7.17
CA ASN A 115 -6.53 -25.48 6.45
C ASN A 115 -5.52 -26.30 7.26
N GLY B 1 16.45 -5.95 0.78
CA GLY B 1 16.57 -6.69 2.06
C GLY B 1 15.47 -7.71 2.21
N PRO B 2 15.50 -8.53 3.28
CA PRO B 2 14.47 -9.53 3.55
C PRO B 2 13.08 -8.89 3.62
N ASP B 3 12.98 -7.78 4.34
CA ASP B 3 11.75 -7.03 4.43
C ASP B 3 12.00 -5.59 4.05
N ALA B 4 13.05 -5.00 4.58
CA ALA B 4 13.33 -3.63 4.24
C ALA B 4 13.61 -3.53 2.75
N VAL B 5 12.79 -2.73 2.12
CA VAL B 5 12.95 -2.41 0.71
C VAL B 5 13.91 -1.25 0.61
N ILE B 6 15.03 -1.45 0.01
CA ILE B 6 15.95 -0.35 0.03
C ILE B 6 15.81 0.38 -1.28
N ILE B 7 14.79 1.21 -1.35
CA ILE B 7 14.49 1.87 -2.59
C ILE B 7 15.35 3.12 -2.69
N GLY B 8 16.52 2.91 -3.30
CA GLY B 8 17.50 3.97 -3.50
C GLY B 8 17.69 4.88 -2.31
N MET B 9 16.97 6.00 -2.36
CA MET B 9 16.98 7.01 -1.33
C MET B 9 16.84 6.41 0.07
N THR B 10 15.93 5.44 0.24
CA THR B 10 15.64 4.96 1.57
C THR B 10 15.34 3.47 1.66
N LYS B 11 15.79 2.87 2.76
CA LYS B 11 15.46 1.51 3.09
C LYS B 11 14.20 1.41 3.93
N ILE B 12 13.19 0.74 3.38
CA ILE B 12 11.90 0.66 4.00
C ILE B 12 11.71 -0.63 4.73
N PRO B 13 11.76 -0.57 6.05
CA PRO B 13 11.57 -1.73 6.88
C PRO B 13 10.09 -2.07 6.93
N VAL B 14 9.70 -3.01 6.08
CA VAL B 14 8.29 -3.35 5.93
C VAL B 14 7.87 -4.49 6.84
N ILE B 15 6.55 -4.74 6.85
CA ILE B 15 5.93 -5.79 7.64
C ILE B 15 5.01 -6.61 6.72
N GLU B 16 4.58 -7.78 7.16
CA GLU B 16 3.79 -8.66 6.30
C GLU B 16 2.30 -8.61 6.65
N ASN B 17 1.46 -8.78 5.62
CA ASN B 17 0.01 -8.54 5.73
C ASN B 17 -0.73 -9.65 6.46
N PRO B 18 -1.58 -9.27 7.42
CA PRO B 18 -2.45 -10.21 8.15
C PRO B 18 -3.51 -10.83 7.26
N GLN B 19 -3.67 -10.29 6.06
CA GLN B 19 -4.68 -10.77 5.10
C GLN B 19 -4.40 -12.22 4.72
N PTR B 20 -3.13 -12.58 4.73
CA PTR B 20 -2.72 -13.96 4.45
C PTR B 20 -2.67 -14.80 5.72
O PTR B 20 -3.06 -15.97 5.70
CB PTR B 20 -1.38 -13.97 3.74
CG PTR B 20 -1.53 -13.79 2.25
CD1 PTR B 20 -2.04 -12.61 1.72
CD2 PTR B 20 -1.20 -14.81 1.38
CE1 PTR B 20 -2.19 -12.45 0.37
CE2 PTR B 20 -1.36 -14.66 0.02
CZ PTR B 20 -1.85 -13.48 -0.48
OH PTR B 20 -2.03 -13.34 -1.83
P PTR B 20 -0.73 -13.27 -2.79
O1P PTR B 20 -1.17 -13.97 -4.04
O2P PTR B 20 0.48 -13.89 -1.95
O3P PTR B 20 -0.59 -11.79 -3.13
H PTR B 20 -2.45 -11.92 4.90
HA PTR B 20 -3.47 -14.38 3.80
HB2 PTR B 20 -0.77 -13.16 4.12
HB3 PTR B 20 -0.89 -14.91 3.92
HD1 PTR B 20 -2.29 -11.80 2.38
HD2 PTR B 20 -0.81 -15.73 1.78
HE1 PTR B 20 -2.60 -11.52 -0.03
HE2 PTR B 20 -1.09 -15.47 -0.64
HO2P PTR B 20 0.57 -14.82 -2.17
N PHE B 21 -2.19 -14.22 6.82
CA PHE B 21 -2.11 -14.95 8.08
C PHE B 21 -3.51 -15.29 8.60
N GLY B 22 -4.40 -14.32 8.58
CA GLY B 22 -5.76 -14.55 9.02
C GLY B 22 -6.73 -14.43 7.87
N ILE B 23 -8.02 -14.48 8.19
CA ILE B 23 -9.07 -14.34 7.20
C ILE B 23 -10.25 -13.59 7.79
N SER A 1 -20.84 13.13 -7.73
CA SER A 1 -21.45 12.59 -6.49
C SER A 1 -20.38 12.11 -5.52
N HIS A 2 -19.66 11.06 -5.88
CA HIS A 2 -18.56 10.58 -5.07
C HIS A 2 -17.45 10.03 -5.95
N MET A 3 -16.22 10.32 -5.55
CA MET A 3 -15.04 9.95 -6.31
C MET A 3 -13.81 10.34 -5.52
N ASP A 4 -13.68 11.64 -5.29
CA ASP A 4 -12.68 12.19 -4.38
C ASP A 4 -13.28 13.36 -3.64
N THR A 5 -14.61 13.32 -3.54
CA THR A 5 -15.37 14.35 -2.84
C THR A 5 -15.12 14.23 -1.34
N VAL A 6 -14.17 14.99 -0.87
CA VAL A 6 -13.58 14.75 0.42
C VAL A 6 -14.28 15.51 1.55
N PRO A 7 -14.33 14.87 2.72
CA PRO A 7 -14.87 15.43 3.96
C PRO A 7 -14.01 16.58 4.48
N ASP A 8 -13.92 16.72 5.80
CA ASP A 8 -13.05 17.73 6.41
C ASP A 8 -11.65 17.64 5.83
N ASN A 9 -11.07 16.47 5.96
CA ASN A 9 -9.83 16.14 5.27
C ASN A 9 -9.82 14.66 4.96
N HIS A 10 -8.83 14.22 4.21
CA HIS A 10 -8.76 12.81 3.89
C HIS A 10 -7.52 12.19 4.48
N ARG A 11 -7.70 11.59 5.65
CA ARG A 11 -6.69 10.80 6.30
C ARG A 11 -6.09 9.81 5.33
N ASN A 12 -6.95 9.23 4.54
CA ASN A 12 -6.59 8.08 3.72
C ASN A 12 -5.92 8.48 2.40
N LYS A 13 -6.24 9.64 1.87
CA LYS A 13 -5.62 10.09 0.63
C LYS A 13 -4.29 10.76 0.94
N PHE A 14 -3.20 10.05 0.69
CA PHE A 14 -1.88 10.61 0.94
C PHE A 14 -1.09 10.77 -0.34
N LYS A 15 -0.64 11.98 -0.60
CA LYS A 15 0.23 12.23 -1.73
C LYS A 15 1.60 11.61 -1.50
N VAL A 16 1.86 10.51 -2.21
CA VAL A 16 3.14 9.85 -2.12
C VAL A 16 4.00 10.23 -3.32
N ILE A 17 5.22 9.78 -3.32
CA ILE A 17 6.06 9.95 -4.47
C ILE A 17 6.46 8.59 -5.00
N ASN A 18 5.91 8.18 -6.12
CA ASN A 18 6.33 6.90 -6.68
C ASN A 18 7.80 6.98 -7.05
N VAL A 19 8.61 6.18 -6.34
CA VAL A 19 10.05 6.23 -6.45
C VAL A 19 10.57 4.81 -6.65
N ASP A 20 11.41 4.59 -7.65
CA ASP A 20 11.77 3.22 -7.97
C ASP A 20 13.27 2.98 -7.95
N ASP A 21 13.65 1.96 -7.16
CA ASP A 21 15.02 1.45 -7.04
C ASP A 21 16.06 2.53 -6.72
N ASP A 22 15.62 3.76 -6.52
CA ASP A 22 16.52 4.86 -6.25
C ASP A 22 15.89 5.84 -5.27
N GLY A 23 14.63 5.59 -4.93
CA GLY A 23 13.87 6.53 -4.12
C GLY A 23 13.67 7.83 -4.86
N ASN A 24 13.80 7.76 -6.18
CA ASN A 24 13.73 8.93 -7.02
C ASN A 24 12.29 9.19 -7.41
N GLU A 25 11.83 10.41 -7.16
CA GLU A 25 10.49 10.83 -7.56
C GLU A 25 10.29 10.68 -9.08
N LEU A 26 10.10 9.45 -9.54
CA LEU A 26 9.92 9.17 -10.95
C LEU A 26 8.54 9.62 -11.41
N GLY A 27 7.61 9.56 -10.48
CA GLY A 27 6.27 10.03 -10.73
C GLY A 27 5.50 10.12 -9.45
N SER A 28 5.59 11.26 -8.77
CA SER A 28 5.01 11.37 -7.45
C SER A 28 3.48 11.24 -7.51
N GLY A 29 2.99 10.23 -6.84
CA GLY A 29 1.60 9.83 -6.97
C GLY A 29 0.78 10.19 -5.75
N ILE A 30 -0.33 9.50 -5.60
CA ILE A 30 -1.08 9.47 -4.36
C ILE A 30 -1.01 8.05 -3.85
N MET A 31 -1.28 7.84 -2.61
CA MET A 31 -1.57 6.53 -2.12
C MET A 31 -2.83 6.61 -1.29
N GLU A 32 -3.95 6.42 -1.98
CA GLU A 32 -5.26 6.52 -1.40
C GLU A 32 -5.55 5.22 -0.64
N LEU A 33 -5.31 5.25 0.64
CA LEU A 33 -5.51 4.08 1.45
C LEU A 33 -7.00 3.85 1.68
N THR A 34 -7.48 2.66 1.35
CA THR A 34 -8.86 2.33 1.63
C THR A 34 -8.96 0.95 2.27
N ASP A 35 -10.19 0.43 2.40
CA ASP A 35 -10.43 -0.85 3.08
C ASP A 35 -9.57 -1.94 2.51
N THR A 36 -9.59 -2.09 1.20
CA THR A 36 -8.89 -3.19 0.62
C THR A 36 -8.02 -2.76 -0.54
N GLU A 37 -7.98 -1.50 -0.84
CA GLU A 37 -7.26 -1.05 -2.01
C GLU A 37 -6.41 0.17 -1.71
N LEU A 38 -5.16 0.04 -2.04
CA LEU A 38 -4.24 1.13 -1.98
C LEU A 38 -4.21 1.84 -3.32
N ILE A 39 -5.05 2.85 -3.42
CA ILE A 39 -5.29 3.51 -4.68
C ILE A 39 -4.24 4.62 -4.91
N LEU A 40 -3.14 4.26 -5.57
CA LEU A 40 -2.06 5.21 -5.87
C LEU A 40 -2.43 6.07 -7.06
N TYR A 41 -2.61 7.37 -6.88
CA TYR A 41 -2.91 8.22 -8.03
C TYR A 41 -1.60 8.65 -8.66
N THR A 42 -1.19 7.98 -9.72
CA THR A 42 0.09 8.30 -10.34
C THR A 42 0.07 9.64 -11.05
N ARG A 43 1.18 10.01 -11.65
CA ARG A 43 1.25 11.24 -12.42
C ARG A 43 0.28 11.20 -13.59
N LYS A 44 0.59 10.39 -14.59
CA LYS A 44 -0.31 10.25 -15.73
C LYS A 44 -0.80 8.82 -15.92
N ARG A 45 -0.29 7.92 -15.10
CA ARG A 45 -0.60 6.50 -15.20
C ARG A 45 -1.97 6.20 -14.57
N ASP A 46 -2.59 7.25 -14.03
CA ASP A 46 -3.90 7.18 -13.40
C ASP A 46 -3.88 6.38 -12.11
N SER A 47 -4.97 6.44 -11.38
CA SER A 47 -5.11 5.76 -10.10
C SER A 47 -4.79 4.27 -10.25
N VAL A 48 -3.59 3.94 -9.83
CA VAL A 48 -3.16 2.57 -9.69
C VAL A 48 -3.72 2.02 -8.40
N LYS A 49 -3.88 0.73 -8.30
CA LYS A 49 -4.53 0.19 -7.11
C LYS A 49 -3.73 -0.97 -6.52
N TRP A 50 -3.70 -1.06 -5.20
CA TRP A 50 -3.11 -2.21 -4.52
C TRP A 50 -4.05 -2.83 -3.52
N HIS A 51 -4.73 -3.86 -3.94
CA HIS A 51 -5.63 -4.59 -3.06
C HIS A 51 -4.82 -5.22 -1.92
N TYR A 52 -5.38 -5.17 -0.73
CA TYR A 52 -4.72 -5.60 0.50
C TYR A 52 -4.34 -7.07 0.50
N LEU A 53 -5.04 -7.84 -0.32
CA LEU A 53 -4.77 -9.26 -0.46
C LEU A 53 -3.64 -9.48 -1.42
N CYS A 54 -2.88 -8.44 -1.65
CA CYS A 54 -1.74 -8.50 -2.50
C CYS A 54 -0.50 -7.99 -1.80
N LEU A 55 -0.70 -7.13 -0.80
CA LEU A 55 0.40 -6.56 -0.03
C LEU A 55 1.10 -7.62 0.81
N ARG A 56 2.00 -8.39 0.21
CA ARG A 56 2.76 -9.40 0.95
C ARG A 56 3.55 -8.75 2.07
N ARG A 57 4.22 -7.65 1.74
CA ARG A 57 4.87 -6.84 2.75
C ARG A 57 4.55 -5.37 2.50
N TYR A 58 4.81 -4.52 3.49
CA TYR A 58 4.49 -3.09 3.38
C TYR A 58 5.11 -2.33 4.54
N GLY A 59 5.63 -1.14 4.25
CA GLY A 59 6.48 -0.49 5.21
C GLY A 59 6.48 1.01 5.15
N TYR A 60 7.50 1.54 5.77
CA TYR A 60 7.66 2.96 6.04
C TYR A 60 9.09 3.23 6.46
N ASP A 61 9.74 4.19 5.82
CA ASP A 61 11.02 4.68 6.31
C ASP A 61 11.32 6.09 5.81
N SER A 62 11.39 7.05 6.73
CA SER A 62 11.80 8.41 6.39
C SER A 62 11.04 8.93 5.17
N ASN A 63 9.72 8.99 5.30
CA ASN A 63 8.84 9.41 4.20
C ASN A 63 8.95 8.48 2.98
N LEU A 64 9.29 7.22 3.23
CA LEU A 64 9.25 6.18 2.19
C LEU A 64 8.23 5.12 2.62
N PHE A 65 7.11 4.97 1.94
CA PHE A 65 6.16 3.89 2.26
C PHE A 65 6.23 2.84 1.17
N SER A 66 6.18 1.58 1.55
CA SER A 66 6.35 0.52 0.59
C SER A 66 5.35 -0.60 0.78
N PHE A 67 5.29 -1.49 -0.19
CA PHE A 67 4.55 -2.73 -0.10
C PHE A 67 5.01 -3.71 -1.19
N GLU A 68 5.01 -5.01 -0.89
CA GLU A 68 5.33 -6.02 -1.87
C GLU A 68 4.06 -6.65 -2.38
N SER A 69 3.62 -6.28 -3.54
CA SER A 69 2.41 -6.86 -4.06
C SER A 69 2.73 -8.22 -4.70
N GLY A 70 2.05 -9.26 -4.22
CA GLY A 70 2.32 -10.60 -4.68
C GLY A 70 1.31 -11.03 -5.71
N ARG A 71 0.98 -10.11 -6.58
CA ARG A 71 0.01 -10.29 -7.62
C ARG A 71 0.21 -9.17 -8.59
N ARG A 72 -0.04 -9.39 -9.87
CA ARG A 72 0.14 -8.34 -10.83
C ARG A 72 -0.83 -7.22 -10.60
N CYS A 73 -0.39 -6.06 -10.97
CA CYS A 73 -1.11 -4.83 -10.75
C CYS A 73 -0.84 -3.92 -11.94
N GLN A 74 -1.32 -2.69 -11.88
CA GLN A 74 -0.96 -1.70 -12.87
C GLN A 74 0.56 -1.61 -12.98
N THR A 75 1.19 -1.25 -11.87
CA THR A 75 2.61 -0.98 -11.87
C THR A 75 3.30 -1.54 -10.61
N GLY A 76 2.68 -2.56 -10.01
CA GLY A 76 3.26 -3.17 -8.81
C GLY A 76 4.56 -3.91 -9.10
N GLN A 77 4.43 -5.12 -9.63
CA GLN A 77 5.56 -5.95 -10.02
C GLN A 77 6.38 -6.46 -8.84
N GLY A 78 5.88 -6.26 -7.62
CA GLY A 78 6.60 -6.74 -6.44
C GLY A 78 6.69 -5.69 -5.36
N ILE A 79 7.89 -5.45 -4.84
CA ILE A 79 8.10 -4.40 -3.87
C ILE A 79 8.09 -3.05 -4.57
N PHE A 80 7.03 -2.30 -4.36
CA PHE A 80 6.90 -1.00 -4.95
C PHE A 80 6.77 0.03 -3.85
N ALA A 81 7.80 0.83 -3.69
CA ALA A 81 7.85 1.81 -2.64
C ALA A 81 7.61 3.21 -3.18
N PHE A 82 6.94 4.03 -2.40
CA PHE A 82 6.65 5.39 -2.76
C PHE A 82 7.13 6.28 -1.65
N LYS A 83 7.78 7.33 -2.01
CA LYS A 83 8.30 8.25 -1.04
C LYS A 83 7.13 9.08 -0.51
N CYS A 84 6.45 8.51 0.45
CA CYS A 84 5.27 9.12 1.01
C CYS A 84 5.65 9.90 2.25
N ALA A 85 5.41 11.19 2.27
CA ALA A 85 5.78 11.95 3.45
C ALA A 85 4.82 11.69 4.60
N ARG A 86 3.79 10.91 4.33
CA ARG A 86 2.98 10.32 5.39
C ARG A 86 3.25 8.84 5.46
N ALA A 87 4.42 8.39 5.00
CA ALA A 87 4.76 6.96 4.95
C ALA A 87 4.36 6.27 6.23
N GLU A 88 4.90 6.78 7.31
CA GLU A 88 4.57 6.34 8.66
C GLU A 88 3.06 6.19 8.83
N GLU A 89 2.38 7.31 8.65
CA GLU A 89 0.94 7.39 8.71
C GLU A 89 0.28 6.40 7.76
N LEU A 90 0.70 6.44 6.51
CA LEU A 90 0.17 5.61 5.46
C LEU A 90 0.36 4.15 5.78
N PHE A 91 1.62 3.75 5.89
CA PHE A 91 1.94 2.38 6.20
C PHE A 91 1.09 1.92 7.40
N ASN A 92 1.14 2.69 8.47
CA ASN A 92 0.30 2.44 9.67
C ASN A 92 -1.13 2.27 9.27
N MET A 93 -1.72 3.33 8.74
CA MET A 93 -3.12 3.33 8.36
C MET A 93 -3.43 2.06 7.61
N LEU A 94 -2.64 1.82 6.58
CA LEU A 94 -2.66 0.56 5.84
C LEU A 94 -2.67 -0.65 6.77
N GLN A 95 -1.67 -0.80 7.64
CA GLN A 95 -1.64 -1.97 8.51
C GLN A 95 -2.91 -2.01 9.36
N GLU A 96 -3.36 -0.86 9.88
CA GLU A 96 -4.59 -0.81 10.68
C GLU A 96 -5.78 -1.20 9.85
N ILE A 97 -5.92 -0.63 8.66
CA ILE A 97 -6.99 -1.02 7.78
C ILE A 97 -6.93 -2.52 7.56
N MET A 98 -5.71 -3.03 7.40
CA MET A 98 -5.50 -4.46 7.32
C MET A 98 -6.03 -5.16 8.55
N GLN A 99 -5.68 -4.62 9.71
CA GLN A 99 -6.07 -5.16 11.01
C GLN A 99 -7.58 -5.12 11.19
N ASN A 100 -8.17 -3.98 10.84
CA ASN A 100 -9.53 -3.65 11.22
C ASN A 100 -10.57 -4.08 10.17
N ASN A 101 -10.19 -4.14 8.90
CA ASN A 101 -11.16 -4.41 7.85
C ASN A 101 -11.23 -5.88 7.55
N SER A 102 -10.12 -6.58 7.80
CA SER A 102 -9.97 -8.01 7.46
C SER A 102 -9.90 -8.18 5.94
N ILE A 103 -10.44 -7.22 5.21
CA ILE A 103 -10.28 -7.11 3.78
C ILE A 103 -10.90 -8.29 3.04
N ASN A 104 -12.10 -8.07 2.54
CA ASN A 104 -12.77 -9.06 1.74
C ASN A 104 -13.27 -8.43 0.46
N VAL A 105 -12.92 -9.05 -0.65
CA VAL A 105 -13.40 -8.62 -1.95
C VAL A 105 -14.86 -8.97 -2.07
N VAL A 106 -15.71 -8.01 -1.76
CA VAL A 106 -17.13 -8.26 -1.74
C VAL A 106 -17.66 -8.33 -3.16
N GLU A 107 -18.81 -8.95 -3.31
CA GLU A 107 -19.52 -9.01 -4.56
C GLU A 107 -18.63 -9.46 -5.71
N GLU A 108 -18.35 -10.75 -5.73
CA GLU A 108 -17.55 -11.33 -6.77
C GLU A 108 -18.45 -12.05 -7.76
N PRO A 109 -18.38 -11.67 -9.04
CA PRO A 109 -19.08 -12.39 -10.10
C PRO A 109 -18.51 -13.78 -10.31
N VAL A 110 -18.69 -14.63 -9.30
CA VAL A 110 -18.20 -16.03 -9.24
C VAL A 110 -16.76 -16.22 -9.74
N VAL A 111 -15.91 -16.68 -8.84
CA VAL A 111 -14.53 -17.00 -9.20
C VAL A 111 -14.51 -18.25 -10.06
N GLU A 112 -14.77 -18.05 -11.35
CA GLU A 112 -14.95 -19.11 -12.32
C GLU A 112 -15.55 -18.51 -13.57
N ARG A 113 -16.55 -17.65 -13.37
CA ARG A 113 -17.23 -16.95 -14.46
C ARG A 113 -17.66 -17.93 -15.55
N ASN A 114 -18.55 -18.85 -15.18
CA ASN A 114 -19.00 -19.91 -16.08
C ASN A 114 -17.86 -20.87 -16.41
N ASN A 115 -17.90 -22.04 -15.80
CA ASN A 115 -16.93 -23.09 -16.07
C ASN A 115 -16.93 -23.45 -17.56
N GLY B 1 14.28 -12.32 6.31
CA GLY B 1 13.91 -12.24 4.88
C GLY B 1 14.04 -10.83 4.35
N PRO B 2 13.83 -10.63 3.04
CA PRO B 2 13.98 -9.34 2.40
C PRO B 2 12.77 -8.44 2.63
N ASP B 3 12.62 -7.97 3.86
CA ASP B 3 11.49 -7.13 4.21
C ASP B 3 11.82 -5.65 3.97
N ALA B 4 12.93 -5.18 4.49
CA ALA B 4 13.26 -3.81 4.20
C ALA B 4 13.54 -3.64 2.73
N VAL B 5 12.73 -2.80 2.12
CA VAL B 5 12.91 -2.45 0.72
C VAL B 5 13.86 -1.28 0.66
N ILE B 6 15.01 -1.47 0.08
CA ILE B 6 15.93 -0.39 0.12
C ILE B 6 15.80 0.38 -1.14
N ILE B 7 14.79 1.24 -1.19
CA ILE B 7 14.52 1.93 -2.42
C ILE B 7 15.37 3.18 -2.47
N GLY B 8 16.57 2.98 -3.03
CA GLY B 8 17.56 4.03 -3.22
C GLY B 8 17.72 4.95 -2.03
N MET B 9 16.98 6.05 -2.08
CA MET B 9 16.97 7.05 -1.04
C MET B 9 16.86 6.42 0.34
N THR B 10 15.96 5.46 0.52
CA THR B 10 15.74 4.91 1.84
C THR B 10 15.42 3.42 1.87
N LYS B 11 15.91 2.77 2.92
CA LYS B 11 15.52 1.41 3.22
C LYS B 11 14.25 1.35 4.03
N ILE B 12 13.23 0.72 3.46
CA ILE B 12 11.93 0.64 4.07
C ILE B 12 11.74 -0.65 4.80
N PRO B 13 11.76 -0.60 6.11
CA PRO B 13 11.52 -1.76 6.93
C PRO B 13 10.03 -2.05 6.95
N VAL B 14 9.63 -2.97 6.11
CA VAL B 14 8.23 -3.30 5.95
C VAL B 14 7.81 -4.45 6.84
N ILE B 15 6.51 -4.70 6.87
CA ILE B 15 5.91 -5.78 7.63
C ILE B 15 5.04 -6.61 6.70
N GLU B 16 4.65 -7.80 7.13
CA GLU B 16 3.84 -8.66 6.28
C GLU B 16 2.36 -8.59 6.67
N ASN B 17 1.51 -8.80 5.67
CA ASN B 17 0.07 -8.62 5.81
C ASN B 17 -0.57 -9.76 6.58
N PRO B 18 -1.65 -9.46 7.32
CA PRO B 18 -2.48 -10.47 7.96
C PRO B 18 -3.56 -11.04 7.03
N GLN B 19 -3.63 -10.51 5.79
CA GLN B 19 -4.69 -10.90 4.87
C GLN B 19 -4.49 -12.32 4.36
N PTR B 20 -3.23 -12.68 4.13
CA PTR B 20 -2.87 -13.99 3.60
C PTR B 20 -3.00 -15.09 4.64
O PTR B 20 -3.39 -16.21 4.32
CB PTR B 20 -1.43 -13.96 3.11
CG PTR B 20 -1.23 -13.30 1.76
CD1 PTR B 20 -2.12 -12.33 1.31
CD2 PTR B 20 -0.18 -13.66 0.95
CE1 PTR B 20 -1.96 -11.74 0.08
CE2 PTR B 20 0.00 -13.07 -0.29
CZ PTR B 20 -0.90 -12.12 -0.72
OH PTR B 20 -0.72 -11.53 -1.93
P PTR B 20 -1.19 -12.33 -3.26
O1P PTR B 20 -2.56 -12.89 -2.94
O2P PTR B 20 0.00 -13.35 -3.50
O3P PTR B 20 -1.35 -11.21 -4.25
H PTR B 20 -2.52 -12.03 4.31
HA PTR B 20 -3.52 -14.20 2.76
HB2 PTR B 20 -0.82 -13.43 3.81
HB3 PTR B 20 -1.06 -14.98 3.02
HD1 PTR B 20 -2.94 -12.04 1.92
HD2 PTR B 20 0.51 -14.41 1.28
HE1 PTR B 20 -2.66 -10.98 -0.25
HE2 PTR B 20 0.83 -13.36 -0.91
HO2P PTR B 20 -0.33 -14.22 -3.72
N PHE B 21 -2.66 -14.77 5.87
CA PHE B 21 -2.53 -15.77 6.91
C PHE B 21 -3.75 -15.83 7.80
N GLY B 22 -4.50 -14.74 7.83
CA GLY B 22 -5.63 -14.63 8.74
C GLY B 22 -5.37 -13.55 9.76
N ILE B 23 -4.21 -13.62 10.39
CA ILE B 23 -3.73 -12.56 11.26
C ILE B 23 -2.22 -12.66 11.43
N SER A 1 -19.62 15.52 -4.22
CA SER A 1 -18.61 16.48 -4.70
C SER A 1 -17.21 15.95 -4.42
N HIS A 2 -17.04 15.23 -3.32
CA HIS A 2 -15.74 14.72 -2.93
C HIS A 2 -15.84 13.29 -2.42
N MET A 3 -16.55 12.45 -3.17
CA MET A 3 -16.64 11.03 -2.87
C MET A 3 -15.29 10.35 -3.14
N ASP A 4 -14.98 10.16 -4.41
CA ASP A 4 -13.72 9.54 -4.81
C ASP A 4 -12.66 10.61 -5.07
N THR A 5 -13.12 11.83 -5.31
CA THR A 5 -12.24 12.96 -5.49
C THR A 5 -11.65 13.34 -4.14
N VAL A 6 -12.40 12.99 -3.10
CA VAL A 6 -11.97 13.11 -1.73
C VAL A 6 -11.84 14.57 -1.27
N PRO A 7 -11.98 14.78 0.03
CA PRO A 7 -11.75 16.08 0.67
C PRO A 7 -10.27 16.48 0.64
N ASP A 8 -9.76 16.69 -0.56
CA ASP A 8 -8.35 17.02 -0.83
C ASP A 8 -7.38 16.08 -0.11
N ASN A 9 -7.06 16.37 1.14
CA ASN A 9 -6.11 15.57 1.89
C ASN A 9 -6.59 15.31 3.30
N HIS A 10 -7.52 14.37 3.44
CA HIS A 10 -7.88 13.87 4.76
C HIS A 10 -6.97 12.69 5.08
N ARG A 11 -7.24 11.97 6.17
CA ARG A 11 -6.35 10.89 6.61
C ARG A 11 -5.95 9.94 5.50
N ASN A 12 -6.90 9.39 4.82
CA ASN A 12 -6.66 8.23 3.98
C ASN A 12 -5.98 8.56 2.63
N LYS A 13 -6.46 9.60 1.95
CA LYS A 13 -5.84 10.00 0.68
C LYS A 13 -4.53 10.72 0.97
N PHE A 14 -3.42 10.04 0.73
CA PHE A 14 -2.09 10.62 0.94
C PHE A 14 -1.35 10.80 -0.37
N LYS A 15 -0.80 11.98 -0.58
CA LYS A 15 0.03 12.21 -1.75
C LYS A 15 1.42 11.65 -1.50
N VAL A 16 1.74 10.56 -2.17
CA VAL A 16 3.03 9.93 -2.05
C VAL A 16 3.91 10.34 -3.23
N ILE A 17 5.02 9.69 -3.36
CA ILE A 17 5.87 9.86 -4.51
C ILE A 17 6.26 8.48 -5.04
N ASN A 18 5.93 8.13 -6.26
CA ASN A 18 6.45 6.88 -6.76
C ASN A 18 7.96 6.99 -6.97
N VAL A 19 8.71 6.16 -6.27
CA VAL A 19 10.16 6.16 -6.39
C VAL A 19 10.66 4.73 -6.59
N ASP A 20 11.50 4.51 -7.59
CA ASP A 20 11.92 3.14 -7.86
C ASP A 20 13.43 2.97 -7.86
N ASP A 21 13.86 2.01 -7.04
CA ASP A 21 15.26 1.55 -6.94
C ASP A 21 16.27 2.68 -6.68
N ASP A 22 15.80 3.89 -6.51
CA ASP A 22 16.68 5.02 -6.29
C ASP A 22 16.08 5.96 -5.25
N GLY A 23 14.83 5.70 -4.89
CA GLY A 23 14.08 6.65 -4.09
C GLY A 23 13.88 7.92 -4.89
N ASN A 24 13.97 7.78 -6.21
CA ASN A 24 13.85 8.90 -7.13
C ASN A 24 12.42 9.04 -7.55
N GLU A 25 11.83 10.22 -7.33
CA GLU A 25 10.47 10.48 -7.74
C GLU A 25 10.30 10.30 -9.24
N LEU A 26 10.06 9.06 -9.63
CA LEU A 26 9.87 8.69 -11.04
C LEU A 26 8.43 8.92 -11.45
N GLY A 27 7.78 9.81 -10.72
CA GLY A 27 6.39 10.13 -10.95
C GLY A 27 5.62 10.14 -9.65
N SER A 28 5.64 11.27 -8.96
CA SER A 28 4.99 11.35 -7.66
C SER A 28 3.48 11.06 -7.79
N GLY A 29 2.94 10.35 -6.82
CA GLY A 29 1.59 9.81 -6.95
C GLY A 29 0.77 10.05 -5.70
N ILE A 30 -0.43 9.50 -5.67
CA ILE A 30 -1.19 9.41 -4.43
C ILE A 30 -1.04 8.01 -3.89
N MET A 31 -1.38 7.81 -2.66
CA MET A 31 -1.62 6.50 -2.15
C MET A 31 -2.88 6.54 -1.30
N GLU A 32 -3.97 6.22 -1.96
CA GLU A 32 -5.30 6.28 -1.41
C GLU A 32 -5.52 5.06 -0.53
N LEU A 33 -5.35 5.22 0.75
CA LEU A 33 -5.56 4.11 1.64
C LEU A 33 -7.02 3.91 1.94
N THR A 34 -7.55 2.78 1.53
CA THR A 34 -8.93 2.45 1.83
C THR A 34 -9.02 1.05 2.44
N ASP A 35 -10.24 0.57 2.63
CA ASP A 35 -10.51 -0.74 3.22
C ASP A 35 -9.64 -1.82 2.63
N THR A 36 -9.62 -1.90 1.32
CA THR A 36 -8.94 -3.01 0.71
C THR A 36 -8.07 -2.61 -0.45
N GLU A 37 -8.11 -1.35 -0.84
CA GLU A 37 -7.35 -0.96 -2.00
C GLU A 37 -6.52 0.27 -1.75
N LEU A 38 -5.24 0.10 -1.97
CA LEU A 38 -4.29 1.17 -1.94
C LEU A 38 -4.22 1.83 -3.30
N ILE A 39 -5.02 2.86 -3.47
CA ILE A 39 -5.19 3.46 -4.76
C ILE A 39 -4.15 4.56 -4.99
N LEU A 40 -3.04 4.20 -5.61
CA LEU A 40 -1.97 5.14 -5.90
C LEU A 40 -2.33 5.98 -7.11
N TYR A 41 -2.54 7.27 -6.94
CA TYR A 41 -2.90 8.10 -8.10
C TYR A 41 -1.63 8.58 -8.77
N THR A 42 -1.24 7.95 -9.87
CA THR A 42 -0.04 8.37 -10.57
C THR A 42 -0.30 9.64 -11.37
N ARG A 43 0.66 10.07 -12.16
CA ARG A 43 0.46 11.24 -13.00
C ARG A 43 -0.33 10.88 -14.26
N LYS A 44 0.29 10.11 -15.11
CA LYS A 44 -0.26 9.78 -16.41
C LYS A 44 -0.59 8.30 -16.52
N ARG A 45 -0.28 7.57 -15.46
CA ARG A 45 -0.57 6.14 -15.37
C ARG A 45 -1.96 5.91 -14.75
N ASP A 46 -2.54 7.02 -14.24
CA ASP A 46 -3.85 7.02 -13.58
C ASP A 46 -3.82 6.23 -12.26
N SER A 47 -4.90 6.38 -11.51
CA SER A 47 -5.07 5.72 -10.23
C SER A 47 -4.78 4.23 -10.33
N VAL A 48 -3.59 3.90 -9.86
CA VAL A 48 -3.15 2.53 -9.72
C VAL A 48 -3.79 1.96 -8.47
N LYS A 49 -3.81 0.67 -8.34
CA LYS A 49 -4.54 0.07 -7.23
C LYS A 49 -3.79 -1.09 -6.59
N TRP A 50 -3.74 -1.10 -5.26
CA TRP A 50 -3.16 -2.22 -4.50
C TRP A 50 -4.14 -2.79 -3.50
N HIS A 51 -4.83 -3.85 -3.89
CA HIS A 51 -5.73 -4.54 -3.00
C HIS A 51 -4.92 -5.18 -1.85
N TYR A 52 -5.51 -5.16 -0.67
CA TYR A 52 -4.86 -5.60 0.57
C TYR A 52 -4.54 -7.09 0.54
N LEU A 53 -5.33 -7.84 -0.21
CA LEU A 53 -5.08 -9.26 -0.43
C LEU A 53 -4.05 -9.43 -1.52
N CYS A 54 -3.32 -8.39 -1.78
CA CYS A 54 -2.29 -8.44 -2.78
C CYS A 54 -0.98 -7.97 -2.18
N LEU A 55 -1.06 -7.07 -1.20
CA LEU A 55 0.09 -6.75 -0.38
C LEU A 55 0.65 -8.04 0.22
N ARG A 56 1.96 -8.13 0.28
CA ARG A 56 2.63 -9.18 1.02
C ARG A 56 3.38 -8.55 2.17
N ARG A 57 4.26 -7.64 1.82
CA ARG A 57 4.94 -6.83 2.81
C ARG A 57 4.64 -5.37 2.54
N TYR A 58 4.85 -4.52 3.51
CA TYR A 58 4.51 -3.10 3.40
C TYR A 58 5.12 -2.33 4.53
N GLY A 59 5.61 -1.14 4.25
CA GLY A 59 6.47 -0.50 5.20
C GLY A 59 6.46 0.99 5.16
N TYR A 60 7.47 1.50 5.83
CA TYR A 60 7.63 2.89 6.12
C TYR A 60 9.08 3.12 6.54
N ASP A 61 9.74 4.04 5.88
CA ASP A 61 10.96 4.60 6.37
C ASP A 61 10.92 6.08 6.03
N SER A 62 11.86 6.88 6.54
CA SER A 62 11.92 8.33 6.26
C SER A 62 11.23 8.72 4.94
N ASN A 63 9.97 9.16 5.07
CA ASN A 63 9.08 9.52 3.94
C ASN A 63 9.15 8.52 2.78
N LEU A 64 9.27 7.25 3.11
CA LEU A 64 9.22 6.18 2.13
C LEU A 64 8.22 5.13 2.61
N PHE A 65 7.08 4.98 1.93
CA PHE A 65 6.13 3.91 2.27
C PHE A 65 6.19 2.85 1.18
N SER A 66 6.17 1.61 1.57
CA SER A 66 6.35 0.55 0.61
C SER A 66 5.34 -0.57 0.80
N PHE A 67 5.27 -1.45 -0.19
CA PHE A 67 4.54 -2.69 -0.09
C PHE A 67 5.01 -3.66 -1.19
N GLU A 68 5.10 -4.94 -0.87
CA GLU A 68 5.39 -5.95 -1.87
C GLU A 68 4.08 -6.55 -2.34
N SER A 69 3.64 -6.22 -3.51
CA SER A 69 2.42 -6.80 -4.02
C SER A 69 2.74 -8.15 -4.66
N GLY A 70 2.04 -9.19 -4.18
CA GLY A 70 2.35 -10.56 -4.59
C GLY A 70 1.93 -10.85 -6.00
N ARG A 71 0.73 -10.42 -6.36
CA ARG A 71 0.28 -10.54 -7.72
C ARG A 71 0.61 -9.27 -8.47
N ARG A 72 0.70 -9.37 -9.77
CA ARG A 72 1.13 -8.25 -10.57
C ARG A 72 0.07 -7.19 -10.62
N CYS A 73 0.50 -5.97 -10.79
CA CYS A 73 -0.37 -4.83 -10.70
C CYS A 73 -0.10 -3.87 -11.85
N GLN A 74 -0.74 -2.72 -11.82
CA GLN A 74 -0.55 -1.68 -12.81
C GLN A 74 0.93 -1.35 -13.00
N THR A 75 1.58 -0.99 -11.90
CA THR A 75 2.94 -0.55 -11.96
C THR A 75 3.77 -1.10 -10.78
N GLY A 76 3.27 -2.19 -10.19
CA GLY A 76 3.90 -2.74 -9.00
C GLY A 76 5.09 -3.63 -9.28
N GLN A 77 4.83 -4.78 -9.91
CA GLN A 77 5.85 -5.79 -10.24
C GLN A 77 6.35 -6.54 -9.01
N GLY A 78 6.31 -5.90 -7.84
CA GLY A 78 6.77 -6.54 -6.62
C GLY A 78 6.84 -5.55 -5.48
N ILE A 79 8.01 -5.44 -4.86
CA ILE A 79 8.24 -4.40 -3.88
C ILE A 79 8.24 -3.03 -4.56
N PHE A 80 7.14 -2.33 -4.42
CA PHE A 80 7.01 -1.01 -5.01
C PHE A 80 6.82 0.00 -3.91
N ALA A 81 7.85 0.80 -3.70
CA ALA A 81 7.85 1.76 -2.64
C ALA A 81 7.61 3.17 -3.17
N PHE A 82 6.96 3.98 -2.38
CA PHE A 82 6.68 5.34 -2.77
C PHE A 82 7.18 6.25 -1.69
N LYS A 83 7.80 7.31 -2.08
CA LYS A 83 8.33 8.26 -1.14
C LYS A 83 7.18 9.09 -0.60
N CYS A 84 6.55 8.58 0.43
CA CYS A 84 5.39 9.20 1.01
C CYS A 84 5.79 9.90 2.30
N ALA A 85 5.56 11.20 2.41
CA ALA A 85 5.94 11.89 3.64
C ALA A 85 5.02 11.49 4.78
N ARG A 86 3.84 10.98 4.44
CA ARG A 86 3.01 10.31 5.42
C ARG A 86 3.23 8.82 5.33
N ALA A 87 4.44 8.39 4.99
CA ALA A 87 4.76 6.96 4.92
C ALA A 87 4.36 6.30 6.23
N GLU A 88 4.95 6.82 7.29
CA GLU A 88 4.63 6.43 8.66
C GLU A 88 3.14 6.28 8.87
N GLU A 89 2.46 7.36 8.57
CA GLU A 89 1.01 7.44 8.68
C GLU A 89 0.32 6.45 7.75
N LEU A 90 0.75 6.44 6.50
CA LEU A 90 0.18 5.63 5.47
C LEU A 90 0.38 4.17 5.77
N PHE A 91 1.62 3.75 5.86
CA PHE A 91 1.94 2.38 6.20
C PHE A 91 1.09 1.94 7.38
N ASN A 92 1.18 2.70 8.47
CA ASN A 92 0.36 2.48 9.67
C ASN A 92 -1.08 2.30 9.32
N MET A 93 -1.68 3.35 8.78
CA MET A 93 -3.09 3.34 8.43
C MET A 93 -3.40 2.06 7.67
N LEU A 94 -2.63 1.81 6.63
CA LEU A 94 -2.67 0.54 5.92
C LEU A 94 -2.67 -0.66 6.84
N GLN A 95 -1.64 -0.82 7.68
CA GLN A 95 -1.57 -1.99 8.56
C GLN A 95 -2.82 -2.08 9.44
N GLU A 96 -3.31 -0.93 9.91
CA GLU A 96 -4.52 -0.91 10.74
C GLU A 96 -5.72 -1.30 9.93
N ILE A 97 -5.89 -0.67 8.77
CA ILE A 97 -6.99 -1.01 7.91
C ILE A 97 -6.98 -2.51 7.65
N MET A 98 -5.77 -3.04 7.48
CA MET A 98 -5.56 -4.47 7.33
C MET A 98 -6.14 -5.23 8.52
N GLN A 99 -5.80 -4.76 9.72
CA GLN A 99 -6.23 -5.39 10.95
C GLN A 99 -7.74 -5.26 11.15
N ASN A 100 -8.25 -4.08 10.85
CA ASN A 100 -9.59 -3.68 11.27
C ASN A 100 -10.65 -3.94 10.20
N ASN A 101 -10.25 -4.19 8.96
CA ASN A 101 -11.23 -4.41 7.90
C ASN A 101 -11.33 -5.87 7.53
N SER A 102 -10.25 -6.59 7.75
CA SER A 102 -10.14 -8.01 7.35
C SER A 102 -10.02 -8.11 5.83
N ILE A 103 -10.64 -7.13 5.15
CA ILE A 103 -10.47 -6.94 3.74
C ILE A 103 -11.19 -7.97 2.90
N ASN A 104 -12.42 -7.62 2.53
CA ASN A 104 -13.22 -8.42 1.63
C ASN A 104 -14.05 -7.51 0.75
N VAL A 105 -13.81 -7.58 -0.55
CA VAL A 105 -14.63 -6.90 -1.52
C VAL A 105 -15.58 -7.92 -2.14
N VAL A 106 -16.24 -8.65 -1.24
CA VAL A 106 -17.01 -9.85 -1.57
C VAL A 106 -16.15 -10.84 -2.38
N GLU A 107 -16.72 -11.96 -2.78
CA GLU A 107 -15.99 -12.94 -3.59
C GLU A 107 -14.72 -13.39 -2.89
N GLU A 108 -14.91 -14.01 -1.74
CA GLU A 108 -13.81 -14.49 -0.95
C GLU A 108 -13.30 -15.81 -1.51
N PRO A 109 -11.99 -15.90 -1.78
CA PRO A 109 -11.36 -17.13 -2.26
C PRO A 109 -11.31 -18.23 -1.21
N VAL A 110 -12.50 -18.61 -0.72
CA VAL A 110 -12.72 -19.76 0.19
C VAL A 110 -11.48 -20.26 0.91
N VAL A 111 -11.40 -19.98 2.19
CA VAL A 111 -10.28 -20.39 3.02
C VAL A 111 -10.01 -21.90 2.86
N GLU A 112 -8.74 -22.25 2.65
CA GLU A 112 -8.30 -23.64 2.40
C GLU A 112 -8.60 -24.06 0.96
N ARG A 113 -9.63 -23.44 0.37
CA ARG A 113 -10.09 -23.72 -0.99
C ARG A 113 -10.84 -25.05 -1.07
N ASN A 114 -10.16 -26.14 -0.70
CA ASN A 114 -10.74 -27.48 -0.80
C ASN A 114 -11.07 -27.79 -2.25
N ASN A 115 -10.03 -27.89 -3.07
CA ASN A 115 -10.19 -28.18 -4.48
C ASN A 115 -9.84 -29.63 -4.75
N GLY B 1 12.03 -13.27 3.59
CA GLY B 1 12.34 -12.46 2.39
C GLY B 1 12.94 -11.12 2.77
N PRO B 2 13.35 -10.33 1.77
CA PRO B 2 13.87 -8.99 1.99
C PRO B 2 12.77 -8.04 2.44
N ASP B 3 12.60 -7.85 3.74
CA ASP B 3 11.52 -7.02 4.22
C ASP B 3 11.84 -5.56 4.00
N ALA B 4 12.95 -5.07 4.49
CA ALA B 4 13.28 -3.70 4.22
C ALA B 4 13.55 -3.56 2.75
N VAL B 5 12.72 -2.77 2.13
CA VAL B 5 12.90 -2.41 0.74
C VAL B 5 13.86 -1.26 0.67
N ILE B 6 15.00 -1.46 0.08
CA ILE B 6 15.91 -0.38 0.09
C ILE B 6 15.75 0.35 -1.20
N ILE B 7 14.82 1.29 -1.21
CA ILE B 7 14.55 1.98 -2.43
C ILE B 7 15.46 3.21 -2.49
N GLY B 8 16.63 2.98 -3.08
CA GLY B 8 17.63 4.01 -3.27
C GLY B 8 17.84 4.89 -2.06
N MET B 9 17.18 6.03 -2.08
CA MET B 9 17.24 7.01 -1.01
C MET B 9 17.03 6.38 0.36
N THR B 10 16.08 5.46 0.47
CA THR B 10 15.72 4.96 1.79
C THR B 10 15.39 3.47 1.82
N LYS B 11 15.87 2.82 2.87
CA LYS B 11 15.52 1.46 3.18
C LYS B 11 14.25 1.39 4.01
N ILE B 12 13.24 0.73 3.46
CA ILE B 12 11.94 0.66 4.06
C ILE B 12 11.72 -0.64 4.79
N PRO B 13 11.76 -0.58 6.10
CA PRO B 13 11.52 -1.72 6.93
C PRO B 13 10.03 -2.02 6.98
N VAL B 14 9.62 -2.95 6.13
CA VAL B 14 8.22 -3.28 5.97
C VAL B 14 7.80 -4.45 6.87
N ILE B 15 6.50 -4.73 6.86
CA ILE B 15 5.88 -5.81 7.62
C ILE B 15 4.99 -6.62 6.68
N GLU B 16 4.60 -7.83 7.07
CA GLU B 16 3.75 -8.66 6.22
C GLU B 16 2.27 -8.51 6.58
N ASN B 17 1.41 -8.68 5.58
CA ASN B 17 -0.03 -8.40 5.74
C ASN B 17 -0.77 -9.58 6.35
N PRO B 18 -1.68 -9.30 7.30
CA PRO B 18 -2.49 -10.33 7.94
C PRO B 18 -3.58 -10.89 7.04
N GLN B 19 -3.77 -10.28 5.86
CA GLN B 19 -4.81 -10.75 4.93
C GLN B 19 -4.52 -12.18 4.51
N PTR B 20 -3.24 -12.48 4.36
CA PTR B 20 -2.78 -13.81 3.97
C PTR B 20 -2.48 -14.71 5.17
O PTR B 20 -2.03 -15.83 5.00
CB PTR B 20 -1.52 -13.69 3.11
CG PTR B 20 -1.81 -13.43 1.67
CD1 PTR B 20 -2.34 -12.22 1.24
CD2 PTR B 20 -1.56 -14.40 0.71
CE1 PTR B 20 -2.61 -11.99 -0.08
CE2 PTR B 20 -1.83 -14.19 -0.61
CZ PTR B 20 -2.34 -12.99 -1.01
OH PTR B 20 -2.60 -12.76 -2.34
P PTR B 20 -1.34 -12.60 -3.35
O1P PTR B 20 -1.44 -13.78 -4.28
O2P PTR B 20 -0.06 -12.53 -2.40
O3P PTR B 20 -1.62 -11.34 -4.13
H PTR B 20 -2.57 -11.78 4.49
HA PTR B 20 -3.55 -14.27 3.38
HB2 PTR B 20 -0.92 -12.87 3.49
HB3 PTR B 20 -0.96 -14.61 3.19
HD1 PTR B 20 -2.55 -11.45 1.96
HD2 PTR B 20 -1.16 -15.35 1.04
HE1 PTR B 20 -3.03 -11.04 -0.40
HE2 PTR B 20 -1.62 -14.96 -1.33
HO2P PTR B 20 0.55 -13.23 -2.60
N PHE B 21 -2.74 -14.22 6.37
CA PHE B 21 -2.47 -15.02 7.56
C PHE B 21 -3.70 -15.11 8.45
N GLY B 22 -4.77 -14.46 8.01
CA GLY B 22 -5.94 -14.36 8.85
C GLY B 22 -5.75 -13.31 9.92
N ILE B 23 -6.82 -12.94 10.61
CA ILE B 23 -6.71 -11.95 11.66
C ILE B 23 -6.54 -12.64 13.02
N SER A 1 -20.48 12.83 -7.99
CA SER A 1 -19.39 11.85 -8.18
C SER A 1 -18.64 11.64 -6.88
N HIS A 2 -17.96 10.51 -6.76
CA HIS A 2 -17.18 10.21 -5.55
C HIS A 2 -15.87 9.52 -5.95
N MET A 3 -15.44 9.78 -7.18
CA MET A 3 -14.20 9.23 -7.68
C MET A 3 -13.01 9.88 -7.00
N ASP A 4 -12.96 11.20 -7.05
CA ASP A 4 -11.84 11.95 -6.49
C ASP A 4 -12.29 13.33 -6.02
N THR A 5 -13.59 13.49 -5.80
CA THR A 5 -14.12 14.71 -5.22
C THR A 5 -13.80 14.72 -3.74
N VAL A 6 -12.60 15.17 -3.44
CA VAL A 6 -12.00 14.97 -2.14
C VAL A 6 -11.95 16.27 -1.35
N PRO A 7 -11.99 16.14 -0.01
CA PRO A 7 -11.92 17.27 0.92
C PRO A 7 -10.53 17.91 0.98
N ASP A 8 -9.92 18.11 -0.19
CA ASP A 8 -8.55 18.60 -0.31
C ASP A 8 -7.64 17.82 0.62
N ASN A 9 -7.39 16.57 0.23
CA ASN A 9 -6.69 15.59 1.07
C ASN A 9 -7.54 15.17 2.26
N HIS A 10 -7.02 14.20 2.99
CA HIS A 10 -7.56 13.75 4.26
C HIS A 10 -6.63 12.66 4.75
N ARG A 11 -6.93 11.99 5.85
CA ARG A 11 -6.03 10.97 6.36
C ARG A 11 -5.71 9.95 5.29
N ASN A 12 -6.72 9.26 4.83
CA ASN A 12 -6.53 8.13 3.95
C ASN A 12 -5.93 8.52 2.59
N LYS A 13 -6.18 9.73 2.12
CA LYS A 13 -5.61 10.19 0.86
C LYS A 13 -4.27 10.86 1.11
N PHE A 14 -3.19 10.15 0.80
CA PHE A 14 -1.85 10.69 0.97
C PHE A 14 -1.14 10.84 -0.36
N LYS A 15 -0.58 12.01 -0.60
CA LYS A 15 0.26 12.19 -1.77
C LYS A 15 1.64 11.62 -1.51
N VAL A 16 1.93 10.53 -2.19
CA VAL A 16 3.21 9.87 -2.07
C VAL A 16 4.08 10.26 -3.26
N ILE A 17 5.20 9.62 -3.40
CA ILE A 17 6.01 9.75 -4.57
C ILE A 17 6.38 8.37 -5.08
N ASN A 18 5.96 8.01 -6.27
CA ASN A 18 6.41 6.73 -6.78
C ASN A 18 7.89 6.83 -7.12
N VAL A 19 8.70 6.09 -6.36
CA VAL A 19 10.15 6.15 -6.48
C VAL A 19 10.70 4.75 -6.73
N ASP A 20 11.58 4.59 -7.70
CA ASP A 20 12.02 3.25 -8.04
C ASP A 20 13.53 3.08 -7.94
N ASP A 21 13.93 2.07 -7.15
CA ASP A 21 15.32 1.60 -7.00
C ASP A 21 16.34 2.69 -6.69
N ASP A 22 15.89 3.91 -6.49
CA ASP A 22 16.80 5.01 -6.18
C ASP A 22 16.14 5.97 -5.20
N GLY A 23 14.89 5.67 -4.87
CA GLY A 23 14.08 6.60 -4.10
C GLY A 23 13.85 7.86 -4.91
N ASN A 24 13.97 7.72 -6.21
CA ASN A 24 13.85 8.83 -7.13
C ASN A 24 12.41 9.01 -7.51
N GLU A 25 11.88 10.22 -7.27
CA GLU A 25 10.51 10.54 -7.67
C GLU A 25 10.30 10.33 -9.17
N LEU A 26 10.06 9.10 -9.57
CA LEU A 26 9.85 8.76 -10.98
C LEU A 26 8.40 8.97 -11.36
N GLY A 27 7.82 9.98 -10.76
CA GLY A 27 6.42 10.28 -10.96
C GLY A 27 5.68 10.19 -9.66
N SER A 28 5.58 11.30 -8.95
CA SER A 28 4.98 11.28 -7.64
C SER A 28 3.49 10.96 -7.75
N GLY A 29 3.01 10.15 -6.82
CA GLY A 29 1.67 9.61 -6.91
C GLY A 29 0.86 9.91 -5.66
N ILE A 30 -0.37 9.49 -5.65
CA ILE A 30 -1.14 9.44 -4.42
C ILE A 30 -1.05 8.03 -3.87
N MET A 31 -1.43 7.85 -2.64
CA MET A 31 -1.68 6.56 -2.12
C MET A 31 -2.93 6.66 -1.26
N GLU A 32 -4.05 6.46 -1.93
CA GLU A 32 -5.37 6.59 -1.36
C GLU A 32 -5.69 5.31 -0.60
N LEU A 33 -5.44 5.33 0.68
CA LEU A 33 -5.63 4.16 1.50
C LEU A 33 -7.11 3.93 1.79
N THR A 34 -7.60 2.75 1.41
CA THR A 34 -8.97 2.40 1.70
C THR A 34 -9.06 1.05 2.40
N ASP A 35 -10.25 0.46 2.41
CA ASP A 35 -10.49 -0.83 3.05
C ASP A 35 -9.61 -1.90 2.50
N THR A 36 -9.60 -2.05 1.20
CA THR A 36 -8.87 -3.15 0.64
C THR A 36 -8.02 -2.73 -0.54
N GLU A 37 -8.09 -1.49 -0.95
CA GLU A 37 -7.34 -1.06 -2.10
C GLU A 37 -6.54 0.20 -1.83
N LEU A 38 -5.27 0.07 -2.05
CA LEU A 38 -4.35 1.18 -1.99
C LEU A 38 -4.32 1.87 -3.32
N ILE A 39 -5.16 2.87 -3.44
CA ILE A 39 -5.36 3.54 -4.71
C ILE A 39 -4.29 4.64 -4.90
N LEU A 40 -3.19 4.27 -5.54
CA LEU A 40 -2.09 5.20 -5.84
C LEU A 40 -2.47 6.05 -7.04
N TYR A 41 -2.49 7.36 -6.91
CA TYR A 41 -2.78 8.18 -8.09
C TYR A 41 -1.47 8.58 -8.74
N THR A 42 -1.05 7.89 -9.78
CA THR A 42 0.23 8.20 -10.41
C THR A 42 0.19 9.54 -11.12
N ARG A 43 1.20 9.81 -11.92
CA ARG A 43 1.21 11.02 -12.72
C ARG A 43 0.37 10.83 -13.97
N LYS A 44 0.87 9.99 -14.86
CA LYS A 44 0.21 9.76 -16.14
C LYS A 44 -0.25 8.32 -16.30
N ARG A 45 -0.11 7.54 -15.23
CA ARG A 45 -0.45 6.13 -15.25
C ARG A 45 -1.85 5.91 -14.65
N ASP A 46 -2.44 7.01 -14.15
CA ASP A 46 -3.74 7.00 -13.51
C ASP A 46 -3.73 6.26 -12.17
N SER A 47 -4.82 6.40 -11.45
CA SER A 47 -5.01 5.74 -10.17
C SER A 47 -4.75 4.24 -10.29
N VAL A 48 -3.57 3.85 -9.88
CA VAL A 48 -3.21 2.47 -9.73
C VAL A 48 -3.77 1.97 -8.42
N LYS A 49 -3.98 0.69 -8.30
CA LYS A 49 -4.64 0.18 -7.11
C LYS A 49 -3.86 -0.99 -6.52
N TRP A 50 -3.75 -1.01 -5.19
CA TRP A 50 -3.14 -2.14 -4.51
C TRP A 50 -4.07 -2.77 -3.50
N HIS A 51 -4.70 -3.85 -3.89
CA HIS A 51 -5.59 -4.55 -3.01
C HIS A 51 -4.78 -5.22 -1.89
N TYR A 52 -5.34 -5.17 -0.68
CA TYR A 52 -4.67 -5.62 0.53
C TYR A 52 -4.32 -7.10 0.51
N LEU A 53 -5.03 -7.85 -0.31
CA LEU A 53 -4.80 -9.28 -0.47
C LEU A 53 -3.68 -9.50 -1.46
N CYS A 54 -2.92 -8.45 -1.68
CA CYS A 54 -1.82 -8.48 -2.59
C CYS A 54 -0.55 -7.96 -1.92
N LEU A 55 -0.72 -7.14 -0.89
CA LEU A 55 0.41 -6.57 -0.16
C LEU A 55 1.13 -7.64 0.66
N ARG A 56 2.02 -8.42 0.02
CA ARG A 56 2.84 -9.39 0.73
C ARG A 56 3.55 -8.72 1.89
N ARG A 57 4.22 -7.61 1.58
CA ARG A 57 4.84 -6.81 2.62
C ARG A 57 4.50 -5.35 2.41
N TYR A 58 4.76 -4.51 3.40
CA TYR A 58 4.43 -3.09 3.33
C TYR A 58 5.04 -2.35 4.49
N GLY A 59 5.55 -1.15 4.22
CA GLY A 59 6.41 -0.52 5.19
C GLY A 59 6.39 0.97 5.14
N TYR A 60 7.39 1.49 5.82
CA TYR A 60 7.57 2.89 6.09
C TYR A 60 9.00 3.13 6.53
N ASP A 61 9.66 4.04 5.87
CA ASP A 61 10.87 4.62 6.39
C ASP A 61 10.82 6.10 6.06
N SER A 62 11.75 6.91 6.57
CA SER A 62 11.79 8.35 6.32
C SER A 62 11.18 8.75 4.97
N ASN A 63 9.93 9.24 5.04
CA ASN A 63 9.09 9.54 3.87
C ASN A 63 9.19 8.51 2.74
N LEU A 64 9.26 7.25 3.09
CA LEU A 64 9.22 6.16 2.13
C LEU A 64 8.20 5.11 2.60
N PHE A 65 7.08 4.95 1.92
CA PHE A 65 6.13 3.89 2.26
C PHE A 65 6.18 2.84 1.16
N SER A 66 6.16 1.58 1.55
CA SER A 66 6.35 0.52 0.58
C SER A 66 5.32 -0.58 0.76
N PHE A 67 5.23 -1.45 -0.24
CA PHE A 67 4.49 -2.68 -0.14
C PHE A 67 4.94 -3.64 -1.25
N GLU A 68 4.95 -4.93 -0.94
CA GLU A 68 5.25 -5.94 -1.94
C GLU A 68 3.95 -6.48 -2.50
N SER A 69 3.60 -6.06 -3.69
CA SER A 69 2.39 -6.57 -4.28
C SER A 69 2.68 -7.89 -4.98
N GLY A 70 1.93 -8.92 -4.60
CA GLY A 70 2.15 -10.24 -5.16
C GLY A 70 1.04 -10.65 -6.09
N ARG A 71 0.53 -9.68 -6.83
CA ARG A 71 -0.50 -9.91 -7.81
C ARG A 71 -0.29 -8.90 -8.92
N ARG A 72 -0.74 -9.20 -10.12
CA ARG A 72 -0.58 -8.27 -11.22
C ARG A 72 -1.26 -6.94 -10.91
N CYS A 73 -0.64 -5.90 -11.39
CA CYS A 73 -1.03 -4.54 -11.10
C CYS A 73 -0.67 -3.67 -12.30
N GLN A 74 -1.06 -2.40 -12.28
CA GLN A 74 -0.58 -1.45 -13.29
C GLN A 74 0.93 -1.48 -13.33
N THR A 75 1.44 -1.24 -12.15
CA THR A 75 2.82 -0.90 -11.98
C THR A 75 3.39 -1.61 -10.74
N GLY A 76 2.72 -2.73 -10.38
CA GLY A 76 3.02 -3.47 -9.15
C GLY A 76 4.51 -3.62 -8.86
N GLN A 77 5.24 -4.23 -9.80
CA GLN A 77 6.70 -4.33 -9.73
C GLN A 77 7.17 -5.37 -8.71
N GLY A 78 6.39 -5.60 -7.67
CA GLY A 78 6.81 -6.44 -6.57
C GLY A 78 6.95 -5.61 -5.33
N ILE A 79 8.18 -5.35 -4.88
CA ILE A 79 8.39 -4.35 -3.87
C ILE A 79 8.25 -2.98 -4.51
N PHE A 80 7.12 -2.34 -4.28
CA PHE A 80 6.90 -1.02 -4.82
C PHE A 80 6.84 -0.04 -3.68
N ALA A 81 7.82 0.83 -3.64
CA ALA A 81 7.91 1.80 -2.58
C ALA A 81 7.70 3.20 -3.13
N PHE A 82 6.99 4.00 -2.37
CA PHE A 82 6.70 5.35 -2.75
C PHE A 82 7.19 6.25 -1.66
N LYS A 83 7.84 7.30 -2.06
CA LYS A 83 8.37 8.24 -1.13
C LYS A 83 7.22 9.07 -0.58
N CYS A 84 6.60 8.52 0.43
CA CYS A 84 5.41 9.10 1.02
C CYS A 84 5.79 9.85 2.28
N ALA A 85 5.52 11.13 2.35
CA ALA A 85 5.91 11.89 3.52
C ALA A 85 5.00 11.58 4.70
N ARG A 86 3.85 10.98 4.42
CA ARG A 86 3.05 10.34 5.46
C ARG A 86 3.31 8.85 5.45
N ALA A 87 4.48 8.41 5.01
CA ALA A 87 4.79 6.98 4.94
C ALA A 87 4.39 6.29 6.22
N GLU A 88 4.94 6.80 7.30
CA GLU A 88 4.61 6.38 8.66
C GLU A 88 3.10 6.22 8.83
N GLU A 89 2.42 7.33 8.63
CA GLU A 89 0.98 7.42 8.72
C GLU A 89 0.29 6.45 7.76
N LEU A 90 0.74 6.46 6.52
CA LEU A 90 0.18 5.66 5.47
C LEU A 90 0.36 4.19 5.75
N PHE A 91 1.61 3.78 5.87
CA PHE A 91 1.92 2.40 6.18
C PHE A 91 1.07 1.94 7.37
N ASN A 92 1.14 2.71 8.45
CA ASN A 92 0.30 2.49 9.64
C ASN A 92 -1.13 2.33 9.27
N MET A 93 -1.72 3.38 8.72
CA MET A 93 -3.12 3.37 8.34
C MET A 93 -3.42 2.09 7.61
N LEU A 94 -2.63 1.83 6.58
CA LEU A 94 -2.67 0.57 5.85
C LEU A 94 -2.66 -0.64 6.79
N GLN A 95 -1.65 -0.77 7.66
CA GLN A 95 -1.61 -1.92 8.54
C GLN A 95 -2.87 -1.96 9.42
N GLU A 96 -3.34 -0.81 9.90
CA GLU A 96 -4.56 -0.77 10.72
C GLU A 96 -5.75 -1.16 9.91
N ILE A 97 -5.90 -0.60 8.72
CA ILE A 97 -6.97 -0.99 7.85
C ILE A 97 -6.90 -2.50 7.65
N MET A 98 -5.69 -3.00 7.51
CA MET A 98 -5.44 -4.42 7.43
C MET A 98 -5.93 -5.13 8.69
N GLN A 99 -5.65 -4.52 9.84
CA GLN A 99 -5.99 -5.07 11.15
C GLN A 99 -7.49 -5.06 11.40
N ASN A 100 -8.16 -4.06 10.84
CA ASN A 100 -9.53 -3.74 11.21
C ASN A 100 -10.56 -4.12 10.14
N ASN A 101 -10.13 -4.41 8.93
CA ASN A 101 -11.09 -4.67 7.85
C ASN A 101 -11.12 -6.13 7.46
N SER A 102 -10.02 -6.83 7.69
CA SER A 102 -9.87 -8.25 7.29
C SER A 102 -9.81 -8.38 5.78
N ILE A 103 -10.37 -7.40 5.08
CA ILE A 103 -10.18 -7.24 3.66
C ILE A 103 -10.72 -8.43 2.87
N ASN A 104 -12.01 -8.36 2.60
CA ASN A 104 -12.64 -9.29 1.69
C ASN A 104 -13.60 -8.57 0.81
N VAL A 105 -13.32 -8.65 -0.46
CA VAL A 105 -14.23 -8.18 -1.48
C VAL A 105 -15.27 -9.25 -1.66
N VAL A 106 -14.74 -10.47 -1.76
CA VAL A 106 -15.51 -11.71 -1.74
C VAL A 106 -14.62 -12.80 -2.36
N GLU A 107 -15.20 -13.89 -2.83
CA GLU A 107 -14.48 -14.94 -3.55
C GLU A 107 -13.46 -15.64 -2.66
N GLU A 108 -13.97 -16.51 -1.82
CA GLU A 108 -13.13 -17.39 -1.03
C GLU A 108 -13.26 -18.81 -1.56
N PRO A 109 -12.23 -19.65 -1.39
CA PRO A 109 -12.32 -21.06 -1.73
C PRO A 109 -13.57 -21.69 -1.15
N VAL A 110 -13.63 -21.69 0.17
CA VAL A 110 -14.77 -22.19 0.92
C VAL A 110 -14.72 -21.63 2.32
N VAL A 111 -15.82 -21.04 2.74
CA VAL A 111 -15.90 -20.34 4.01
C VAL A 111 -15.58 -21.27 5.18
N GLU A 112 -14.43 -21.01 5.83
CA GLU A 112 -14.00 -21.78 6.99
C GLU A 112 -13.61 -23.20 6.57
N ARG A 113 -13.65 -23.45 5.25
CA ARG A 113 -13.47 -24.77 4.67
C ARG A 113 -14.63 -25.69 5.06
N ASN A 114 -15.58 -25.12 5.80
CA ASN A 114 -16.76 -25.82 6.32
C ASN A 114 -16.39 -27.17 6.96
N ASN A 115 -16.42 -28.23 6.16
CA ASN A 115 -16.10 -29.57 6.65
C ASN A 115 -15.01 -30.17 5.79
N GLY B 1 12.59 -12.42 5.76
CA GLY B 1 13.03 -12.26 4.36
C GLY B 1 13.61 -10.89 4.11
N PRO B 2 13.53 -10.42 2.86
CA PRO B 2 14.00 -9.11 2.48
C PRO B 2 12.91 -8.06 2.64
N ASP B 3 12.54 -7.81 3.89
CA ASP B 3 11.42 -6.92 4.17
C ASP B 3 11.79 -5.48 3.96
N ALA B 4 12.87 -5.01 4.55
CA ALA B 4 13.24 -3.64 4.30
C ALA B 4 13.58 -3.48 2.84
N VAL B 5 12.77 -2.68 2.20
CA VAL B 5 12.98 -2.34 0.81
C VAL B 5 13.91 -1.17 0.75
N ILE B 6 15.08 -1.37 0.20
CA ILE B 6 16.01 -0.28 0.25
C ILE B 6 15.90 0.45 -1.06
N ILE B 7 14.89 1.29 -1.15
CA ILE B 7 14.65 1.97 -2.39
C ILE B 7 15.51 3.21 -2.44
N GLY B 8 16.71 2.99 -2.99
CA GLY B 8 17.72 4.03 -3.12
C GLY B 8 17.84 4.94 -1.92
N MET B 9 17.15 6.06 -2.00
CA MET B 9 17.11 7.07 -0.96
C MET B 9 16.91 6.46 0.41
N THR B 10 15.99 5.51 0.53
CA THR B 10 15.65 5.00 1.86
C THR B 10 15.35 3.51 1.91
N LYS B 11 15.76 2.91 3.02
CA LYS B 11 15.43 1.54 3.32
C LYS B 11 14.14 1.44 4.10
N ILE B 12 13.16 0.78 3.51
CA ILE B 12 11.83 0.68 4.09
C ILE B 12 11.63 -0.62 4.82
N PRO B 13 11.66 -0.56 6.12
CA PRO B 13 11.43 -1.72 6.94
C PRO B 13 9.94 -2.03 6.96
N VAL B 14 9.56 -2.94 6.08
CA VAL B 14 8.17 -3.28 5.89
C VAL B 14 7.75 -4.46 6.77
N ILE B 15 6.46 -4.72 6.78
CA ILE B 15 5.87 -5.81 7.54
C ILE B 15 5.02 -6.65 6.61
N GLU B 16 4.68 -7.87 7.01
CA GLU B 16 3.92 -8.76 6.15
C GLU B 16 2.44 -8.83 6.55
N ASN B 17 1.59 -8.79 5.54
CA ASN B 17 0.13 -8.66 5.72
C ASN B 17 -0.48 -9.86 6.45
N PRO B 18 -1.52 -9.60 7.25
CA PRO B 18 -2.35 -10.64 7.85
C PRO B 18 -3.45 -11.13 6.89
N GLN B 19 -3.59 -10.47 5.73
CA GLN B 19 -4.70 -10.74 4.80
C GLN B 19 -4.65 -12.16 4.26
N PTR B 20 -3.45 -12.64 3.98
CA PTR B 20 -3.27 -13.98 3.44
C PTR B 20 -3.63 -15.04 4.47
O PTR B 20 -3.70 -16.23 4.16
CB PTR B 20 -1.83 -14.18 2.94
CG PTR B 20 -1.53 -13.48 1.64
CD1 PTR B 20 -2.22 -12.33 1.24
CD2 PTR B 20 -0.53 -13.96 0.79
CE1 PTR B 20 -1.94 -11.70 0.06
CE2 PTR B 20 -0.25 -13.32 -0.40
CZ PTR B 20 -0.96 -12.19 -0.77
OH PTR B 20 -0.68 -11.55 -1.95
P PTR B 20 -1.01 -12.30 -3.34
O1P PTR B 20 -2.23 -13.13 -3.04
O2P PTR B 20 0.35 -13.05 -3.66
O3P PTR B 20 -1.41 -11.17 -4.25
H PTR B 20 -2.66 -12.08 4.13
HA PTR B 20 -3.94 -14.09 2.59
HB2 PTR B 20 -1.15 -13.79 3.70
HB3 PTR B 20 -1.64 -15.23 2.81
HD1 PTR B 20 -2.99 -11.94 1.88
HD2 PTR B 20 0.01 -14.84 1.07
HE1 PTR B 20 -2.51 -10.81 -0.20
HE2 PTR B 20 0.52 -13.70 -1.06
HO2P PTR B 20 0.18 -13.97 -3.88
N PHE B 21 -3.85 -14.60 5.70
CA PHE B 21 -4.29 -15.49 6.77
C PHE B 21 -5.73 -15.17 7.17
N GLY B 22 -6.08 -13.90 7.08
CA GLY B 22 -7.41 -13.46 7.45
C GLY B 22 -7.51 -13.19 8.94
N ILE B 23 -7.37 -14.25 9.71
CA ILE B 23 -7.41 -14.17 11.16
C ILE B 23 -6.14 -13.50 11.67
#